data_6MWQ
#
_entry.id   6MWQ
#
loop_
_entity.id
_entity.type
_entity.pdbx_description
1 polymer 'DARPin, Muscle-type aldolase chimeric fusion'
2 polymer 'Green fluorescent protein'
#
loop_
_entity_poly.entity_id
_entity_poly.type
_entity_poly.pdbx_seq_one_letter_code
_entity_poly.pdbx_strand_id
1 'polypeptide(L)'
;SGSDLGKKLLEAARAGQDDEVRILMANGADVNALDRFGLTPLHLAAQRGHLEIVEVLLKCGADVNAADLWGQTPLHLAAT
AGHLEIVEVLLKYGADVNALDLIGKTPLHLTAIDGHLEIVEVLLKHGADVNAQDKFGKTAFDISIDNGNEDLAEILQKLN
LSDIAHRIVAPGKGILAADESTGSIAKRLQSIGTENTEENRRFYRQLLLTADDRVNPCIGGVILFHETLYQKADDGRPFP
QVIKSKGGVVGIKVDKGVVPLAGTNGETTTQGLDGLSERCAQYKKDGADFAKWRCVLKIGEHTPSALAIMENANVLARYA
SICQQNGIVPIVEPEILPDGDHDLKRCQYVTEKVLAAVYKALSDHHIYLEGTLLKPNMVTPGHACTQKYSHEEIAMATVT
ALRRTVPPAVTGVTFLSGGQSEEEASINLNAINKCPLLKPWALTFSYGRALQASALKAWGGKKENLKAAQEEYVKRALAN
SLACQGKYTPSGQ
;
A,B,C,D
2 'polypeptide(L)'
;SKGEELFTGVVPILVELDGDVNGHKFSVSGEGEGDATYGKLTLKFICTTGKLPVPWPTLVTTLVQCFSRYPDHMKQHDFF
KSAMPEGYVQERTIFFKDDGNYKTRAEVKFEGDTLVNRIELKGIDFKEDGNILGHKLEYNYNSHNVYIMADKQKNGIKVN
FKIRHNIEDGSVQLADHYQQNTPIGDGPVLLPDNHYLSTQSALSKDPNEKRDHMVLLEFVTAAGIT
;
G,J,I,H
#
# COMPACT_ATOMS: atom_id res chain seq x y z
N SER A 1 4.08 56.41 -60.36
CA SER A 1 5.35 55.73 -60.16
C SER A 1 5.92 56.03 -58.78
N GLY A 2 6.04 57.31 -58.46
CA GLY A 2 6.57 57.72 -57.18
C GLY A 2 5.55 58.40 -56.29
N SER A 3 4.29 58.38 -56.71
CA SER A 3 3.21 58.99 -55.95
C SER A 3 2.60 57.97 -55.01
N ASP A 4 2.01 58.48 -53.91
CA ASP A 4 1.37 57.65 -52.89
C ASP A 4 2.34 56.62 -52.33
N LEU A 5 3.30 57.06 -51.52
CA LEU A 5 4.27 56.15 -50.92
C LEU A 5 3.68 55.32 -49.80
N GLY A 6 2.59 55.78 -49.16
CA GLY A 6 1.99 55.02 -48.09
C GLY A 6 1.06 53.93 -48.55
N LYS A 7 0.44 54.09 -49.72
CA LYS A 7 -0.47 53.08 -50.23
C LYS A 7 0.28 51.91 -50.85
N LYS A 8 1.38 52.19 -51.57
CA LYS A 8 2.16 51.13 -52.19
C LYS A 8 2.99 50.35 -51.19
N LEU A 9 3.26 50.92 -50.01
CA LEU A 9 4.06 50.22 -49.01
C LEU A 9 3.27 49.11 -48.34
N LEU A 10 1.97 49.31 -48.11
CA LEU A 10 1.16 48.29 -47.48
C LEU A 10 0.90 47.10 -48.39
N GLU A 11 1.00 47.29 -49.71
CA GLU A 11 0.77 46.18 -50.64
C GLU A 11 1.92 45.19 -50.63
N ALA A 12 3.17 45.70 -50.57
CA ALA A 12 4.32 44.81 -50.57
C ALA A 12 4.48 44.09 -49.23
N ALA A 13 4.03 44.71 -48.14
CA ALA A 13 4.13 44.10 -46.82
C ALA A 13 3.00 43.12 -46.54
N ARG A 14 1.93 43.13 -47.33
CA ARG A 14 0.81 42.22 -47.12
C ARG A 14 1.04 40.88 -47.81
N ALA A 15 1.44 40.90 -49.07
CA ALA A 15 1.69 39.66 -49.80
C ALA A 15 3.01 39.03 -49.38
N GLY A 16 4.08 39.81 -49.31
CA GLY A 16 5.38 39.30 -48.92
C GLY A 16 6.46 39.57 -49.94
N GLN A 17 6.35 40.69 -50.65
CA GLN A 17 7.33 41.07 -51.67
C GLN A 17 8.56 41.64 -50.97
N ASP A 18 9.59 40.80 -50.79
CA ASP A 18 10.81 41.25 -50.13
C ASP A 18 11.66 42.13 -51.03
N ASP A 19 11.46 42.07 -52.34
CA ASP A 19 12.22 42.87 -53.29
C ASP A 19 11.61 44.23 -53.56
N GLU A 20 10.52 44.58 -52.86
CA GLU A 20 9.86 45.86 -53.05
C GLU A 20 9.89 46.75 -51.81
N VAL A 21 10.08 46.18 -50.62
CA VAL A 21 10.11 46.98 -49.41
C VAL A 21 11.43 47.73 -49.29
N ARG A 22 12.53 47.09 -49.69
CA ARG A 22 13.84 47.74 -49.60
C ARG A 22 13.96 48.92 -50.55
N ILE A 23 13.30 48.86 -51.71
CA ILE A 23 13.37 49.96 -52.67
C ILE A 23 12.62 51.17 -52.15
N LEU A 24 11.46 50.96 -51.52
CA LEU A 24 10.68 52.08 -51.02
C LEU A 24 11.35 52.75 -49.82
N MET A 25 11.99 51.95 -48.96
CA MET A 25 12.66 52.49 -47.78
C MET A 25 14.00 53.14 -48.11
N ALA A 26 14.53 52.95 -49.32
CA ALA A 26 15.79 53.54 -49.71
C ALA A 26 15.64 54.90 -50.39
N ASN A 27 14.42 55.27 -50.78
CA ASN A 27 14.18 56.55 -51.44
C ASN A 27 13.82 57.63 -50.43
N GLY A 28 12.71 57.44 -49.71
CA GLY A 28 12.28 58.41 -48.72
C GLY A 28 10.82 58.26 -48.34
N ALA A 29 10.39 57.03 -48.10
CA ALA A 29 9.01 56.74 -47.71
C ALA A 29 8.87 56.76 -46.19
N ASP A 30 7.65 57.03 -45.74
CA ASP A 30 7.36 57.08 -44.32
C ASP A 30 7.22 55.66 -43.76
N VAL A 31 7.93 55.38 -42.68
CA VAL A 31 7.86 54.04 -42.08
C VAL A 31 6.58 53.88 -41.27
N ASN A 32 6.03 54.97 -40.75
CA ASN A 32 4.81 54.93 -39.96
C ASN A 32 3.66 55.48 -40.79
N ALA A 33 3.24 54.70 -41.80
CA ALA A 33 2.16 55.11 -42.67
C ALA A 33 0.82 54.92 -41.98
N LEU A 34 -0.01 55.96 -42.00
CA LEU A 34 -1.33 55.95 -41.38
C LEU A 34 -2.36 56.27 -42.47
N ASP A 35 -3.08 55.24 -42.92
CA ASP A 35 -4.10 55.43 -43.94
C ASP A 35 -5.46 55.71 -43.31
N ARG A 36 -6.54 55.23 -43.93
CA ARG A 36 -7.86 55.44 -43.39
C ARG A 36 -8.11 54.64 -42.13
N PHE A 37 -7.42 53.51 -41.98
CA PHE A 37 -7.56 52.65 -40.80
C PHE A 37 -6.43 52.82 -39.80
N GLY A 38 -5.37 53.56 -40.15
CA GLY A 38 -4.27 53.74 -39.25
C GLY A 38 -3.45 52.49 -38.99
N LEU A 39 -3.41 51.57 -39.95
CA LEU A 39 -2.67 50.32 -39.80
C LEU A 39 -1.24 50.53 -40.28
N THR A 40 -0.29 50.45 -39.35
CA THR A 40 1.11 50.60 -39.72
C THR A 40 1.59 49.35 -40.46
N PRO A 41 2.62 49.48 -41.30
CA PRO A 41 3.14 48.31 -42.02
C PRO A 41 3.70 47.22 -41.13
N LEU A 42 3.91 47.50 -39.84
CA LEU A 42 4.41 46.47 -38.94
C LEU A 42 3.39 45.38 -38.67
N HIS A 43 2.09 45.71 -38.77
CA HIS A 43 1.05 44.70 -38.55
C HIS A 43 1.04 43.67 -39.67
N LEU A 44 1.13 44.13 -40.91
CA LEU A 44 1.12 43.20 -42.05
C LEU A 44 2.40 42.39 -42.15
N ALA A 45 3.49 42.86 -41.55
CA ALA A 45 4.75 42.14 -41.59
C ALA A 45 4.83 41.03 -40.54
N ALA A 46 3.94 41.04 -39.55
CA ALA A 46 3.93 40.01 -38.52
C ALA A 46 2.69 39.14 -38.51
N GLN A 47 1.60 39.59 -39.12
CA GLN A 47 0.38 38.79 -39.14
C GLN A 47 0.48 37.64 -40.15
N ARG A 48 1.01 37.93 -41.35
CA ARG A 48 1.14 36.88 -42.35
C ARG A 48 2.29 35.93 -42.02
N GLY A 49 3.42 36.47 -41.57
CA GLY A 49 4.55 35.65 -41.22
C GLY A 49 5.77 35.91 -42.09
N HIS A 50 6.38 37.08 -41.93
CA HIS A 50 7.56 37.47 -42.71
C HIS A 50 8.56 38.11 -41.75
N LEU A 51 9.54 37.33 -41.30
CA LEU A 51 10.52 37.87 -40.37
C LEU A 51 11.50 38.81 -41.05
N GLU A 52 11.74 38.64 -42.35
CA GLU A 52 12.69 39.49 -43.05
C GLU A 52 12.17 40.93 -43.16
N ILE A 53 10.85 41.11 -43.29
CA ILE A 53 10.30 42.46 -43.40
C ILE A 53 10.34 43.17 -42.05
N VAL A 54 10.19 42.42 -40.96
CA VAL A 54 10.20 43.04 -39.63
C VAL A 54 11.59 43.56 -39.30
N GLU A 55 12.64 42.83 -39.69
CA GLU A 55 14.00 43.24 -39.40
C GLU A 55 14.43 44.50 -40.13
N VAL A 56 13.68 44.93 -41.15
CA VAL A 56 14.04 46.14 -41.89
C VAL A 56 13.33 47.36 -41.32
N LEU A 57 12.06 47.22 -40.94
CA LEU A 57 11.31 48.36 -40.42
C LEU A 57 11.78 48.77 -39.03
N LEU A 58 12.28 47.83 -38.23
CA LEU A 58 12.74 48.15 -36.89
C LEU A 58 14.08 48.87 -36.89
N LYS A 59 14.84 48.79 -37.98
CA LYS A 59 16.13 49.46 -38.09
C LYS A 59 16.03 50.83 -38.76
N CYS A 60 14.85 51.43 -38.76
CA CYS A 60 14.65 52.75 -39.37
C CYS A 60 13.94 53.72 -38.43
N GLY A 61 13.00 53.25 -37.64
CA GLY A 61 12.29 54.12 -36.72
C GLY A 61 10.80 53.85 -36.67
N ALA A 62 10.42 52.59 -36.57
CA ALA A 62 9.02 52.19 -36.51
C ALA A 62 8.57 52.04 -35.07
N ASP A 63 7.33 52.45 -34.80
CA ASP A 63 6.77 52.35 -33.46
C ASP A 63 6.35 50.92 -33.18
N VAL A 64 6.97 50.31 -32.17
CA VAL A 64 6.63 48.93 -31.82
C VAL A 64 5.30 48.87 -31.08
N ASN A 65 4.92 49.95 -30.40
CA ASN A 65 3.68 50.03 -29.64
C ASN A 65 2.66 50.94 -30.34
N ALA A 66 2.59 50.85 -31.68
CA ALA A 66 1.67 51.67 -32.46
C ALA A 66 0.27 51.06 -32.37
N ALA A 67 -0.64 51.77 -31.71
CA ALA A 67 -2.02 51.31 -31.56
C ALA A 67 -2.88 51.89 -32.67
N ASP A 68 -3.70 51.03 -33.29
CA ASP A 68 -4.56 51.46 -34.37
C ASP A 68 -5.91 51.93 -33.83
N LEU A 69 -6.96 51.80 -34.65
CA LEU A 69 -8.29 52.22 -34.20
C LEU A 69 -8.88 51.24 -33.20
N TRP A 70 -8.48 49.98 -33.26
CA TRP A 70 -8.96 48.95 -32.34
C TRP A 70 -8.05 48.76 -31.15
N GLY A 71 -6.99 49.54 -31.02
CA GLY A 71 -6.08 49.41 -29.89
C GLY A 71 -5.28 48.13 -29.88
N GLN A 72 -5.09 47.49 -31.03
CA GLN A 72 -4.36 46.24 -31.12
C GLN A 72 -2.91 46.54 -31.48
N THR A 73 -2.01 46.32 -30.53
CA THR A 73 -0.59 46.52 -30.78
C THR A 73 -0.06 45.40 -31.69
N PRO A 74 1.05 45.65 -32.40
CA PRO A 74 1.62 44.61 -33.27
C PRO A 74 2.03 43.35 -32.51
N LEU A 75 2.11 43.38 -31.18
CA LEU A 75 2.47 42.19 -30.44
C LEU A 75 1.35 41.15 -30.47
N HIS A 76 0.10 41.59 -30.61
CA HIS A 76 -1.01 40.66 -30.67
C HIS A 76 -0.99 39.86 -31.97
N LEU A 77 -0.81 40.56 -33.11
CA LEU A 77 -0.79 39.88 -34.40
C LEU A 77 0.47 39.05 -34.61
N ALA A 78 1.54 39.34 -33.86
CA ALA A 78 2.77 38.57 -34.00
C ALA A 78 2.64 37.18 -33.40
N ALA A 79 1.76 37.01 -32.42
CA ALA A 79 1.53 35.73 -31.75
C ALA A 79 0.09 35.27 -31.95
N THR A 80 -0.41 35.38 -33.18
CA THR A 80 -1.77 34.97 -33.50
C THR A 80 -1.82 33.84 -34.52
N ALA A 81 -1.13 34.00 -35.66
CA ALA A 81 -1.13 32.95 -36.68
C ALA A 81 -0.27 31.76 -36.27
N GLY A 82 0.65 31.93 -35.34
CA GLY A 82 1.50 30.84 -34.90
C GLY A 82 2.93 30.99 -35.36
N HIS A 83 3.62 32.04 -34.90
CA HIS A 83 5.00 32.30 -35.24
C HIS A 83 5.79 32.60 -33.97
N LEU A 84 6.96 31.97 -33.85
CA LEU A 84 7.82 32.13 -32.69
C LEU A 84 9.01 33.05 -32.95
N GLU A 85 9.59 32.99 -34.15
CA GLU A 85 10.75 33.81 -34.46
C GLU A 85 10.40 35.29 -34.59
N ILE A 86 9.13 35.63 -34.77
CA ILE A 86 8.72 37.01 -34.90
C ILE A 86 8.50 37.67 -33.55
N VAL A 87 7.96 36.93 -32.58
CA VAL A 87 7.70 37.50 -31.27
C VAL A 87 8.99 37.76 -30.51
N GLU A 88 10.01 36.90 -30.71
CA GLU A 88 11.27 37.06 -29.99
C GLU A 88 12.03 38.30 -30.43
N VAL A 89 11.75 38.85 -31.61
CA VAL A 89 12.44 40.03 -32.08
C VAL A 89 11.79 41.30 -31.53
N LEU A 90 10.46 41.32 -31.46
CA LEU A 90 9.76 42.51 -30.98
C LEU A 90 9.95 42.72 -29.48
N LEU A 91 10.28 41.68 -28.72
CA LEU A 91 10.48 41.81 -27.29
C LEU A 91 11.88 42.27 -26.91
N LYS A 92 12.75 42.56 -27.90
CA LYS A 92 14.10 43.03 -27.62
C LYS A 92 14.25 44.53 -27.73
N TYR A 93 13.33 45.22 -28.41
CA TYR A 93 13.38 46.66 -28.58
C TYR A 93 12.46 47.40 -27.61
N GLY A 94 11.99 46.71 -26.56
CA GLY A 94 11.11 47.33 -25.60
C GLY A 94 9.69 47.49 -26.10
N ALA A 95 8.90 46.43 -26.00
CA ALA A 95 7.51 46.43 -26.45
C ALA A 95 6.58 46.43 -25.24
N ASP A 96 5.33 46.80 -25.49
CA ASP A 96 4.31 46.86 -24.45
C ASP A 96 3.80 45.44 -24.20
N VAL A 97 4.26 44.83 -23.11
CA VAL A 97 3.83 43.48 -22.79
C VAL A 97 2.40 43.47 -22.26
N ASN A 98 2.02 44.47 -21.47
CA ASN A 98 0.66 44.56 -20.93
C ASN A 98 -0.24 45.40 -21.85
N ALA A 99 -0.28 45.03 -23.13
CA ALA A 99 -1.11 45.75 -24.08
C ALA A 99 -2.58 45.40 -23.90
N LEU A 100 -3.43 46.42 -23.95
CA LEU A 100 -4.87 46.26 -23.79
C LEU A 100 -5.58 46.86 -24.99
N ASP A 101 -6.48 46.07 -25.59
CA ASP A 101 -7.24 46.54 -26.75
C ASP A 101 -8.56 47.17 -26.31
N LEU A 102 -9.63 46.95 -27.09
CA LEU A 102 -10.93 47.50 -26.73
C LEU A 102 -11.51 46.79 -25.52
N ILE A 103 -11.35 45.47 -25.44
CA ILE A 103 -11.86 44.73 -24.30
C ILE A 103 -10.91 44.83 -23.12
N GLY A 104 -9.62 44.66 -23.37
CA GLY A 104 -8.62 44.72 -22.31
C GLY A 104 -7.98 43.37 -22.03
N LYS A 105 -7.52 42.70 -23.08
CA LYS A 105 -6.90 41.39 -22.96
C LYS A 105 -5.42 41.50 -23.33
N THR A 106 -4.56 40.98 -22.45
CA THR A 106 -3.13 40.97 -22.71
C THR A 106 -2.80 39.96 -23.80
N PRO A 107 -1.67 40.14 -24.50
CA PRO A 107 -1.29 39.16 -25.53
C PRO A 107 -1.07 37.75 -25.00
N LEU A 108 -0.98 37.56 -23.69
CA LEU A 108 -0.82 36.21 -23.14
C LEU A 108 -2.09 35.39 -23.31
N HIS A 109 -3.26 36.04 -23.31
CA HIS A 109 -4.51 35.31 -23.46
C HIS A 109 -4.67 34.76 -24.87
N LEU A 110 -4.15 35.46 -25.88
CA LEU A 110 -4.27 35.00 -27.26
C LEU A 110 -3.42 33.76 -27.52
N THR A 111 -2.35 33.56 -26.75
CA THR A 111 -1.50 32.39 -26.93
C THR A 111 -2.15 31.12 -26.40
N ALA A 112 -3.16 31.23 -25.54
CA ALA A 112 -3.85 30.08 -25.00
C ALA A 112 -5.13 29.72 -25.74
N ILE A 113 -5.80 30.71 -26.35
CA ILE A 113 -7.02 30.43 -27.09
C ILE A 113 -6.71 29.78 -28.42
N ASP A 114 -5.68 30.25 -29.12
CA ASP A 114 -5.29 29.69 -30.41
C ASP A 114 -4.72 28.28 -30.25
N GLY A 115 -3.53 28.19 -29.67
CA GLY A 115 -2.90 26.90 -29.47
C GLY A 115 -1.39 26.96 -29.51
N HIS A 116 -0.82 27.98 -28.88
CA HIS A 116 0.63 28.15 -28.86
C HIS A 116 1.24 27.33 -27.73
N LEU A 117 2.46 26.82 -27.99
CA LEU A 117 3.16 26.00 -27.01
C LEU A 117 4.42 26.70 -26.53
N GLU A 118 5.45 26.83 -27.37
CA GLU A 118 6.69 27.49 -26.97
C GLU A 118 6.55 29.00 -26.92
N ILE A 119 5.50 29.57 -27.52
CA ILE A 119 5.32 31.01 -27.50
C ILE A 119 4.86 31.49 -26.12
N VAL A 120 4.16 30.63 -25.38
CA VAL A 120 3.68 31.02 -24.05
C VAL A 120 4.85 31.19 -23.10
N GLU A 121 5.89 30.35 -23.23
CA GLU A 121 7.04 30.43 -22.33
C GLU A 121 7.88 31.68 -22.59
N VAL A 122 7.75 32.30 -23.76
CA VAL A 122 8.53 33.49 -24.06
C VAL A 122 7.94 34.71 -23.35
N LEU A 123 6.61 34.83 -23.34
CA LEU A 123 5.97 35.97 -22.70
C LEU A 123 6.07 35.91 -21.18
N LEU A 124 6.24 34.72 -20.61
CA LEU A 124 6.37 34.56 -19.16
C LEU A 124 7.78 34.78 -18.66
N LYS A 125 8.75 35.03 -19.55
CA LYS A 125 10.13 35.25 -19.14
C LYS A 125 10.43 36.72 -18.89
N HIS A 126 9.95 37.61 -19.77
CA HIS A 126 10.20 39.03 -19.59
C HIS A 126 9.36 39.61 -18.46
N GLY A 127 8.14 39.12 -18.29
CA GLY A 127 7.27 39.61 -17.24
C GLY A 127 5.89 40.00 -17.74
N ALA A 128 4.93 39.08 -17.62
CA ALA A 128 3.57 39.30 -18.06
C ALA A 128 2.62 39.22 -16.86
N ASP A 129 1.43 39.77 -17.05
CA ASP A 129 0.41 39.77 -16.00
C ASP A 129 -0.23 38.39 -15.93
N VAL A 130 -0.16 37.76 -14.74
CA VAL A 130 -0.75 36.44 -14.57
C VAL A 130 -2.26 36.53 -14.36
N ASN A 131 -2.68 37.33 -13.38
CA ASN A 131 -4.11 37.50 -13.08
C ASN A 131 -4.65 38.73 -13.80
N ALA A 132 -4.61 38.68 -15.13
CA ALA A 132 -5.08 39.76 -15.98
C ALA A 132 -6.55 39.52 -16.32
N GLN A 133 -7.41 40.47 -15.96
CA GLN A 133 -8.84 40.38 -16.22
C GLN A 133 -9.23 41.42 -17.28
N ASP A 134 -10.53 41.50 -17.54
CA ASP A 134 -11.05 42.44 -18.53
C ASP A 134 -12.48 42.85 -18.19
N LYS A 135 -13.27 43.18 -19.21
CA LYS A 135 -14.66 43.60 -18.98
C LYS A 135 -15.58 42.42 -18.71
N PHE A 136 -15.17 41.20 -19.04
CA PHE A 136 -15.99 40.02 -18.83
C PHE A 136 -15.60 39.23 -17.58
N GLY A 137 -14.41 39.48 -17.03
CA GLY A 137 -13.98 38.77 -15.84
C GLY A 137 -13.45 37.38 -16.10
N LYS A 138 -12.73 37.18 -17.20
CA LYS A 138 -12.16 35.90 -17.57
C LYS A 138 -10.65 36.04 -17.70
N THR A 139 -9.92 35.18 -16.99
CA THR A 139 -8.46 35.19 -17.03
C THR A 139 -7.98 34.20 -18.08
N ALA A 140 -6.71 33.76 -17.97
CA ALA A 140 -6.13 32.82 -18.91
C ALA A 140 -6.33 31.37 -18.48
N PHE A 141 -7.22 31.11 -17.52
CA PHE A 141 -7.47 29.77 -17.04
C PHE A 141 -8.90 29.29 -17.29
N ASP A 142 -9.88 30.18 -17.25
CA ASP A 142 -11.27 29.83 -17.47
C ASP A 142 -11.65 29.83 -18.94
N ILE A 143 -10.68 29.95 -19.85
CA ILE A 143 -10.94 29.97 -21.28
C ILE A 143 -10.33 28.77 -21.98
N SER A 144 -9.11 28.37 -21.59
CA SER A 144 -8.46 27.23 -22.22
C SER A 144 -9.12 25.91 -21.88
N ILE A 145 -9.94 25.87 -20.82
CA ILE A 145 -10.60 24.63 -20.45
C ILE A 145 -11.70 24.29 -21.46
N ASP A 146 -12.49 25.28 -21.86
CA ASP A 146 -13.57 25.05 -22.82
C ASP A 146 -13.03 24.82 -24.23
N ASN A 147 -11.81 25.24 -24.51
CA ASN A 147 -11.24 25.04 -25.85
C ASN A 147 -10.84 23.59 -26.07
N GLY A 148 -10.04 23.03 -25.16
CA GLY A 148 -9.59 21.66 -25.29
C GLY A 148 -8.10 21.54 -25.51
N ASN A 149 -7.31 22.13 -24.62
CA ASN A 149 -5.86 22.09 -24.71
C ASN A 149 -5.29 21.26 -23.56
N GLU A 150 -4.26 20.47 -23.87
CA GLU A 150 -3.61 19.61 -22.88
C GLU A 150 -2.35 20.23 -22.29
N ASP A 151 -1.54 20.90 -23.11
CA ASP A 151 -0.31 21.53 -22.66
C ASP A 151 -0.52 22.96 -22.18
N LEU A 152 -1.77 23.41 -22.07
CA LEU A 152 -2.08 24.76 -21.62
C LEU A 152 -3.02 24.81 -20.42
N ALA A 153 -3.90 23.83 -20.26
CA ALA A 153 -4.82 23.79 -19.13
C ALA A 153 -4.21 23.17 -17.88
N GLU A 154 -3.05 22.52 -18.00
CA GLU A 154 -2.39 21.90 -16.86
C GLU A 154 -0.99 22.44 -16.58
N ILE A 155 -0.35 23.09 -17.54
CA ILE A 155 0.99 23.62 -17.34
C ILE A 155 0.94 25.08 -16.88
N LEU A 156 0.00 25.86 -17.43
CA LEU A 156 -0.10 27.26 -17.06
C LEU A 156 -0.55 27.43 -15.62
N GLN A 157 -1.35 26.50 -15.10
CA GLN A 157 -1.82 26.58 -13.73
C GLN A 157 -0.72 26.29 -12.71
N LYS A 158 0.38 25.69 -13.16
CA LYS A 158 1.48 25.39 -12.24
C LYS A 158 2.25 26.64 -11.82
N LEU A 159 2.17 27.69 -12.64
CA LEU A 159 2.87 28.94 -12.33
C LEU A 159 2.01 29.91 -11.52
N ASN A 160 0.70 29.93 -11.77
CA ASN A 160 -0.17 30.84 -11.05
C ASN A 160 -0.35 30.40 -9.60
N LEU A 161 -0.46 29.10 -9.35
CA LEU A 161 -0.63 28.60 -8.00
C LEU A 161 0.67 28.62 -7.20
N SER A 162 1.82 28.70 -7.88
CA SER A 162 3.10 28.72 -7.19
C SER A 162 3.61 30.13 -6.94
N ASP A 163 3.22 31.10 -7.76
CA ASP A 163 3.68 32.48 -7.57
C ASP A 163 3.06 33.11 -6.33
N ILE A 164 1.86 32.67 -5.94
CA ILE A 164 1.22 33.22 -4.75
C ILE A 164 1.94 32.77 -3.49
N ALA A 165 2.53 31.57 -3.51
CA ALA A 165 3.23 31.06 -2.34
C ALA A 165 4.49 31.85 -2.02
N HIS A 166 5.08 32.52 -3.01
CA HIS A 166 6.29 33.30 -2.75
C HIS A 166 6.00 34.54 -1.92
N ARG A 167 4.78 35.05 -1.97
CA ARG A 167 4.37 36.22 -1.21
C ARG A 167 3.73 35.87 0.12
N ILE A 168 3.89 34.64 0.59
CA ILE A 168 3.32 34.18 1.85
C ILE A 168 4.41 33.70 2.81
N VAL A 169 5.28 32.81 2.36
CA VAL A 169 6.35 32.28 3.19
C VAL A 169 7.65 33.01 2.88
N ALA A 170 7.54 34.28 2.47
CA ALA A 170 8.72 35.06 2.17
C ALA A 170 9.51 35.35 3.44
N PRO A 171 10.84 35.40 3.35
CA PRO A 171 11.66 35.70 4.53
C PRO A 171 11.37 37.09 5.10
N GLY A 172 10.39 37.18 5.98
CA GLY A 172 10.01 38.44 6.58
C GLY A 172 8.53 38.54 6.87
N LYS A 173 7.72 37.79 6.13
CA LYS A 173 6.28 37.79 6.31
C LYS A 173 5.87 36.63 7.22
N GLY A 174 4.58 36.35 7.25
CA GLY A 174 4.08 35.27 8.10
C GLY A 174 2.64 34.95 7.75
N ILE A 175 2.08 34.02 8.50
CA ILE A 175 0.70 33.57 8.34
C ILE A 175 -0.05 33.83 9.63
N LEU A 176 -1.14 34.59 9.55
CA LEU A 176 -1.97 34.92 10.70
C LEU A 176 -3.15 33.96 10.72
N ALA A 177 -3.13 33.01 11.67
CA ALA A 177 -4.19 32.03 11.80
C ALA A 177 -5.26 32.57 12.73
N ALA A 178 -6.47 32.74 12.20
CA ALA A 178 -7.59 33.23 12.99
C ALA A 178 -8.92 32.74 12.43
N ASP A 179 -9.15 31.44 12.51
CA ASP A 179 -10.37 30.81 11.99
C ASP A 179 -11.20 30.22 13.11
N GLU A 180 -11.41 30.99 14.18
CA GLU A 180 -12.21 30.51 15.30
C GLU A 180 -13.68 30.46 14.91
N SER A 181 -14.24 29.26 14.88
CA SER A 181 -15.64 29.06 14.52
C SER A 181 -16.53 29.30 15.74
N THR A 182 -17.81 28.96 15.62
CA THR A 182 -18.74 29.15 16.74
C THR A 182 -18.51 28.14 17.86
N GLY A 183 -17.87 27.01 17.57
CA GLY A 183 -17.61 26.02 18.59
C GLY A 183 -16.22 26.11 19.18
N SER A 184 -15.57 27.27 19.01
CA SER A 184 -14.23 27.48 19.53
C SER A 184 -13.98 28.89 20.07
N ILE A 185 -14.65 29.92 19.56
CA ILE A 185 -14.42 31.27 20.06
C ILE A 185 -15.19 31.54 21.34
N ALA A 186 -16.25 30.77 21.62
CA ALA A 186 -17.04 30.98 22.82
C ALA A 186 -16.29 30.56 24.09
N LYS A 187 -15.29 29.69 23.96
CA LYS A 187 -14.53 29.26 25.15
C LYS A 187 -13.58 30.35 25.62
N ARG A 188 -12.89 31.01 24.68
CA ARG A 188 -11.95 32.06 25.05
C ARG A 188 -12.66 33.35 25.48
N LEU A 189 -13.88 33.57 24.99
CA LEU A 189 -14.66 34.75 25.33
C LEU A 189 -15.65 34.51 26.46
N GLN A 190 -15.34 33.56 27.36
CA GLN A 190 -16.21 33.25 28.49
C GLN A 190 -15.56 33.57 29.83
N SER A 191 -14.30 33.22 30.02
CA SER A 191 -13.59 33.49 31.26
C SER A 191 -13.01 34.89 31.33
N ILE A 192 -13.20 35.70 30.29
CA ILE A 192 -12.68 37.07 30.28
C ILE A 192 -13.69 38.05 30.83
N GLY A 193 -14.98 37.82 30.59
CA GLY A 193 -16.02 38.70 31.08
C GLY A 193 -16.95 39.20 29.99
N THR A 194 -16.89 38.59 28.82
CA THR A 194 -17.71 38.96 27.68
C THR A 194 -18.65 37.80 27.32
N GLU A 195 -19.38 37.97 26.23
CA GLU A 195 -20.32 36.97 25.75
C GLU A 195 -19.95 36.59 24.31
N ASN A 196 -20.81 35.78 23.68
CA ASN A 196 -20.60 35.30 22.32
C ASN A 196 -21.77 35.77 21.47
N THR A 197 -21.60 36.92 20.81
CA THR A 197 -22.61 37.49 19.94
C THR A 197 -21.98 37.78 18.57
N GLU A 198 -22.81 38.24 17.64
CA GLU A 198 -22.32 38.55 16.29
C GLU A 198 -21.47 39.82 16.29
N GLU A 199 -21.80 40.78 17.16
CA GLU A 199 -21.03 42.02 17.19
C GLU A 199 -19.66 41.81 17.81
N ASN A 200 -19.54 40.91 18.80
CA ASN A 200 -18.25 40.68 19.44
C ASN A 200 -17.30 39.94 18.52
N ARG A 201 -17.81 38.97 17.74
CA ARG A 201 -16.97 38.22 16.83
C ARG A 201 -16.52 39.04 15.63
N ARG A 202 -17.29 40.06 15.24
CA ARG A 202 -16.93 40.90 14.11
C ARG A 202 -15.96 42.01 14.49
N PHE A 203 -16.15 42.63 15.66
CA PHE A 203 -15.27 43.71 16.09
C PHE A 203 -13.91 43.17 16.51
N TYR A 204 -13.84 41.91 16.95
CA TYR A 204 -12.57 41.35 17.37
C TYR A 204 -11.63 41.10 16.20
N ARG A 205 -12.17 40.73 15.03
CA ARG A 205 -11.35 40.48 13.86
C ARG A 205 -10.87 41.76 13.18
N GLN A 206 -11.60 42.86 13.36
CA GLN A 206 -11.20 44.13 12.76
C GLN A 206 -10.04 44.79 13.50
N LEU A 207 -9.77 44.38 14.74
CA LEU A 207 -8.68 44.98 15.50
C LEU A 207 -7.33 44.47 15.03
N LEU A 208 -7.25 43.19 14.64
CA LEU A 208 -6.00 42.61 14.18
C LEU A 208 -5.69 42.95 12.73
N LEU A 209 -6.69 43.40 11.96
CA LEU A 209 -6.48 43.75 10.56
C LEU A 209 -6.28 45.25 10.40
N THR A 210 -7.35 46.02 10.60
CA THR A 210 -7.29 47.47 10.48
C THR A 210 -6.58 48.08 11.68
N ALA A 211 -5.25 48.17 11.62
CA ALA A 211 -4.47 48.73 12.71
C ALA A 211 -3.33 49.58 12.19
N ASP A 212 -2.14 49.43 12.77
CA ASP A 212 -0.97 50.18 12.34
C ASP A 212 -0.43 49.64 11.03
N ASP A 213 0.21 50.52 10.26
CA ASP A 213 0.78 50.15 8.97
C ASP A 213 2.16 49.53 9.07
N ARG A 214 2.64 49.26 10.29
CA ARG A 214 3.96 48.66 10.50
C ARG A 214 3.91 47.13 10.50
N VAL A 215 2.76 46.54 10.22
CA VAL A 215 2.60 45.09 10.18
C VAL A 215 2.36 44.58 8.77
N ASN A 216 2.55 45.43 7.76
CA ASN A 216 2.33 44.99 6.38
C ASN A 216 3.43 44.05 5.89
N PRO A 217 4.72 44.37 6.02
CA PRO A 217 5.75 43.42 5.54
C PRO A 217 5.93 42.22 6.46
N CYS A 218 5.27 42.19 7.62
CA CYS A 218 5.40 41.06 8.54
C CYS A 218 4.27 40.05 8.43
N ILE A 219 3.16 40.42 7.78
CA ILE A 219 2.01 39.53 7.61
C ILE A 219 1.81 39.31 6.12
N GLY A 220 1.86 38.04 5.69
CA GLY A 220 1.68 37.71 4.29
C GLY A 220 0.37 37.00 4.02
N GLY A 221 -0.14 36.28 5.03
CA GLY A 221 -1.38 35.56 4.87
C GLY A 221 -2.26 35.63 6.10
N VAL A 222 -3.55 35.86 5.90
CA VAL A 222 -4.53 35.96 6.99
C VAL A 222 -5.58 34.88 6.79
N ILE A 223 -5.77 34.06 7.81
CA ILE A 223 -6.75 32.98 7.80
C ILE A 223 -8.04 33.50 8.41
N LEU A 224 -9.14 33.39 7.67
CA LEU A 224 -10.43 33.87 8.15
C LEU A 224 -11.45 32.73 8.20
N PHE A 225 -12.74 33.08 8.12
CA PHE A 225 -13.81 32.10 8.18
C PHE A 225 -14.80 32.38 7.06
N HIS A 226 -15.66 31.40 6.79
CA HIS A 226 -16.65 31.55 5.73
C HIS A 226 -17.64 32.66 6.06
N GLU A 227 -17.99 32.81 7.34
CA GLU A 227 -18.91 33.87 7.75
C GLU A 227 -18.21 35.24 7.78
N THR A 228 -16.89 35.25 7.96
CA THR A 228 -16.17 36.52 8.02
C THR A 228 -16.16 37.21 6.66
N LEU A 229 -16.06 36.43 5.57
CA LEU A 229 -16.03 37.03 4.23
C LEU A 229 -17.36 37.68 3.86
N TYR A 230 -18.46 37.28 4.49
CA TYR A 230 -19.77 37.85 4.23
C TYR A 230 -20.08 39.05 5.13
N GLN A 231 -19.07 39.63 5.76
CA GLN A 231 -19.24 40.77 6.65
C GLN A 231 -18.34 41.91 6.19
N LYS A 232 -18.78 43.13 6.47
CA LYS A 232 -18.04 44.34 6.11
C LYS A 232 -17.51 45.03 7.36
N ALA A 233 -16.73 46.08 7.14
CA ALA A 233 -16.13 46.85 8.21
C ALA A 233 -16.97 48.10 8.49
N ASP A 234 -16.56 48.85 9.50
CA ASP A 234 -17.27 50.08 9.87
C ASP A 234 -16.95 51.24 8.94
N ASP A 235 -15.80 51.20 8.25
CA ASP A 235 -15.45 52.29 7.35
C ASP A 235 -16.26 52.26 6.05
N GLY A 236 -16.55 51.06 5.54
CA GLY A 236 -17.32 50.93 4.32
C GLY A 236 -16.67 50.04 3.29
N ARG A 237 -15.57 49.40 3.67
CA ARG A 237 -14.85 48.51 2.78
C ARG A 237 -14.91 47.07 3.29
N PRO A 238 -15.08 46.10 2.38
CA PRO A 238 -15.12 44.69 2.81
C PRO A 238 -13.78 44.25 3.38
N PHE A 239 -13.81 43.09 4.05
CA PHE A 239 -12.59 42.56 4.66
C PHE A 239 -11.57 42.12 3.63
N PRO A 240 -11.91 41.36 2.58
CA PRO A 240 -10.87 40.96 1.61
C PRO A 240 -10.26 42.12 0.86
N GLN A 241 -10.96 43.24 0.74
CA GLN A 241 -10.43 44.40 0.02
C GLN A 241 -9.45 45.22 0.84
N VAL A 242 -9.21 44.85 2.09
CA VAL A 242 -8.26 45.56 2.95
C VAL A 242 -6.97 44.76 3.12
N ILE A 243 -7.07 43.43 3.22
CA ILE A 243 -5.88 42.60 3.40
C ILE A 243 -5.02 42.63 2.15
N LYS A 244 -5.63 42.50 0.97
CA LYS A 244 -4.88 42.51 -0.28
C LYS A 244 -4.37 43.90 -0.64
N SER A 245 -4.95 44.96 -0.07
CA SER A 245 -4.50 46.32 -0.36
C SER A 245 -3.23 46.69 0.37
N LYS A 246 -2.91 46.01 1.47
CA LYS A 246 -1.71 46.29 2.25
C LYS A 246 -0.60 45.28 2.03
N GLY A 247 -0.87 44.18 1.32
CA GLY A 247 0.15 43.18 1.07
C GLY A 247 -0.11 41.88 1.82
N GLY A 248 -1.28 41.29 1.63
CA GLY A 248 -1.62 40.05 2.29
C GLY A 248 -2.56 39.23 1.44
N VAL A 249 -2.68 37.95 1.82
CA VAL A 249 -3.54 37.00 1.13
C VAL A 249 -4.67 36.61 2.06
N VAL A 250 -5.89 36.59 1.55
CA VAL A 250 -7.08 36.30 2.34
C VAL A 250 -7.32 34.79 2.32
N GLY A 251 -7.61 34.23 3.50
CA GLY A 251 -7.92 32.82 3.63
C GLY A 251 -9.35 32.59 4.09
N ILE A 252 -9.70 31.31 4.19
CA ILE A 252 -11.04 30.92 4.60
C ILE A 252 -10.97 29.50 5.15
N LYS A 253 -11.69 29.26 6.24
CA LYS A 253 -11.75 27.94 6.85
C LYS A 253 -12.80 27.10 6.13
N VAL A 254 -12.38 25.95 5.61
CA VAL A 254 -13.28 25.09 4.86
C VAL A 254 -13.55 23.75 5.55
N ASP A 255 -12.66 23.29 6.42
CA ASP A 255 -12.87 22.03 7.11
C ASP A 255 -13.88 22.20 8.25
N LYS A 256 -14.66 21.14 8.48
CA LYS A 256 -15.69 21.16 9.51
C LYS A 256 -15.18 20.51 10.79
N GLY A 257 -16.04 19.73 11.45
CA GLY A 257 -15.69 19.07 12.68
C GLY A 257 -14.94 17.77 12.44
N VAL A 258 -14.95 16.90 13.46
CA VAL A 258 -14.28 15.62 13.41
C VAL A 258 -15.32 14.51 13.53
N VAL A 259 -14.96 13.34 13.02
CA VAL A 259 -15.82 12.17 13.04
C VAL A 259 -15.05 11.03 13.69
N PRO A 260 -15.49 10.50 14.83
CA PRO A 260 -14.77 9.38 15.45
C PRO A 260 -14.86 8.12 14.61
N LEU A 261 -13.83 7.30 14.71
CA LEU A 261 -13.75 6.04 13.98
C LEU A 261 -14.44 4.93 14.77
N ALA A 262 -14.28 3.69 14.33
CA ALA A 262 -14.88 2.54 14.98
C ALA A 262 -13.80 1.51 15.27
N GLY A 263 -13.80 0.99 16.50
CA GLY A 263 -12.82 -0.01 16.88
C GLY A 263 -11.43 0.54 17.12
N THR A 264 -11.30 1.83 17.41
CA THR A 264 -10.04 2.50 17.66
C THR A 264 -9.96 2.87 19.14
N ASN A 265 -9.18 3.90 19.45
CA ASN A 265 -9.02 4.37 20.83
C ASN A 265 -8.84 5.89 20.81
N GLY A 266 -9.86 6.60 20.30
CA GLY A 266 -9.82 8.04 20.23
C GLY A 266 -9.37 8.61 18.89
N GLU A 267 -9.20 7.77 17.87
CA GLU A 267 -8.77 8.24 16.57
C GLU A 267 -9.94 8.87 15.83
N THR A 268 -9.75 10.08 15.33
CA THR A 268 -10.78 10.82 14.60
C THR A 268 -10.22 11.22 13.24
N THR A 269 -11.09 11.83 12.43
CA THR A 269 -10.69 12.28 11.10
C THR A 269 -11.09 13.74 10.88
N THR A 270 -11.02 14.21 9.64
CA THR A 270 -11.38 15.58 9.29
C THR A 270 -12.50 15.56 8.27
N GLN A 271 -13.57 16.31 8.54
CA GLN A 271 -14.72 16.38 7.66
C GLN A 271 -14.59 17.59 6.75
N GLY A 272 -14.80 17.39 5.45
CA GLY A 272 -14.71 18.46 4.48
C GLY A 272 -14.39 17.98 3.08
N LEU A 273 -14.99 16.87 2.68
CA LEU A 273 -14.76 16.29 1.36
C LEU A 273 -15.93 16.49 0.41
N ASP A 274 -17.17 16.36 0.89
CA ASP A 274 -18.33 16.52 0.04
C ASP A 274 -18.58 17.99 -0.26
N GLY A 275 -19.01 18.28 -1.48
CA GLY A 275 -19.28 19.64 -1.89
C GLY A 275 -18.04 20.50 -2.09
N LEU A 276 -16.88 19.88 -2.26
CA LEU A 276 -15.65 20.66 -2.46
C LEU A 276 -15.59 21.27 -3.84
N SER A 277 -16.13 20.58 -4.85
CA SER A 277 -16.10 21.10 -6.21
C SER A 277 -17.03 22.30 -6.40
N GLU A 278 -18.01 22.48 -5.51
CA GLU A 278 -18.95 23.59 -5.62
C GLU A 278 -18.54 24.80 -4.79
N ARG A 279 -17.60 24.64 -3.85
CA ARG A 279 -17.15 25.75 -3.04
C ARG A 279 -15.88 26.42 -3.56
N CYS A 280 -15.07 25.69 -4.33
CA CYS A 280 -13.85 26.28 -4.87
C CYS A 280 -14.15 27.24 -6.01
N ALA A 281 -15.28 27.06 -6.70
CA ALA A 281 -15.66 27.95 -7.80
C ALA A 281 -16.23 29.27 -7.31
N GLN A 282 -16.51 29.41 -6.01
CA GLN A 282 -17.07 30.63 -5.46
C GLN A 282 -16.09 31.39 -4.57
N TYR A 283 -15.26 30.68 -3.80
CA TYR A 283 -14.31 31.33 -2.92
C TYR A 283 -13.16 31.98 -3.69
N LYS A 284 -12.90 31.54 -4.92
CA LYS A 284 -11.82 32.13 -5.71
C LYS A 284 -12.18 33.53 -6.19
N LYS A 285 -13.45 33.74 -6.55
CA LYS A 285 -13.89 35.05 -7.02
C LYS A 285 -13.96 36.07 -5.89
N ASP A 286 -14.07 35.62 -4.64
CA ASP A 286 -14.15 36.55 -3.52
C ASP A 286 -12.77 37.12 -3.17
N GLY A 287 -11.73 36.30 -3.26
CA GLY A 287 -10.39 36.75 -2.96
C GLY A 287 -9.63 35.78 -2.06
N ALA A 288 -10.09 34.55 -1.97
CA ALA A 288 -9.47 33.52 -1.15
C ALA A 288 -8.57 32.65 -2.03
N ASP A 289 -7.28 32.61 -1.70
CA ASP A 289 -6.31 31.83 -2.46
C ASP A 289 -5.84 30.58 -1.74
N PHE A 290 -6.12 30.44 -0.45
CA PHE A 290 -5.72 29.27 0.31
C PHE A 290 -6.80 28.96 1.35
N ALA A 291 -6.53 27.96 2.17
CA ALA A 291 -7.46 27.54 3.22
C ALA A 291 -6.64 27.01 4.39
N LYS A 292 -7.28 26.19 5.23
CA LYS A 292 -6.61 25.62 6.40
C LYS A 292 -7.26 24.28 6.70
N TRP A 293 -6.56 23.19 6.40
CA TRP A 293 -7.06 21.83 6.62
C TRP A 293 -6.39 21.29 7.88
N ARG A 294 -7.07 21.43 9.02
CA ARG A 294 -6.55 21.01 10.31
C ARG A 294 -7.10 19.64 10.66
N CYS A 295 -6.22 18.77 11.14
CA CYS A 295 -6.57 17.42 11.57
C CYS A 295 -6.29 17.28 13.07
N VAL A 296 -6.69 16.14 13.62
CA VAL A 296 -6.53 15.83 15.04
C VAL A 296 -5.71 14.55 15.14
N LEU A 297 -4.49 14.66 15.67
CA LEU A 297 -3.61 13.52 15.87
C LEU A 297 -3.05 13.56 17.29
N LYS A 298 -3.01 12.39 17.92
CA LYS A 298 -2.51 12.27 19.28
C LYS A 298 -1.56 11.08 19.37
N ILE A 299 -0.77 11.06 20.44
CA ILE A 299 0.20 10.00 20.69
C ILE A 299 -0.15 9.36 22.03
N GLY A 300 -0.46 8.07 22.00
CA GLY A 300 -0.81 7.33 23.20
C GLY A 300 -0.02 6.04 23.28
N GLU A 301 -0.69 4.98 23.72
CA GLU A 301 -0.03 3.69 23.86
C GLU A 301 0.18 3.04 22.48
N HIS A 302 -0.89 2.93 21.69
CA HIS A 302 -0.81 2.34 20.37
C HIS A 302 -1.33 3.26 19.28
N THR A 303 -1.75 4.48 19.61
CA THR A 303 -2.27 5.41 18.62
C THR A 303 -1.22 6.47 18.30
N PRO A 304 -0.95 6.76 17.01
CA PRO A 304 -1.60 6.10 15.87
C PRO A 304 -0.96 4.76 15.52
N SER A 305 -1.73 3.88 14.89
CA SER A 305 -1.24 2.56 14.50
C SER A 305 -1.22 2.43 12.99
N ALA A 306 -1.62 1.26 12.49
CA ALA A 306 -1.65 0.99 11.05
C ALA A 306 -3.01 1.33 10.43
N LEU A 307 -3.82 2.15 11.08
CA LEU A 307 -5.13 2.53 10.57
C LEU A 307 -5.30 4.03 10.43
N ALA A 308 -4.86 4.82 11.41
CA ALA A 308 -5.01 6.27 11.32
C ALA A 308 -4.03 6.86 10.31
N ILE A 309 -2.91 6.20 10.06
CA ILE A 309 -1.94 6.71 9.10
C ILE A 309 -2.43 6.47 7.67
N MET A 310 -2.98 5.28 7.40
CA MET A 310 -3.48 4.98 6.06
C MET A 310 -4.73 5.77 5.73
N GLU A 311 -5.59 6.02 6.72
CA GLU A 311 -6.81 6.78 6.48
C GLU A 311 -6.50 8.24 6.16
N ASN A 312 -5.62 8.86 6.94
CA ASN A 312 -5.26 10.26 6.72
C ASN A 312 -4.36 10.45 5.52
N ALA A 313 -3.77 9.38 4.98
CA ALA A 313 -2.90 9.51 3.82
C ALA A 313 -3.69 9.80 2.55
N ASN A 314 -4.95 9.37 2.49
CA ASN A 314 -5.78 9.58 1.31
C ASN A 314 -6.62 10.85 1.42
N VAL A 315 -6.98 11.27 2.64
CA VAL A 315 -7.78 12.48 2.79
C VAL A 315 -6.97 13.71 2.46
N LEU A 316 -5.69 13.73 2.85
CA LEU A 316 -4.83 14.88 2.57
C LEU A 316 -4.51 15.00 1.08
N ALA A 317 -4.59 13.90 0.32
CA ALA A 317 -4.32 13.93 -1.10
C ALA A 317 -5.56 14.18 -1.93
N ARG A 318 -6.74 13.79 -1.44
CA ARG A 318 -7.97 14.01 -2.20
C ARG A 318 -8.37 15.49 -2.18
N TYR A 319 -8.05 16.19 -1.09
CA TYR A 319 -8.41 17.61 -1.00
C TYR A 319 -7.61 18.47 -1.97
N ALA A 320 -6.37 18.08 -2.25
CA ALA A 320 -5.51 18.84 -3.14
C ALA A 320 -5.74 18.52 -4.61
N SER A 321 -6.73 17.68 -4.93
CA SER A 321 -7.03 17.33 -6.31
C SER A 321 -8.17 18.16 -6.89
N ILE A 322 -8.81 19.01 -6.11
CA ILE A 322 -9.91 19.85 -6.57
C ILE A 322 -9.58 21.33 -6.45
N CYS A 323 -8.91 21.73 -5.36
CA CYS A 323 -8.59 23.14 -5.18
C CYS A 323 -7.58 23.65 -6.20
N GLN A 324 -6.73 22.75 -6.71
CA GLN A 324 -5.73 23.16 -7.71
C GLN A 324 -6.35 23.38 -9.08
N GLN A 325 -7.56 22.89 -9.31
CA GLN A 325 -8.24 23.06 -10.59
C GLN A 325 -9.11 24.31 -10.63
N ASN A 326 -9.01 25.17 -9.62
CA ASN A 326 -9.81 26.39 -9.58
C ASN A 326 -8.91 27.60 -9.32
N GLY A 327 -8.21 27.59 -8.19
CA GLY A 327 -7.33 28.70 -7.84
C GLY A 327 -7.04 28.79 -6.36
N ILE A 328 -7.32 27.72 -5.62
CA ILE A 328 -7.10 27.66 -4.19
C ILE A 328 -5.86 26.82 -3.91
N VAL A 329 -4.93 27.37 -3.13
CA VAL A 329 -3.69 26.70 -2.79
C VAL A 329 -3.96 25.81 -1.57
N PRO A 330 -3.87 24.49 -1.69
CA PRO A 330 -4.12 23.63 -0.53
C PRO A 330 -2.94 23.67 0.43
N ILE A 331 -3.26 23.67 1.73
CA ILE A 331 -2.26 23.72 2.79
C ILE A 331 -2.51 22.53 3.71
N VAL A 332 -1.56 21.60 3.75
CA VAL A 332 -1.66 20.42 4.60
C VAL A 332 -1.10 20.76 5.97
N GLU A 333 -1.89 20.50 7.01
CA GLU A 333 -1.53 20.80 8.39
C GLU A 333 -1.61 19.52 9.21
N PRO A 334 -0.56 18.70 9.22
CA PRO A 334 -0.55 17.48 10.04
C PRO A 334 -0.25 17.77 11.52
N GLU A 335 -1.22 18.39 12.18
CA GLU A 335 -1.06 18.77 13.58
C GLU A 335 -1.15 17.54 14.47
N ILE A 336 -0.17 17.38 15.35
CA ILE A 336 -0.12 16.27 16.29
C ILE A 336 -0.17 16.85 17.70
N LEU A 337 -1.23 16.52 18.43
CA LEU A 337 -1.39 17.03 19.79
C LEU A 337 -0.43 16.32 20.74
N PRO A 338 0.47 17.04 21.40
CA PRO A 338 1.40 16.36 22.33
C PRO A 338 0.72 15.93 23.62
N ASP A 339 -0.08 14.88 23.55
CA ASP A 339 -0.79 14.36 24.70
C ASP A 339 -0.02 13.19 25.33
N GLY A 340 -0.36 12.89 26.58
CA GLY A 340 0.31 11.82 27.28
C GLY A 340 1.69 12.24 27.76
N ASP A 341 2.63 11.29 27.74
CA ASP A 341 4.00 11.54 28.16
C ASP A 341 4.95 10.83 27.20
N HIS A 342 5.91 11.58 26.67
CA HIS A 342 6.89 11.04 25.74
C HIS A 342 8.09 11.96 25.69
N ASP A 343 9.24 11.40 25.31
CA ASP A 343 10.48 12.13 25.21
C ASP A 343 10.75 12.50 23.74
N LEU A 344 11.98 12.89 23.45
CA LEU A 344 12.34 13.24 22.08
C LEU A 344 12.56 12.02 21.21
N LYS A 345 12.92 10.89 21.82
CA LYS A 345 13.14 9.66 21.05
C LYS A 345 11.84 9.02 20.61
N ARG A 346 10.72 9.35 21.27
CA ARG A 346 9.42 8.78 20.93
C ARG A 346 8.57 9.73 20.10
N CYS A 347 8.63 11.04 20.38
CA CYS A 347 7.85 12.00 19.61
C CYS A 347 8.36 12.11 18.18
N GLN A 348 9.67 12.01 17.98
CA GLN A 348 10.24 12.07 16.64
C GLN A 348 9.93 10.80 15.86
N TYR A 349 9.79 9.66 16.54
CA TYR A 349 9.49 8.41 15.84
C TYR A 349 8.08 8.43 15.24
N VAL A 350 7.12 9.04 15.95
CA VAL A 350 5.76 9.11 15.43
C VAL A 350 5.67 10.11 14.29
N THR A 351 6.47 11.18 14.34
CA THR A 351 6.43 12.20 13.29
C THR A 351 6.93 11.63 11.97
N GLU A 352 7.96 10.79 12.00
CA GLU A 352 8.50 10.21 10.77
C GLU A 352 7.56 9.19 10.15
N LYS A 353 6.61 8.66 10.91
CA LYS A 353 5.66 7.69 10.37
C LYS A 353 4.46 8.36 9.71
N VAL A 354 4.01 9.48 10.24
CA VAL A 354 2.85 10.17 9.67
C VAL A 354 3.24 10.94 8.41
N LEU A 355 4.36 11.65 8.44
CA LEU A 355 4.79 12.43 7.28
C LEU A 355 5.26 11.55 6.13
N ALA A 356 5.58 10.27 6.39
CA ALA A 356 6.03 9.39 5.32
C ALA A 356 4.90 9.01 4.37
N ALA A 357 3.65 9.05 4.82
CA ALA A 357 2.50 8.71 4.00
C ALA A 357 1.80 9.92 3.42
N VAL A 358 2.26 11.13 3.74
CA VAL A 358 1.62 12.34 3.21
C VAL A 358 1.97 12.52 1.74
N TYR A 359 3.26 12.66 1.43
CA TYR A 359 3.70 12.87 0.06
C TYR A 359 3.69 11.59 -0.77
N LYS A 360 3.39 10.44 -0.16
CA LYS A 360 3.32 9.20 -0.93
C LYS A 360 2.09 9.18 -1.84
N ALA A 361 0.94 9.62 -1.34
CA ALA A 361 -0.27 9.66 -2.14
C ALA A 361 -0.35 10.89 -3.03
N LEU A 362 0.48 11.90 -2.77
CA LEU A 362 0.46 13.10 -3.60
C LEU A 362 1.06 12.83 -4.98
N SER A 363 1.94 11.85 -5.09
CA SER A 363 2.53 11.52 -6.38
C SER A 363 1.64 10.63 -7.23
N ASP A 364 0.45 10.27 -6.72
CA ASP A 364 -0.47 9.43 -7.46
C ASP A 364 -1.69 10.20 -7.95
N HIS A 365 -2.20 11.14 -7.15
CA HIS A 365 -3.36 11.94 -7.51
C HIS A 365 -2.99 13.18 -8.32
N HIS A 366 -1.77 13.25 -8.85
CA HIS A 366 -1.28 14.38 -9.64
C HIS A 366 -1.39 15.69 -8.85
N ILE A 367 -0.46 15.84 -7.91
CA ILE A 367 -0.41 16.99 -7.01
C ILE A 367 0.87 17.75 -7.30
N TYR A 368 0.73 19.05 -7.59
CA TYR A 368 1.88 19.91 -7.87
C TYR A 368 2.55 20.28 -6.55
N LEU A 369 3.70 19.66 -6.27
CA LEU A 369 4.36 19.87 -4.98
C LEU A 369 5.00 21.25 -4.88
N GLU A 370 5.36 21.85 -6.02
CA GLU A 370 5.99 23.17 -6.03
C GLU A 370 4.99 24.31 -5.88
N GLY A 371 3.73 24.01 -5.58
CA GLY A 371 2.72 25.03 -5.42
C GLY A 371 1.81 24.82 -4.23
N THR A 372 2.27 24.00 -3.28
CA THR A 372 1.52 23.70 -2.06
C THR A 372 2.34 24.10 -0.85
N LEU A 373 1.66 24.12 0.31
CA LEU A 373 2.29 24.49 1.57
C LEU A 373 2.02 23.41 2.60
N LEU A 374 2.95 23.28 3.55
CA LEU A 374 2.86 22.30 4.62
C LEU A 374 2.99 23.01 5.96
N LYS A 375 2.20 22.57 6.94
CA LYS A 375 2.20 23.14 8.28
C LYS A 375 2.35 22.02 9.30
N PRO A 376 3.55 21.48 9.46
CA PRO A 376 3.76 20.40 10.43
C PRO A 376 3.96 20.96 11.84
N ASN A 377 3.69 20.10 12.82
CA ASN A 377 3.84 20.47 14.22
C ASN A 377 5.28 20.25 14.67
N MET A 378 5.67 21.00 15.70
CA MET A 378 7.02 20.88 16.24
C MET A 378 7.19 19.56 16.98
N VAL A 379 8.45 19.20 17.21
CA VAL A 379 8.80 17.97 17.93
C VAL A 379 9.05 18.38 19.38
N THR A 380 7.97 18.43 20.16
CA THR A 380 8.05 18.82 21.55
C THR A 380 7.57 17.69 22.45
N PRO A 381 8.19 17.51 23.62
CA PRO A 381 7.76 16.44 24.52
C PRO A 381 6.40 16.74 25.15
N GLY A 382 5.83 15.73 25.77
CA GLY A 382 4.54 15.88 26.40
C GLY A 382 4.59 16.73 27.64
N HIS A 383 3.40 17.17 28.09
CA HIS A 383 3.30 18.00 29.27
C HIS A 383 3.54 17.21 30.56
N ALA A 384 3.32 15.90 30.53
CA ALA A 384 3.51 15.06 31.69
C ALA A 384 4.93 14.51 31.81
N CYS A 385 5.83 14.94 30.93
CA CYS A 385 7.22 14.46 30.97
C CYS A 385 7.98 15.14 32.09
N THR A 386 8.82 14.37 32.77
CA THR A 386 9.61 14.90 33.88
C THR A 386 11.01 15.34 33.45
N GLN A 387 11.52 14.85 32.33
CA GLN A 387 12.84 15.21 31.84
C GLN A 387 12.73 16.48 31.00
N LYS A 388 13.44 17.52 31.41
CA LYS A 388 13.43 18.79 30.71
C LYS A 388 14.51 18.82 29.64
N TYR A 389 14.31 19.69 28.64
CA TYR A 389 15.26 19.83 27.54
C TYR A 389 15.49 21.30 27.27
N SER A 390 16.66 21.61 26.69
CA SER A 390 17.01 22.98 26.37
C SER A 390 16.42 23.37 25.02
N HIS A 391 16.68 24.62 24.61
CA HIS A 391 16.17 25.12 23.35
C HIS A 391 16.97 24.63 22.15
N GLU A 392 18.19 24.13 22.38
CA GLU A 392 19.03 23.63 21.30
C GLU A 392 18.75 22.18 20.95
N GLU A 393 18.34 21.37 21.95
CA GLU A 393 18.07 19.96 21.69
C GLU A 393 16.72 19.76 20.99
N ILE A 394 15.78 20.69 21.18
CA ILE A 394 14.48 20.56 20.54
C ILE A 394 14.58 20.90 19.05
N ALA A 395 15.30 21.98 18.71
CA ALA A 395 15.44 22.36 17.32
C ALA A 395 16.35 21.43 16.54
N MET A 396 17.17 20.63 17.24
CA MET A 396 18.06 19.70 16.54
C MET A 396 17.29 18.54 15.94
N ALA A 397 16.37 17.96 16.72
CA ALA A 397 15.56 16.84 16.24
C ALA A 397 14.39 17.28 15.37
N THR A 398 14.05 18.57 15.38
CA THR A 398 12.95 19.06 14.55
C THR A 398 13.35 19.15 13.08
N VAL A 399 14.52 19.72 12.81
CA VAL A 399 14.98 19.86 11.43
C VAL A 399 15.33 18.50 10.84
N THR A 400 15.89 17.60 11.65
CA THR A 400 16.25 16.27 11.15
C THR A 400 15.02 15.46 10.77
N ALA A 401 13.94 15.59 11.54
CA ALA A 401 12.72 14.85 11.26
C ALA A 401 12.01 15.35 10.01
N LEU A 402 12.28 16.57 9.57
CA LEU A 402 11.64 17.13 8.39
C LEU A 402 12.41 16.84 7.11
N ARG A 403 13.74 16.77 7.18
CA ARG A 403 14.55 16.51 5.99
C ARG A 403 14.43 15.08 5.50
N ARG A 404 13.81 14.19 6.27
CA ARG A 404 13.68 12.79 5.88
C ARG A 404 12.41 12.52 5.09
N THR A 405 11.38 13.34 5.23
CA THR A 405 10.10 13.14 4.55
C THR A 405 9.69 14.30 3.66
N VAL A 406 9.90 15.53 4.11
CA VAL A 406 9.50 16.71 3.34
C VAL A 406 10.46 16.89 2.18
N PRO A 407 9.99 16.86 0.94
CA PRO A 407 10.87 17.05 -0.21
C PRO A 407 11.28 18.51 -0.34
N PRO A 408 12.39 18.80 -1.01
CA PRO A 408 12.82 20.20 -1.18
C PRO A 408 11.97 21.00 -2.14
N ALA A 409 10.99 20.38 -2.79
CA ALA A 409 10.12 21.10 -3.72
C ALA A 409 9.11 21.99 -3.03
N VAL A 410 8.98 21.91 -1.71
CA VAL A 410 8.03 22.75 -0.98
C VAL A 410 8.55 24.18 -0.95
N THR A 411 7.66 25.13 -1.20
CA THR A 411 8.05 26.54 -1.20
C THR A 411 8.42 27.01 0.19
N GLY A 412 7.60 26.69 1.18
CA GLY A 412 7.87 27.10 2.55
C GLY A 412 7.22 26.15 3.53
N VAL A 413 7.88 25.99 4.68
CA VAL A 413 7.41 25.12 5.75
C VAL A 413 7.16 25.97 6.99
N THR A 414 5.95 25.91 7.52
CA THR A 414 5.57 26.68 8.70
C THR A 414 5.54 25.76 9.92
N PHE A 415 5.12 26.31 11.05
CA PHE A 415 5.04 25.56 12.30
C PHE A 415 3.82 26.03 13.08
N LEU A 416 3.63 25.45 14.26
CA LEU A 416 2.52 25.78 15.15
C LEU A 416 3.07 26.21 16.51
N SER A 417 2.15 26.54 17.42
CA SER A 417 2.53 26.95 18.76
C SER A 417 2.61 25.77 19.73
N GLY A 418 1.88 24.70 19.47
CA GLY A 418 1.91 23.53 20.34
C GLY A 418 1.17 23.67 21.64
N GLY A 419 0.37 24.72 21.80
CA GLY A 419 -0.36 24.91 23.04
C GLY A 419 0.50 25.34 24.22
N GLN A 420 1.69 25.86 23.98
CA GLN A 420 2.57 26.28 25.06
C GLN A 420 2.33 27.74 25.42
N SER A 421 3.36 28.43 25.89
CA SER A 421 3.24 29.83 26.28
C SER A 421 3.42 30.73 25.06
N GLU A 422 3.14 32.02 25.26
CA GLU A 422 3.29 32.98 24.17
C GLU A 422 4.74 33.32 23.92
N GLU A 423 5.52 33.54 24.98
CA GLU A 423 6.93 33.87 24.81
C GLU A 423 7.77 32.64 24.50
N GLU A 424 7.39 31.47 25.03
CA GLU A 424 8.15 30.25 24.77
C GLU A 424 8.07 29.83 23.31
N ALA A 425 6.94 30.09 22.65
CA ALA A 425 6.79 29.73 21.24
C ALA A 425 7.68 30.56 20.33
N SER A 426 8.08 31.76 20.75
CA SER A 426 8.94 32.61 19.94
C SER A 426 10.42 32.32 20.13
N ILE A 427 10.80 31.77 21.30
CA ILE A 427 12.20 31.46 21.55
C ILE A 427 12.61 30.19 20.81
N ASN A 428 11.76 29.17 20.82
CA ASN A 428 12.09 27.91 20.14
C ASN A 428 12.08 28.06 18.63
N LEU A 429 11.38 29.07 18.09
CA LEU A 429 11.35 29.26 16.65
C LEU A 429 12.67 29.80 16.13
N ASN A 430 13.35 30.65 16.92
CA ASN A 430 14.62 31.21 16.47
C ASN A 430 15.72 30.16 16.46
N ALA A 431 15.66 29.18 17.36
CA ALA A 431 16.69 28.14 17.40
C ALA A 431 16.61 27.20 16.21
N ILE A 432 15.47 27.15 15.52
CA ILE A 432 15.35 26.27 14.36
C ILE A 432 16.11 26.85 13.17
N ASN A 433 15.99 28.16 12.95
CA ASN A 433 16.67 28.79 11.83
C ASN A 433 18.17 28.91 12.05
N LYS A 434 18.63 28.92 13.30
CA LYS A 434 20.05 29.01 13.61
C LYS A 434 20.74 27.64 13.66
N CYS A 435 20.06 26.59 13.23
CA CYS A 435 20.67 25.26 13.23
C CYS A 435 21.68 25.15 12.09
N PRO A 436 22.87 24.63 12.34
CA PRO A 436 23.88 24.54 11.27
C PRO A 436 23.56 23.44 10.26
N LEU A 437 22.47 23.59 9.53
CA LEU A 437 22.06 22.63 8.51
C LEU A 437 21.57 23.38 7.29
N LEU A 438 21.83 22.80 6.12
CA LEU A 438 21.41 23.40 4.85
C LEU A 438 19.92 23.13 4.63
N LYS A 439 19.10 24.16 4.75
CA LYS A 439 17.67 24.03 4.57
C LYS A 439 17.27 24.53 3.19
N PRO A 440 16.82 23.66 2.28
CA PRO A 440 16.44 24.14 0.94
C PRO A 440 15.16 24.96 0.94
N TRP A 441 14.25 24.70 1.86
CA TRP A 441 12.99 25.44 1.93
C TRP A 441 13.13 26.64 2.87
N ALA A 442 12.07 27.44 2.93
CA ALA A 442 12.02 28.63 3.77
C ALA A 442 11.21 28.35 5.03
N LEU A 443 11.48 29.14 6.07
CA LEU A 443 10.81 29.00 7.35
C LEU A 443 10.23 30.35 7.77
N THR A 444 9.08 30.29 8.43
CA THR A 444 8.40 31.49 8.92
C THR A 444 7.52 31.08 10.09
N PHE A 445 6.70 32.01 10.57
CA PHE A 445 5.81 31.78 11.70
C PHE A 445 4.37 31.67 11.21
N SER A 446 3.59 30.85 11.90
CA SER A 446 2.18 30.65 11.58
C SER A 446 1.42 30.20 12.82
N TYR A 447 1.55 30.97 13.90
CA TYR A 447 0.88 30.64 15.14
C TYR A 447 -0.59 31.01 15.08
N GLY A 448 -1.39 30.34 15.92
CA GLY A 448 -2.82 30.59 15.98
C GLY A 448 -3.29 30.95 17.37
N ARG A 449 -2.37 31.28 18.26
CA ARG A 449 -2.71 31.65 19.63
C ARG A 449 -1.70 32.64 20.19
N ALA A 450 -0.42 32.43 19.89
CA ALA A 450 0.62 33.32 20.39
C ALA A 450 0.60 34.68 19.70
N LEU A 451 0.08 34.76 18.48
CA LEU A 451 0.02 36.02 17.76
C LEU A 451 -1.14 36.90 18.19
N GLN A 452 -2.06 36.39 19.03
CA GLN A 452 -3.19 37.18 19.48
C GLN A 452 -3.47 37.00 20.98
N ALA A 453 -2.50 36.49 21.74
CA ALA A 453 -2.71 36.29 23.17
C ALA A 453 -2.63 37.62 23.93
N SER A 454 -1.71 38.49 23.55
CA SER A 454 -1.58 39.78 24.23
C SER A 454 -2.68 40.76 23.82
N ALA A 455 -3.32 40.54 22.67
CA ALA A 455 -4.38 41.42 22.20
C ALA A 455 -5.75 41.02 22.72
N LEU A 456 -5.83 40.04 23.63
CA LEU A 456 -7.09 39.59 24.20
C LEU A 456 -7.24 39.93 25.67
N LYS A 457 -6.18 39.77 26.47
CA LYS A 457 -6.27 40.08 27.89
C LYS A 457 -6.35 41.58 28.12
N ALA A 458 -5.56 42.37 27.38
CA ALA A 458 -5.57 43.82 27.52
C ALA A 458 -6.71 44.48 26.76
N TRP A 459 -7.52 43.71 26.03
CA TRP A 459 -8.63 44.30 25.28
C TRP A 459 -9.88 44.44 26.14
N GLY A 460 -10.13 43.48 27.04
CA GLY A 460 -11.29 43.55 27.90
C GLY A 460 -12.60 43.28 27.17
N GLY A 461 -13.32 44.35 26.82
CA GLY A 461 -14.58 44.22 26.13
C GLY A 461 -15.32 45.54 25.99
N LYS A 462 -14.58 46.64 25.90
CA LYS A 462 -15.15 47.97 25.77
C LYS A 462 -14.79 48.54 24.40
N LYS A 463 -14.80 49.87 24.31
CA LYS A 463 -14.48 50.56 23.05
C LYS A 463 -13.32 51.54 23.16
N GLU A 464 -12.99 52.01 24.36
CA GLU A 464 -11.89 52.95 24.53
C GLU A 464 -10.52 52.27 24.57
N ASN A 465 -10.47 50.95 24.67
CA ASN A 465 -9.21 50.21 24.70
C ASN A 465 -8.79 49.73 23.33
N LEU A 466 -9.04 50.51 22.27
CA LEU A 466 -8.65 50.09 20.93
C LEU A 466 -7.18 50.41 20.66
N LYS A 467 -6.69 51.53 21.19
CA LYS A 467 -5.28 51.89 20.98
C LYS A 467 -4.35 51.10 21.88
N ALA A 468 -4.87 50.54 22.98
CA ALA A 468 -4.04 49.77 23.89
C ALA A 468 -3.93 48.31 23.47
N ALA A 469 -4.90 47.80 22.71
CA ALA A 469 -4.85 46.42 22.27
C ALA A 469 -4.02 46.26 21.00
N GLN A 470 -4.00 47.28 20.15
CA GLN A 470 -3.21 47.20 18.92
C GLN A 470 -1.73 47.47 19.16
N GLU A 471 -1.37 47.98 20.34
CA GLU A 471 0.04 48.26 20.63
C GLU A 471 0.80 46.96 20.91
N GLU A 472 0.17 46.00 21.59
CA GLU A 472 0.83 44.74 21.88
C GLU A 472 0.98 43.86 20.64
N TYR A 473 0.16 44.08 19.61
CA TYR A 473 0.26 43.27 18.40
C TYR A 473 1.48 43.67 17.56
N VAL A 474 1.94 44.91 17.70
CA VAL A 474 3.11 45.35 16.94
C VAL A 474 4.37 44.70 17.47
N LYS A 475 4.47 44.55 18.80
CA LYS A 475 5.65 43.92 19.39
C LYS A 475 5.72 42.43 19.05
N ARG A 476 4.56 41.78 18.91
CA ARG A 476 4.55 40.36 18.58
C ARG A 476 4.78 40.13 17.08
N ALA A 477 4.41 41.09 16.24
CA ALA A 477 4.63 40.94 14.80
C ALA A 477 6.09 41.12 14.43
N LEU A 478 6.81 41.99 15.13
CA LEU A 478 8.22 42.22 14.85
C LEU A 478 9.12 41.17 15.50
N ALA A 479 8.67 40.53 16.58
CA ALA A 479 9.48 39.51 17.23
C ALA A 479 9.51 38.23 16.42
N ASN A 480 8.36 37.79 15.89
CA ASN A 480 8.32 36.58 15.10
C ASN A 480 8.89 36.79 13.70
N SER A 481 8.95 38.02 13.22
CA SER A 481 9.50 38.28 11.89
C SER A 481 11.02 38.21 11.86
N LEU A 482 11.68 38.30 13.02
CA LEU A 482 13.13 38.22 13.09
C LEU A 482 13.64 36.84 13.46
N ALA A 483 12.80 35.98 14.05
CA ALA A 483 13.21 34.65 14.42
C ALA A 483 13.33 33.71 13.23
N CYS A 484 12.66 34.03 12.11
CA CYS A 484 12.72 33.20 10.92
C CYS A 484 13.91 33.51 10.03
N GLN A 485 14.71 34.53 10.37
CA GLN A 485 15.87 34.90 9.59
C GLN A 485 17.20 34.62 10.29
N GLY A 486 17.20 34.51 11.61
CA GLY A 486 18.41 34.26 12.37
C GLY A 486 18.97 35.44 13.13
N LYS A 487 18.25 36.55 13.19
CA LYS A 487 18.69 37.75 13.89
C LYS A 487 17.64 38.13 14.93
N TYR A 488 17.52 37.29 15.96
CA TYR A 488 16.56 37.51 17.04
C TYR A 488 17.27 37.27 18.37
N THR A 489 17.43 38.33 19.16
CA THR A 489 18.08 38.25 20.46
C THR A 489 17.08 38.62 21.55
N PRO A 490 16.71 37.70 22.44
CA PRO A 490 15.75 38.03 23.50
C PRO A 490 16.35 38.98 24.53
N SER A 491 15.94 40.25 24.48
CA SER A 491 16.44 41.24 25.43
C SER A 491 15.67 41.18 26.74
N GLY A 492 14.65 42.02 26.87
CA GLY A 492 13.83 42.07 28.06
C GLY A 492 12.63 41.15 28.07
N GLN A 493 12.56 40.20 27.14
CA GLN A 493 11.44 39.27 27.08
C GLN A 493 11.89 37.84 27.34
N SER B 1 -15.22 19.84 -45.68
CA SER B 1 -15.97 20.38 -46.82
C SER B 1 -15.04 21.05 -47.82
N LYS B 2 -15.51 21.17 -49.07
CA LYS B 2 -14.70 21.80 -50.11
C LYS B 2 -14.68 23.32 -49.98
N GLY B 3 -15.74 23.91 -49.40
CA GLY B 3 -15.79 25.34 -49.24
C GLY B 3 -15.02 25.90 -48.06
N GLU B 4 -14.60 25.04 -47.13
CA GLU B 4 -13.85 25.50 -45.96
C GLU B 4 -12.41 25.84 -46.29
N GLU B 5 -11.89 25.38 -47.43
CA GLU B 5 -10.51 25.65 -47.81
C GLU B 5 -10.34 27.05 -48.40
N LEU B 6 -11.42 27.73 -48.76
CA LEU B 6 -11.33 29.08 -49.32
C LEU B 6 -11.20 30.16 -48.26
N PHE B 7 -11.39 29.82 -46.98
CA PHE B 7 -11.30 30.77 -45.88
C PHE B 7 -9.94 30.73 -45.19
N THR B 8 -8.87 30.43 -45.94
CA THR B 8 -7.52 30.35 -45.39
C THR B 8 -6.82 31.67 -45.68
N GLY B 9 -6.61 32.47 -44.65
CA GLY B 9 -5.95 33.75 -44.77
C GLY B 9 -6.87 34.91 -44.43
N VAL B 10 -6.56 36.06 -45.01
CA VAL B 10 -7.32 37.28 -44.81
C VAL B 10 -8.17 37.53 -46.04
N VAL B 11 -9.49 37.66 -45.83
CA VAL B 11 -10.44 37.89 -46.90
C VAL B 11 -11.09 39.25 -46.66
N PRO B 12 -11.10 40.15 -47.63
CA PRO B 12 -11.74 41.45 -47.41
C PRO B 12 -13.26 41.32 -47.32
N ILE B 13 -13.86 42.11 -46.43
CA ILE B 13 -15.29 42.09 -46.20
C ILE B 13 -15.85 43.46 -46.57
N LEU B 14 -16.92 43.46 -47.36
CA LEU B 14 -17.59 44.69 -47.78
C LEU B 14 -19.00 44.70 -47.19
N VAL B 15 -19.30 45.74 -46.41
CA VAL B 15 -20.60 45.88 -45.76
C VAL B 15 -21.44 46.87 -46.57
N GLU B 16 -22.62 46.42 -47.01
CA GLU B 16 -23.54 47.26 -47.78
C GLU B 16 -24.93 47.12 -47.15
N LEU B 17 -25.30 48.10 -46.34
CA LEU B 17 -26.59 48.10 -45.66
C LEU B 17 -27.42 49.28 -46.15
N ASP B 18 -28.72 49.04 -46.33
CA ASP B 18 -29.64 50.09 -46.79
C ASP B 18 -31.02 49.77 -46.25
N GLY B 19 -31.41 50.47 -45.18
CA GLY B 19 -32.69 50.28 -44.55
C GLY B 19 -33.57 51.52 -44.66
N ASP B 20 -34.83 51.33 -44.29
CA ASP B 20 -35.82 52.42 -44.34
C ASP B 20 -36.92 52.11 -43.35
N VAL B 21 -37.00 52.92 -42.29
CA VAL B 21 -38.02 52.77 -41.26
C VAL B 21 -38.64 54.13 -41.00
N ASN B 22 -39.97 54.16 -40.86
CA ASN B 22 -40.73 55.38 -40.61
C ASN B 22 -40.48 56.44 -41.68
N GLY B 23 -40.22 56.01 -42.91
CA GLY B 23 -39.96 56.93 -44.00
C GLY B 23 -38.58 57.56 -43.98
N HIS B 24 -37.69 57.13 -43.09
CA HIS B 24 -36.34 57.66 -42.99
C HIS B 24 -35.41 56.76 -43.79
N LYS B 25 -34.84 57.29 -44.86
CA LYS B 25 -33.92 56.54 -45.72
C LYS B 25 -32.50 56.71 -45.21
N PHE B 26 -31.82 55.59 -44.98
CA PHE B 26 -30.45 55.60 -44.49
C PHE B 26 -29.68 54.46 -45.15
N SER B 27 -28.37 54.65 -45.29
CA SER B 27 -27.50 53.66 -45.90
C SER B 27 -26.19 53.60 -45.12
N VAL B 28 -25.77 52.38 -44.79
CA VAL B 28 -24.54 52.15 -44.05
C VAL B 28 -23.59 51.35 -44.94
N SER B 29 -22.39 51.89 -45.15
CA SER B 29 -21.37 51.27 -45.98
C SER B 29 -20.08 51.15 -45.19
N GLY B 30 -19.68 49.91 -44.88
CA GLY B 30 -18.47 49.66 -44.13
C GLY B 30 -17.59 48.66 -44.85
N GLU B 31 -16.37 48.50 -44.30
CA GLU B 31 -15.41 47.58 -44.87
C GLU B 31 -14.42 47.17 -43.78
N GLY B 32 -13.72 46.06 -44.03
CA GLY B 32 -12.76 45.55 -43.09
C GLY B 32 -12.12 44.25 -43.52
N GLU B 33 -11.85 43.37 -42.56
CA GLU B 33 -11.24 42.07 -42.83
C GLU B 33 -11.84 41.03 -41.90
N GLY B 34 -11.39 39.78 -42.05
CA GLY B 34 -11.88 38.70 -41.23
C GLY B 34 -10.89 37.57 -41.18
N ASP B 35 -11.20 36.59 -40.33
CA ASP B 35 -10.34 35.42 -40.15
C ASP B 35 -11.19 34.27 -39.64
N ALA B 36 -11.19 33.16 -40.38
CA ALA B 36 -11.97 31.98 -40.01
C ALA B 36 -11.14 30.91 -39.32
N THR B 37 -9.81 31.02 -39.34
CA THR B 37 -8.98 30.01 -38.69
C THR B 37 -9.02 30.15 -37.18
N TYR B 38 -8.85 31.38 -36.67
CA TYR B 38 -8.86 31.64 -35.24
C TYR B 38 -10.09 32.40 -34.78
N GLY B 39 -10.96 32.81 -35.70
CA GLY B 39 -12.16 33.54 -35.34
C GLY B 39 -11.89 34.97 -34.92
N LYS B 40 -11.63 35.84 -35.89
CA LYS B 40 -11.35 37.25 -35.63
C LYS B 40 -12.14 38.10 -36.62
N LEU B 41 -12.87 39.08 -36.11
CA LEU B 41 -13.68 39.98 -36.92
C LEU B 41 -13.17 41.40 -36.72
N THR B 42 -12.83 42.06 -37.83
CA THR B 42 -12.31 43.44 -37.80
C THR B 42 -13.02 44.22 -38.91
N LEU B 43 -14.01 45.02 -38.53
CA LEU B 43 -14.77 45.83 -39.47
C LEU B 43 -14.79 47.27 -39.00
N LYS B 44 -15.21 48.17 -39.89
CA LYS B 44 -15.32 49.60 -39.60
C LYS B 44 -16.55 50.13 -40.32
N PHE B 45 -17.67 50.21 -39.60
CA PHE B 45 -18.92 50.69 -40.17
C PHE B 45 -18.89 52.21 -40.28
N ILE B 46 -19.18 52.72 -41.47
CA ILE B 46 -19.19 54.16 -41.73
C ILE B 46 -20.59 54.53 -42.20
N CYS B 47 -21.23 55.45 -41.49
CA CYS B 47 -22.57 55.91 -41.82
C CYS B 47 -22.48 56.95 -42.92
N THR B 48 -22.95 56.60 -44.12
CA THR B 48 -22.90 57.52 -45.25
C THR B 48 -23.99 58.59 -45.18
N THR B 49 -25.07 58.34 -44.46
CA THR B 49 -26.15 59.32 -44.34
C THR B 49 -25.80 60.41 -43.33
N GLY B 50 -25.50 60.02 -42.10
CA GLY B 50 -25.16 60.96 -41.07
C GLY B 50 -25.78 60.64 -39.73
N LYS B 51 -26.89 61.30 -39.42
CA LYS B 51 -27.60 61.08 -38.17
C LYS B 51 -28.48 59.85 -38.31
N LEU B 52 -28.01 58.72 -37.79
CA LEU B 52 -28.76 57.47 -37.87
C LEU B 52 -29.87 57.47 -36.82
N PRO B 53 -31.14 57.30 -37.22
CA PRO B 53 -32.21 57.31 -36.21
C PRO B 53 -32.20 56.08 -35.31
N VAL B 54 -31.99 54.89 -35.88
CA VAL B 54 -31.97 53.66 -35.10
C VAL B 54 -30.65 53.59 -34.33
N PRO B 55 -30.62 52.98 -33.15
CA PRO B 55 -29.37 52.90 -32.38
C PRO B 55 -28.39 51.93 -33.03
N TRP B 56 -27.16 51.95 -32.51
CA TRP B 56 -26.07 51.14 -33.04
C TRP B 56 -25.95 49.79 -32.33
N PRO B 57 -26.01 49.71 -31.00
CA PRO B 57 -25.90 48.39 -30.35
C PRO B 57 -26.98 47.40 -30.75
N THR B 58 -28.10 47.86 -31.28
CA THR B 58 -29.16 46.95 -31.72
C THR B 58 -28.92 46.39 -33.10
N LEU B 59 -27.89 46.85 -33.82
CA LEU B 59 -27.58 46.39 -35.17
C LEU B 59 -26.12 45.91 -35.19
N VAL B 60 -25.85 44.84 -34.46
CA VAL B 60 -24.51 44.25 -34.38
C VAL B 60 -24.49 42.87 -35.03
N THR B 61 -25.41 41.99 -34.65
CA THR B 61 -25.50 40.65 -35.21
C THR B 61 -26.30 40.70 -36.51
N THR B 62 -25.66 41.26 -37.54
CA THR B 62 -26.31 41.43 -38.83
C THR B 62 -25.62 40.61 -39.92
N LEU B 63 -24.53 41.16 -40.47
CA LEU B 63 -23.81 40.50 -41.56
C LEU B 63 -22.87 39.42 -41.02
N VAL B 64 -21.72 39.27 -41.69
CA VAL B 64 -20.68 38.27 -41.39
C VAL B 64 -21.25 37.00 -40.80
N GLN B 65 -20.79 36.63 -39.60
CA GLN B 65 -21.20 35.40 -38.92
C GLN B 65 -20.88 34.16 -39.75
N CYS B 66 -19.71 34.19 -40.41
CA CYS B 66 -19.25 33.04 -41.19
C CYS B 66 -17.78 32.71 -40.96
N PHE B 67 -17.01 33.57 -40.29
CA PHE B 67 -15.62 33.31 -39.97
C PHE B 67 -15.45 32.79 -38.55
N SER B 68 -16.35 31.93 -38.10
CA SER B 68 -16.30 31.41 -36.75
C SER B 68 -15.17 30.40 -36.60
N ARG B 69 -14.76 30.17 -35.35
CA ARG B 69 -13.70 29.22 -35.02
C ARG B 69 -14.35 27.93 -34.56
N TYR B 70 -14.40 26.94 -35.45
CA TYR B 70 -15.01 25.66 -35.10
C TYR B 70 -13.95 24.67 -34.63
N PRO B 71 -14.25 23.86 -33.63
CA PRO B 71 -13.29 22.87 -33.15
C PRO B 71 -13.03 21.79 -34.19
N ASP B 72 -12.03 20.96 -33.90
CA ASP B 72 -11.66 19.88 -34.81
C ASP B 72 -12.71 18.78 -34.87
N HIS B 73 -13.55 18.66 -33.84
CA HIS B 73 -14.59 17.64 -33.80
C HIS B 73 -15.97 18.19 -34.17
N MET B 74 -16.03 19.42 -34.68
CA MET B 74 -17.29 20.03 -35.10
C MET B 74 -17.22 20.55 -36.53
N LYS B 75 -16.33 20.01 -37.36
CA LYS B 75 -16.22 20.45 -38.74
C LYS B 75 -17.35 19.94 -39.61
N GLN B 76 -17.97 18.83 -39.23
CA GLN B 76 -19.07 18.27 -40.01
C GLN B 76 -20.41 18.93 -39.72
N HIS B 77 -20.49 19.78 -38.70
CA HIS B 77 -21.73 20.46 -38.37
C HIS B 77 -21.67 21.93 -38.76
N ASP B 78 -21.29 22.20 -40.00
CA ASP B 78 -21.18 23.57 -40.50
C ASP B 78 -22.22 23.80 -41.59
N PHE B 79 -22.68 25.04 -41.70
CA PHE B 79 -23.68 25.41 -42.69
C PHE B 79 -23.29 26.70 -43.40
N PHE B 80 -22.54 27.56 -42.72
CA PHE B 80 -22.12 28.82 -43.33
C PHE B 80 -21.04 28.61 -44.37
N LYS B 81 -20.27 27.53 -44.25
CA LYS B 81 -19.21 27.23 -45.20
C LYS B 81 -19.57 26.10 -46.16
N SER B 82 -20.81 25.60 -46.10
CA SER B 82 -21.24 24.53 -46.99
C SER B 82 -21.77 25.04 -48.32
N ALA B 83 -22.43 26.20 -48.32
CA ALA B 83 -22.97 26.79 -49.54
C ALA B 83 -22.00 27.76 -50.21
N MET B 84 -20.71 27.58 -50.02
CA MET B 84 -19.69 28.44 -50.60
C MET B 84 -19.06 27.76 -51.82
N PRO B 85 -18.73 28.54 -52.87
CA PRO B 85 -18.95 29.98 -52.95
C PRO B 85 -20.29 30.35 -53.57
N GLU B 86 -21.28 29.45 -53.48
CA GLU B 86 -22.59 29.74 -54.06
C GLU B 86 -23.30 30.84 -53.28
N GLY B 87 -23.36 30.72 -51.97
CA GLY B 87 -24.00 31.71 -51.12
C GLY B 87 -25.30 31.20 -50.53
N TYR B 88 -25.89 32.02 -49.68
CA TYR B 88 -27.13 31.69 -49.01
C TYR B 88 -27.88 32.98 -48.68
N VAL B 89 -29.20 32.90 -48.70
CA VAL B 89 -30.06 34.04 -48.39
C VAL B 89 -30.37 33.99 -46.90
N GLN B 90 -29.90 35.00 -46.17
CA GLN B 90 -30.10 35.07 -44.73
C GLN B 90 -31.22 36.07 -44.44
N GLU B 91 -32.38 35.55 -44.04
CA GLU B 91 -33.55 36.37 -43.74
C GLU B 91 -33.84 36.27 -42.25
N ARG B 92 -34.07 37.43 -41.61
CA ARG B 92 -34.36 37.50 -40.19
C ARG B 92 -35.60 38.36 -39.97
N THR B 93 -36.20 38.19 -38.79
CA THR B 93 -37.36 39.00 -38.38
C THR B 93 -37.25 39.22 -36.88
N ILE B 94 -36.59 40.31 -36.50
CA ILE B 94 -36.33 40.61 -35.10
C ILE B 94 -37.58 41.22 -34.48
N PHE B 95 -37.99 40.69 -33.33
CA PHE B 95 -39.13 41.20 -32.59
C PHE B 95 -38.67 41.87 -31.30
N PHE B 96 -39.60 42.56 -30.65
CA PHE B 96 -39.33 43.25 -29.40
C PHE B 96 -40.51 43.04 -28.46
N LYS B 97 -40.47 43.71 -27.31
CA LYS B 97 -41.53 43.60 -26.32
C LYS B 97 -42.77 44.35 -26.77
N ASP B 98 -42.85 45.64 -26.46
CA ASP B 98 -43.97 46.49 -26.83
C ASP B 98 -43.43 47.70 -27.59
N ASP B 99 -43.02 47.48 -28.84
CA ASP B 99 -42.50 48.55 -29.67
C ASP B 99 -42.71 48.23 -31.15
N GLY B 100 -41.65 47.82 -31.83
CA GLY B 100 -41.75 47.50 -33.25
C GLY B 100 -41.14 46.16 -33.60
N ASN B 101 -40.79 45.99 -34.88
CA ASN B 101 -40.19 44.74 -35.35
C ASN B 101 -39.37 45.03 -36.59
N TYR B 102 -38.29 44.26 -36.75
CA TYR B 102 -37.39 44.41 -37.88
C TYR B 102 -37.62 43.29 -38.89
N LYS B 103 -37.07 43.48 -40.09
CA LYS B 103 -37.18 42.49 -41.16
C LYS B 103 -36.03 42.71 -42.12
N THR B 104 -34.99 41.89 -41.99
CA THR B 104 -33.79 42.00 -42.81
C THR B 104 -33.73 40.84 -43.81
N ARG B 105 -32.83 40.99 -44.79
CA ARG B 105 -32.65 39.96 -45.81
C ARG B 105 -31.23 40.09 -46.34
N ALA B 106 -30.34 39.22 -45.89
CA ALA B 106 -28.94 39.23 -46.27
C ALA B 106 -28.66 38.17 -47.32
N GLU B 107 -27.68 38.45 -48.18
CA GLU B 107 -27.25 37.54 -49.24
C GLU B 107 -25.73 37.41 -49.15
N VAL B 108 -25.26 36.60 -48.22
CA VAL B 108 -23.82 36.42 -48.00
C VAL B 108 -23.28 35.58 -49.16
N LYS B 109 -22.50 36.22 -50.03
CA LYS B 109 -21.91 35.52 -51.17
C LYS B 109 -20.65 36.27 -51.60
N PHE B 110 -19.83 35.60 -52.40
CA PHE B 110 -18.58 36.16 -52.89
C PHE B 110 -18.72 36.50 -54.38
N GLU B 111 -18.07 37.59 -54.78
CA GLU B 111 -18.08 38.03 -56.18
C GLU B 111 -16.70 37.97 -56.81
N GLY B 112 -15.83 37.08 -56.35
CA GLY B 112 -14.49 36.97 -56.89
C GLY B 112 -13.42 36.88 -55.83
N ASP B 113 -13.35 37.89 -54.96
CA ASP B 113 -12.37 37.90 -53.89
C ASP B 113 -12.78 38.71 -52.67
N THR B 114 -13.89 39.45 -52.73
CA THR B 114 -14.34 40.28 -51.61
C THR B 114 -15.77 39.89 -51.27
N LEU B 115 -16.03 39.67 -49.98
CA LEU B 115 -17.37 39.29 -49.54
C LEU B 115 -18.30 40.50 -49.63
N VAL B 116 -19.31 40.41 -50.49
CA VAL B 116 -20.28 41.47 -50.69
C VAL B 116 -21.64 40.97 -50.23
N ASN B 117 -22.28 41.72 -49.32
CA ASN B 117 -23.58 41.35 -48.79
C ASN B 117 -24.47 42.59 -48.74
N ARG B 118 -25.72 42.42 -49.16
CA ARG B 118 -26.70 43.50 -49.17
C ARG B 118 -27.86 43.14 -48.27
N ILE B 119 -28.29 44.09 -47.44
CA ILE B 119 -29.39 43.89 -46.51
C ILE B 119 -30.41 44.98 -46.73
N GLU B 120 -31.66 44.58 -46.95
CA GLU B 120 -32.78 45.50 -47.14
C GLU B 120 -33.63 45.46 -45.87
N LEU B 121 -33.27 46.33 -44.91
CA LEU B 121 -33.96 46.37 -43.64
C LEU B 121 -35.32 47.04 -43.80
N LYS B 122 -36.38 46.35 -43.38
CA LYS B 122 -37.73 46.89 -43.47
C LYS B 122 -38.41 46.86 -42.10
N GLY B 123 -39.72 47.05 -42.08
CA GLY B 123 -40.45 47.03 -40.82
C GLY B 123 -41.03 48.40 -40.51
N ILE B 124 -42.30 48.40 -40.08
CA ILE B 124 -42.99 49.64 -39.75
C ILE B 124 -43.56 49.53 -38.34
N ASP B 125 -44.49 50.41 -38.00
CA ASP B 125 -45.13 50.43 -36.68
C ASP B 125 -44.12 50.57 -35.56
N PHE B 126 -43.63 51.79 -35.34
CA PHE B 126 -42.68 52.09 -34.28
C PHE B 126 -43.21 53.27 -33.46
N LYS B 127 -42.48 53.61 -32.40
CA LYS B 127 -42.83 54.70 -31.51
C LYS B 127 -41.82 55.84 -31.66
N GLU B 128 -42.18 56.99 -31.08
CA GLU B 128 -41.35 58.19 -31.13
C GLU B 128 -40.79 58.56 -29.76
N ASP B 129 -41.01 57.72 -28.73
CA ASP B 129 -40.51 58.03 -27.40
C ASP B 129 -40.06 56.77 -26.66
N GLY B 130 -39.67 55.73 -27.40
CA GLY B 130 -39.23 54.50 -26.78
C GLY B 130 -37.73 54.28 -26.88
N ASN B 131 -37.30 53.02 -26.89
CA ASN B 131 -35.88 52.72 -26.98
C ASN B 131 -35.36 52.98 -28.39
N ILE B 132 -36.13 52.63 -29.41
CA ILE B 132 -35.75 52.86 -30.80
C ILE B 132 -35.95 54.33 -31.12
N LEU B 133 -35.35 54.79 -32.23
CA LEU B 133 -35.43 56.17 -32.67
C LEU B 133 -34.87 57.12 -31.63
N GLY B 134 -35.55 57.27 -30.51
CA GLY B 134 -35.07 58.16 -29.45
C GLY B 134 -33.79 57.63 -28.84
N HIS B 135 -32.79 58.49 -28.71
CA HIS B 135 -31.49 58.10 -28.16
C HIS B 135 -31.62 57.95 -26.65
N LYS B 136 -31.80 56.71 -26.19
CA LYS B 136 -31.90 56.42 -24.77
C LYS B 136 -30.98 55.32 -24.28
N LEU B 137 -30.45 54.47 -25.16
CA LEU B 137 -29.55 53.41 -24.75
C LEU B 137 -28.14 53.94 -24.61
N GLU B 138 -27.26 53.09 -24.08
CA GLU B 138 -25.86 53.44 -23.89
C GLU B 138 -25.06 52.97 -25.11
N TYR B 139 -23.73 52.87 -24.98
CA TYR B 139 -22.85 52.43 -26.05
C TYR B 139 -21.99 51.28 -25.54
N ASN B 140 -22.62 50.12 -25.36
CA ASN B 140 -21.93 48.93 -24.86
C ASN B 140 -22.73 47.70 -25.25
N TYR B 141 -22.01 46.62 -25.53
CA TYR B 141 -22.63 45.35 -25.91
C TYR B 141 -21.88 44.22 -25.23
N ASN B 142 -22.57 43.50 -24.35
CA ASN B 142 -21.97 42.43 -23.57
C ASN B 142 -22.01 41.12 -24.38
N SER B 143 -21.68 40.02 -23.73
CA SER B 143 -21.66 38.72 -24.39
C SER B 143 -23.05 38.10 -24.40
N HIS B 144 -23.32 37.33 -25.45
CA HIS B 144 -24.60 36.65 -25.62
C HIS B 144 -24.38 35.30 -26.26
N ASN B 145 -25.36 34.41 -26.07
CA ASN B 145 -25.32 33.06 -26.62
C ASN B 145 -26.26 32.96 -27.82
N VAL B 146 -25.81 32.27 -28.86
CA VAL B 146 -26.60 32.09 -30.08
C VAL B 146 -26.82 30.59 -30.26
N TYR B 147 -28.06 30.16 -30.09
CA TYR B 147 -28.43 28.76 -30.25
C TYR B 147 -28.83 28.48 -31.68
N ILE B 148 -28.28 27.41 -32.26
CA ILE B 148 -28.54 27.02 -33.63
C ILE B 148 -29.26 25.69 -33.63
N MET B 149 -30.46 25.66 -34.22
CA MET B 149 -31.25 24.45 -34.30
C MET B 149 -31.07 23.78 -35.65
N ALA B 150 -32.15 23.18 -36.17
CA ALA B 150 -32.12 22.52 -37.46
C ALA B 150 -33.51 22.53 -38.07
N ASP B 151 -33.56 22.27 -39.38
CA ASP B 151 -34.83 22.26 -40.10
C ASP B 151 -34.68 21.37 -41.33
N LYS B 152 -35.72 20.59 -41.63
CA LYS B 152 -35.71 19.69 -42.78
C LYS B 152 -36.94 19.90 -43.67
N GLN B 153 -37.58 21.05 -43.58
CA GLN B 153 -38.78 21.34 -44.40
C GLN B 153 -38.38 22.04 -45.69
N LYS B 154 -38.05 23.32 -45.60
CA LYS B 154 -37.65 24.12 -46.76
C LYS B 154 -36.15 24.09 -47.01
N ASN B 155 -35.45 23.06 -46.52
CA ASN B 155 -34.01 22.91 -46.68
C ASN B 155 -33.27 24.13 -46.15
N GLY B 156 -33.13 24.22 -44.83
CA GLY B 156 -32.44 25.34 -44.23
C GLY B 156 -32.20 25.11 -42.75
N ILE B 157 -31.72 26.17 -42.10
CA ILE B 157 -31.42 26.15 -40.67
C ILE B 157 -32.20 27.27 -40.01
N LYS B 158 -33.01 26.91 -39.01
CA LYS B 158 -33.83 27.88 -38.27
C LYS B 158 -33.08 28.22 -36.98
N VAL B 159 -32.35 29.33 -37.00
CA VAL B 159 -31.59 29.78 -35.85
C VAL B 159 -32.49 30.64 -34.97
N ASN B 160 -32.56 30.30 -33.68
CA ASN B 160 -33.38 31.01 -32.72
C ASN B 160 -32.52 31.36 -31.51
N PHE B 161 -32.45 32.65 -31.19
CA PHE B 161 -31.67 33.11 -30.05
C PHE B 161 -32.30 34.40 -29.51
N LYS B 162 -32.16 34.59 -28.20
CA LYS B 162 -32.70 35.76 -27.51
C LYS B 162 -31.57 36.49 -26.80
N ILE B 163 -31.44 37.79 -27.11
CA ILE B 163 -30.40 38.61 -26.49
C ILE B 163 -31.07 39.70 -25.65
N ARG B 164 -30.27 40.61 -25.11
CA ARG B 164 -30.78 41.70 -24.30
C ARG B 164 -29.91 42.93 -24.50
N HIS B 165 -30.48 44.10 -24.21
CA HIS B 165 -29.79 45.36 -24.34
C HIS B 165 -29.89 46.13 -23.02
N ASN B 166 -29.03 47.13 -22.87
CA ASN B 166 -28.97 47.96 -21.68
C ASN B 166 -29.49 49.36 -21.99
N ILE B 167 -29.78 50.10 -20.92
CA ILE B 167 -30.30 51.45 -21.03
C ILE B 167 -29.69 52.32 -19.93
N GLU B 168 -30.41 53.37 -19.53
CA GLU B 168 -29.94 54.30 -18.50
C GLU B 168 -31.08 54.61 -17.53
N ASP B 169 -31.66 53.57 -16.92
CA ASP B 169 -32.71 53.74 -15.94
C ASP B 169 -32.77 52.57 -14.98
N GLY B 170 -32.60 51.35 -15.48
CA GLY B 170 -32.59 50.19 -14.64
C GLY B 170 -33.45 49.04 -15.14
N SER B 171 -34.17 49.25 -16.24
CA SER B 171 -35.03 48.22 -16.78
C SER B 171 -34.21 47.20 -17.58
N VAL B 172 -34.88 46.14 -18.02
CA VAL B 172 -34.27 45.07 -18.80
C VAL B 172 -35.10 44.90 -20.06
N GLN B 173 -34.45 45.01 -21.22
CA GLN B 173 -35.11 44.86 -22.51
C GLN B 173 -34.78 43.49 -23.10
N LEU B 174 -35.81 42.78 -23.54
CA LEU B 174 -35.67 41.45 -24.13
C LEU B 174 -36.11 41.50 -25.58
N ALA B 175 -35.32 40.87 -26.45
CA ALA B 175 -35.61 40.82 -27.87
C ALA B 175 -35.70 39.38 -28.34
N ASP B 176 -36.38 39.17 -29.46
CA ASP B 176 -36.57 37.86 -30.06
C ASP B 176 -36.05 37.86 -31.49
N HIS B 177 -35.36 36.79 -31.86
CA HIS B 177 -34.81 36.65 -33.20
C HIS B 177 -35.25 35.33 -33.80
N TYR B 178 -35.54 35.35 -35.12
CA TYR B 178 -35.98 34.16 -35.86
C TYR B 178 -35.22 34.16 -37.19
N GLN B 179 -33.98 33.70 -37.16
CA GLN B 179 -33.15 33.65 -38.35
C GLN B 179 -33.48 32.42 -39.18
N GLN B 180 -33.65 32.61 -40.49
CA GLN B 180 -33.95 31.53 -41.43
C GLN B 180 -32.98 31.62 -42.59
N ASN B 181 -31.98 30.74 -42.61
CA ASN B 181 -30.96 30.73 -43.65
C ASN B 181 -31.39 29.77 -44.75
N THR B 182 -31.46 30.27 -45.98
CA THR B 182 -31.84 29.46 -47.14
C THR B 182 -30.71 29.50 -48.16
N PRO B 183 -30.16 28.37 -48.58
CA PRO B 183 -29.07 28.39 -49.56
C PRO B 183 -29.56 28.77 -50.94
N ILE B 184 -28.61 29.14 -51.78
CA ILE B 184 -28.89 29.54 -53.16
C ILE B 184 -28.60 28.41 -54.14
N GLY B 185 -27.40 27.84 -54.08
CA GLY B 185 -27.04 26.76 -54.97
C GLY B 185 -27.66 25.44 -54.56
N ASP B 186 -27.43 24.43 -55.41
CA ASP B 186 -27.94 23.08 -55.21
C ASP B 186 -26.79 22.08 -55.09
N GLY B 187 -25.72 22.49 -54.44
CA GLY B 187 -24.56 21.62 -54.26
C GLY B 187 -24.59 20.89 -52.95
N PRO B 188 -23.42 20.44 -52.49
CA PRO B 188 -23.35 19.72 -51.21
C PRO B 188 -23.63 20.62 -50.02
N VAL B 189 -24.76 20.41 -49.35
CA VAL B 189 -25.15 21.20 -48.19
C VAL B 189 -25.23 20.27 -46.99
N LEU B 190 -24.49 20.59 -45.94
CA LEU B 190 -24.48 19.78 -44.73
C LEU B 190 -25.67 20.14 -43.84
N LEU B 191 -25.96 19.24 -42.90
CA LEU B 191 -27.07 19.42 -41.97
C LEU B 191 -26.55 19.33 -40.54
N PRO B 192 -26.25 20.45 -39.90
CA PRO B 192 -25.75 20.41 -38.52
C PRO B 192 -26.85 20.03 -37.54
N ASP B 193 -26.43 19.70 -36.32
CA ASP B 193 -27.36 19.32 -35.26
C ASP B 193 -27.77 20.54 -34.43
N ASN B 194 -27.58 20.45 -33.12
CA ASN B 194 -27.94 21.52 -32.19
C ASN B 194 -26.69 21.89 -31.39
N HIS B 195 -26.25 23.14 -31.53
CA HIS B 195 -25.08 23.62 -30.81
C HIS B 195 -25.18 25.12 -30.64
N TYR B 196 -24.41 25.64 -29.68
CA TYR B 196 -24.39 27.07 -29.37
C TYR B 196 -22.96 27.58 -29.45
N LEU B 197 -22.83 28.86 -29.80
CA LEU B 197 -21.54 29.52 -29.93
C LEU B 197 -21.44 30.64 -28.90
N SER B 198 -20.42 31.49 -29.05
CA SER B 198 -20.19 32.60 -28.15
C SER B 198 -20.03 33.87 -28.98
N THR B 199 -20.11 35.02 -28.29
CA THR B 199 -19.99 36.32 -28.93
C THR B 199 -19.29 37.27 -27.97
N GLN B 200 -18.15 37.80 -28.39
CA GLN B 200 -17.36 38.75 -27.59
C GLN B 200 -17.14 40.00 -28.43
N SER B 201 -18.16 40.85 -28.49
CA SER B 201 -18.11 42.08 -29.27
C SER B 201 -17.49 43.21 -28.45
N ALA B 202 -17.08 44.27 -29.15
CA ALA B 202 -16.47 45.43 -28.52
C ALA B 202 -16.75 46.66 -29.38
N LEU B 203 -17.30 47.69 -28.76
CA LEU B 203 -17.64 48.93 -29.45
C LEU B 203 -16.84 50.08 -28.85
N SER B 204 -16.36 50.98 -29.71
CA SER B 204 -15.59 52.12 -29.28
C SER B 204 -15.84 53.27 -30.26
N LYS B 205 -15.06 54.33 -30.14
CA LYS B 205 -15.17 55.50 -30.98
C LYS B 205 -13.84 55.75 -31.71
N ASP B 206 -13.74 56.90 -32.36
CA ASP B 206 -12.54 57.27 -33.10
C ASP B 206 -12.42 58.79 -33.17
N PRO B 207 -11.40 59.38 -32.52
CA PRO B 207 -11.25 60.85 -32.59
C PRO B 207 -10.94 61.37 -33.98
N ASN B 208 -10.43 60.54 -34.87
CA ASN B 208 -10.09 60.96 -36.24
C ASN B 208 -11.25 60.80 -37.20
N GLU B 209 -12.48 61.06 -36.74
CA GLU B 209 -13.65 60.94 -37.60
C GLU B 209 -14.75 61.84 -37.06
N LYS B 210 -15.31 62.69 -37.94
CA LYS B 210 -16.37 63.60 -37.53
C LYS B 210 -17.76 63.01 -37.70
N ARG B 211 -17.96 62.17 -38.72
CA ARG B 211 -19.25 61.57 -38.95
C ARG B 211 -19.49 60.41 -37.97
N ASP B 212 -20.72 59.91 -37.97
CA ASP B 212 -21.08 58.81 -37.09
C ASP B 212 -20.50 57.51 -37.61
N HIS B 213 -20.06 56.65 -36.69
CA HIS B 213 -19.46 55.38 -37.05
C HIS B 213 -19.65 54.41 -35.88
N MET B 214 -19.08 53.21 -36.04
CA MET B 214 -19.17 52.19 -35.00
C MET B 214 -18.00 51.23 -35.18
N VAL B 215 -17.00 51.34 -34.30
CA VAL B 215 -15.83 50.48 -34.35
C VAL B 215 -16.20 49.17 -33.66
N LEU B 216 -16.50 48.14 -34.44
CA LEU B 216 -16.92 46.85 -33.93
C LEU B 216 -15.74 45.87 -33.92
N LEU B 217 -15.61 45.13 -32.83
CA LEU B 217 -14.55 44.13 -32.67
C LEU B 217 -15.17 42.92 -31.98
N GLU B 218 -15.64 41.97 -32.78
CA GLU B 218 -16.34 40.79 -32.29
C GLU B 218 -15.43 39.57 -32.36
N PHE B 219 -15.47 38.75 -31.32
CA PHE B 219 -14.71 37.51 -31.25
C PHE B 219 -15.69 36.35 -31.10
N VAL B 220 -15.81 35.54 -32.16
CA VAL B 220 -16.73 34.41 -32.18
C VAL B 220 -15.92 33.14 -31.93
N THR B 221 -16.39 32.33 -30.99
CA THR B 221 -15.72 31.07 -30.66
C THR B 221 -16.80 30.03 -30.36
N ALA B 222 -16.75 28.91 -31.06
CA ALA B 222 -17.73 27.85 -30.85
C ALA B 222 -17.44 27.09 -29.56
N ALA B 223 -18.46 26.40 -29.07
CA ALA B 223 -18.34 25.63 -27.84
C ALA B 223 -18.52 24.14 -28.11
N GLY B 224 -19.71 23.62 -27.81
CA GLY B 224 -19.99 22.22 -28.02
C GLY B 224 -21.46 21.93 -28.25
N ILE B 225 -21.84 20.66 -28.16
CA ILE B 225 -23.23 20.26 -28.36
C ILE B 225 -23.99 20.43 -27.05
N THR B 226 -25.11 21.17 -27.11
CA THR B 226 -25.92 21.40 -25.94
C THR B 226 -26.70 20.14 -25.54
N SER C 1 -46.95 -20.56 65.74
CA SER C 1 -46.10 -21.68 65.33
C SER C 1 -46.46 -22.16 63.93
N GLY C 2 -47.74 -22.46 63.73
CA GLY C 2 -48.20 -22.93 62.44
C GLY C 2 -49.14 -21.96 61.75
N SER C 3 -49.28 -20.77 62.31
CA SER C 3 -50.14 -19.74 61.74
C SER C 3 -49.35 -18.87 60.77
N ASP C 4 -50.08 -18.28 59.82
CA ASP C 4 -49.49 -17.42 58.79
C ASP C 4 -48.39 -18.13 58.02
N LEU C 5 -48.78 -19.07 57.15
CA LEU C 5 -47.80 -19.81 56.36
C LEU C 5 -47.22 -18.98 55.23
N GLY C 6 -47.92 -17.95 54.78
CA GLY C 6 -47.40 -17.12 53.69
C GLY C 6 -46.42 -16.07 54.15
N LYS C 7 -46.55 -15.59 55.39
CA LYS C 7 -45.63 -14.58 55.90
C LYS C 7 -44.29 -15.18 56.31
N LYS C 8 -44.29 -16.36 56.91
CA LYS C 8 -43.05 -16.99 57.33
C LYS C 8 -42.27 -17.58 56.16
N LEU C 9 -42.92 -17.83 55.03
CA LEU C 9 -42.22 -18.38 53.87
C LEU C 9 -41.34 -17.35 53.18
N LEU C 10 -41.78 -16.09 53.14
CA LEU C 10 -40.97 -15.05 52.51
C LEU C 10 -39.75 -14.69 53.32
N GLU C 11 -39.75 -14.94 54.63
CA GLU C 11 -38.60 -14.61 55.46
C GLU C 11 -37.45 -15.59 55.23
N ALA C 12 -37.75 -16.88 55.08
CA ALA C 12 -36.70 -17.87 54.84
C ALA C 12 -36.14 -17.77 53.44
N ALA C 13 -36.94 -17.30 52.48
CA ALA C 13 -36.48 -17.16 51.10
C ALA C 13 -35.72 -15.87 50.86
N ARG C 14 -35.83 -14.89 51.75
CA ARG C 14 -35.14 -13.63 51.58
C ARG C 14 -33.69 -13.71 52.09
N ALA C 15 -33.51 -14.24 53.30
CA ALA C 15 -32.18 -14.35 53.87
C ALA C 15 -31.40 -15.50 53.23
N GLY C 16 -32.02 -16.67 53.13
CA GLY C 16 -31.36 -17.82 52.53
C GLY C 16 -31.33 -19.03 53.45
N GLN C 17 -32.35 -19.18 54.28
CA GLN C 17 -32.43 -20.30 55.21
C GLN C 17 -32.88 -21.54 54.44
N ASP C 18 -31.92 -22.39 54.06
CA ASP C 18 -32.25 -23.60 53.32
C ASP C 18 -32.85 -24.67 54.21
N ASP C 19 -32.67 -24.59 55.52
CA ASP C 19 -33.22 -25.57 56.45
C ASP C 19 -34.63 -25.23 56.91
N GLU C 20 -35.22 -24.13 56.41
CA GLU C 20 -36.56 -23.74 56.78
C GLU C 20 -37.56 -23.79 55.64
N VAL C 21 -37.12 -23.77 54.38
CA VAL C 21 -38.05 -23.82 53.26
C VAL C 21 -38.59 -25.23 53.08
N ARG C 22 -37.75 -26.24 53.29
CA ARG C 22 -38.18 -27.63 53.11
C ARG C 22 -39.21 -28.03 54.16
N ILE C 23 -39.12 -27.48 55.37
CA ILE C 23 -40.06 -27.84 56.42
C ILE C 23 -41.44 -27.26 56.13
N LEU C 24 -41.49 -26.03 55.60
CA LEU C 24 -42.77 -25.40 55.30
C LEU C 24 -43.45 -26.07 54.11
N MET C 25 -42.68 -26.48 53.11
CA MET C 25 -43.24 -27.12 51.93
C MET C 25 -43.63 -28.58 52.17
N ALA C 26 -43.20 -29.17 53.29
CA ALA C 26 -43.54 -30.56 53.59
C ALA C 26 -44.81 -30.69 54.42
N ASN C 27 -45.32 -29.60 54.99
CA ASN C 27 -46.54 -29.64 55.80
C ASN C 27 -47.78 -29.37 54.94
N GLY C 28 -47.85 -28.19 54.35
CA GLY C 28 -48.99 -27.84 53.51
C GLY C 28 -49.11 -26.34 53.29
N ALA C 29 -48.01 -25.69 52.96
CA ALA C 29 -48.00 -24.26 52.71
C ALA C 29 -48.21 -23.98 51.22
N ASP C 30 -48.74 -22.78 50.95
CA ASP C 30 -48.99 -22.37 49.56
C ASP C 30 -47.70 -21.94 48.90
N VAL C 31 -47.42 -22.48 47.71
CA VAL C 31 -46.21 -22.13 47.00
C VAL C 31 -46.34 -20.77 46.33
N ASN C 32 -47.56 -20.37 45.98
CA ASN C 32 -47.82 -19.08 45.34
C ASN C 32 -48.44 -18.13 46.35
N ALA C 33 -47.64 -17.70 47.31
CA ALA C 33 -48.10 -16.79 48.35
C ALA C 33 -48.20 -15.37 47.79
N LEU C 34 -49.34 -14.72 48.04
CA LEU C 34 -49.59 -13.36 47.58
C LEU C 34 -49.92 -12.50 48.80
N ASP C 35 -48.98 -11.65 49.20
CA ASP C 35 -49.18 -10.77 50.34
C ASP C 35 -49.78 -9.44 49.91
N ARG C 36 -49.42 -8.36 50.61
CA ARG C 36 -49.93 -7.05 50.25
C ARG C 36 -49.33 -6.53 48.94
N PHE C 37 -48.11 -6.94 48.63
CA PHE C 37 -47.44 -6.51 47.40
C PHE C 37 -47.54 -7.54 46.29
N GLY C 38 -48.05 -8.74 46.57
CA GLY C 38 -48.16 -9.77 45.54
C GLY C 38 -46.83 -10.31 45.07
N LEU C 39 -45.83 -10.38 45.94
CA LEU C 39 -44.52 -10.88 45.58
C LEU C 39 -44.43 -12.36 45.90
N THR C 40 -44.31 -13.19 44.87
CA THR C 40 -44.19 -14.61 45.07
C THR C 40 -42.82 -14.96 45.62
N PRO C 41 -42.69 -16.07 46.35
CA PRO C 41 -41.38 -16.45 46.88
C PRO C 41 -40.32 -16.74 45.81
N LEU C 42 -40.71 -16.86 44.54
CA LEU C 42 -39.73 -17.11 43.49
C LEU C 42 -38.85 -15.89 43.25
N HIS C 43 -39.35 -14.68 43.53
CA HIS C 43 -38.55 -13.49 43.34
C HIS C 43 -37.40 -13.42 44.33
N LEU C 44 -37.67 -13.70 45.60
CA LEU C 44 -36.64 -13.66 46.62
C LEU C 44 -35.64 -14.80 46.50
N ALA C 45 -36.01 -15.89 45.81
CA ALA C 45 -35.11 -17.01 45.64
C ALA C 45 -34.12 -16.81 44.49
N ALA C 46 -34.37 -15.83 43.61
CA ALA C 46 -33.49 -15.58 42.48
C ALA C 46 -32.82 -14.21 42.52
N GLN C 47 -33.36 -13.27 43.30
CA GLN C 47 -32.75 -11.94 43.37
C GLN C 47 -31.50 -11.95 44.26
N ARG C 48 -31.56 -12.63 45.40
CA ARG C 48 -30.40 -12.67 46.29
C ARG C 48 -29.33 -13.62 45.76
N GLY C 49 -29.76 -14.73 45.16
CA GLY C 49 -28.82 -15.69 44.61
C GLY C 49 -28.79 -16.99 45.39
N HIS C 50 -29.86 -17.79 45.27
CA HIS C 50 -29.95 -19.08 45.95
C HIS C 50 -30.54 -20.07 44.97
N LEU C 51 -29.66 -20.88 44.36
CA LEU C 51 -30.13 -21.87 43.38
C LEU C 51 -30.84 -23.04 44.05
N GLU C 52 -30.48 -23.36 45.29
CA GLU C 52 -31.10 -24.48 45.97
C GLU C 52 -32.58 -24.23 46.27
N ILE C 53 -32.94 -22.98 46.56
CA ILE C 53 -34.33 -22.67 46.85
C ILE C 53 -35.18 -22.71 45.59
N VAL C 54 -34.60 -22.34 44.45
CA VAL C 54 -35.37 -22.34 43.20
C VAL C 54 -35.69 -23.76 42.76
N GLU C 55 -34.76 -24.69 42.97
CA GLU C 55 -34.97 -26.07 42.57
C GLU C 55 -36.06 -26.79 43.37
N VAL C 56 -36.48 -26.21 44.50
CA VAL C 56 -37.52 -26.83 45.31
C VAL C 56 -38.90 -26.29 44.96
N LEU C 57 -39.01 -24.98 44.70
CA LEU C 57 -40.31 -24.40 44.38
C LEU C 57 -40.80 -24.80 43.00
N LEU C 58 -39.88 -25.04 42.06
CA LEU C 58 -40.29 -25.43 40.71
C LEU C 58 -40.79 -26.86 40.64
N LYS C 59 -40.45 -27.70 41.62
CA LYS C 59 -40.89 -29.09 41.65
C LYS C 59 -42.16 -29.28 42.45
N CYS C 60 -42.94 -28.23 42.66
CA CYS C 60 -44.19 -28.32 43.41
C CYS C 60 -45.37 -27.70 42.67
N GLY C 61 -45.16 -26.62 41.93
CA GLY C 61 -46.23 -25.98 41.20
C GLY C 61 -46.21 -24.47 41.30
N ALA C 62 -45.03 -23.88 41.11
CA ALA C 62 -44.86 -22.43 41.18
C ALA C 62 -44.97 -21.83 39.79
N ASP C 63 -45.59 -20.66 39.70
CA ASP C 63 -45.76 -19.97 38.44
C ASP C 63 -44.45 -19.25 38.07
N VAL C 64 -43.86 -19.66 36.95
CA VAL C 64 -42.61 -19.04 36.52
C VAL C 64 -42.86 -17.67 35.91
N ASN C 65 -44.05 -17.43 35.37
CA ASN C 65 -44.41 -16.15 34.77
C ASN C 65 -45.37 -15.37 35.66
N ALA C 66 -45.17 -15.46 36.98
CA ALA C 66 -46.02 -14.77 37.94
C ALA C 66 -45.63 -13.30 37.96
N ALA C 67 -46.53 -12.44 37.49
CA ALA C 67 -46.29 -11.00 37.45
C ALA C 67 -46.88 -10.35 38.70
N ASP C 68 -46.11 -9.45 39.31
CA ASP C 68 -46.56 -8.76 40.52
C ASP C 68 -47.31 -7.48 40.15
N LEU C 69 -47.28 -6.49 41.06
CA LEU C 69 -47.96 -5.23 40.78
C LEU C 69 -47.21 -4.39 39.76
N TRP C 70 -45.90 -4.55 39.67
CA TRP C 70 -45.08 -3.82 38.71
C TRP C 70 -44.89 -4.57 37.40
N GLY C 71 -45.49 -5.74 37.24
CA GLY C 71 -45.33 -6.51 36.02
C GLY C 71 -43.95 -7.06 35.80
N GLN C 72 -43.15 -7.21 36.85
CA GLN C 72 -41.79 -7.72 36.74
C GLN C 72 -41.80 -9.22 36.97
N THR C 73 -41.54 -9.99 35.91
CA THR C 73 -41.48 -11.43 36.02
C THR C 73 -40.20 -11.84 36.76
N PRO C 74 -40.19 -13.03 37.38
CA PRO C 74 -38.98 -13.48 38.07
C PRO C 74 -37.76 -13.63 37.16
N LEU C 75 -37.93 -13.60 35.84
CA LEU C 75 -36.79 -13.69 34.94
C LEU C 75 -35.92 -12.43 35.01
N HIS C 76 -36.53 -11.28 35.32
CA HIS C 76 -35.75 -10.04 35.41
C HIS C 76 -34.81 -10.07 36.61
N LEU C 77 -35.31 -10.51 37.76
CA LEU C 77 -34.47 -10.55 38.97
C LEU C 77 -33.46 -11.68 38.93
N ALA C 78 -33.65 -12.67 38.05
CA ALA C 78 -32.69 -13.77 37.96
C ALA C 78 -31.39 -13.34 37.30
N ALA C 79 -31.46 -12.36 36.40
CA ALA C 79 -30.29 -11.84 35.69
C ALA C 79 -30.06 -10.38 36.01
N THR C 80 -30.14 -10.03 37.30
CA THR C 80 -29.93 -8.66 37.75
C THR C 80 -28.66 -8.50 38.59
N ALA C 81 -28.50 -9.31 39.64
CA ALA C 81 -27.31 -9.21 40.48
C ALA C 81 -26.10 -9.81 39.79
N GLY C 82 -26.24 -11.01 39.23
CA GLY C 82 -25.14 -11.67 38.56
C GLY C 82 -25.06 -13.16 38.84
N HIS C 83 -26.07 -13.90 38.40
CA HIS C 83 -26.12 -15.34 38.60
C HIS C 83 -26.55 -16.01 37.30
N LEU C 84 -25.69 -16.88 36.77
CA LEU C 84 -25.98 -17.57 35.52
C LEU C 84 -26.67 -18.91 35.74
N GLU C 85 -26.34 -19.62 36.82
CA GLU C 85 -26.93 -20.92 37.07
C GLU C 85 -28.41 -20.84 37.40
N ILE C 86 -28.90 -19.67 37.82
CA ILE C 86 -30.32 -19.52 38.15
C ILE C 86 -31.14 -19.27 36.88
N VAL C 87 -30.58 -18.53 35.93
CA VAL C 87 -31.31 -18.21 34.71
C VAL C 87 -31.47 -19.45 33.84
N GLU C 88 -30.45 -20.32 33.84
CA GLU C 88 -30.50 -21.52 33.00
C GLU C 88 -31.56 -22.50 33.45
N VAL C 89 -31.99 -22.45 34.72
CA VAL C 89 -33.02 -23.37 35.20
C VAL C 89 -34.41 -22.86 34.84
N LEU C 90 -34.62 -21.55 34.92
CA LEU C 90 -35.93 -20.98 34.61
C LEU C 90 -36.28 -21.07 33.14
N LEU C 91 -35.28 -21.18 32.25
CA LEU C 91 -35.52 -21.26 30.82
C LEU C 91 -35.80 -22.68 30.34
N LYS C 92 -35.91 -23.65 31.26
CA LYS C 92 -36.19 -25.03 30.88
C LYS C 92 -37.63 -25.43 31.13
N TYR C 93 -38.35 -24.72 31.99
CA TYR C 93 -39.75 -25.03 32.31
C TYR C 93 -40.72 -24.15 31.52
N GLY C 94 -40.25 -23.48 30.48
CA GLY C 94 -41.11 -22.62 29.69
C GLY C 94 -41.43 -21.29 30.36
N ALA C 95 -40.53 -20.33 30.23
CA ALA C 95 -40.69 -19.01 30.81
C ALA C 95 -40.99 -17.98 29.73
N ASP C 96 -41.54 -16.85 30.14
CA ASP C 96 -41.89 -15.77 29.23
C ASP C 96 -40.61 -14.98 28.92
N VAL C 97 -40.06 -15.21 27.73
CA VAL C 97 -38.84 -14.50 27.35
C VAL C 97 -39.14 -13.04 26.97
N ASN C 98 -40.29 -12.78 26.35
CA ASN C 98 -40.68 -11.43 25.98
C ASN C 98 -41.51 -10.77 27.08
N ALA C 99 -40.96 -10.75 28.29
CA ALA C 99 -41.65 -10.16 29.42
C ALA C 99 -41.60 -8.64 29.36
N LEU C 100 -42.73 -8.00 29.63
CA LEU C 100 -42.86 -6.55 29.59
C LEU C 100 -43.40 -6.07 30.93
N ASP C 101 -42.71 -5.11 31.54
CA ASP C 101 -43.14 -4.54 32.82
C ASP C 101 -44.00 -3.31 32.61
N LEU C 102 -43.85 -2.31 33.48
CA LEU C 102 -44.61 -1.08 33.34
C LEU C 102 -44.13 -0.26 32.15
N ILE C 103 -42.82 -0.26 31.89
CA ILE C 103 -42.28 0.48 30.76
C ILE C 103 -42.37 -0.36 29.48
N GLY C 104 -41.98 -1.63 29.57
CA GLY C 104 -42.01 -2.50 28.41
C GLY C 104 -40.63 -2.88 27.92
N LYS C 105 -39.78 -3.34 28.84
CA LYS C 105 -38.41 -3.72 28.51
C LYS C 105 -38.23 -5.22 28.73
N THR C 106 -37.73 -5.91 27.71
CA THR C 106 -37.47 -7.33 27.81
C THR C 106 -36.27 -7.57 28.72
N PRO C 107 -36.17 -8.77 29.32
CA PRO C 107 -35.01 -9.07 30.17
C PRO C 107 -33.67 -9.00 29.45
N LEU C 108 -33.66 -8.97 28.12
CA LEU C 108 -32.40 -8.85 27.40
C LEU C 108 -31.76 -7.48 27.59
N HIS C 109 -32.57 -6.44 27.77
CA HIS C 109 -32.02 -5.10 27.96
C HIS C 109 -31.33 -4.96 29.31
N LEU C 110 -31.85 -5.63 30.35
CA LEU C 110 -31.25 -5.53 31.67
C LEU C 110 -29.90 -6.23 31.75
N THR C 111 -29.64 -7.19 30.86
CA THR C 111 -28.36 -7.89 30.86
C THR C 111 -27.23 -7.06 30.26
N ALA C 112 -27.54 -5.97 29.56
CA ALA C 112 -26.52 -5.12 28.97
C ALA C 112 -26.30 -3.82 29.74
N ILE C 113 -27.28 -3.38 30.52
CA ILE C 113 -27.11 -2.15 31.29
C ILE C 113 -26.26 -2.39 32.53
N ASP C 114 -26.50 -3.51 33.22
CA ASP C 114 -25.74 -3.84 34.43
C ASP C 114 -24.31 -4.21 34.09
N GLY C 115 -24.09 -5.47 33.70
CA GLY C 115 -22.77 -5.93 33.35
C GLY C 115 -22.69 -7.42 33.15
N HIS C 116 -23.81 -8.05 32.79
CA HIS C 116 -23.86 -9.49 32.57
C HIS C 116 -23.26 -9.82 31.21
N LEU C 117 -22.32 -10.77 31.20
CA LEU C 117 -21.62 -11.17 29.98
C LEU C 117 -22.12 -12.50 29.44
N GLU C 118 -21.95 -13.57 30.20
CA GLU C 118 -22.36 -14.90 29.75
C GLU C 118 -23.86 -15.10 29.76
N ILE C 119 -24.61 -14.23 30.43
CA ILE C 119 -26.07 -14.37 30.46
C ILE C 119 -26.68 -13.91 29.15
N VAL C 120 -26.03 -12.99 28.44
CA VAL C 120 -26.57 -12.49 27.17
C VAL C 120 -26.57 -13.61 26.13
N GLU C 121 -25.54 -14.46 26.12
CA GLU C 121 -25.46 -15.54 25.15
C GLU C 121 -26.51 -16.62 25.40
N VAL C 122 -27.06 -16.70 26.60
CA VAL C 122 -28.07 -17.70 26.91
C VAL C 122 -29.46 -17.27 26.45
N LEU C 123 -29.80 -15.99 26.62
CA LEU C 123 -31.11 -15.51 26.20
C LEU C 123 -31.24 -15.47 24.69
N LEU C 124 -30.14 -15.31 23.97
CA LEU C 124 -30.17 -15.27 22.51
C LEU C 124 -30.22 -16.65 21.88
N LYS C 125 -30.12 -17.71 22.67
CA LYS C 125 -30.16 -19.07 22.14
C LYS C 125 -31.59 -19.59 22.01
N HIS C 126 -32.42 -19.36 23.04
CA HIS C 126 -33.80 -19.84 22.98
C HIS C 126 -34.65 -19.00 22.02
N GLY C 127 -34.41 -17.69 21.98
CA GLY C 127 -35.16 -16.81 21.10
C GLY C 127 -35.73 -15.61 21.81
N ALA C 128 -35.08 -14.45 21.65
CA ALA C 128 -35.52 -13.21 22.28
C ALA C 128 -35.69 -12.14 21.21
N ASP C 129 -36.40 -11.08 21.58
CA ASP C 129 -36.66 -9.97 20.68
C ASP C 129 -35.41 -9.10 20.59
N VAL C 130 -34.88 -8.95 19.38
CA VAL C 130 -33.68 -8.14 19.17
C VAL C 130 -34.04 -6.67 19.10
N ASN C 131 -34.98 -6.31 18.21
CA ASN C 131 -35.41 -4.93 18.05
C ASN C 131 -36.65 -4.64 18.90
N ALA C 132 -36.47 -4.78 20.21
CA ALA C 132 -37.54 -4.56 21.17
C ALA C 132 -37.48 -3.11 21.67
N GLN C 133 -38.57 -2.38 21.50
CA GLN C 133 -38.68 -0.99 21.91
C GLN C 133 -39.62 -0.87 23.11
N ASP C 134 -39.85 0.36 23.53
CA ASP C 134 -40.73 0.63 24.67
C ASP C 134 -41.38 2.00 24.54
N LYS C 135 -41.69 2.63 25.68
CA LYS C 135 -42.32 3.94 25.67
C LYS C 135 -41.32 5.06 25.38
N PHE C 136 -40.03 4.81 25.53
CA PHE C 136 -39.01 5.82 25.28
C PHE C 136 -38.34 5.67 23.92
N GLY C 137 -38.47 4.52 23.27
CA GLY C 137 -37.86 4.32 21.97
C GLY C 137 -36.38 4.00 22.02
N LYS C 138 -35.95 3.24 23.02
CA LYS C 138 -34.55 2.86 23.17
C LYS C 138 -34.44 1.34 23.18
N THR C 139 -33.58 0.82 22.31
CA THR C 139 -33.35 -0.62 22.20
C THR C 139 -32.15 -1.01 23.05
N ALA C 140 -31.53 -2.15 22.73
CA ALA C 140 -30.37 -2.65 23.45
C ALA C 140 -29.05 -2.15 22.87
N PHE C 141 -29.09 -1.11 22.04
CA PHE C 141 -27.89 -0.57 21.42
C PHE C 141 -27.62 0.89 21.77
N ASP C 142 -28.67 1.70 21.94
CA ASP C 142 -28.52 3.11 22.28
C ASP C 142 -28.42 3.36 23.78
N ILE C 143 -28.25 2.30 24.58
CA ILE C 143 -28.15 2.43 26.02
C ILE C 143 -26.79 1.97 26.53
N SER C 144 -26.27 0.86 26.02
CA SER C 144 -24.98 0.35 26.47
C SER C 144 -23.82 1.24 26.05
N ILE C 145 -24.01 2.09 25.04
CA ILE C 145 -22.93 2.98 24.61
C ILE C 145 -22.71 4.08 25.64
N ASP C 146 -23.78 4.68 26.15
CA ASP C 146 -23.64 5.74 27.15
C ASP C 146 -23.20 5.21 28.50
N ASN C 147 -23.43 3.93 28.79
CA ASN C 147 -23.03 3.36 30.07
C ASN C 147 -21.54 3.05 30.13
N GLY C 148 -20.87 2.94 28.98
CA GLY C 148 -19.46 2.65 28.95
C GLY C 148 -19.14 1.20 29.23
N ASN C 149 -19.23 0.35 28.21
CA ASN C 149 -18.95 -1.06 28.33
C ASN C 149 -17.91 -1.48 27.29
N GLU C 150 -17.29 -2.63 27.53
CA GLU C 150 -16.28 -3.18 26.65
C GLU C 150 -16.78 -4.37 25.85
N ASP C 151 -17.17 -5.45 26.54
CA ASP C 151 -17.66 -6.64 25.86
C ASP C 151 -19.13 -6.52 25.48
N LEU C 152 -19.87 -5.58 26.07
CA LEU C 152 -21.27 -5.39 25.78
C LEU C 152 -21.52 -4.35 24.68
N ALA C 153 -20.50 -4.06 23.88
CA ALA C 153 -20.63 -3.09 22.79
C ALA C 153 -20.13 -3.62 21.44
N GLU C 154 -19.52 -4.81 21.39
CA GLU C 154 -19.01 -5.37 20.15
C GLU C 154 -19.60 -6.75 19.88
N ILE C 155 -20.70 -7.11 20.55
CA ILE C 155 -21.34 -8.40 20.38
C ILE C 155 -22.80 -8.25 19.95
N LEU C 156 -23.55 -7.37 20.62
CA LEU C 156 -24.95 -7.18 20.29
C LEU C 156 -25.15 -6.44 18.97
N GLN C 157 -24.11 -5.77 18.47
CA GLN C 157 -24.21 -5.05 17.20
C GLN C 157 -23.88 -5.91 15.99
N LYS C 158 -23.24 -7.06 16.21
CA LYS C 158 -22.89 -7.93 15.08
C LYS C 158 -24.00 -8.93 14.76
N LEU C 159 -24.87 -9.22 15.74
CA LEU C 159 -25.95 -10.15 15.50
C LEU C 159 -27.21 -9.46 14.98
N ASN C 160 -27.44 -8.22 15.39
CA ASN C 160 -28.62 -7.49 14.91
C ASN C 160 -28.50 -7.12 13.43
N LEU C 161 -27.30 -6.69 13.01
CA LEU C 161 -27.09 -6.32 11.62
C LEU C 161 -27.01 -7.53 10.70
N SER C 162 -26.70 -8.70 11.23
CA SER C 162 -26.59 -9.91 10.41
C SER C 162 -27.92 -10.64 10.27
N ASP C 163 -28.80 -10.53 11.26
CA ASP C 163 -30.09 -11.22 11.18
C ASP C 163 -31.00 -10.60 10.13
N ILE C 164 -30.84 -9.30 9.86
CA ILE C 164 -31.67 -8.65 8.85
C ILE C 164 -31.28 -9.13 7.45
N ALA C 165 -30.01 -9.47 7.25
CA ALA C 165 -29.56 -9.92 5.93
C ALA C 165 -30.16 -11.27 5.53
N HIS C 166 -30.56 -12.09 6.50
CA HIS C 166 -31.15 -13.38 6.17
C HIS C 166 -32.55 -13.24 5.56
N ARG C 167 -33.23 -12.12 5.82
CA ARG C 167 -34.56 -11.88 5.27
C ARG C 167 -34.53 -11.03 4.01
N ILE C 168 -33.36 -10.88 3.39
CA ILE C 168 -33.20 -10.08 2.18
C ILE C 168 -32.68 -10.92 1.03
N VAL C 169 -31.58 -11.65 1.25
CA VAL C 169 -30.99 -12.48 0.21
C VAL C 169 -31.41 -13.93 0.41
N ALA C 170 -32.60 -14.12 0.97
CA ALA C 170 -33.11 -15.46 1.21
C ALA C 170 -33.44 -16.14 -0.13
N PRO C 171 -33.25 -17.45 -0.22
CA PRO C 171 -33.57 -18.17 -1.47
C PRO C 171 -35.04 -18.08 -1.82
N GLY C 172 -35.44 -17.03 -2.53
CA GLY C 172 -36.83 -16.84 -2.91
C GLY C 172 -37.22 -15.38 -2.97
N LYS C 173 -36.53 -14.54 -2.22
CA LYS C 173 -36.80 -13.11 -2.18
C LYS C 173 -35.87 -12.38 -3.15
N GLY C 174 -35.82 -11.06 -3.03
CA GLY C 174 -34.97 -10.26 -3.90
C GLY C 174 -34.86 -8.85 -3.38
N ILE C 175 -34.16 -8.02 -4.16
CA ILE C 175 -33.96 -6.62 -3.84
C ILE C 175 -34.52 -5.79 -4.98
N LEU C 176 -35.45 -4.89 -4.64
CA LEU C 176 -36.09 -4.00 -5.62
C LEU C 176 -35.37 -2.66 -5.59
N ALA C 177 -34.59 -2.38 -6.63
CA ALA C 177 -33.83 -1.13 -6.72
C ALA C 177 -34.69 -0.08 -7.42
N ALA C 178 -34.98 1.01 -6.71
CA ALA C 178 -35.78 2.10 -7.26
C ALA C 178 -35.44 3.41 -6.56
N ASP C 179 -34.23 3.91 -6.77
CA ASP C 179 -33.75 5.14 -6.17
C ASP C 179 -33.48 6.20 -7.22
N GLU C 180 -34.42 6.38 -8.14
CA GLU C 180 -34.27 7.38 -9.19
C GLU C 180 -34.42 8.77 -8.61
N SER C 181 -33.34 9.55 -8.65
CA SER C 181 -33.33 10.90 -8.11
C SER C 181 -33.89 11.86 -9.16
N THR C 182 -33.78 13.17 -8.90
CA THR C 182 -34.28 14.17 -9.83
C THR C 182 -33.44 14.27 -11.10
N GLY C 183 -32.18 13.83 -11.05
CA GLY C 183 -31.32 13.89 -12.20
C GLY C 183 -31.25 12.59 -12.97
N SER C 184 -32.23 11.72 -12.75
CA SER C 184 -32.28 10.43 -13.42
C SER C 184 -33.68 9.97 -13.82
N ILE C 185 -34.73 10.37 -13.10
CA ILE C 185 -36.08 9.94 -13.46
C ILE C 185 -36.66 10.80 -14.59
N ALA C 186 -36.14 12.01 -14.79
CA ALA C 186 -36.66 12.88 -15.84
C ALA C 186 -36.30 12.39 -17.24
N LYS C 187 -35.26 11.55 -17.36
CA LYS C 187 -34.87 11.04 -18.68
C LYS C 187 -35.83 9.95 -19.15
N ARG C 188 -36.22 9.05 -18.25
CA ARG C 188 -37.14 7.97 -18.63
C ARG C 188 -38.57 8.47 -18.79
N LEU C 189 -38.93 9.55 -18.11
CA LEU C 189 -40.27 10.12 -18.19
C LEU C 189 -40.37 11.26 -19.19
N GLN C 190 -39.53 11.25 -20.23
CA GLN C 190 -39.54 12.29 -21.26
C GLN C 190 -39.94 11.76 -22.62
N SER C 191 -39.40 10.61 -23.02
CA SER C 191 -39.71 10.02 -24.33
C SER C 191 -40.99 9.20 -24.30
N ILE C 192 -41.66 9.09 -23.16
CA ILE C 192 -42.90 8.32 -23.06
C ILE C 192 -44.11 9.20 -23.33
N GLY C 193 -44.08 10.46 -22.93
CA GLY C 193 -45.19 11.36 -23.16
C GLY C 193 -45.69 12.04 -21.90
N THR C 194 -44.91 11.96 -20.83
CA THR C 194 -45.25 12.56 -19.55
C THR C 194 -44.23 13.64 -19.21
N GLU C 195 -44.37 14.21 -18.01
CA GLU C 195 -43.48 15.25 -17.51
C GLU C 195 -42.84 14.80 -16.20
N ASN C 196 -42.13 15.71 -15.56
CA ASN C 196 -41.42 15.43 -14.31
C ASN C 196 -41.96 16.39 -13.25
N THR C 197 -42.95 15.93 -12.49
CA THR C 197 -43.56 16.69 -11.42
C THR C 197 -43.53 15.87 -10.13
N GLU C 198 -43.99 16.47 -9.04
CA GLU C 198 -44.01 15.78 -7.76
C GLU C 198 -45.09 14.71 -7.72
N GLU C 199 -46.21 14.94 -8.41
CA GLU C 199 -47.29 13.95 -8.41
C GLU C 199 -46.94 12.73 -9.24
N ASN C 200 -46.19 12.91 -10.32
CA ASN C 200 -45.82 11.77 -11.17
C ASN C 200 -44.80 10.88 -10.49
N ARG C 201 -43.84 11.47 -9.77
CA ARG C 201 -42.82 10.69 -9.08
C ARG C 201 -43.37 9.96 -7.87
N ARG C 202 -44.44 10.46 -7.26
CA ARG C 202 -45.03 9.82 -6.09
C ARG C 202 -45.99 8.70 -6.48
N PHE C 203 -46.81 8.90 -7.52
CA PHE C 203 -47.75 7.88 -7.93
C PHE C 203 -47.05 6.70 -8.61
N TYR C 204 -45.88 6.93 -9.19
CA TYR C 204 -45.17 5.85 -9.86
C TYR C 204 -44.59 4.86 -8.87
N ARG C 205 -44.18 5.33 -7.69
CA ARG C 205 -43.61 4.43 -6.69
C ARG C 205 -44.69 3.64 -5.95
N GLN C 206 -45.91 4.16 -5.90
CA GLN C 206 -46.99 3.46 -5.22
C GLN C 206 -47.55 2.30 -6.04
N LEU C 207 -47.24 2.24 -7.33
CA LEU C 207 -47.75 1.16 -8.16
C LEU C 207 -46.94 -0.12 -7.96
N LEU C 208 -45.63 0.01 -7.74
CA LEU C 208 -44.79 -1.15 -7.54
C LEU C 208 -44.86 -1.69 -6.11
N LEU C 209 -45.35 -0.90 -5.17
CA LEU C 209 -45.46 -1.34 -3.78
C LEU C 209 -46.86 -1.84 -3.47
N THR C 210 -47.83 -0.92 -3.41
CA THR C 210 -49.21 -1.29 -3.12
C THR C 210 -49.86 -1.94 -4.33
N ALA C 211 -49.71 -3.26 -4.45
CA ALA C 211 -50.27 -4.00 -5.58
C ALA C 211 -50.83 -5.34 -5.12
N ASP C 212 -50.55 -6.40 -5.89
CA ASP C 212 -51.03 -7.73 -5.53
C ASP C 212 -50.21 -8.30 -4.38
N ASP C 213 -50.85 -9.19 -3.61
CA ASP C 213 -50.20 -9.82 -2.47
C ASP C 213 -49.36 -11.02 -2.85
N ARG C 214 -49.21 -11.31 -4.14
CA ARG C 214 -48.42 -12.45 -4.60
C ARG C 214 -46.94 -12.11 -4.78
N VAL C 215 -46.53 -10.89 -4.42
CA VAL C 215 -45.14 -10.48 -4.53
C VAL C 215 -44.48 -10.31 -3.18
N ASN C 216 -45.13 -10.78 -2.10
CA ASN C 216 -44.53 -10.65 -0.77
C ASN C 216 -43.34 -11.60 -0.57
N PRO C 217 -43.44 -12.90 -0.83
CA PRO C 217 -42.27 -13.77 -0.64
C PRO C 217 -41.20 -13.61 -1.72
N CYS C 218 -41.44 -12.80 -2.75
CA CYS C 218 -40.47 -12.60 -3.82
C CYS C 218 -39.66 -11.32 -3.67
N ILE C 219 -40.11 -10.39 -2.83
CA ILE C 219 -39.42 -9.13 -2.60
C ILE C 219 -39.02 -9.06 -1.14
N GLY C 220 -37.73 -8.92 -0.87
CA GLY C 220 -37.22 -8.84 0.48
C GLY C 220 -36.72 -7.46 0.85
N GLY C 221 -36.25 -6.71 -0.15
CA GLY C 221 -35.75 -5.38 0.09
C GLY C 221 -36.16 -4.39 -0.98
N VAL C 222 -36.59 -3.20 -0.56
CA VAL C 222 -37.02 -2.15 -1.47
C VAL C 222 -36.12 -0.94 -1.26
N ILE C 223 -35.50 -0.47 -2.34
CA ILE C 223 -34.62 0.70 -2.31
C ILE C 223 -35.45 1.93 -2.67
N LEU C 224 -35.42 2.93 -1.80
CA LEU C 224 -36.19 4.15 -2.02
C LEU C 224 -35.27 5.37 -2.06
N PHE C 225 -35.82 6.55 -1.80
CA PHE C 225 -35.08 7.80 -1.81
C PHE C 225 -35.36 8.57 -0.53
N HIS C 226 -34.51 9.56 -0.25
CA HIS C 226 -34.68 10.36 0.95
C HIS C 226 -35.98 11.15 0.91
N GLU C 227 -36.38 11.62 -0.27
CA GLU C 227 -37.63 12.35 -0.41
C GLU C 227 -38.84 11.42 -0.37
N THR C 228 -38.65 10.15 -0.75
CA THR C 228 -39.76 9.21 -0.75
C THR C 228 -40.23 8.91 0.67
N LEU C 229 -39.30 8.83 1.62
CA LEU C 229 -39.67 8.53 3.01
C LEU C 229 -40.48 9.65 3.65
N TYR C 230 -40.39 10.88 3.13
CA TYR C 230 -41.14 12.00 3.66
C TYR C 230 -42.49 12.18 2.96
N GLN C 231 -42.97 11.16 2.26
CA GLN C 231 -44.24 11.21 1.56
C GLN C 231 -45.12 10.06 2.01
N LYS C 232 -46.43 10.28 1.94
CA LYS C 232 -47.42 9.28 2.34
C LYS C 232 -48.19 8.79 1.11
N ALA C 233 -49.04 7.79 1.34
CA ALA C 233 -49.84 7.19 0.29
C ALA C 233 -51.24 7.80 0.30
N ASP C 234 -52.06 7.37 -0.67
CA ASP C 234 -53.42 7.87 -0.78
C ASP C 234 -54.37 7.23 0.23
N ASP C 235 -54.03 6.04 0.73
CA ASP C 235 -54.88 5.37 1.71
C ASP C 235 -54.81 6.02 3.08
N GLY C 236 -53.62 6.47 3.49
CA GLY C 236 -53.46 7.11 4.79
C GLY C 236 -52.33 6.51 5.59
N ARG C 237 -51.55 5.61 4.98
CA ARG C 237 -50.43 4.98 5.65
C ARG C 237 -49.11 5.37 4.99
N PRO C 238 -48.07 5.62 5.78
CA PRO C 238 -46.76 5.98 5.20
C PRO C 238 -46.19 4.82 4.39
N PHE C 239 -45.16 5.16 3.60
CA PHE C 239 -44.53 4.14 2.76
C PHE C 239 -43.76 3.11 3.57
N PRO C 240 -42.92 3.46 4.56
CA PRO C 240 -42.21 2.42 5.30
C PRO C 240 -43.13 1.50 6.10
N GLN C 241 -44.33 1.96 6.46
CA GLN C 241 -45.25 1.14 7.23
C GLN C 241 -45.99 0.11 6.39
N VAL C 242 -45.79 0.11 5.07
CA VAL C 242 -46.43 -0.85 4.18
C VAL C 242 -45.46 -1.93 3.73
N ILE C 243 -44.21 -1.56 3.49
CA ILE C 243 -43.22 -2.54 3.04
C ILE C 243 -42.90 -3.54 4.16
N LYS C 244 -42.73 -3.05 5.39
CA LYS C 244 -42.41 -3.94 6.49
C LYS C 244 -43.62 -4.75 6.95
N SER C 245 -44.83 -4.32 6.59
CA SER C 245 -46.04 -5.05 6.99
C SER C 245 -46.28 -6.28 6.13
N LYS C 246 -45.72 -6.33 4.92
CA LYS C 246 -45.89 -7.47 4.03
C LYS C 246 -44.68 -8.38 3.96
N GLY C 247 -43.55 -7.97 4.55
CA GLY C 247 -42.35 -8.78 4.53
C GLY C 247 -41.25 -8.20 3.67
N GLY C 248 -40.86 -6.96 3.96
CA GLY C 248 -39.81 -6.31 3.20
C GLY C 248 -39.05 -5.32 4.07
N VAL C 249 -37.88 -4.94 3.57
CA VAL C 249 -37.01 -3.99 4.25
C VAL C 249 -36.95 -2.71 3.44
N VAL C 250 -37.07 -1.58 4.12
CA VAL C 250 -37.09 -0.27 3.47
C VAL C 250 -35.67 0.25 3.34
N GLY C 251 -35.34 0.78 2.16
CA GLY C 251 -34.05 1.37 1.90
C GLY C 251 -34.14 2.85 1.63
N ILE C 252 -32.98 3.46 1.44
CA ILE C 252 -32.89 4.89 1.18
C ILE C 252 -31.57 5.16 0.44
N LYS C 253 -31.64 6.05 -0.55
CA LYS C 253 -30.46 6.44 -1.31
C LYS C 253 -29.70 7.51 -0.53
N VAL C 254 -28.45 7.22 -0.18
CA VAL C 254 -27.65 8.14 0.61
C VAL C 254 -26.54 8.81 -0.20
N ASP C 255 -26.07 8.20 -1.28
CA ASP C 255 -25.01 8.78 -2.08
C ASP C 255 -25.59 9.85 -3.01
N LYS C 256 -24.79 10.90 -3.24
CA LYS C 256 -25.22 12.01 -4.08
C LYS C 256 -24.77 11.79 -5.52
N GLY C 257 -23.89 12.68 -6.02
CA GLY C 257 -23.41 12.57 -7.38
C GLY C 257 -21.97 12.09 -7.45
N VAL C 258 -21.29 12.41 -8.55
CA VAL C 258 -19.90 12.02 -8.76
C VAL C 258 -19.04 13.27 -8.89
N VAL C 259 -17.77 13.12 -8.57
CA VAL C 259 -16.79 14.20 -8.63
C VAL C 259 -15.63 13.74 -9.51
N PRO C 260 -15.35 14.41 -10.62
CA PRO C 260 -14.22 14.00 -11.46
C PRO C 260 -12.89 14.23 -10.76
N LEU C 261 -11.90 13.42 -11.14
CA LEU C 261 -10.57 13.51 -10.57
C LEU C 261 -9.73 14.50 -11.38
N ALA C 262 -8.42 14.48 -11.15
CA ALA C 262 -7.50 15.36 -11.85
C ALA C 262 -6.34 14.54 -12.42
N GLY C 263 -5.99 14.81 -13.68
CA GLY C 263 -4.91 14.08 -14.31
C GLY C 263 -5.24 12.66 -14.69
N THR C 264 -6.52 12.33 -14.84
CA THR C 264 -6.97 11.00 -15.20
C THR C 264 -7.53 11.02 -16.62
N ASN C 265 -8.40 10.05 -16.92
CA ASN C 265 -9.03 9.94 -18.24
C ASN C 265 -10.47 9.45 -18.06
N GLY C 266 -11.26 10.24 -17.33
CA GLY C 266 -12.65 9.90 -17.08
C GLY C 266 -12.91 9.20 -15.77
N GLU C 267 -11.91 9.06 -14.91
CA GLU C 267 -12.10 8.40 -13.62
C GLU C 267 -12.79 9.34 -12.65
N THR C 268 -13.87 8.86 -12.03
CA THR C 268 -14.64 9.63 -11.07
C THR C 268 -14.75 8.86 -9.77
N THR C 269 -15.34 9.51 -8.76
CA THR C 269 -15.53 8.88 -7.45
C THR C 269 -17.00 8.98 -7.02
N THR C 270 -17.27 8.67 -5.76
CA THR C 270 -18.62 8.70 -5.21
C THR C 270 -18.66 9.70 -4.06
N GLN C 271 -19.62 10.62 -4.10
CA GLN C 271 -19.78 11.63 -3.07
C GLN C 271 -20.81 11.17 -2.05
N GLY C 272 -20.48 11.30 -0.77
CA GLY C 272 -21.39 10.92 0.29
C GLY C 272 -20.68 10.51 1.56
N LEU C 273 -19.62 11.23 1.92
CA LEU C 273 -18.85 10.95 3.11
C LEU C 273 -19.10 11.93 4.25
N ASP C 274 -19.29 13.21 3.95
CA ASP C 274 -19.53 14.21 4.98
C ASP C 274 -20.95 14.12 5.48
N GLY C 275 -21.12 14.35 6.78
CA GLY C 275 -22.45 14.30 7.38
C GLY C 275 -23.02 12.92 7.52
N LEU C 276 -22.20 11.87 7.42
CA LEU C 276 -22.71 10.52 7.53
C LEU C 276 -23.07 10.17 8.98
N SER C 277 -22.35 10.71 9.95
CA SER C 277 -22.64 10.43 11.35
C SER C 277 -23.93 11.08 11.82
N GLU C 278 -24.43 12.09 11.11
CA GLU C 278 -25.66 12.76 11.49
C GLU C 278 -26.89 12.21 10.78
N ARG C 279 -26.72 11.51 9.65
CA ARG C 279 -27.83 10.95 8.92
C ARG C 279 -28.19 9.54 9.36
N CYS C 280 -27.23 8.78 9.88
CA CYS C 280 -27.50 7.43 10.32
C CYS C 280 -28.32 7.39 11.61
N ALA C 281 -28.25 8.44 12.43
CA ALA C 281 -29.01 8.49 13.67
C ALA C 281 -30.49 8.84 13.45
N GLN C 282 -30.86 9.25 12.23
CA GLN C 282 -32.23 9.61 11.91
C GLN C 282 -32.92 8.61 11.00
N TYR C 283 -32.20 8.05 10.03
CA TYR C 283 -32.80 7.09 9.11
C TYR C 283 -33.13 5.75 9.79
N LYS C 284 -32.47 5.44 10.90
CA LYS C 284 -32.74 4.18 11.59
C LYS C 284 -34.10 4.21 12.28
N LYS C 285 -34.48 5.37 12.84
CA LYS C 285 -35.77 5.47 13.52
C LYS C 285 -36.93 5.49 12.54
N ASP C 286 -36.69 5.83 11.27
CA ASP C 286 -37.77 5.87 10.29
C ASP C 286 -38.13 4.46 9.81
N GLY C 287 -37.13 3.60 9.63
CA GLY C 287 -37.38 2.24 9.19
C GLY C 287 -36.43 1.79 8.09
N ALA C 288 -35.33 2.51 7.92
CA ALA C 288 -34.33 2.21 6.91
C ALA C 288 -33.21 1.40 7.55
N ASP C 289 -32.99 0.18 7.05
CA ASP C 289 -31.96 -0.70 7.57
C ASP C 289 -30.75 -0.84 6.64
N PHE C 290 -30.86 -0.42 5.38
CA PHE C 290 -29.76 -0.50 4.44
C PHE C 290 -29.80 0.73 3.54
N ALA C 291 -28.89 0.77 2.57
CA ALA C 291 -28.81 1.88 1.62
C ALA C 291 -28.31 1.32 0.29
N LYS C 292 -27.74 2.20 -0.54
CA LYS C 292 -27.22 1.80 -1.85
C LYS C 292 -26.08 2.73 -2.21
N TRP C 293 -24.85 2.22 -2.14
CA TRP C 293 -23.65 3.00 -2.45
C TRP C 293 -23.19 2.61 -3.85
N ARG C 294 -23.61 3.38 -4.84
CA ARG C 294 -23.29 3.10 -6.24
C ARG C 294 -22.10 3.95 -6.68
N CYS C 295 -21.17 3.32 -7.39
CA CYS C 295 -19.98 3.96 -7.92
C CYS C 295 -20.01 3.90 -9.44
N VAL C 296 -19.04 4.57 -10.07
CA VAL C 296 -18.93 4.63 -11.52
C VAL C 296 -17.55 4.10 -11.89
N LEU C 297 -17.53 2.95 -12.59
CA LEU C 297 -16.29 2.33 -13.05
C LEU C 297 -16.44 1.95 -14.51
N LYS C 298 -15.38 2.19 -15.28
CA LYS C 298 -15.37 1.89 -16.70
C LYS C 298 -14.05 1.21 -17.07
N ILE C 299 -14.04 0.57 -18.24
CA ILE C 299 -12.87 -0.13 -18.75
C ILE C 299 -12.50 0.50 -20.09
N GLY C 300 -11.29 1.03 -20.17
CA GLY C 300 -10.80 1.66 -21.38
C GLY C 300 -9.41 1.15 -21.73
N GLU C 301 -8.57 2.07 -22.21
CA GLU C 301 -7.20 1.71 -22.57
C GLU C 301 -6.36 1.46 -21.33
N HIS C 302 -6.33 2.43 -20.40
CA HIS C 302 -5.56 2.30 -19.18
C HIS C 302 -6.39 2.51 -17.92
N THR C 303 -7.70 2.71 -18.05
CA THR C 303 -8.56 2.93 -16.88
C THR C 303 -9.35 1.66 -16.59
N PRO C 304 -9.39 1.20 -15.33
CA PRO C 304 -8.70 1.83 -14.20
C PRO C 304 -7.23 1.43 -14.10
N SER C 305 -6.42 2.30 -13.49
CA SER C 305 -5.00 2.02 -13.34
C SER C 305 -4.63 1.85 -11.87
N ALA C 306 -3.50 2.43 -11.45
CA ALA C 306 -3.04 2.34 -10.07
C ALA C 306 -3.53 3.51 -9.22
N LEU C 307 -4.57 4.21 -9.66
CA LEU C 307 -5.11 5.35 -8.92
C LEU C 307 -6.58 5.18 -8.58
N ALA C 308 -7.40 4.73 -9.52
CA ALA C 308 -8.82 4.56 -9.23
C ALA C 308 -9.07 3.37 -8.31
N ILE C 309 -8.18 2.39 -8.31
CA ILE C 309 -8.35 1.23 -7.44
C ILE C 309 -8.01 1.58 -6.00
N MET C 310 -6.93 2.33 -5.79
CA MET C 310 -6.54 2.71 -4.43
C MET C 310 -7.50 3.73 -3.84
N GLU C 311 -8.04 4.64 -4.67
CA GLU C 311 -8.97 5.65 -4.17
C GLU C 311 -10.28 5.01 -3.73
N ASN C 312 -10.82 4.10 -4.55
CA ASN C 312 -12.08 3.45 -4.21
C ASN C 312 -11.92 2.40 -3.12
N ALA C 313 -10.70 2.00 -2.81
CA ALA C 313 -10.49 0.99 -1.77
C ALA C 313 -10.71 1.58 -0.38
N ASN C 314 -10.55 2.88 -0.22
CA ASN C 314 -10.74 3.52 1.08
C ASN C 314 -12.13 4.10 1.26
N VAL C 315 -12.79 4.51 0.16
CA VAL C 315 -14.13 5.07 0.26
C VAL C 315 -15.13 3.99 0.63
N LEU C 316 -14.98 2.79 0.05
CA LEU C 316 -15.90 1.69 0.35
C LEU C 316 -15.74 1.18 1.78
N ALA C 317 -14.58 1.39 2.40
CA ALA C 317 -14.35 0.95 3.77
C ALA C 317 -14.70 2.02 4.79
N ARG C 318 -14.59 3.30 4.42
CA ARG C 318 -14.93 4.37 5.36
C ARG C 318 -16.43 4.49 5.57
N TYR C 319 -17.22 4.15 4.55
CA TYR C 319 -18.67 4.24 4.68
C TYR C 319 -19.22 3.17 5.63
N ALA C 320 -18.59 2.00 5.67
CA ALA C 320 -19.05 0.92 6.52
C ALA C 320 -18.57 1.05 7.97
N SER C 321 -17.86 2.12 8.31
CA SER C 321 -17.36 2.33 9.66
C SER C 321 -18.28 3.22 10.50
N ILE C 322 -19.34 3.76 9.91
CA ILE C 322 -20.28 4.62 10.62
C ILE C 322 -21.68 4.02 10.64
N CYS C 323 -22.12 3.42 9.54
CA CYS C 323 -23.47 2.84 9.49
C CYS C 323 -23.61 1.65 10.43
N GLN C 324 -22.52 0.93 10.69
CA GLN C 324 -22.59 -0.21 11.60
C GLN C 324 -22.71 0.22 13.05
N GLN C 325 -22.37 1.46 13.37
CA GLN C 325 -22.48 1.98 14.73
C GLN C 325 -23.82 2.64 15.01
N ASN C 326 -24.84 2.38 14.18
CA ASN C 326 -26.15 2.97 14.37
C ASN C 326 -27.24 1.92 14.15
N GLY C 327 -27.26 1.32 12.97
CA GLY C 327 -28.25 0.31 12.65
C GLY C 327 -28.52 0.17 11.17
N ILE C 328 -27.64 0.73 10.35
CA ILE C 328 -27.77 0.68 8.90
C ILE C 328 -26.78 -0.35 8.34
N VAL C 329 -27.27 -1.24 7.51
CA VAL C 329 -26.44 -2.30 6.91
C VAL C 329 -25.81 -1.72 5.64
N PRO C 330 -24.49 -1.55 5.58
CA PRO C 330 -23.87 -1.02 4.36
C PRO C 330 -23.84 -2.06 3.26
N ILE C 331 -24.08 -1.62 2.03
CA ILE C 331 -24.09 -2.47 0.86
C ILE C 331 -23.11 -1.89 -0.15
N VAL C 332 -22.04 -2.64 -0.44
CA VAL C 332 -21.03 -2.21 -1.40
C VAL C 332 -21.47 -2.67 -2.79
N GLU C 333 -21.49 -1.72 -3.73
CA GLU C 333 -21.92 -1.97 -5.11
C GLU C 333 -20.81 -1.55 -6.05
N PRO C 334 -19.83 -2.41 -6.31
CA PRO C 334 -18.74 -2.08 -7.27
C PRO C 334 -19.20 -2.26 -8.72
N GLU C 335 -20.07 -1.36 -9.16
CA GLU C 335 -20.61 -1.43 -10.51
C GLU C 335 -19.57 -1.00 -11.52
N ILE C 336 -19.35 -1.82 -12.55
CA ILE C 336 -18.40 -1.54 -13.62
C ILE C 336 -19.19 -1.45 -14.92
N LEU C 337 -19.17 -0.27 -15.53
CA LEU C 337 -19.90 -0.06 -16.78
C LEU C 337 -19.16 -0.73 -17.93
N PRO C 338 -19.78 -1.69 -18.63
CA PRO C 338 -19.10 -2.35 -19.75
C PRO C 338 -18.99 -1.45 -20.97
N ASP C 339 -18.09 -0.47 -20.91
CA ASP C 339 -17.89 0.46 -22.01
C ASP C 339 -16.71 0.01 -22.88
N GLY C 340 -16.66 0.56 -24.10
CA GLY C 340 -15.59 0.19 -25.01
C GLY C 340 -15.83 -1.17 -25.62
N ASP C 341 -14.72 -1.90 -25.85
CA ASP C 341 -14.78 -3.24 -26.42
C ASP C 341 -13.80 -4.13 -25.70
N HIS C 342 -14.28 -5.28 -25.23
CA HIS C 342 -13.44 -6.23 -24.51
C HIS C 342 -14.12 -7.60 -24.53
N ASP C 343 -13.31 -8.63 -24.39
CA ASP C 343 -13.79 -10.01 -24.37
C ASP C 343 -13.89 -10.51 -22.93
N LEU C 344 -14.02 -11.83 -22.77
CA LEU C 344 -14.11 -12.40 -21.43
C LEU C 344 -12.75 -12.48 -20.75
N LYS C 345 -11.67 -12.56 -21.54
CA LYS C 345 -10.34 -12.62 -20.96
C LYS C 345 -9.87 -11.28 -20.43
N ARG C 346 -10.48 -10.18 -20.86
CA ARG C 346 -10.12 -8.85 -20.41
C ARG C 346 -11.07 -8.29 -19.36
N CYS C 347 -12.36 -8.57 -19.49
CA CYS C 347 -13.33 -8.08 -18.52
C CYS C 347 -13.15 -8.77 -17.17
N GLN C 348 -12.80 -10.05 -17.18
CA GLN C 348 -12.57 -10.78 -15.93
C GLN C 348 -11.28 -10.34 -15.26
N TYR C 349 -10.29 -9.90 -16.04
CA TYR C 349 -9.02 -9.45 -15.47
C TYR C 349 -9.20 -8.16 -14.68
N VAL C 350 -10.05 -7.26 -15.16
CA VAL C 350 -10.28 -6.00 -14.45
C VAL C 350 -11.12 -6.24 -13.20
N THR C 351 -12.03 -7.22 -13.24
CA THR C 351 -12.88 -7.49 -12.08
C THR C 351 -12.07 -8.02 -10.92
N GLU C 352 -11.08 -8.87 -11.19
CA GLU C 352 -10.25 -9.42 -10.12
C GLU C 352 -9.33 -8.40 -9.49
N LYS C 353 -9.08 -7.27 -10.17
CA LYS C 353 -8.22 -6.24 -9.61
C LYS C 353 -8.99 -5.28 -8.71
N VAL C 354 -10.24 -5.00 -9.03
CA VAL C 354 -11.03 -4.07 -8.22
C VAL C 354 -11.53 -4.74 -6.95
N LEU C 355 -12.03 -5.98 -7.06
CA LEU C 355 -12.55 -6.68 -5.90
C LEU C 355 -11.46 -7.10 -4.93
N ALA C 356 -10.20 -7.14 -5.37
CA ALA C 356 -9.11 -7.53 -4.49
C ALA C 356 -8.79 -6.46 -3.46
N ALA C 357 -9.10 -5.20 -3.74
CA ALA C 357 -8.84 -4.09 -2.83
C ALA C 357 -10.06 -3.70 -2.00
N VAL C 358 -11.20 -4.37 -2.21
CA VAL C 358 -12.40 -4.03 -1.44
C VAL C 358 -12.29 -4.59 -0.03
N TYR C 359 -12.18 -5.91 0.10
CA TYR C 359 -12.09 -6.54 1.41
C TYR C 359 -10.73 -6.36 2.07
N LYS C 360 -9.75 -5.79 1.38
CA LYS C 360 -8.44 -5.57 1.99
C LYS C 360 -8.50 -4.48 3.04
N ALA C 361 -9.20 -3.38 2.75
CA ALA C 361 -9.33 -2.29 3.70
C ALA C 361 -10.42 -2.54 4.74
N LEU C 362 -11.30 -3.50 4.50
CA LEU C 362 -12.35 -3.80 5.48
C LEU C 362 -11.78 -4.48 6.71
N SER C 363 -10.67 -5.21 6.58
CA SER C 363 -10.05 -5.87 7.71
C SER C 363 -9.27 -4.91 8.60
N ASP C 364 -9.10 -3.65 8.18
CA ASP C 364 -8.38 -2.66 8.95
C ASP C 364 -9.28 -1.69 9.70
N HIS C 365 -10.40 -1.29 9.10
CA HIS C 365 -11.34 -0.36 9.71
C HIS C 365 -12.37 -1.07 10.60
N HIS C 366 -12.13 -2.34 10.95
CA HIS C 366 -13.03 -3.13 11.79
C HIS C 366 -14.43 -3.18 11.19
N ILE C 367 -14.54 -3.99 10.13
CA ILE C 367 -15.78 -4.16 9.39
C ILE C 367 -16.25 -5.59 9.56
N TYR C 368 -17.50 -5.76 10.00
CA TYR C 368 -18.08 -7.08 10.19
C TYR C 368 -18.53 -7.62 8.85
N LEU C 369 -17.80 -8.62 8.33
CA LEU C 369 -18.09 -9.14 7.00
C LEU C 369 -19.36 -9.98 6.97
N GLU C 370 -19.71 -10.61 8.09
CA GLU C 370 -20.90 -11.45 8.16
C GLU C 370 -22.18 -10.65 8.33
N GLY C 371 -22.13 -9.33 8.22
CA GLY C 371 -23.30 -8.50 8.38
C GLY C 371 -23.43 -7.44 7.30
N THR C 372 -22.70 -7.61 6.21
CA THR C 372 -22.72 -6.69 5.08
C THR C 372 -23.14 -7.42 3.83
N LEU C 373 -23.44 -6.65 2.78
CA LEU C 373 -23.86 -7.19 1.49
C LEU C 373 -23.00 -6.61 0.39
N LEU C 374 -22.83 -7.38 -0.68
CA LEU C 374 -22.05 -6.98 -1.83
C LEU C 374 -22.90 -7.09 -3.09
N LYS C 375 -22.77 -6.12 -3.98
CA LYS C 375 -23.53 -6.07 -5.24
C LYS C 375 -22.54 -5.88 -6.39
N PRO C 376 -21.84 -6.93 -6.78
CA PRO C 376 -20.90 -6.81 -7.91
C PRO C 376 -21.59 -6.95 -9.25
N ASN C 377 -20.95 -6.39 -10.28
CA ASN C 377 -21.49 -6.45 -11.62
C ASN C 377 -21.09 -7.75 -12.30
N MET C 378 -21.90 -8.16 -13.28
CA MET C 378 -21.62 -9.38 -14.01
C MET C 378 -20.42 -9.21 -14.93
N VAL C 379 -19.87 -10.33 -15.39
CA VAL C 379 -18.73 -10.36 -16.29
C VAL C 379 -19.29 -10.51 -17.70
N THR C 380 -19.64 -9.37 -18.31
CA THR C 380 -20.21 -9.35 -19.64
C THR C 380 -19.32 -8.57 -20.59
N PRO C 381 -19.20 -9.00 -21.84
CA PRO C 381 -18.37 -8.26 -22.80
C PRO C 381 -19.00 -6.93 -23.18
N GLY C 382 -18.20 -6.10 -23.85
CA GLY C 382 -18.66 -4.79 -24.26
C GLY C 382 -19.67 -4.86 -25.39
N HIS C 383 -20.37 -3.74 -25.59
CA HIS C 383 -21.37 -3.67 -26.64
C HIS C 383 -20.76 -3.59 -28.03
N ALA C 384 -19.51 -3.13 -28.14
CA ALA C 384 -18.82 -3.02 -29.42
C ALA C 384 -18.06 -4.29 -29.79
N CYS C 385 -18.19 -5.35 -29.01
CA CYS C 385 -17.48 -6.59 -29.30
C CYS C 385 -18.18 -7.34 -30.43
N THR C 386 -17.38 -7.93 -31.31
CA THR C 386 -17.91 -8.68 -32.45
C THR C 386 -18.03 -10.17 -32.17
N GLN C 387 -17.30 -10.69 -31.20
CA GLN C 387 -17.35 -12.11 -30.85
C GLN C 387 -18.48 -12.35 -29.86
N LYS C 388 -19.43 -13.19 -30.24
CA LYS C 388 -20.57 -13.51 -29.39
C LYS C 388 -20.24 -14.69 -28.49
N TYR C 389 -20.98 -14.79 -27.39
CA TYR C 389 -20.80 -15.86 -26.43
C TYR C 389 -22.16 -16.40 -26.01
N SER C 390 -22.17 -17.66 -25.58
CA SER C 390 -23.40 -18.32 -25.15
C SER C 390 -23.69 -17.99 -23.70
N HIS C 391 -24.79 -18.53 -23.18
CA HIS C 391 -25.18 -18.28 -21.80
C HIS C 391 -24.38 -19.11 -20.81
N GLU C 392 -23.72 -20.17 -21.26
CA GLU C 392 -22.94 -21.01 -20.38
C GLU C 392 -21.51 -20.51 -20.18
N GLU C 393 -20.95 -19.83 -21.18
CA GLU C 393 -19.59 -19.32 -21.06
C GLU C 393 -19.53 -18.06 -20.21
N ILE C 394 -20.63 -17.30 -20.15
CA ILE C 394 -20.64 -16.09 -19.34
C ILE C 394 -20.74 -16.42 -17.86
N ALA C 395 -21.60 -17.37 -17.49
CA ALA C 395 -21.75 -17.75 -16.10
C ALA C 395 -20.57 -18.56 -15.58
N MET C 396 -19.75 -19.12 -16.47
CA MET C 396 -18.59 -19.88 -16.04
C MET C 396 -17.50 -18.99 -15.47
N ALA C 397 -17.21 -17.89 -16.17
CA ALA C 397 -16.19 -16.95 -15.72
C ALA C 397 -16.70 -16.00 -14.65
N THR C 398 -18.01 -15.92 -14.44
CA THR C 398 -18.56 -15.03 -13.41
C THR C 398 -18.38 -15.62 -12.02
N VAL C 399 -18.69 -16.91 -11.85
CA VAL C 399 -18.55 -17.54 -10.55
C VAL C 399 -17.08 -17.70 -10.17
N THR C 400 -16.23 -17.95 -11.17
CA THR C 400 -14.80 -18.12 -10.89
C THR C 400 -14.17 -16.81 -10.43
N ALA C 401 -14.61 -15.69 -11.01
CA ALA C 401 -14.04 -14.40 -10.63
C ALA C 401 -14.48 -13.95 -9.24
N LEU C 402 -15.55 -14.52 -8.71
CA LEU C 402 -16.03 -14.14 -7.38
C LEU C 402 -15.44 -14.99 -6.28
N ARG C 403 -15.16 -16.27 -6.55
CA ARG C 403 -14.60 -17.15 -5.53
C ARG C 403 -13.15 -16.83 -5.20
N ARG C 404 -12.49 -15.96 -5.97
CA ARG C 404 -11.10 -15.60 -5.71
C ARG C 404 -10.95 -14.39 -4.81
N THR C 405 -11.97 -13.53 -4.73
CA THR C 405 -11.90 -12.32 -3.92
C THR C 405 -12.97 -12.25 -2.85
N VAL C 406 -14.20 -12.63 -3.16
CA VAL C 406 -15.30 -12.55 -2.20
C VAL C 406 -15.15 -13.67 -1.18
N PRO C 407 -15.01 -13.35 0.11
CA PRO C 407 -14.88 -14.39 1.14
C PRO C 407 -16.21 -15.09 1.37
N PRO C 408 -16.20 -16.31 1.89
CA PRO C 408 -17.46 -17.01 2.17
C PRO C 408 -18.26 -16.45 3.34
N ALA C 409 -17.73 -15.44 4.04
CA ALA C 409 -18.46 -14.86 5.17
C ALA C 409 -19.61 -13.97 4.73
N VAL C 410 -19.72 -13.66 3.44
CA VAL C 410 -20.81 -12.83 2.96
C VAL C 410 -22.12 -13.62 3.01
N THR C 411 -23.18 -12.97 3.50
CA THR C 411 -24.47 -13.64 3.61
C THR C 411 -25.06 -13.91 2.23
N GLY C 412 -25.04 -12.92 1.35
CA GLY C 412 -25.58 -13.09 0.01
C GLY C 412 -24.91 -12.16 -0.97
N VAL C 413 -24.78 -12.62 -2.21
CA VAL C 413 -24.17 -11.84 -3.28
C VAL C 413 -25.22 -11.63 -4.36
N THR C 414 -25.46 -10.36 -4.70
CA THR C 414 -26.44 -9.99 -5.71
C THR C 414 -25.73 -9.63 -7.01
N PHE C 415 -26.50 -9.21 -8.01
CA PHE C 415 -25.96 -8.84 -9.31
C PHE C 415 -26.75 -7.65 -9.84
N LEU C 416 -26.39 -7.21 -11.05
CA LEU C 416 -27.03 -6.10 -11.72
C LEU C 416 -27.54 -6.56 -13.09
N SER C 417 -28.15 -5.62 -13.81
CA SER C 417 -28.67 -5.91 -15.14
C SER C 417 -27.65 -5.65 -16.24
N GLY C 418 -26.71 -4.73 -16.01
CA GLY C 418 -25.70 -4.44 -17.00
C GLY C 418 -26.16 -3.59 -18.17
N GLY C 419 -27.35 -3.00 -18.08
CA GLY C 419 -27.86 -2.18 -19.17
C GLY C 419 -28.28 -2.95 -20.39
N GLN C 420 -28.54 -4.24 -20.26
CA GLN C 420 -28.95 -5.06 -21.40
C GLN C 420 -30.47 -5.06 -21.54
N SER C 421 -31.02 -6.15 -22.08
CA SER C 421 -32.46 -6.24 -22.27
C SER C 421 -33.14 -6.74 -20.99
N GLU C 422 -34.47 -6.70 -20.99
CA GLU C 422 -35.23 -7.15 -19.84
C GLU C 422 -35.27 -8.67 -19.74
N GLU C 423 -35.50 -9.35 -20.88
CA GLU C 423 -35.55 -10.81 -20.87
C GLU C 423 -34.14 -11.41 -20.84
N GLU C 424 -33.16 -10.75 -21.44
CA GLU C 424 -31.80 -11.29 -21.44
C GLU C 424 -31.19 -11.31 -20.04
N ALA C 425 -31.55 -10.33 -19.21
CA ALA C 425 -31.02 -10.29 -17.84
C ALA C 425 -31.54 -11.42 -16.97
N SER C 426 -32.70 -11.99 -17.31
CA SER C 426 -33.26 -13.08 -16.52
C SER C 426 -32.74 -14.45 -16.97
N ILE C 427 -32.31 -14.57 -18.22
CA ILE C 427 -31.80 -15.85 -18.71
C ILE C 427 -30.39 -16.09 -18.19
N ASN C 428 -29.54 -15.07 -18.21
CA ASN C 428 -28.16 -15.22 -17.74
C ASN C 428 -28.09 -15.43 -16.23
N LEU C 429 -29.11 -15.00 -15.49
CA LEU C 429 -29.10 -15.19 -14.04
C LEU C 429 -29.33 -16.65 -13.65
N ASN C 430 -30.14 -17.37 -14.42
CA ASN C 430 -30.40 -18.77 -14.10
C ASN C 430 -29.18 -19.64 -14.37
N ALA C 431 -28.36 -19.29 -15.37
CA ALA C 431 -27.18 -20.07 -15.68
C ALA C 431 -26.10 -19.96 -14.61
N ILE C 432 -26.16 -18.91 -13.78
CA ILE C 432 -25.16 -18.77 -12.72
C ILE C 432 -25.42 -19.75 -11.59
N ASN C 433 -26.68 -19.93 -11.20
CA ASN C 433 -27.02 -20.84 -10.13
C ASN C 433 -26.89 -22.31 -10.54
N LYS C 434 -27.00 -22.61 -11.84
CA LYS C 434 -26.88 -23.97 -12.34
C LYS C 434 -25.44 -24.36 -12.65
N CYS C 435 -24.48 -23.55 -12.25
CA CYS C 435 -23.07 -23.88 -12.49
C CYS C 435 -22.62 -24.96 -11.53
N PRO C 436 -21.94 -26.01 -12.01
CA PRO C 436 -21.51 -27.09 -11.11
C PRO C 436 -20.35 -26.68 -10.22
N LEU C 437 -20.58 -25.72 -9.32
CA LEU C 437 -19.57 -25.26 -8.38
C LEU C 437 -20.20 -25.07 -7.02
N LEU C 438 -19.44 -25.39 -5.97
CA LEU C 438 -19.93 -25.25 -4.60
C LEU C 438 -19.90 -23.78 -4.21
N LYS C 439 -21.09 -23.18 -4.07
CA LYS C 439 -21.19 -21.78 -3.70
C LYS C 439 -21.55 -21.66 -2.23
N PRO C 440 -20.67 -21.16 -1.37
CA PRO C 440 -21.02 -21.06 0.05
C PRO C 440 -22.04 -19.96 0.34
N TRP C 441 -22.06 -18.89 -0.45
CA TRP C 441 -23.00 -17.81 -0.25
C TRP C 441 -24.28 -18.06 -1.04
N ALA C 442 -25.24 -17.17 -0.88
CA ALA C 442 -26.52 -17.26 -1.57
C ALA C 442 -26.57 -16.26 -2.73
N LEU C 443 -27.44 -16.56 -3.69
CA LEU C 443 -27.61 -15.72 -4.87
C LEU C 443 -29.08 -15.35 -5.03
N THR C 444 -29.32 -14.14 -5.52
CA THR C 444 -30.68 -13.65 -5.77
C THR C 444 -30.59 -12.57 -6.84
N PHE C 445 -31.71 -11.90 -7.07
CA PHE C 445 -31.80 -10.84 -8.08
C PHE C 445 -31.88 -9.49 -7.41
N SER C 446 -31.31 -8.49 -8.08
CA SER C 446 -31.31 -7.11 -7.57
C SER C 446 -31.19 -6.14 -8.74
N TYR C 447 -32.08 -6.28 -9.72
CA TYR C 447 -32.05 -5.42 -10.89
C TYR C 447 -32.65 -4.06 -10.57
N GLY C 448 -32.28 -3.07 -11.38
CA GLY C 448 -32.79 -1.72 -11.20
C GLY C 448 -33.43 -1.15 -12.45
N ARG C 449 -33.71 -2.02 -13.42
CA ARG C 449 -34.33 -1.59 -14.67
C ARG C 449 -35.20 -2.70 -15.25
N ALA C 450 -34.72 -3.95 -15.17
CA ALA C 450 -35.48 -5.07 -15.70
C ALA C 450 -36.70 -5.40 -14.85
N LEU C 451 -36.70 -5.04 -13.57
CA LEU C 451 -37.83 -5.32 -12.70
C LEU C 451 -38.96 -4.30 -12.85
N GLN C 452 -38.74 -3.22 -13.61
CA GLN C 452 -39.78 -2.21 -13.79
C GLN C 452 -39.86 -1.73 -15.24
N ALA C 453 -39.31 -2.48 -16.19
CA ALA C 453 -39.36 -2.08 -17.59
C ALA C 453 -40.74 -2.31 -18.19
N SER C 454 -41.38 -3.44 -17.85
CA SER C 454 -42.71 -3.71 -18.37
C SER C 454 -43.79 -2.89 -17.69
N ALA C 455 -43.53 -2.36 -16.50
CA ALA C 455 -44.50 -1.55 -15.77
C ALA C 455 -44.43 -0.07 -16.14
N LEU C 456 -43.63 0.29 -17.14
CA LEU C 456 -43.50 1.67 -17.58
C LEU C 456 -44.07 1.93 -18.96
N LYS C 457 -43.84 1.02 -19.91
CA LYS C 457 -44.36 1.22 -21.27
C LYS C 457 -45.88 1.04 -21.30
N ALA C 458 -46.38 0.03 -20.58
CA ALA C 458 -47.82 -0.23 -20.56
C ALA C 458 -48.56 0.67 -19.56
N TRP C 459 -47.85 1.51 -18.82
CA TRP C 459 -48.50 2.40 -17.86
C TRP C 459 -48.99 3.68 -18.50
N GLY C 460 -48.23 4.22 -19.46
CA GLY C 460 -48.62 5.45 -20.14
C GLY C 460 -48.49 6.68 -19.26
N GLY C 461 -49.60 7.13 -18.69
CA GLY C 461 -49.59 8.30 -17.85
C GLY C 461 -50.98 8.76 -17.44
N LYS C 462 -51.91 7.82 -17.33
CA LYS C 462 -53.29 8.10 -16.97
C LYS C 462 -53.59 7.48 -15.60
N LYS C 463 -54.88 7.21 -15.34
CA LYS C 463 -55.30 6.62 -14.08
C LYS C 463 -56.08 5.32 -14.24
N GLU C 464 -56.64 5.05 -15.41
CA GLU C 464 -57.39 3.81 -15.61
C GLU C 464 -56.50 2.61 -15.93
N ASN C 465 -55.21 2.83 -16.20
CA ASN C 465 -54.27 1.76 -16.49
C ASN C 465 -53.53 1.27 -15.26
N LEU C 466 -54.19 1.23 -14.10
CA LEU C 466 -53.52 0.78 -12.88
C LEU C 466 -53.53 -0.74 -12.79
N LYS C 467 -54.61 -1.38 -13.25
CA LYS C 467 -54.68 -2.83 -13.19
C LYS C 467 -53.87 -3.49 -14.31
N ALA C 468 -53.60 -2.74 -15.38
CA ALA C 468 -52.83 -3.30 -16.49
C ALA C 468 -51.33 -3.17 -16.27
N ALA C 469 -50.90 -2.22 -15.44
CA ALA C 469 -49.47 -2.05 -15.18
C ALA C 469 -48.99 -2.98 -14.08
N GLN C 470 -49.85 -3.30 -13.11
CA GLN C 470 -49.47 -4.20 -12.04
C GLN C 470 -49.50 -5.66 -12.45
N GLU C 471 -50.10 -5.97 -13.60
CA GLU C 471 -50.16 -7.36 -14.06
C GLU C 471 -48.80 -7.83 -14.58
N GLU C 472 -48.08 -6.94 -15.28
CA GLU C 472 -46.78 -7.30 -15.81
C GLU C 472 -45.71 -7.42 -14.73
N TYR C 473 -45.92 -6.78 -13.57
CA TYR C 473 -44.94 -6.88 -12.49
C TYR C 473 -45.00 -8.24 -11.80
N VAL C 474 -46.15 -8.91 -11.85
CA VAL C 474 -46.26 -10.22 -11.22
C VAL C 474 -45.48 -11.27 -12.00
N LYS C 475 -45.51 -11.18 -13.33
CA LYS C 475 -44.76 -12.14 -14.15
C LYS C 475 -43.26 -11.95 -14.02
N ARG C 476 -42.81 -10.71 -13.79
CA ARG C 476 -41.38 -10.47 -13.62
C ARG C 476 -40.89 -10.83 -12.22
N ALA C 477 -41.78 -10.76 -11.23
CA ALA C 477 -41.38 -11.10 -9.86
C ALA C 477 -41.25 -12.62 -9.69
N LEU C 478 -42.08 -13.40 -10.37
CA LEU C 478 -42.01 -14.84 -10.28
C LEU C 478 -40.92 -15.45 -11.16
N ALA C 479 -40.54 -14.75 -12.24
CA ALA C 479 -39.49 -15.27 -13.11
C ALA C 479 -38.12 -15.15 -12.47
N ASN C 480 -37.83 -14.01 -11.85
CA ASN C 480 -36.54 -13.81 -11.21
C ASN C 480 -36.43 -14.58 -9.89
N SER C 481 -37.56 -14.94 -9.28
CA SER C 481 -37.53 -15.68 -8.03
C SER C 481 -37.18 -17.16 -8.23
N LEU C 482 -37.33 -17.68 -9.45
CA LEU C 482 -37.00 -19.07 -9.73
C LEU C 482 -35.62 -19.25 -10.33
N ALA C 483 -35.03 -18.20 -10.90
CA ALA C 483 -33.70 -18.29 -11.49
C ALA C 483 -32.60 -18.37 -10.43
N CYS C 484 -32.87 -17.92 -9.21
CA CYS C 484 -31.87 -17.94 -8.14
C CYS C 484 -31.84 -19.27 -7.41
N GLN C 485 -32.72 -20.21 -7.73
CA GLN C 485 -32.76 -21.51 -7.08
C GLN C 485 -32.37 -22.67 -7.99
N GLY C 486 -32.45 -22.49 -9.32
CA GLY C 486 -32.10 -23.53 -10.25
C GLY C 486 -33.27 -24.21 -10.93
N LYS C 487 -34.48 -23.72 -10.76
CA LYS C 487 -35.68 -24.30 -11.37
C LYS C 487 -36.38 -23.22 -12.19
N TYR C 488 -35.74 -22.82 -13.29
CA TYR C 488 -36.27 -21.80 -14.18
C TYR C 488 -36.12 -22.28 -15.61
N THR C 489 -37.24 -22.54 -16.28
CA THR C 489 -37.24 -23.01 -17.66
C THR C 489 -37.92 -21.98 -18.55
N PRO C 490 -37.21 -21.34 -19.48
CA PRO C 490 -37.86 -20.35 -20.35
C PRO C 490 -38.82 -20.98 -21.34
N SER C 491 -40.12 -20.85 -21.08
CA SER C 491 -41.14 -21.42 -21.96
C SER C 491 -41.41 -20.50 -23.14
N GLY C 492 -42.42 -19.64 -23.02
CA GLY C 492 -42.78 -18.72 -24.07
C GLY C 492 -42.10 -17.38 -24.01
N GLN C 493 -41.05 -17.24 -23.20
CA GLN C 493 -40.34 -15.97 -23.09
C GLN C 493 -38.90 -16.12 -23.59
N SER D 1 -16.07 6.02 49.66
CA SER D 1 -16.53 6.55 50.94
C SER D 1 -16.91 5.42 51.89
N LYS D 2 -16.97 5.74 53.18
CA LYS D 2 -17.32 4.74 54.19
C LYS D 2 -18.82 4.45 54.20
N GLY D 3 -19.64 5.43 53.81
CA GLY D 3 -21.08 5.24 53.80
C GLY D 3 -21.63 4.52 52.59
N GLU D 4 -20.83 4.33 51.55
CA GLU D 4 -21.29 3.64 50.35
C GLU D 4 -21.36 2.14 50.52
N GLU D 5 -20.71 1.59 51.54
CA GLU D 5 -20.72 0.15 51.79
C GLU D 5 -21.98 -0.32 52.49
N LEU D 6 -22.79 0.59 53.04
CA LEU D 6 -24.01 0.22 53.73
C LEU D 6 -25.19 0.01 52.79
N PHE D 7 -25.05 0.38 51.52
CA PHE D 7 -26.11 0.22 50.54
C PHE D 7 -25.96 -1.06 49.71
N THR D 8 -25.20 -2.03 50.22
CA THR D 8 -24.99 -3.29 49.50
C THR D 8 -26.13 -4.25 49.84
N GLY D 9 -27.01 -4.49 48.87
CA GLY D 9 -28.15 -5.38 49.05
C GLY D 9 -29.46 -4.64 48.87
N VAL D 10 -30.48 -5.11 49.58
CA VAL D 10 -31.81 -4.54 49.54
C VAL D 10 -32.07 -3.83 50.87
N VAL D 11 -32.36 -2.54 50.80
CA VAL D 11 -32.63 -1.71 51.96
C VAL D 11 -34.07 -1.21 51.86
N PRO D 12 -34.91 -1.46 52.85
CA PRO D 12 -36.30 -0.96 52.77
C PRO D 12 -36.37 0.54 52.94
N ILE D 13 -37.32 1.14 52.23
CA ILE D 13 -37.53 2.59 52.24
C ILE D 13 -38.92 2.86 52.77
N LEU D 14 -39.01 3.77 53.75
CA LEU D 14 -40.29 4.16 54.36
C LEU D 14 -40.45 5.66 54.17
N VAL D 15 -41.27 6.07 53.21
CA VAL D 15 -41.52 7.48 52.90
C VAL D 15 -42.81 7.89 53.58
N GLU D 16 -42.75 8.98 54.35
CA GLU D 16 -43.90 9.52 55.06
C GLU D 16 -44.09 10.97 54.65
N LEU D 17 -45.20 11.26 53.97
CA LEU D 17 -45.51 12.60 53.51
C LEU D 17 -46.75 13.10 54.26
N ASP D 18 -46.70 14.38 54.69
CA ASP D 18 -47.82 15.00 55.40
C ASP D 18 -47.87 16.47 54.97
N GLY D 19 -48.53 16.70 53.83
CA GLY D 19 -48.66 18.04 53.31
C GLY D 19 -49.97 18.71 53.71
N ASP D 20 -50.03 20.01 53.47
CA ASP D 20 -51.23 20.79 53.82
C ASP D 20 -51.26 22.02 52.92
N VAL D 21 -52.18 22.03 51.96
CA VAL D 21 -52.35 23.14 51.04
C VAL D 21 -53.82 23.55 51.03
N ASN D 22 -54.07 24.86 51.00
CA ASN D 22 -55.42 25.42 50.99
C ASN D 22 -56.25 24.93 52.18
N GLY D 23 -55.59 24.68 53.31
CA GLY D 23 -56.29 24.21 54.50
C GLY D 23 -56.72 22.76 54.45
N HIS D 24 -56.29 22.01 53.45
CA HIS D 24 -56.64 20.60 53.32
C HIS D 24 -55.52 19.75 53.90
N LYS D 25 -55.82 19.03 54.97
CA LYS D 25 -54.85 18.16 55.63
C LYS D 25 -54.88 16.78 55.02
N PHE D 26 -53.72 16.28 54.62
CA PHE D 26 -53.61 14.95 54.03
C PHE D 26 -52.27 14.34 54.41
N SER D 27 -52.25 13.00 54.49
CA SER D 27 -51.05 12.26 54.85
C SER D 27 -50.86 11.13 53.85
N VAL D 28 -49.65 11.04 53.29
CA VAL D 28 -49.31 10.02 52.31
C VAL D 28 -48.21 9.14 52.92
N SER D 29 -48.46 7.84 52.99
CA SER D 29 -47.52 6.88 53.54
C SER D 29 -47.10 5.91 52.44
N GLY D 30 -45.79 5.79 52.23
CA GLY D 30 -45.27 4.89 51.22
C GLY D 30 -44.23 3.96 51.79
N GLU D 31 -44.13 2.79 51.17
CA GLU D 31 -43.16 1.78 51.60
C GLU D 31 -42.77 0.92 50.41
N GLY D 32 -41.62 0.26 50.53
CA GLY D 32 -41.13 -0.59 49.47
C GLY D 32 -39.71 -1.07 49.70
N GLU D 33 -38.86 -0.92 48.69
CA GLU D 33 -37.47 -1.35 48.80
C GLU D 33 -36.61 -0.42 47.96
N GLY D 34 -35.29 -0.61 48.06
CA GLY D 34 -34.35 0.20 47.32
C GLY D 34 -33.16 -0.62 46.88
N ASP D 35 -32.43 -0.07 45.91
CA ASP D 35 -31.24 -0.74 45.37
C ASP D 35 -30.32 0.35 44.82
N ALA D 36 -29.18 0.55 45.47
CA ALA D 36 -28.21 1.54 45.05
C ALA D 36 -27.08 0.96 44.19
N THR D 37 -27.01 -0.36 44.06
CA THR D 37 -25.95 -0.97 43.26
C THR D 37 -26.24 -0.83 41.77
N TYR D 38 -27.45 -1.18 41.35
CA TYR D 38 -27.85 -1.09 39.96
C TYR D 38 -28.84 0.03 39.68
N GLY D 39 -29.27 0.75 40.71
CA GLY D 39 -30.21 1.84 40.52
C GLY D 39 -31.62 1.36 40.24
N LYS D 40 -32.31 0.88 41.27
CA LYS D 40 -33.68 0.38 41.13
C LYS D 40 -34.49 0.89 42.31
N LEU D 41 -35.56 1.63 42.03
CA LEU D 41 -36.44 2.19 43.04
C LEU D 41 -37.81 1.53 42.90
N THR D 42 -38.20 0.75 43.90
CA THR D 42 -39.48 0.04 43.92
C THR D 42 -40.22 0.43 45.20
N LEU D 43 -41.22 1.30 45.07
CA LEU D 43 -42.00 1.78 46.19
C LEU D 43 -43.48 1.61 45.89
N LYS D 44 -44.31 1.86 46.90
CA LYS D 44 -45.76 1.75 46.77
C LYS D 44 -46.39 2.73 47.75
N PHE D 45 -46.80 3.89 47.25
CA PHE D 45 -47.40 4.92 48.09
C PHE D 45 -48.89 4.65 48.26
N ILE D 46 -49.37 4.65 49.50
CA ILE D 46 -50.77 4.42 49.83
C ILE D 46 -51.31 5.66 50.51
N CYS D 47 -52.33 6.27 49.92
CA CYS D 47 -52.94 7.47 50.47
C CYS D 47 -53.81 7.08 51.65
N THR D 48 -53.39 7.47 52.86
CA THR D 48 -54.15 7.15 54.06
C THR D 48 -55.39 8.03 54.24
N THR D 49 -55.41 9.20 53.59
CA THR D 49 -56.57 10.09 53.71
C THR D 49 -57.69 9.66 52.79
N GLY D 50 -57.42 9.57 51.49
CA GLY D 50 -58.42 9.17 50.54
C GLY D 50 -58.35 9.93 49.23
N LYS D 51 -59.24 10.92 49.06
CA LYS D 51 -59.27 11.73 47.85
C LYS D 51 -58.20 12.80 47.96
N LEU D 52 -57.09 12.59 47.26
CA LEU D 52 -55.99 13.55 47.29
C LEU D 52 -56.31 14.72 46.37
N PRO D 53 -56.31 15.96 46.85
CA PRO D 53 -56.62 17.09 45.96
C PRO D 53 -55.54 17.36 44.94
N VAL D 54 -54.27 17.34 45.35
CA VAL D 54 -53.16 17.59 44.44
C VAL D 54 -52.94 16.37 43.56
N PRO D 55 -52.50 16.54 42.31
CA PRO D 55 -52.28 15.38 41.44
C PRO D 55 -51.06 14.59 41.87
N TRP D 56 -50.89 13.43 41.23
CA TRP D 56 -49.81 12.51 41.54
C TRP D 56 -48.56 12.75 40.69
N PRO D 57 -48.67 12.95 39.36
CA PRO D 57 -47.45 13.18 38.57
C PRO D 57 -46.66 14.41 38.99
N THR D 58 -47.27 15.36 39.69
CA THR D 58 -46.56 16.54 40.15
C THR D 58 -45.80 16.30 41.45
N LEU D 59 -45.89 15.11 42.04
CA LEU D 59 -45.20 14.79 43.28
C LEU D 59 -44.23 13.61 43.11
N VAL D 60 -43.76 13.38 41.89
CA VAL D 60 -42.82 12.29 41.66
C VAL D 60 -41.44 12.63 42.20
N THR D 61 -40.97 13.85 41.92
CA THR D 61 -39.65 14.27 42.40
C THR D 61 -39.65 14.60 43.87
N THR D 62 -40.83 14.76 44.49
CA THR D 62 -40.90 15.08 45.91
C THR D 62 -40.61 13.84 46.77
N VAL D 64 -34.71 10.83 48.52
CA VAL D 64 -35.00 9.52 47.94
C VAL D 64 -34.10 9.26 46.74
N GLN D 65 -33.14 10.16 46.52
CA GLN D 65 -32.21 10.06 45.41
C GLN D 65 -30.87 9.46 45.83
N CYS D 66 -30.81 8.80 46.98
CA CYS D 66 -29.59 8.18 47.48
C CYS D 66 -29.39 6.77 46.96
N PHE D 67 -30.32 6.24 46.18
CA PHE D 67 -30.18 4.90 45.60
C PHE D 67 -30.00 4.99 44.09
N SER D 68 -29.08 5.84 43.64
CA SER D 68 -28.82 6.02 42.23
C SER D 68 -27.72 5.06 41.77
N ARG D 69 -27.46 5.05 40.47
CA ARG D 69 -26.44 4.20 39.86
C ARG D 69 -25.31 5.09 39.36
N TYR D 70 -24.22 5.14 40.12
CA TYR D 70 -23.08 5.96 39.73
C TYR D 70 -22.00 5.12 39.08
N PRO D 71 -21.35 5.63 38.03
CA PRO D 71 -20.29 4.87 37.37
C PRO D 71 -19.08 4.68 38.28
N ASP D 72 -18.14 3.87 37.81
CA ASP D 72 -16.94 3.58 38.58
C ASP D 72 -16.00 4.79 38.66
N HIS D 73 -16.09 5.71 37.70
CA HIS D 73 -15.24 6.89 37.69
C HIS D 73 -15.93 8.12 38.28
N MET D 74 -17.08 7.94 38.94
CA MET D 74 -17.81 9.03 39.56
C MET D 74 -18.13 8.72 41.02
N LYS D 75 -17.31 7.88 41.66
CA LYS D 75 -17.55 7.54 43.05
C LYS D 75 -17.15 8.67 44.00
N GLN D 76 -16.17 9.47 43.61
CA GLN D 76 -15.71 10.58 44.44
C GLN D 76 -16.63 11.80 44.35
N HIS D 77 -17.55 11.84 43.39
CA HIS D 77 -18.47 12.95 43.25
C HIS D 77 -19.86 12.58 43.74
N ASP D 78 -19.95 12.06 44.97
CA ASP D 78 -21.22 11.65 45.55
C ASP D 78 -21.43 12.40 46.87
N PHE D 79 -22.68 12.79 47.12
CA PHE D 79 -23.03 13.51 48.34
C PHE D 79 -24.13 12.83 49.15
N PHE D 80 -25.05 12.11 48.50
CA PHE D 80 -26.11 11.45 49.24
C PHE D 80 -25.61 10.26 50.05
N LYS D 81 -24.49 9.66 49.66
CA LYS D 81 -23.93 8.52 50.36
C LYS D 81 -22.76 8.90 51.26
N SER D 82 -22.39 10.19 51.31
CA SER D 82 -21.30 10.64 52.15
C SER D 82 -21.74 11.02 53.55
N ALA D 83 -22.96 11.52 53.71
CA ALA D 83 -23.50 11.91 55.01
C ALA D 83 -24.25 10.79 55.70
N MET D 84 -23.93 9.54 55.39
CA MET D 84 -24.57 8.37 55.98
C MET D 84 -23.71 7.78 57.09
N PRO D 85 -24.31 7.30 58.19
CA PRO D 85 -25.75 7.32 58.44
C PRO D 85 -26.21 8.58 59.18
N GLU D 86 -25.45 9.66 59.07
CA GLU D 86 -25.81 10.90 59.76
C GLU D 86 -27.06 11.53 59.16
N GLY D 87 -27.30 11.32 57.86
CA GLY D 87 -28.47 11.86 57.21
C GLY D 87 -28.28 13.30 56.75
N TYR D 88 -29.32 13.82 56.11
CA TYR D 88 -29.30 15.19 55.61
C TYR D 88 -30.72 15.71 55.56
N VAL D 89 -30.84 17.04 55.59
CA VAL D 89 -32.13 17.72 55.54
C VAL D 89 -32.36 18.15 54.10
N GLN D 90 -33.23 17.42 53.40
CA GLN D 90 -33.55 17.71 52.00
C GLN D 90 -34.68 18.74 51.97
N GLU D 91 -34.38 19.94 51.49
CA GLU D 91 -35.35 21.02 51.40
C GLU D 91 -35.46 21.47 49.95
N ARG D 92 -36.68 21.54 49.44
CA ARG D 92 -36.95 21.97 48.08
C ARG D 92 -38.04 23.03 48.08
N THR D 93 -38.08 23.81 46.99
CA THR D 93 -39.08 24.86 46.80
C THR D 93 -39.47 24.85 45.33
N ILE D 94 -40.52 24.11 45.00
CA ILE D 94 -40.96 23.95 43.62
C ILE D 94 -41.83 25.14 43.23
N PHE D 95 -41.51 25.75 42.10
CA PHE D 95 -42.26 26.87 41.56
C PHE D 95 -43.03 26.43 40.32
N PHE D 96 -43.92 27.30 39.87
CA PHE D 96 -44.73 27.06 38.67
C PHE D 96 -44.80 28.34 37.85
N LYS D 97 -45.60 28.30 36.79
CA LYS D 97 -45.75 29.45 35.91
C LYS D 97 -46.61 30.53 36.57
N ASP D 98 -47.91 30.46 36.38
CA ASP D 98 -48.85 31.42 36.95
C ASP D 98 -49.89 30.65 37.78
N ASP D 99 -49.47 30.16 38.94
CA ASP D 99 -50.35 29.42 39.82
C ASP D 99 -49.90 29.53 41.27
N GLY D 100 -49.21 28.52 41.76
CA GLY D 100 -48.72 28.52 43.13
C GLY D 100 -47.28 28.08 43.26
N ASN D 101 -46.90 27.64 44.45
CA ASN D 101 -45.53 27.19 44.70
C ASN D 101 -45.53 26.23 45.89
N TYR D 102 -44.63 25.27 45.85
CA TYR D 102 -44.49 24.27 46.90
C TYR D 102 -43.30 24.60 47.80
N LYS D 103 -43.26 23.93 48.95
CA LYS D 103 -42.17 24.12 49.90
C LYS D 103 -42.09 22.86 50.76
N THR D 104 -41.22 21.93 50.36
CA THR D 104 -41.05 20.66 51.04
C THR D 104 -39.81 20.69 51.92
N ARG D 105 -39.76 19.75 52.86
CA ARG D 105 -38.63 19.64 53.78
C ARG D 105 -38.57 18.18 54.25
N ALA D 106 -37.70 17.40 53.61
CA ALA D 106 -37.54 15.99 53.91
C ALA D 106 -36.24 15.75 54.69
N GLU D 107 -36.25 14.67 55.46
CA GLU D 107 -35.09 14.26 56.26
C GLU D 107 -34.81 12.79 55.96
N VAL D 108 -33.88 12.54 55.05
CA VAL D 108 -33.53 11.19 54.64
C VAL D 108 -32.42 10.70 55.57
N LYS D 109 -32.76 9.78 56.46
CA LYS D 109 -31.79 9.22 57.40
C LYS D 109 -32.25 7.84 57.81
N PHE D 110 -31.32 7.07 58.39
CA PHE D 110 -31.59 5.73 58.84
C PHE D 110 -31.82 5.69 60.35
N GLU D 111 -32.66 4.76 60.78
CA GLU D 111 -32.97 4.57 62.19
C GLU D 111 -32.66 3.18 62.69
N GLY D 112 -31.69 2.49 62.07
CA GLY D 112 -31.34 1.14 62.47
C GLY D 112 -31.20 0.19 61.31
N ASP D 113 -32.27 0.01 60.54
CA ASP D 113 -32.23 -0.88 59.39
C ASP D 113 -33.19 -0.50 58.27
N THR D 114 -34.07 0.48 58.48
CA THR D 114 -35.04 0.89 57.47
C THR D 114 -34.96 2.40 57.30
N LEU D 115 -34.86 2.84 56.04
CA LEU D 115 -34.78 4.27 55.76
C LEU D 115 -36.14 4.92 56.01
N VAL D 116 -36.18 5.82 56.97
CA VAL D 116 -37.40 6.53 57.34
C VAL D 116 -37.24 7.99 56.92
N ASN D 117 -38.16 8.46 56.06
CA ASN D 117 -38.13 9.83 55.56
C ASN D 117 -39.45 10.51 55.90
N ARG D 118 -39.36 11.73 56.42
CA ARG D 118 -40.53 12.52 56.79
C ARG D 118 -40.57 13.75 55.90
N ILE D 119 -41.52 13.77 54.96
CA ILE D 119 -41.68 14.87 54.02
C ILE D 119 -42.79 15.78 54.53
N GLU D 120 -42.49 17.07 54.65
CA GLU D 120 -43.45 18.08 55.11
C GLU D 120 -43.64 19.08 53.98
N LEU D 121 -44.73 18.91 53.22
CA LEU D 121 -45.03 19.77 52.09
C LEU D 121 -45.83 20.98 52.58
N LYS D 122 -45.39 22.16 52.17
CA LYS D 122 -46.05 23.42 52.53
C LYS D 122 -46.28 24.23 51.27
N GLY D 123 -46.93 25.39 51.45
CA GLY D 123 -47.21 26.27 50.33
C GLY D 123 -48.66 26.69 50.25
N ILE D 124 -48.90 27.97 50.01
CA ILE D 124 -50.27 28.50 49.91
C ILE D 124 -50.43 29.24 48.58
N ASP D 125 -51.50 30.02 48.46
CA ASP D 125 -51.79 30.80 47.26
C ASP D 125 -51.90 29.91 46.04
N PHE D 126 -53.04 29.25 45.87
CA PHE D 126 -53.30 28.39 44.72
C PHE D 126 -54.65 28.76 44.11
N LYS D 127 -54.96 28.12 43.00
CA LYS D 127 -56.21 28.34 42.27
C LYS D 127 -57.14 27.15 42.45
N GLU D 128 -58.41 27.36 42.09
CA GLU D 128 -59.43 26.33 42.19
C GLU D 128 -59.91 25.84 40.83
N ASP D 129 -59.26 26.28 39.74
CA ASP D 129 -59.67 25.85 38.41
C ASP D 129 -58.48 25.77 37.45
N GLY D 130 -57.29 25.52 37.97
CA GLY D 130 -56.10 25.43 37.14
C GLY D 130 -55.60 24.00 36.98
N ASN D 131 -54.29 23.84 36.79
CA ASN D 131 -53.72 22.51 36.63
C ASN D 131 -53.68 21.76 37.95
N ILE D 132 -53.42 22.48 39.05
CA ILE D 132 -53.37 21.86 40.38
C ILE D 132 -54.80 21.73 40.89
N LEU D 133 -54.97 20.94 41.96
CA LEU D 133 -56.27 20.70 42.58
C LEU D 133 -57.25 20.06 41.60
N GLY D 134 -57.70 20.84 40.61
CA GLY D 134 -58.63 20.30 39.62
C GLY D 134 -57.95 19.25 38.76
N HIS D 135 -58.57 18.08 38.67
CA HIS D 135 -58.01 16.97 37.89
C HIS D 135 -58.18 17.27 36.41
N LYS D 136 -57.11 17.76 35.79
CA LYS D 136 -57.11 18.08 34.37
C LYS D 136 -55.97 17.44 33.58
N LEU D 137 -54.90 17.00 34.23
CA LEU D 137 -53.78 16.38 33.55
C LEU D 137 -54.03 14.88 33.36
N GLU D 138 -53.07 14.20 32.74
CA GLU D 138 -53.16 12.77 32.50
C GLU D 138 -52.42 12.02 33.60
N TYR D 139 -52.18 10.74 33.38
CA TYR D 139 -51.50 9.87 34.34
C TYR D 139 -50.27 9.28 33.66
N ASN D 140 -49.25 10.10 33.46
CA ASN D 140 -48.02 9.67 32.82
C ASN D 140 -46.90 10.63 33.19
N TYR D 141 -45.70 10.09 33.38
CA TYR D 141 -44.52 10.87 33.72
C TYR D 141 -43.40 10.48 32.79
N ASN D 142 -42.96 11.41 31.94
CA ASN D 142 -41.91 11.15 30.97
C ASN D 142 -40.54 11.28 31.62
N SER D 143 -39.50 11.20 30.79
CA SER D 143 -38.13 11.29 31.27
C SER D 143 -37.72 12.75 31.42
N HIS D 144 -36.89 13.01 32.44
CA HIS D 144 -36.40 14.35 32.71
C HIS D 144 -34.95 14.27 33.16
N ASN D 145 -34.25 15.39 33.04
CA ASN D 145 -32.85 15.51 33.43
C ASN D 145 -32.74 16.28 34.73
N VAL D 146 -31.82 15.84 35.60
CA VAL D 146 -31.59 16.47 36.90
C VAL D 146 -30.16 16.98 36.90
N TYR D 147 -29.99 18.29 36.87
CA TYR D 147 -28.68 18.92 36.88
C TYR D 147 -28.30 19.26 38.32
N ILE D 148 -27.15 18.76 38.76
CA ILE D 148 -26.67 18.97 40.12
C ILE D 148 -25.46 19.88 40.06
N MET D 149 -25.53 21.03 40.74
CA MET D 149 -24.43 21.98 40.77
C MET D 149 -23.59 21.79 42.02
N ALA D 150 -23.11 22.89 42.60
CA ALA D 150 -22.29 22.83 43.81
C ALA D 150 -22.45 24.12 44.58
N ASP D 151 -22.09 24.08 45.86
CA ASP D 151 -22.19 25.24 46.73
C ASP D 151 -21.15 25.11 47.84
N LYS D 152 -20.48 26.21 48.14
CA LYS D 152 -19.46 26.24 49.19
C LYS D 152 -19.72 27.31 50.23
N GLN D 153 -20.89 27.96 50.21
CA GLN D 153 -21.20 29.01 51.19
C GLN D 153 -21.66 28.39 52.51
N LYS D 154 -22.88 27.87 52.54
CA LYS D 154 -23.45 27.26 53.74
C LYS D 154 -23.18 25.76 53.83
N ASN D 155 -22.16 25.28 53.11
CA ASN D 155 -21.81 23.86 53.09
C ASN D 155 -22.99 22.99 52.68
N GLY D 156 -23.27 22.95 51.39
CA GLY D 156 -24.38 22.15 50.90
C GLY D 156 -24.30 21.97 49.40
N ILE D 157 -25.37 21.39 48.86
CA ILE D 157 -25.49 21.12 47.43
C ILE D 157 -26.75 21.82 46.91
N LYS D 158 -26.59 22.65 45.90
CA LYS D 158 -27.69 23.40 45.30
C LYS D 158 -28.04 22.74 43.97
N VAL D 159 -29.10 21.94 43.97
CA VAL D 159 -29.55 21.24 42.77
C VAL D 159 -30.63 22.08 42.09
N ASN D 160 -30.44 22.34 40.80
CA ASN D 160 -31.38 23.12 40.01
C ASN D 160 -31.73 22.36 38.74
N PHE D 161 -33.02 22.08 38.56
CA PHE D 161 -33.48 21.36 37.38
C PHE D 161 -34.89 21.81 37.06
N LYS D 162 -35.24 21.72 35.77
CA LYS D 162 -36.55 22.10 35.27
C LYS D 162 -37.19 20.93 34.56
N ILE D 163 -38.44 20.63 34.92
CA ILE D 163 -39.18 19.52 34.30
C ILE D 163 -40.40 20.08 33.59
N ARG D 164 -41.25 19.19 33.07
CA ARG D 164 -42.46 19.60 32.37
C ARG D 164 -43.55 18.57 32.63
N HIS D 165 -44.80 19.01 32.47
CA HIS D 165 -45.97 18.17 32.68
C HIS D 165 -46.88 18.25 31.47
N ASN D 166 -47.53 17.13 31.15
CA ASN D 166 -48.43 17.04 30.02
C ASN D 166 -49.87 17.08 30.51
N ILE D 167 -50.70 17.87 29.84
CA ILE D 167 -52.11 18.00 30.19
C ILE D 167 -52.94 17.36 29.08
N GLU D 168 -54.20 17.05 29.41
CA GLU D 168 -55.11 16.40 28.47
C GLU D 168 -55.75 17.42 27.53
N ASP D 169 -54.89 18.14 26.82
CA ASP D 169 -55.33 19.12 25.83
C ASP D 169 -54.21 19.45 24.86
N GLY D 170 -52.97 19.38 25.32
CA GLY D 170 -51.81 19.67 24.49
C GLY D 170 -51.07 20.92 24.91
N SER D 171 -50.64 20.96 26.16
CA SER D 171 -49.91 22.10 26.71
C SER D 171 -48.74 21.60 27.53
N VAL D 172 -47.71 22.45 27.65
CA VAL D 172 -46.51 22.15 28.40
C VAL D 172 -46.41 23.15 29.55
N GLN D 173 -46.30 22.63 30.77
CA GLN D 173 -46.20 23.46 31.97
C GLN D 173 -44.77 23.35 32.51
N LEU D 174 -44.03 24.45 32.45
CA LEU D 174 -42.65 24.48 32.93
C LEU D 174 -42.63 24.77 34.42
N ALA D 175 -41.84 24.00 35.16
CA ALA D 175 -41.70 24.16 36.59
C ALA D 175 -40.24 24.44 36.95
N ASP D 176 -40.05 25.12 38.09
CA ASP D 176 -38.72 25.48 38.57
C ASP D 176 -38.48 24.82 39.92
N HIS D 177 -37.28 24.27 40.08
CA HIS D 177 -36.89 23.58 41.31
C HIS D 177 -35.60 24.18 41.84
N TYR D 178 -35.53 24.34 43.16
CA TYR D 178 -34.35 24.89 43.84
C TYR D 178 -34.06 24.02 45.07
N GLN D 179 -33.50 22.84 44.81
CA GLN D 179 -33.19 21.90 45.89
C GLN D 179 -31.92 22.35 46.61
N GLN D 180 -31.97 22.36 47.94
CA GLN D 180 -30.85 22.75 48.78
C GLN D 180 -30.67 21.68 49.86
N ASN D 181 -29.69 20.82 49.67
CA ASN D 181 -29.41 19.74 50.61
C ASN D 181 -28.43 20.22 51.68
N THR D 182 -28.82 20.09 52.94
CA THR D 182 -27.98 20.49 54.07
C THR D 182 -27.70 19.28 54.93
N PRO D 183 -26.44 18.96 55.22
CA PRO D 183 -26.14 17.79 56.05
C PRO D 183 -26.49 18.04 57.51
N ILE D 184 -26.57 16.95 58.27
CA ILE D 184 -26.89 17.01 59.70
C ILE D 184 -25.61 16.84 60.50
N GLY D 185 -24.92 15.73 60.30
CA GLY D 185 -23.69 15.47 61.02
C GLY D 185 -22.52 16.28 60.50
N ASP D 186 -21.44 16.29 61.28
CA ASP D 186 -20.22 17.01 60.95
C ASP D 186 -19.11 16.06 60.51
N GLY D 187 -19.47 15.03 59.74
CA GLY D 187 -18.51 14.07 59.27
C GLY D 187 -17.86 14.50 57.97
N PRO D 188 -17.35 13.55 57.19
CA PRO D 188 -16.71 13.88 55.92
C PRO D 188 -17.74 14.33 54.89
N VAL D 189 -17.48 15.47 54.26
CA VAL D 189 -18.35 16.05 53.25
C VAL D 189 -17.58 16.13 51.94
N LEU D 190 -18.10 15.50 50.90
CA LEU D 190 -17.47 15.50 49.60
C LEU D 190 -18.00 16.64 48.73
N LEU D 191 -17.19 17.05 47.75
CA LEU D 191 -17.54 18.13 46.84
C LEU D 191 -17.70 17.57 45.44
N PRO D 192 -18.92 17.25 45.00
CA PRO D 192 -19.10 16.71 43.65
C PRO D 192 -18.93 17.78 42.59
N ASP D 193 -18.87 17.33 41.33
CA ASP D 193 -18.72 18.21 40.18
C ASP D 193 -20.06 18.41 39.49
N ASN D 194 -20.11 19.41 38.61
CA ASN D 194 -21.31 19.73 37.87
C ASN D 194 -21.57 18.66 36.81
N HIS D 195 -22.56 17.81 37.05
CA HIS D 195 -22.93 16.75 36.13
C HIS D 195 -24.44 16.68 36.05
N TYR D 196 -24.95 15.61 35.43
CA TYR D 196 -26.38 15.41 35.30
C TYR D 196 -26.67 13.91 35.29
N LEU D 197 -27.89 13.56 35.70
CA LEU D 197 -28.34 12.18 35.75
C LEU D 197 -29.53 12.00 34.81
N SER D 198 -30.25 10.89 34.99
CA SER D 198 -31.41 10.56 34.18
C SER D 198 -32.55 10.14 35.09
N THR D 199 -33.75 10.07 34.52
CA THR D 199 -34.94 9.69 35.27
C THR D 199 -35.85 8.89 34.34
N GLN D 200 -36.15 7.64 34.72
CA GLN D 200 -37.02 6.75 33.95
C GLN D 200 -38.08 6.21 34.91
N SER D 201 -39.12 7.00 35.13
CA SER D 201 -40.20 6.62 36.03
C SER D 201 -41.32 5.92 35.26
N ALA D 202 -42.21 5.29 36.02
CA ALA D 202 -43.34 4.58 35.43
C ALA D 202 -44.47 4.52 36.46
N LEU D 203 -45.65 4.96 36.05
CA LEU D 203 -46.83 4.99 36.91
C LEU D 203 -47.92 4.10 36.33
N SER D 204 -48.63 3.40 37.20
CA SER D 204 -49.70 2.50 36.80
C SER D 204 -50.75 2.46 37.91
N LYS D 205 -51.65 1.48 37.83
CA LYS D 205 -52.71 1.31 38.80
C LYS D 205 -52.64 -0.11 39.38
N ASP D 206 -53.67 -0.47 40.16
CA ASP D 206 -53.73 -1.79 40.77
C ASP D 206 -55.19 -2.18 40.98
N PRO D 207 -55.68 -3.22 40.29
CA PRO D 207 -57.09 -3.63 40.49
C PRO D 207 -57.37 -4.17 41.87
N ASN D 208 -56.37 -4.61 42.61
CA ASN D 208 -56.55 -5.16 43.97
C ASN D 208 -56.46 -4.08 45.04
N GLU D 209 -56.95 -2.88 44.76
CA GLU D 209 -56.91 -1.80 45.73
C GLU D 209 -58.03 -0.82 45.41
N LYS D 210 -58.84 -0.50 46.42
CA LYS D 210 -59.96 0.42 46.24
C LYS D 210 -59.57 1.87 46.52
N ARG D 211 -58.67 2.10 47.47
CA ARG D 211 -58.24 3.45 47.80
C ARG D 211 -57.26 3.97 46.76
N ASP D 212 -56.98 5.26 46.84
CA ASP D 212 -56.05 5.89 45.90
C ASP D 212 -54.62 5.51 46.24
N HIS D 213 -53.80 5.33 45.20
CA HIS D 213 -52.41 4.93 45.38
C HIS D 213 -51.61 5.42 44.17
N MET D 214 -50.33 5.05 44.12
CA MET D 214 -49.47 5.44 43.00
C MET D 214 -48.35 4.43 42.91
N VAL D 215 -48.38 3.58 41.88
CA VAL D 215 -47.35 2.57 41.66
C VAL D 215 -46.17 3.26 40.99
N LEU D 216 -45.15 3.59 41.78
CA LEU D 216 -43.97 4.28 41.29
C LEU D 216 -42.86 3.28 41.00
N LEU D 217 -42.19 3.47 39.86
CA LEU D 217 -41.09 2.60 39.45
C LEU D 217 -40.11 3.47 38.65
N GLU D 218 -39.15 4.05 39.36
CA GLU D 218 -38.17 4.96 38.79
C GLU D 218 -36.82 4.28 38.67
N PHE D 219 -36.17 4.46 37.52
CA PHE D 219 -34.84 3.92 37.26
C PHE D 219 -33.88 5.10 37.08
N VAL D 220 -33.04 5.34 38.07
CA VAL D 220 -32.08 6.45 38.05
C VAL D 220 -30.74 5.91 37.60
N THR D 221 -30.14 6.56 36.60
CA THR D 221 -28.84 6.16 36.07
C THR D 221 -28.06 7.42 35.72
N ALA D 222 -26.88 7.56 36.31
CA ALA D 222 -26.04 8.72 36.05
C ALA D 222 -25.40 8.62 34.66
N ALA D 223 -24.91 9.78 34.19
CA ALA D 223 -24.28 9.86 32.88
C ALA D 223 -22.83 10.31 33.10
N GLY D 224 -22.48 11.52 32.69
CA GLY D 224 -21.11 12.00 32.86
C GLY D 224 -21.05 13.48 33.17
N ILE D 225 -19.84 14.03 33.13
CA ILE D 225 -19.64 15.45 33.41
C ILE D 225 -20.08 16.27 32.22
N THR D 226 -20.98 17.23 32.45
CA THR D 226 -21.49 18.08 31.39
C THR D 226 -20.44 19.09 30.94
N SER E 1 60.18 13.87 57.65
CA SER E 1 59.34 15.05 57.53
C SER E 1 59.43 15.64 56.11
N GLY E 2 60.66 15.89 55.66
CA GLY E 2 60.87 16.44 54.34
C GLY E 2 61.56 15.48 53.39
N SER E 3 61.73 14.25 53.83
CA SER E 3 62.38 13.23 53.00
C SER E 3 61.34 12.49 52.16
N ASP E 4 61.80 11.95 51.03
CA ASP E 4 60.96 11.20 50.11
C ASP E 4 59.77 12.04 49.65
N LEU E 5 60.03 13.03 48.78
CA LEU E 5 58.96 13.89 48.29
C LEU E 5 58.09 13.19 47.25
N GLY E 6 58.61 12.16 46.57
CA GLY E 6 57.81 11.46 45.58
C GLY E 6 56.87 10.43 46.16
N LYS E 7 57.24 9.83 47.29
CA LYS E 7 56.38 8.83 47.92
C LYS E 7 55.20 9.45 48.65
N LYS E 8 55.41 10.58 49.32
CA LYS E 8 54.32 11.25 50.05
C LYS E 8 53.35 11.96 49.12
N LEU E 9 53.77 12.28 47.90
CA LEU E 9 52.88 12.97 46.96
C LEU E 9 51.81 12.04 46.41
N LEU E 10 52.14 10.77 46.18
CA LEU E 10 51.16 9.82 45.65
C LEU E 10 50.10 9.45 46.69
N GLU E 11 50.40 9.60 47.98
CA GLU E 11 49.42 9.27 49.01
C GLU E 11 48.32 10.32 49.10
N ALA E 12 48.68 11.60 48.99
CA ALA E 12 47.67 12.65 49.06
C ALA E 12 46.82 12.71 47.79
N ALA E 13 47.38 12.29 46.66
CA ALA E 13 46.64 12.30 45.41
C ALA E 13 45.77 11.07 45.22
N ARG E 14 45.97 10.03 46.02
CA ARG E 14 45.17 8.82 45.89
C ARG E 14 43.87 8.92 46.69
N ALA E 15 43.96 9.35 47.95
CA ALA E 15 42.77 9.48 48.78
C ALA E 15 41.97 10.72 48.41
N GLY E 16 42.64 11.86 48.29
CA GLY E 16 41.97 13.10 47.95
C GLY E 16 42.21 14.21 48.94
N GLN E 17 43.40 14.24 49.53
CA GLN E 17 43.76 15.26 50.51
C GLN E 17 44.13 16.54 49.76
N ASP E 18 43.16 17.45 49.65
CA ASP E 18 43.40 18.71 48.96
C ASP E 18 44.26 19.68 49.76
N ASP E 19 44.35 19.49 51.08
CA ASP E 19 45.15 20.35 51.93
C ASP E 19 46.60 19.90 52.06
N GLU E 20 46.98 18.84 51.36
CA GLU E 20 48.35 18.33 51.41
C GLU E 20 49.10 18.44 50.09
N VAL E 21 48.40 18.54 48.97
CA VAL E 21 49.08 18.65 47.67
C VAL E 21 49.66 20.04 47.48
N ARG E 22 48.95 21.07 47.94
CA ARG E 22 49.44 22.44 47.78
C ARG E 22 50.69 22.70 48.61
N ILE E 23 50.81 22.05 49.77
CA ILE E 23 51.98 22.26 50.61
C ILE E 23 53.22 21.64 49.98
N LEU E 24 53.07 20.46 49.38
CA LEU E 24 54.22 19.80 48.76
C LEU E 24 54.68 20.52 47.50
N MET E 25 53.74 21.07 46.73
CA MET E 25 54.09 21.79 45.51
C MET E 25 54.62 23.19 45.77
N ALA E 26 54.48 23.70 46.99
CA ALA E 26 54.97 25.03 47.33
C ALA E 26 56.39 25.03 47.86
N ASN E 27 56.93 23.87 48.22
CA ASN E 27 58.30 23.77 48.74
C ASN E 27 59.30 23.53 47.62
N GLY E 28 59.17 22.39 46.93
CA GLY E 28 60.07 22.06 45.85
C GLY E 28 60.05 20.59 45.49
N ALA E 29 58.86 20.03 45.36
CA ALA E 29 58.70 18.62 45.01
C ALA E 29 58.57 18.45 43.50
N ASP E 30 58.94 17.27 43.03
CA ASP E 30 58.87 16.97 41.60
C ASP E 30 57.43 16.66 41.20
N VAL E 31 56.96 17.32 40.15
CA VAL E 31 55.59 17.10 39.69
C VAL E 31 55.49 15.79 38.90
N ASN E 32 56.58 15.36 38.27
CA ASN E 32 56.59 14.12 37.49
C ASN E 32 57.36 13.05 38.27
N ALA E 33 56.73 12.59 39.35
CA ALA E 33 57.35 11.56 40.19
C ALA E 33 57.23 10.21 39.53
N LEU E 34 58.34 9.47 39.48
CA LEU E 34 58.39 8.14 38.88
C LEU E 34 58.92 7.17 39.92
N ASP E 35 58.03 6.33 40.45
CA ASP E 35 58.41 5.36 41.46
C ASP E 35 58.81 4.03 40.82
N ARG E 36 58.52 2.92 41.48
CA ARG E 36 58.87 1.61 40.93
C ARG E 36 57.97 1.25 39.75
N PHE E 37 56.74 1.74 39.75
CA PHE E 37 55.79 1.46 38.66
C PHE E 37 55.73 2.58 37.63
N GLY E 38 56.36 3.72 37.88
CA GLY E 38 56.31 4.81 36.95
C GLY E 38 54.96 5.47 36.80
N LEU E 39 54.19 5.52 37.88
CA LEU E 39 52.84 6.11 37.85
C LEU E 39 52.93 7.57 38.29
N THR E 40 52.66 8.49 37.37
CA THR E 40 52.67 9.90 37.71
C THR E 40 51.46 10.26 38.57
N PRO E 41 51.56 11.30 39.39
CA PRO E 41 50.42 11.69 40.23
C PRO E 41 49.19 12.12 39.43
N LEU E 42 49.32 12.34 38.13
CA LEU E 42 48.15 12.73 37.32
C LEU E 42 47.16 11.58 37.19
N HIS E 43 47.63 10.33 37.26
CA HIS E 43 46.73 9.19 37.15
C HIS E 43 45.82 9.09 38.37
N LEU E 44 46.39 9.24 39.56
CA LEU E 44 45.59 9.15 40.78
C LEU E 44 44.66 10.33 40.96
N ALA E 45 44.94 11.46 40.29
CA ALA E 45 44.08 12.63 40.42
C ALA E 45 42.88 12.58 39.48
N ALA E 46 42.88 11.69 38.50
CA ALA E 46 41.78 11.57 37.56
C ALA E 46 41.04 10.24 37.63
N GLN E 47 41.67 9.21 38.20
CA GLN E 47 40.99 7.91 38.30
C GLN E 47 39.96 7.90 39.41
N ARG E 48 40.30 8.46 40.57
CA ARG E 48 39.35 8.48 41.69
C ARG E 48 38.26 9.52 41.46
N GLY E 49 38.62 10.68 40.92
CA GLY E 49 37.65 11.73 40.66
C GLY E 49 37.86 12.97 41.51
N HIS E 50 38.94 13.70 41.22
CA HIS E 50 39.28 14.93 41.95
C HIS E 50 39.71 15.97 40.93
N LEU E 51 38.78 16.86 40.55
CA LEU E 51 39.10 17.88 39.57
C LEU E 51 40.00 18.96 40.15
N GLU E 52 39.90 19.20 41.46
CA GLU E 52 40.72 20.25 42.07
C GLU E 52 42.21 19.91 42.04
N ILE E 53 42.54 18.62 42.17
CA ILE E 53 43.95 18.23 42.16
C ILE E 53 44.53 18.33 40.74
N VAL E 54 43.71 18.08 39.72
CA VAL E 54 44.19 18.13 38.35
C VAL E 54 44.51 19.56 37.95
N GLU E 55 43.72 20.52 38.41
CA GLU E 55 43.93 21.93 38.06
C GLU E 55 45.19 22.51 38.67
N VAL E 56 45.80 21.83 39.64
CA VAL E 56 47.03 22.33 40.26
C VAL E 56 48.27 21.76 39.59
N LEU E 57 48.24 20.47 39.22
CA LEU E 57 49.41 19.86 38.59
C LEU E 57 49.62 20.35 37.18
N LEU E 58 48.54 20.71 36.47
CA LEU E 58 48.69 21.19 35.09
C LEU E 58 49.26 22.60 35.02
N LYS E 59 49.18 23.37 36.11
CA LYS E 59 49.70 24.72 36.15
C LYS E 59 51.14 24.79 36.68
N CYS E 60 51.87 23.68 36.63
CA CYS E 60 53.25 23.65 37.11
C CYS E 60 54.21 23.05 36.09
N GLY E 61 53.77 22.06 35.32
CA GLY E 61 54.62 21.44 34.33
C GLY E 61 54.53 19.93 34.32
N ALA E 62 53.31 19.41 34.34
CA ALA E 62 53.06 17.97 34.33
C ALA E 62 52.83 17.49 32.91
N ASP E 63 53.32 16.29 32.61
CA ASP E 63 53.16 15.71 31.28
C ASP E 63 51.77 15.11 31.16
N VAL E 64 50.99 15.63 30.21
CA VAL E 64 49.63 15.13 30.02
C VAL E 64 49.64 13.80 29.29
N ASN E 65 50.67 13.54 28.48
CA ASN E 65 50.81 12.28 27.73
C ASN E 65 51.88 11.39 28.34
N ALA E 66 51.97 11.38 29.67
CA ALA E 66 52.95 10.57 30.37
C ALA E 66 52.48 9.11 30.37
N ALA E 67 53.20 8.26 29.65
CA ALA E 67 52.87 6.84 29.56
C ALA E 67 53.66 6.06 30.59
N ASP E 68 52.97 5.15 31.29
CA ASP E 68 53.61 4.34 32.31
C ASP E 68 54.18 3.05 31.70
N LEU E 69 54.28 1.99 32.51
CA LEU E 69 54.80 0.74 32.00
C LEU E 69 53.80 0.03 31.10
N TRP E 70 52.50 0.25 31.32
CA TRP E 70 51.45 -0.36 30.52
C TRP E 70 51.04 0.51 29.34
N GLY E 71 51.68 1.66 29.14
CA GLY E 71 51.32 2.53 28.04
C GLY E 71 49.95 3.18 28.17
N GLN E 72 49.42 3.28 29.38
CA GLN E 72 48.10 3.87 29.60
C GLN E 72 48.27 5.35 29.93
N THR E 73 47.86 6.21 29.00
CA THR E 73 47.92 7.64 29.23
C THR E 73 46.85 8.06 30.24
N PRO E 74 47.05 9.19 30.93
CA PRO E 74 46.03 9.66 31.88
C PRO E 74 44.67 9.93 31.26
N LEU E 75 44.56 9.99 29.93
CA LEU E 75 43.27 10.20 29.30
C LEU E 75 42.35 8.99 29.45
N HIS E 76 42.94 7.80 29.56
CA HIS E 76 42.13 6.59 29.72
C HIS E 76 41.45 6.57 31.08
N LEU E 77 42.19 6.88 32.14
CA LEU E 77 41.64 6.86 33.49
C LEU E 77 40.70 8.03 33.74
N ALA E 78 40.75 9.07 32.91
CA ALA E 78 39.86 10.22 33.10
C ALA E 78 38.42 9.89 32.72
N ALA E 79 38.23 8.93 31.82
CA ALA E 79 36.90 8.52 31.36
C ALA E 79 36.63 7.05 31.65
N THR E 80 37.22 6.52 32.72
CA THR E 80 37.05 5.13 33.10
C THR E 80 35.98 4.97 34.19
N ALA E 81 36.12 5.74 35.28
CA ALA E 81 35.15 5.65 36.37
C ALA E 81 33.85 6.38 36.05
N GLY E 82 33.85 7.26 35.06
CA GLY E 82 32.65 7.99 34.69
C GLY E 82 32.68 9.43 35.15
N HIS E 83 33.57 10.24 34.57
CA HIS E 83 33.71 11.65 34.92
C HIS E 83 33.76 12.46 33.64
N LEU E 84 32.99 13.55 33.60
CA LEU E 84 32.93 14.43 32.45
C LEU E 84 33.73 15.71 32.63
N GLU E 85 33.73 16.28 33.84
CA GLU E 85 34.46 17.53 34.08
C GLU E 85 35.97 17.35 34.07
N ILE E 86 36.47 16.11 34.15
CA ILE E 86 37.90 15.87 34.14
C ILE E 86 38.44 15.73 32.73
N VAL E 87 37.68 15.09 31.84
CA VAL E 87 38.14 14.89 30.47
C VAL E 87 38.16 16.21 29.70
N GLU E 88 37.23 17.10 29.98
CA GLU E 88 37.16 18.37 29.26
C GLU E 88 38.35 19.29 29.59
N VAL E 89 39.02 19.07 30.72
CA VAL E 89 40.15 19.91 31.07
C VAL E 89 41.43 19.40 30.42
N LEU E 90 41.60 18.08 30.36
CA LEU E 90 42.81 17.50 29.77
C LEU E 90 42.89 17.71 28.27
N LEU E 91 41.75 17.92 27.60
CA LEU E 91 41.73 18.11 26.15
C LEU E 91 42.01 19.56 25.75
N LYS E 92 42.25 20.45 26.70
CA LYS E 92 42.53 21.85 26.40
C LYS E 92 44.02 22.17 26.36
N TYR E 93 44.86 21.34 26.98
CA TYR E 93 46.30 21.56 27.01
C TYR E 93 47.03 20.71 25.97
N GLY E 94 46.32 20.15 25.00
CA GLY E 94 46.94 19.34 23.97
C GLY E 94 47.31 17.95 24.46
N ALA E 95 46.33 17.05 24.46
CA ALA E 95 46.52 15.67 24.89
C ALA E 95 46.50 14.73 23.70
N ASP E 96 47.05 13.54 23.90
CA ASP E 96 47.10 12.52 22.85
C ASP E 96 45.75 11.83 22.78
N VAL E 97 44.96 12.19 21.76
CA VAL E 97 43.63 11.58 21.60
C VAL E 97 43.75 10.16 21.07
N ASN E 98 44.70 9.89 20.18
CA ASN E 98 44.91 8.55 19.64
C ASN E 98 45.91 7.76 20.46
N ALA E 99 45.67 7.68 21.76
CA ALA E 99 46.56 6.96 22.67
C ALA E 99 46.38 5.46 22.50
N LEU E 100 47.50 4.73 22.48
CA LEU E 100 47.50 3.28 22.33
C LEU E 100 48.30 2.67 23.46
N ASP E 101 47.71 1.67 24.13
CA ASP E 101 48.37 1.00 25.23
C ASP E 101 49.07 -0.27 24.75
N LEU E 102 49.04 -1.33 25.56
CA LEU E 102 49.67 -2.58 25.16
C LEU E 102 48.89 -3.27 24.06
N ILE E 103 47.56 -3.18 24.10
CA ILE E 103 46.73 -3.79 23.07
C ILE E 103 46.60 -2.86 21.87
N GLY E 104 46.33 -1.58 22.12
CA GLY E 104 46.17 -0.62 21.05
C GLY E 104 44.74 -0.14 20.90
N LYS E 105 44.13 0.25 22.02
CA LYS E 105 42.76 0.72 22.04
C LYS E 105 42.73 2.21 22.39
N THR E 106 42.05 3.00 21.56
CA THR E 106 41.93 4.42 21.82
C THR E 106 40.97 4.66 22.99
N PRO E 107 41.09 5.81 23.66
CA PRO E 107 40.17 6.10 24.77
C PRO E 107 38.70 6.17 24.37
N LEU E 108 38.40 6.25 23.07
CA LEU E 108 37.01 6.27 22.64
C LEU E 108 36.32 4.94 22.88
N HIS E 109 37.06 3.84 22.78
CA HIS E 109 36.47 2.51 23.00
C HIS E 109 36.09 2.29 24.46
N LEU E 110 36.84 2.90 25.39
CA LEU E 110 36.54 2.74 26.81
C LEU E 110 35.24 3.44 27.21
N THR E 111 34.82 4.47 26.46
CA THR E 111 33.59 5.17 26.77
C THR E 111 32.35 4.35 26.40
N ALA E 112 32.49 3.37 25.51
CA ALA E 112 31.37 2.54 25.11
C ALA E 112 31.26 1.26 25.92
N ILE E 113 32.38 0.75 26.43
CA ILE E 113 32.35 -0.48 27.23
C ILE E 113 31.84 -0.20 28.62
N ASP E 114 32.29 0.89 29.25
CA ASP E 114 31.85 1.23 30.59
C ASP E 114 30.40 1.70 30.59
N GLY E 115 30.11 2.74 29.81
CA GLY E 115 28.76 3.28 29.74
C GLY E 115 28.71 4.78 29.87
N HIS E 116 29.25 5.49 28.88
CA HIS E 116 29.27 6.94 28.88
C HIS E 116 28.32 7.47 27.81
N LEU E 117 27.72 8.63 28.09
CA LEU E 117 26.77 9.27 27.19
C LEU E 117 27.31 10.61 26.69
N GLU E 118 27.40 11.61 27.56
CA GLU E 118 27.91 12.92 27.15
C GLU E 118 29.42 12.93 26.99
N ILE E 119 30.12 11.93 27.53
CA ILE E 119 31.57 11.89 27.40
C ILE E 119 31.98 11.48 25.99
N VAL E 120 31.15 10.69 25.32
CA VAL E 120 31.47 10.25 23.96
C VAL E 120 31.45 11.42 22.99
N GLU E 121 30.52 12.37 23.20
CA GLU E 121 30.42 13.52 22.31
C GLU E 121 31.59 14.47 22.46
N VAL E 122 32.32 14.41 23.57
CA VAL E 122 33.45 15.31 23.77
C VAL E 122 34.66 14.84 22.96
N LEU E 123 34.90 13.52 22.93
CA LEU E 123 36.04 13.00 22.20
C LEU E 123 35.83 13.10 20.68
N LEU E 124 34.58 13.12 20.23
CA LEU E 124 34.28 13.21 18.81
C LEU E 124 34.28 14.65 18.30
N LYS E 125 34.49 15.63 19.16
CA LYS E 125 34.51 17.03 18.75
C LYS E 125 35.91 17.49 18.35
N HIS E 126 36.93 17.09 19.13
CA HIS E 126 38.29 17.49 18.81
C HIS E 126 38.85 16.70 17.64
N GLY E 127 38.48 15.42 17.52
CA GLY E 127 38.96 14.58 16.44
C GLY E 127 39.53 13.27 16.91
N ALA E 128 38.72 12.21 16.86
CA ALA E 128 39.14 10.88 17.28
C ALA E 128 39.00 9.91 16.12
N ASP E 129 39.71 8.79 16.22
CA ASP E 129 39.68 7.76 15.20
C ASP E 129 38.40 6.95 15.34
N VAL E 130 37.59 6.94 14.28
CA VAL E 130 36.34 6.19 14.30
C VAL E 130 36.58 4.71 14.05
N ASN E 131 37.30 4.39 12.97
CA ASN E 131 37.61 3.00 12.62
C ASN E 131 38.98 2.60 13.18
N ALA E 132 39.07 2.65 14.51
CA ALA E 132 40.30 2.30 15.21
C ALA E 132 40.26 0.82 15.58
N GLN E 133 41.25 0.07 15.12
CA GLN E 133 41.36 -1.35 15.39
C GLN E 133 42.54 -1.62 16.32
N ASP E 134 42.78 -2.91 16.60
CA ASP E 134 43.86 -3.30 17.47
C ASP E 134 44.38 -4.69 17.11
N LYS E 135 44.90 -5.42 18.09
CA LYS E 135 45.41 -6.77 17.84
C LYS E 135 44.31 -7.81 17.69
N PHE E 136 43.09 -7.50 18.16
CA PHE E 136 41.99 -8.44 18.06
C PHE E 136 41.05 -8.14 16.89
N GLY E 137 41.12 -6.95 16.32
CA GLY E 137 40.24 -6.61 15.21
C GLY E 137 38.84 -6.23 15.60
N LYS E 138 38.67 -5.52 16.71
CA LYS E 138 37.37 -5.10 17.20
C LYS E 138 37.34 -3.59 17.30
N THR E 139 36.35 -2.98 16.66
CA THR E 139 36.19 -1.52 16.67
C THR E 139 35.24 -1.13 17.80
N ALA E 140 34.62 0.05 17.70
CA ALA E 140 33.70 0.54 18.70
C ALA E 140 32.27 0.07 18.46
N PHE E 141 32.05 -0.78 17.47
CA PHE E 141 30.72 -1.30 17.16
C PHE E 141 30.53 -2.77 17.49
N ASP E 142 31.56 -3.58 17.30
CA ASP E 142 31.47 -5.02 17.58
C ASP E 142 31.57 -5.34 19.06
N ILE E 143 31.82 -4.35 19.91
CA ILE E 143 31.92 -4.56 21.35
C ILE E 143 30.67 -4.13 22.09
N SER E 144 30.04 -3.04 21.62
CA SER E 144 28.83 -2.55 22.29
C SER E 144 27.63 -3.47 22.07
N ILE E 145 27.70 -4.40 21.11
CA ILE E 145 26.59 -5.31 20.87
C ILE E 145 26.48 -6.32 22.00
N ASP E 146 27.62 -6.88 22.44
CA ASP E 146 27.61 -7.86 23.52
C ASP E 146 27.30 -7.22 24.87
N ASN E 147 27.54 -5.92 25.02
CA ASN E 147 27.26 -5.24 26.28
C ASN E 147 25.81 -4.72 26.33
N GLY E 148 25.36 -4.05 25.28
CA GLY E 148 24.01 -3.53 25.24
C GLY E 148 23.82 -2.30 26.09
N ASN E 149 23.95 -1.11 25.47
CA ASN E 149 23.79 0.15 26.17
C ASN E 149 22.73 1.04 25.52
N GLU E 150 21.88 0.46 24.66
CA GLU E 150 20.80 1.17 24.00
C GLU E 150 21.30 2.35 23.19
N ASP E 151 21.66 3.44 23.88
CA ASP E 151 22.11 4.65 23.19
C ASP E 151 23.46 4.43 22.51
N LEU E 152 24.30 3.55 23.05
CA LEU E 152 25.61 3.26 22.47
C LEU E 152 25.58 2.12 21.47
N ALA E 153 24.40 1.70 21.03
CA ALA E 153 24.25 0.63 20.05
C ALA E 153 23.52 1.02 18.79
N GLU E 154 22.73 2.09 18.80
CA GLU E 154 21.99 2.54 17.62
C GLU E 154 22.31 3.95 17.18
N ILE E 155 22.94 4.76 18.03
CA ILE E 155 23.28 6.14 17.66
C ILE E 155 24.70 6.23 17.12
N LEU E 156 25.63 5.44 17.69
CA LEU E 156 27.01 5.49 17.23
C LEU E 156 27.15 4.95 15.80
N GLN E 157 26.32 3.97 15.42
CA GLN E 157 26.38 3.41 14.08
C GLN E 157 25.89 4.39 13.02
N LYS E 158 25.10 5.39 13.39
CA LYS E 158 24.61 6.37 12.43
C LYS E 158 25.67 7.38 12.03
N LEU E 159 26.72 7.54 12.82
CA LEU E 159 27.78 8.49 12.51
C LEU E 159 28.90 7.87 11.69
N ASN E 160 29.24 6.62 11.95
CA ASN E 160 30.32 5.97 11.20
C ASN E 160 29.91 5.70 9.75
N LEU E 161 28.65 5.28 9.54
CA LEU E 161 28.19 5.00 8.19
C LEU E 161 27.94 6.27 7.39
N SER E 162 27.73 7.40 8.06
CA SER E 162 27.49 8.67 7.37
C SER E 162 28.76 9.41 7.03
N ASP E 163 29.82 9.23 7.82
CA ASP E 163 31.08 9.93 7.56
C ASP E 163 31.78 9.39 6.31
N ILE E 164 31.55 8.12 5.98
CA ILE E 164 32.17 7.55 4.79
C ILE E 164 31.55 8.13 3.53
N ALA E 165 30.27 8.50 3.57
CA ALA E 165 29.60 9.06 2.40
C ALA E 165 30.15 10.42 2.00
N HIS E 166 30.71 11.18 2.96
CA HIS E 166 31.26 12.48 2.64
C HIS E 166 32.52 12.40 1.80
N ARG E 167 33.26 11.30 1.88
CA ARG E 167 34.48 11.11 1.11
C ARG E 167 34.25 10.39 -0.21
N ILE E 168 33.00 10.29 -0.66
CA ILE E 168 32.65 9.62 -1.91
C ILE E 168 31.97 10.58 -2.88
N VAL E 169 30.94 11.29 -2.42
CA VAL E 169 30.20 12.22 -3.26
C VAL E 169 30.68 13.64 -2.99
N ALA E 170 31.95 13.78 -2.61
CA ALA E 170 32.51 15.09 -2.32
C ALA E 170 32.62 15.91 -3.61
N PRO E 171 32.42 17.24 -3.52
CA PRO E 171 32.53 18.08 -4.71
C PRO E 171 33.93 18.05 -5.32
N GLY E 172 34.17 17.10 -6.21
CA GLY E 172 35.47 16.96 -6.84
C GLY E 172 35.85 15.52 -7.12
N LYS E 173 35.31 14.60 -6.33
CA LYS E 173 35.58 13.19 -6.49
C LYS E 173 34.51 12.55 -7.38
N GLY E 174 34.47 11.22 -7.39
CA GLY E 174 33.48 10.52 -8.19
C GLY E 174 33.44 9.06 -7.82
N ILE E 175 32.60 8.31 -8.55
CA ILE E 175 32.42 6.89 -8.35
C ILE E 175 32.80 6.17 -9.65
N LEU E 176 33.75 5.26 -9.55
CA LEU E 176 34.21 4.48 -10.70
C LEU E 176 33.50 3.13 -10.68
N ALA E 177 32.58 2.94 -11.62
CA ALA E 177 31.81 1.71 -11.73
C ALA E 177 32.54 0.74 -12.66
N ALA E 178 32.95 -0.40 -12.12
CA ALA E 178 33.65 -1.42 -12.90
C ALA E 178 33.42 -2.80 -12.31
N ASP E 179 32.18 -3.28 -12.35
CA ASP E 179 31.81 -4.58 -11.81
C ASP E 179 31.37 -5.53 -12.90
N GLU E 180 32.15 -5.62 -13.98
CA GLU E 180 31.82 -6.51 -15.08
C GLU E 180 32.05 -7.96 -14.67
N SER E 181 30.97 -8.74 -14.60
CA SER E 181 31.05 -10.14 -14.21
C SER E 181 31.42 -10.98 -15.41
N THR E 182 31.35 -12.31 -15.27
CA THR E 182 31.69 -13.20 -16.36
C THR E 182 30.65 -13.20 -17.46
N GLY E 183 29.42 -12.78 -17.17
CA GLY E 183 28.37 -12.74 -18.17
C GLY E 183 28.19 -11.37 -18.79
N SER E 184 29.20 -10.51 -18.65
CA SER E 184 29.14 -9.16 -19.20
C SER E 184 30.46 -8.66 -19.78
N ILE E 185 31.61 -9.10 -19.28
CA ILE E 185 32.89 -8.63 -19.81
C ILE E 185 33.28 -9.38 -21.07
N ALA E 186 32.72 -10.56 -21.32
CA ALA E 186 33.06 -11.33 -22.51
C ALA E 186 32.48 -10.69 -23.78
N LYS E 187 31.44 -9.88 -23.66
CA LYS E 187 30.86 -9.24 -24.83
C LYS E 187 31.73 -8.11 -25.35
N ARG E 188 32.27 -7.28 -24.44
CA ARG E 188 33.11 -6.17 -24.86
C ARG E 188 34.49 -6.63 -25.29
N LEU E 189 34.96 -7.78 -24.79
CA LEU E 189 36.26 -8.32 -25.14
C LEU E 189 36.19 -9.36 -26.25
N GLN E 190 35.19 -9.26 -27.13
CA GLN E 190 35.02 -10.20 -28.23
C GLN E 190 35.20 -9.53 -29.60
N SER E 191 34.60 -8.36 -29.80
CA SER E 191 34.71 -7.65 -31.06
C SER E 191 35.98 -6.82 -31.17
N ILE E 192 36.83 -6.81 -30.14
CA ILE E 192 38.07 -6.04 -30.17
C ILE E 192 39.22 -6.87 -30.72
N GLY E 193 39.24 -8.17 -30.45
CA GLY E 193 40.30 -9.03 -30.94
C GLY E 193 40.99 -9.83 -29.84
N THR E 194 40.39 -9.86 -28.67
CA THR E 194 40.93 -10.58 -27.52
C THR E 194 39.98 -11.70 -27.12
N GLU E 195 40.31 -12.37 -26.02
CA GLU E 195 39.51 -13.47 -25.50
C GLU E 195 39.10 -13.14 -24.06
N ASN E 196 38.48 -14.12 -23.40
CA ASN E 196 37.99 -13.98 -22.03
C ASN E 196 38.69 -15.03 -21.17
N THR E 197 39.79 -14.63 -20.54
CA THR E 197 40.56 -15.49 -19.66
C THR E 197 40.75 -14.79 -18.31
N GLU E 198 41.37 -15.50 -17.37
CA GLU E 198 41.60 -14.92 -16.05
C GLU E 198 42.69 -13.85 -16.09
N GLU E 199 43.68 -14.01 -16.96
CA GLU E 199 44.75 -13.02 -17.04
C GLU E 199 44.28 -11.72 -17.68
N ASN E 200 43.36 -11.80 -18.64
CA ASN E 200 42.87 -10.59 -19.30
C ASN E 200 41.97 -9.78 -18.38
N ARG E 201 41.14 -10.45 -17.58
CA ARG E 201 40.26 -9.74 -16.65
C ARG E 201 41.01 -9.14 -15.47
N ARG E 202 42.18 -9.68 -15.12
CA ARG E 202 42.94 -9.15 -14.00
C ARG E 202 43.82 -7.99 -14.43
N PHE E 203 44.44 -8.09 -15.61
CA PHE E 203 45.32 -7.02 -16.08
C PHE E 203 44.53 -5.79 -16.52
N TYR E 204 43.27 -5.98 -16.91
CA TYR E 204 42.46 -4.85 -17.35
C TYR E 204 42.06 -3.96 -16.19
N ARG E 205 41.82 -4.54 -15.01
CA ARG E 205 41.45 -3.75 -13.84
C ARG E 205 42.62 -3.03 -13.21
N GLN E 206 43.84 -3.53 -13.38
CA GLN E 206 45.01 -2.87 -12.81
C GLN E 206 45.42 -1.63 -13.58
N LEU E 207 44.98 -1.48 -14.83
CA LEU E 207 45.33 -0.32 -15.62
C LEU E 207 44.58 0.93 -15.17
N LEU E 208 43.31 0.77 -14.77
CA LEU E 208 42.52 1.91 -14.32
C LEU E 208 42.82 2.32 -12.88
N LEU E 209 43.46 1.45 -12.10
CA LEU E 209 43.79 1.75 -10.71
C LEU E 209 45.23 2.23 -10.59
N THR E 210 46.18 1.32 -10.79
CA THR E 210 47.59 1.67 -10.69
C THR E 210 48.03 2.45 -11.92
N ALA E 211 47.87 3.77 -11.89
CA ALA E 211 48.26 4.62 -13.00
C ALA E 211 48.88 5.92 -12.51
N ASP E 212 48.48 7.04 -13.11
CA ASP E 212 49.02 8.34 -12.72
C ASP E 212 48.39 8.79 -11.40
N ASP E 213 49.14 9.61 -10.66
CA ASP E 213 48.71 10.11 -9.37
C ASP E 213 47.82 11.35 -9.50
N ARG E 214 47.46 11.75 -10.72
CA ARG E 214 46.61 12.92 -10.93
C ARG E 214 45.12 12.59 -10.91
N VAL E 215 44.76 11.34 -10.59
CA VAL E 215 43.37 10.92 -10.53
C VAL E 215 42.93 10.61 -9.10
N ASN E 216 43.74 10.99 -8.10
CA ASN E 216 43.37 10.70 -6.72
C ASN E 216 42.24 11.61 -6.23
N PRO E 217 42.31 12.94 -6.37
CA PRO E 217 41.20 13.78 -5.91
C PRO E 217 39.97 13.70 -6.80
N CYS E 218 40.05 13.04 -7.96
CA CYS E 218 38.91 12.94 -8.87
C CYS E 218 38.13 11.64 -8.70
N ILE E 219 38.70 10.63 -8.07
CA ILE E 219 38.05 9.34 -7.85
C ILE E 219 37.93 9.12 -6.35
N GLY E 220 36.70 8.92 -5.89
CA GLY E 220 36.44 8.70 -4.48
C GLY E 220 35.96 7.30 -4.18
N GLY E 221 35.35 6.65 -5.16
CA GLY E 221 34.85 5.30 -4.98
C GLY E 221 35.08 4.41 -6.19
N VAL E 222 35.55 3.19 -5.97
CA VAL E 222 35.83 2.23 -7.03
C VAL E 222 34.97 1.00 -6.79
N ILE E 223 34.19 0.62 -7.80
CA ILE E 223 33.33 -0.56 -7.72
C ILE E 223 34.06 -1.74 -8.34
N LEU E 224 34.19 -2.82 -7.57
CA LEU E 224 34.89 -4.00 -8.05
C LEU E 224 33.97 -5.22 -8.05
N PHE E 225 34.56 -6.42 -7.99
CA PHE E 225 33.81 -7.66 -8.00
C PHE E 225 34.30 -8.54 -6.86
N HIS E 226 33.50 -9.57 -6.54
CA HIS E 226 33.85 -10.48 -5.46
C HIS E 226 35.13 -11.24 -5.79
N GLU E 227 35.33 -11.61 -7.06
CA GLU E 227 36.55 -12.31 -7.45
C GLU E 227 37.74 -11.37 -7.53
N THR E 228 37.49 -10.07 -7.75
CA THR E 228 38.61 -9.12 -7.83
C THR E 228 39.29 -8.95 -6.50
N LEU E 229 38.52 -8.97 -5.40
CA LEU E 229 39.11 -8.80 -4.07
C LEU E 229 40.02 -9.97 -3.67
N TYR E 230 39.83 -11.13 -4.28
CA TYR E 230 40.66 -12.31 -3.99
C TYR E 230 41.87 -12.39 -4.91
N GLN E 231 42.23 -11.31 -5.59
CA GLN E 231 43.37 -11.28 -6.49
C GLN E 231 44.33 -10.17 -6.08
N LYS E 232 45.61 -10.36 -6.37
CA LYS E 232 46.65 -9.40 -6.06
C LYS E 232 47.21 -8.78 -7.33
N ALA E 233 48.09 -7.80 -7.15
CA ALA E 233 48.72 -7.09 -8.25
C ALA E 233 50.09 -7.68 -8.53
N ASP E 234 50.74 -7.16 -9.58
CA ASP E 234 52.07 -7.62 -9.96
C ASP E 234 53.17 -7.07 -9.06
N ASP E 235 52.93 -5.94 -8.38
CA ASP E 235 53.93 -5.37 -7.51
C ASP E 235 54.07 -6.14 -6.21
N GLY E 236 52.96 -6.65 -5.65
CA GLY E 236 53.01 -7.40 -4.42
C GLY E 236 52.03 -6.90 -3.38
N ARG E 237 51.17 -5.96 -3.77
CA ARG E 237 50.18 -5.41 -2.88
C ARG E 237 48.77 -5.75 -3.34
N PRO E 238 47.86 -6.07 -2.42
CA PRO E 238 46.48 -6.39 -2.82
C PRO E 238 45.78 -5.18 -3.41
N PHE E 239 44.65 -5.44 -4.05
CA PHE E 239 43.89 -4.36 -4.69
C PHE E 239 43.27 -3.41 -3.67
N PRO E 240 42.60 -3.87 -2.60
CA PRO E 240 42.02 -2.91 -1.64
C PRO E 240 43.06 -2.07 -0.93
N GLN E 241 44.30 -2.54 -0.80
CA GLN E 241 45.34 -1.78 -0.12
C GLN E 241 45.95 -0.68 -0.97
N VAL E 242 45.53 -0.56 -2.23
CA VAL E 242 46.03 0.50 -3.12
C VAL E 242 45.00 1.61 -3.29
N ILE E 243 43.72 1.26 -3.36
CA ILE E 243 42.68 2.28 -3.54
C ILE E 243 42.56 3.15 -2.30
N LYS E 244 42.58 2.54 -1.11
CA LYS E 244 42.45 3.31 0.11
C LYS E 244 43.73 4.09 0.44
N SER E 245 44.86 3.71 -0.14
CA SER E 245 46.11 4.40 0.13
C SER E 245 46.23 5.72 -0.65
N LYS E 246 45.48 5.88 -1.74
CA LYS E 246 45.52 7.08 -2.54
C LYS E 246 44.32 7.99 -2.32
N GLY E 247 43.29 7.53 -1.62
CA GLY E 247 42.12 8.34 -1.37
C GLY E 247 40.87 7.83 -2.08
N GLY E 248 40.53 6.56 -1.85
CA GLY E 248 39.36 5.98 -2.48
C GLY E 248 38.76 4.90 -1.60
N VAL E 249 37.52 4.55 -1.93
CA VAL E 249 36.76 3.53 -1.21
C VAL E 249 36.56 2.33 -2.13
N VAL E 250 36.81 1.14 -1.60
CA VAL E 250 36.72 -0.10 -2.37
C VAL E 250 35.30 -0.63 -2.32
N GLY E 251 34.78 -1.05 -3.46
CA GLY E 251 33.47 -1.63 -3.56
C GLY E 251 33.50 -3.09 -3.99
N ILE E 252 32.31 -3.67 -4.07
CA ILE E 252 32.16 -5.07 -4.44
C ILE E 252 30.75 -5.28 -4.98
N LYS E 253 30.65 -6.06 -6.05
CA LYS E 253 29.35 -6.38 -6.64
C LYS E 253 28.70 -7.53 -5.87
N VAL E 254 27.56 -7.26 -5.25
CA VAL E 254 26.87 -8.25 -4.44
C VAL E 254 25.64 -8.83 -5.13
N ASP E 255 25.02 -8.10 -6.05
CA ASP E 255 23.83 -8.59 -6.74
C ASP E 255 24.22 -9.57 -7.84
N LYS E 256 23.38 -10.58 -8.05
CA LYS E 256 23.63 -11.58 -9.07
C LYS E 256 22.95 -11.21 -10.38
N GLY E 257 22.14 -12.12 -10.92
CA GLY E 257 21.44 -11.90 -12.16
C GLY E 257 20.01 -11.41 -11.93
N VAL E 258 19.17 -11.63 -12.94
CA VAL E 258 17.78 -11.22 -12.89
C VAL E 258 16.90 -12.46 -13.03
N VAL E 259 15.68 -12.36 -12.50
CA VAL E 259 14.71 -13.43 -12.54
C VAL E 259 13.44 -12.91 -13.17
N PRO E 260 12.98 -13.45 -14.30
CA PRO E 260 11.73 -12.98 -14.91
C PRO E 260 10.53 -13.30 -14.04
N LEU E 261 9.50 -12.47 -14.17
CA LEU E 261 8.27 -12.64 -13.41
C LEU E 261 7.32 -13.56 -14.17
N ALA E 262 6.06 -13.61 -13.74
CA ALA E 262 5.04 -14.45 -14.38
C ALA E 262 3.80 -13.61 -14.66
N GLY E 263 3.27 -13.76 -15.87
CA GLY E 263 2.09 -13.02 -16.25
C GLY E 263 2.32 -11.55 -16.52
N THR E 264 3.55 -11.15 -16.82
CA THR E 264 3.92 -9.77 -17.09
C THR E 264 4.23 -9.63 -18.58
N ASN E 265 5.13 -8.72 -18.92
CA ASN E 265 5.53 -8.47 -20.30
C ASN E 265 6.98 -8.00 -20.32
N GLY E 266 7.89 -8.83 -19.80
CA GLY E 266 9.29 -8.51 -19.74
C GLY E 266 9.78 -7.93 -18.43
N GLU E 267 8.94 -7.88 -17.41
CA GLU E 267 9.34 -7.33 -16.11
C GLU E 267 10.18 -8.35 -15.36
N THR E 268 11.33 -7.90 -14.86
CA THR E 268 12.26 -8.75 -14.12
C THR E 268 12.55 -8.11 -12.77
N THR E 269 13.29 -8.86 -11.94
CA THR E 269 13.66 -8.36 -10.61
C THR E 269 15.17 -8.47 -10.41
N THR E 270 15.63 -8.27 -9.18
CA THR E 270 17.03 -8.34 -8.83
C THR E 270 17.25 -9.46 -7.83
N GLN E 271 18.21 -10.34 -8.13
CA GLN E 271 18.53 -11.46 -7.27
C GLN E 271 19.72 -11.11 -6.37
N GLY E 272 19.59 -11.39 -5.09
CA GLY E 272 20.65 -11.11 -4.14
C GLY E 272 20.15 -10.81 -2.75
N LEU E 273 19.10 -11.51 -2.32
CA LEU E 273 18.51 -11.33 -1.01
C LEU E 273 18.93 -12.40 0.00
N ASP E 274 19.06 -13.65 -0.44
CA ASP E 274 19.45 -14.73 0.45
C ASP E 274 20.95 -14.69 0.71
N GLY E 275 21.33 -15.07 1.93
CA GLY E 275 22.72 -15.09 2.30
C GLY E 275 23.35 -13.73 2.49
N LEU E 276 22.54 -12.68 2.66
CA LEU E 276 23.09 -11.34 2.82
C LEU E 276 23.70 -11.16 4.21
N SER E 277 23.12 -11.80 5.23
CA SER E 277 23.64 -11.65 6.59
C SER E 277 24.98 -12.36 6.77
N GLU E 278 25.30 -13.33 5.91
CA GLU E 278 26.57 -14.05 6.00
C GLU E 278 27.68 -13.44 5.17
N ARG E 279 27.36 -12.51 4.27
CA ARG E 279 28.36 -11.88 3.43
C ARG E 279 28.79 -10.50 3.92
N CYS E 280 27.94 -9.82 4.69
CA CYS E 280 28.30 -8.49 5.19
C CYS E 280 29.32 -8.57 6.32
N ALA E 281 29.37 -9.70 7.03
CA ALA E 281 30.33 -9.88 8.11
C ALA E 281 31.73 -10.20 7.62
N GLN E 282 31.90 -10.48 6.33
CA GLN E 282 33.20 -10.80 5.74
C GLN E 282 33.74 -9.71 4.84
N TYR E 283 32.87 -9.05 4.06
CA TYR E 283 33.33 -8.01 3.16
C TYR E 283 33.76 -6.75 3.90
N LYS E 284 33.30 -6.55 5.13
CA LYS E 284 33.69 -5.37 5.89
C LYS E 284 35.14 -5.45 6.34
N LYS E 285 35.60 -6.65 6.73
CA LYS E 285 36.97 -6.81 7.17
C LYS E 285 37.97 -6.72 6.02
N ASP E 286 37.52 -6.94 4.77
CA ASP E 286 38.42 -6.87 3.63
C ASP E 286 38.71 -5.42 3.25
N GLY E 287 37.70 -4.56 3.28
CA GLY E 287 37.88 -3.17 2.93
C GLY E 287 36.78 -2.63 2.06
N ALA E 288 35.65 -3.32 2.01
CA ALA E 288 34.50 -2.93 1.21
C ALA E 288 33.50 -2.20 2.10
N ASP E 289 33.22 -0.93 1.76
CA ASP E 289 32.29 -0.13 2.53
C ASP E 289 30.97 0.10 1.82
N PHE E 290 30.87 -0.22 0.53
CA PHE E 290 29.64 -0.04 -0.23
C PHE E 290 29.52 -1.17 -1.24
N ALA E 291 28.48 -1.11 -2.06
CA ALA E 291 28.24 -2.11 -3.09
C ALA E 291 27.53 -1.44 -4.26
N LYS E 292 26.81 -2.23 -5.06
CA LYS E 292 26.10 -1.72 -6.22
C LYS E 292 24.89 -2.62 -6.47
N TRP E 293 23.70 -2.12 -6.15
CA TRP E 293 22.46 -2.89 -6.33
C TRP E 293 21.77 -2.37 -7.58
N ARG E 294 22.03 -3.03 -8.70
CA ARG E 294 21.48 -2.63 -10.00
C ARG E 294 20.23 -3.44 -10.31
N CYS E 295 19.20 -2.74 -10.80
CA CYS E 295 17.95 -3.35 -11.20
C CYS E 295 17.72 -3.12 -12.69
N VAL E 296 16.63 -3.71 -13.21
CA VAL E 296 16.28 -3.62 -14.61
C VAL E 296 14.87 -3.04 -14.71
N LEU E 297 14.75 -1.86 -15.30
CA LEU E 297 13.46 -1.21 -15.50
C LEU E 297 13.36 -0.69 -16.92
N LYS E 298 12.22 -0.90 -17.55
CA LYS E 298 11.97 -0.47 -18.91
C LYS E 298 10.62 0.23 -19.00
N ILE E 299 10.44 0.98 -20.08
CA ILE E 299 9.21 1.71 -20.34
C ILE E 299 8.63 1.23 -21.66
N GLY E 300 7.44 0.65 -21.61
CA GLY E 300 6.76 0.13 -22.79
C GLY E 300 5.34 0.65 -22.87
N GLU E 301 4.42 -0.24 -23.25
CA GLU E 301 3.02 0.14 -23.37
C GLU E 301 2.38 0.28 -21.99
N HIS E 302 2.45 -0.76 -21.18
CA HIS E 302 1.88 -0.75 -19.84
C HIS E 302 2.91 -1.06 -18.75
N THR E 303 4.18 -1.25 -19.11
CA THR E 303 5.21 -1.56 -18.13
C THR E 303 6.05 -0.33 -17.86
N PRO E 304 6.31 0.03 -16.59
CA PRO E 304 5.81 -0.69 -15.41
C PRO E 304 4.39 -0.30 -15.03
N SER E 305 3.69 -1.20 -14.35
CA SER E 305 2.32 -0.93 -13.93
C SER E 305 2.20 -0.97 -12.41
N ALA E 306 1.16 -1.61 -11.90
CA ALA E 306 0.92 -1.73 -10.46
C ALA E 306 1.51 -3.01 -9.88
N LEU E 307 2.55 -3.57 -10.50
CA LEU E 307 3.17 -4.79 -10.02
C LEU E 307 4.68 -4.62 -9.91
N ALA E 308 5.30 -4.03 -10.93
CA ALA E 308 6.74 -3.84 -10.90
C ALA E 308 7.15 -2.77 -9.91
N ILE E 309 6.26 -1.81 -9.63
CA ILE E 309 6.58 -0.75 -8.68
C ILE E 309 6.47 -1.27 -7.24
N MET E 310 5.43 -2.05 -6.96
CA MET E 310 5.25 -2.57 -5.61
C MET E 310 6.29 -3.64 -5.28
N GLU E 311 6.71 -4.43 -6.26
CA GLU E 311 7.71 -5.46 -6.01
C GLU E 311 9.07 -4.85 -5.70
N ASN E 312 9.48 -3.86 -6.50
CA ASN E 312 10.78 -3.22 -6.29
C ASN E 312 10.79 -2.26 -5.12
N ALA E 313 9.61 -1.92 -4.57
CA ALA E 313 9.57 -1.01 -3.42
C ALA E 313 10.06 -1.68 -2.14
N ASN E 314 9.93 -3.00 -2.05
CA ASN E 314 10.35 -3.75 -0.88
C ASN E 314 11.74 -4.33 -1.00
N VAL E 315 12.19 -4.65 -2.22
CA VAL E 315 13.52 -5.22 -2.40
C VAL E 315 14.59 -4.18 -2.12
N LEU E 316 14.36 -2.93 -2.55
CA LEU E 316 15.32 -1.87 -2.31
C LEU E 316 15.42 -1.49 -0.84
N ALA E 317 14.37 -1.77 -0.05
CA ALA E 317 14.40 -1.45 1.38
C ALA E 317 14.88 -2.61 2.23
N ARG E 318 14.71 -3.85 1.76
CA ARG E 318 15.17 -5.00 2.53
C ARG E 318 16.69 -5.12 2.51
N TYR E 319 17.32 -4.68 1.42
CA TYR E 319 18.78 -4.76 1.34
C TYR E 319 19.47 -3.80 2.31
N ALA E 320 18.85 -2.66 2.59
CA ALA E 320 19.43 -1.67 3.49
C ALA E 320 19.17 -1.97 4.95
N SER E 321 18.55 -3.10 5.28
CA SER E 321 18.26 -3.47 6.66
C SER E 321 19.29 -4.42 7.24
N ILE E 322 20.27 -4.87 6.46
CA ILE E 322 21.30 -5.78 6.92
C ILE E 322 22.69 -5.17 6.79
N CYS E 323 22.96 -4.44 5.71
CA CYS E 323 24.28 -3.86 5.50
C CYS E 323 24.57 -2.76 6.52
N GLN E 324 23.53 -2.09 7.03
CA GLN E 324 23.74 -1.04 8.00
C GLN E 324 24.10 -1.58 9.38
N GLN E 325 23.87 -2.86 9.64
CA GLN E 325 24.19 -3.48 10.91
C GLN E 325 25.58 -4.09 10.93
N ASN E 326 26.40 -3.84 9.92
CA ASN E 326 27.74 -4.39 9.86
C ASN E 326 28.77 -3.30 9.56
N GLY E 327 28.61 -2.62 8.43
CA GLY E 327 29.51 -1.54 8.06
C GLY E 327 29.55 -1.29 6.57
N ILE E 328 28.53 -1.76 5.85
CA ILE E 328 28.42 -1.57 4.41
C ILE E 328 27.37 -0.53 4.13
N VAL E 329 27.71 0.46 3.31
CA VAL E 329 26.80 1.55 2.95
C VAL E 329 25.97 1.08 1.76
N PRO E 330 24.66 0.90 1.91
CA PRO E 330 23.84 0.48 0.77
C PRO E 330 23.64 1.62 -0.23
N ILE E 331 23.64 1.27 -1.51
CA ILE E 331 23.47 2.23 -2.59
C ILE E 331 22.32 1.74 -3.46
N VAL E 332 21.25 2.52 -3.53
CA VAL E 332 20.09 2.18 -4.35
C VAL E 332 20.29 2.76 -5.74
N GLU E 333 20.15 1.91 -6.76
CA GLU E 333 20.35 2.29 -8.15
C GLU E 333 19.10 1.94 -8.94
N PRO E 334 18.09 2.82 -8.96
CA PRO E 334 16.88 2.58 -9.76
C PRO E 334 17.09 2.91 -11.23
N GLU E 335 17.88 2.05 -11.90
CA GLU E 335 18.18 2.27 -13.30
C GLU E 335 16.98 1.95 -14.17
N ILE E 336 16.64 2.87 -15.07
CA ILE E 336 15.52 2.70 -15.99
C ILE E 336 16.08 2.74 -17.40
N LEU E 337 15.95 1.62 -18.11
CA LEU E 337 16.46 1.53 -19.48
C LEU E 337 15.56 2.29 -20.43
N PRO E 338 16.05 3.31 -21.12
CA PRO E 338 15.19 4.05 -22.05
C PRO E 338 14.88 3.27 -23.32
N ASP E 339 14.00 2.27 -23.20
CA ASP E 339 13.60 1.43 -24.33
C ASP E 339 12.31 1.95 -24.95
N GLY E 340 12.07 1.53 -26.19
CA GLY E 340 10.87 1.96 -26.88
C GLY E 340 11.01 3.39 -27.39
N ASP E 341 9.90 4.13 -27.35
CA ASP E 341 9.87 5.52 -27.80
C ASP E 341 9.02 6.32 -26.84
N HIS E 342 9.57 7.43 -26.34
CA HIS E 342 8.86 8.30 -25.42
C HIS E 342 9.54 9.66 -25.40
N ASP E 343 8.77 10.68 -25.06
CA ASP E 343 9.26 12.05 -24.99
C ASP E 343 9.58 12.41 -23.55
N LEU E 344 9.77 13.71 -23.29
CA LEU E 344 10.07 14.14 -21.93
C LEU E 344 8.85 14.15 -21.03
N LYS E 345 7.65 14.30 -21.62
CA LYS E 345 6.42 14.30 -20.83
C LYS E 345 6.04 12.92 -20.35
N ARG E 346 6.56 11.86 -20.99
CA ARG E 346 6.26 10.50 -20.61
C ARG E 346 7.37 9.84 -19.80
N CYS E 347 8.63 10.15 -20.11
CA CYS E 347 9.74 9.58 -19.34
C CYS E 347 9.79 10.14 -17.93
N GLN E 348 9.45 11.42 -17.77
CA GLN E 348 9.43 12.01 -16.44
C GLN E 348 8.26 11.49 -15.60
N TYR E 349 7.16 11.13 -16.27
CA TYR E 349 6.00 10.61 -15.54
C TYR E 349 6.30 9.26 -14.91
N VAL E 350 7.05 8.41 -15.61
CA VAL E 350 7.38 7.10 -15.06
C VAL E 350 8.43 7.22 -13.96
N THR E 351 9.32 8.20 -14.05
CA THR E 351 10.36 8.37 -13.04
C THR E 351 9.76 8.78 -11.70
N GLU E 352 8.73 9.64 -11.72
CA GLU E 352 8.11 10.09 -10.49
C GLU E 352 7.32 8.99 -9.80
N LYS E 353 6.92 7.94 -10.52
CA LYS E 353 6.18 6.84 -9.94
C LYS E 353 7.06 5.81 -9.27
N VAL E 354 8.27 5.58 -9.80
CA VAL E 354 9.16 4.59 -9.22
C VAL E 354 9.88 5.16 -7.99
N LEU E 355 10.36 6.39 -8.08
CA LEU E 355 11.08 7.00 -6.96
C LEU E 355 10.18 7.31 -5.78
N ALA E 356 8.87 7.42 -6.00
CA ALA E 356 7.96 7.71 -4.90
C ALA E 356 7.77 6.52 -3.97
N ALA E 357 8.01 5.30 -4.46
CA ALA E 357 7.86 4.10 -3.65
C ALA E 357 9.18 3.63 -3.05
N VAL E 358 10.30 4.29 -3.35
CA VAL E 358 11.58 3.89 -2.80
C VAL E 358 11.71 4.33 -1.35
N TYR E 359 11.61 5.63 -1.10
CA TYR E 359 11.73 6.15 0.25
C TYR E 359 10.50 5.89 1.10
N LYS E 360 9.41 5.39 0.52
CA LYS E 360 8.22 5.09 1.30
C LYS E 360 8.45 3.89 2.22
N ALA E 361 9.12 2.85 1.70
CA ALA E 361 9.39 1.67 2.51
C ALA E 361 10.63 1.85 3.39
N LEU E 362 11.48 2.84 3.11
CA LEU E 362 12.66 3.06 3.93
C LEU E 362 12.29 3.59 5.31
N SER E 363 11.17 4.32 5.41
CA SER E 363 10.73 4.85 6.70
C SER E 363 10.11 3.79 7.59
N ASP E 364 9.85 2.59 7.07
CA ASP E 364 9.25 1.51 7.84
C ASP E 364 10.27 0.50 8.33
N HIS E 365 11.28 0.17 7.52
CA HIS E 365 12.31 -0.79 7.88
C HIS E 365 13.44 -0.18 8.70
N HIS E 366 13.27 1.04 9.21
CA HIS E 366 14.27 1.74 10.00
C HIS E 366 15.57 1.88 9.22
N ILE E 367 15.52 2.72 8.20
CA ILE E 367 16.65 2.97 7.30
C ILE E 367 17.16 4.38 7.56
N TYR E 368 18.46 4.48 7.83
CA TYR E 368 19.11 5.77 8.08
C TYR E 368 19.32 6.47 6.74
N LEU E 369 18.51 7.50 6.48
CA LEU E 369 18.56 8.17 5.18
C LEU E 369 19.81 9.04 5.03
N GLU E 370 20.36 9.52 6.14
CA GLU E 370 21.55 10.37 6.09
C GLU E 370 22.84 9.57 5.94
N GLY E 371 22.76 8.28 5.64
CA GLY E 371 23.94 7.46 5.49
C GLY E 371 23.86 6.51 4.31
N THR E 372 22.96 6.81 3.37
CA THR E 372 22.78 6.01 2.17
C THR E 372 23.00 6.86 0.93
N LEU E 373 23.14 6.19 -0.22
CA LEU E 373 23.35 6.85 -1.49
C LEU E 373 22.33 6.36 -2.50
N LEU E 374 21.99 7.24 -3.45
CA LEU E 374 21.03 6.95 -4.49
C LEU E 374 21.68 7.19 -5.85
N LYS E 375 21.39 6.31 -6.81
CA LYS E 375 21.92 6.40 -8.16
C LYS E 375 20.76 6.31 -9.15
N PRO E 376 20.01 7.39 -9.32
CA PRO E 376 18.89 7.37 -10.27
C PRO E 376 19.36 7.64 -11.69
N ASN E 377 18.57 7.16 -12.64
CA ASN E 377 18.87 7.36 -14.05
C ASN E 377 18.37 8.72 -14.52
N MET E 378 19.01 9.22 -15.58
CA MET E 378 18.64 10.50 -16.14
C MET E 378 17.30 10.41 -16.86
N VAL E 379 16.69 11.58 -17.08
CA VAL E 379 15.41 11.67 -17.79
C VAL E 379 15.76 11.95 -19.25
N THR E 380 16.00 10.88 -20.00
CA THR E 380 16.35 10.98 -21.41
C THR E 380 15.30 10.28 -22.27
N PRO E 381 14.99 10.81 -23.44
CA PRO E 381 14.01 10.17 -24.31
C PRO E 381 14.56 8.89 -24.92
N GLY E 382 13.65 8.12 -25.53
CA GLY E 382 14.04 6.87 -26.14
C GLY E 382 14.86 7.06 -27.40
N HIS E 383 15.50 5.97 -27.82
CA HIS E 383 16.32 6.02 -29.03
C HIS E 383 15.49 6.06 -30.30
N ALA E 384 14.24 5.62 -30.24
CA ALA E 384 13.35 5.62 -31.40
C ALA E 384 12.54 6.91 -31.52
N CYS E 385 12.81 7.89 -30.68
CA CYS E 385 12.07 9.15 -30.73
C CYS E 385 12.57 10.01 -31.88
N THR E 386 11.64 10.66 -32.57
CA THR E 386 11.98 11.52 -33.70
C THR E 386 12.16 12.98 -33.31
N GLN E 387 11.60 13.40 -32.17
CA GLN E 387 11.71 14.78 -31.72
C GLN E 387 12.99 14.94 -30.90
N LYS E 388 13.87 15.82 -31.36
CA LYS E 388 15.13 16.07 -30.68
C LYS E 388 14.97 17.17 -29.63
N TYR E 389 15.88 17.17 -28.66
CA TYR E 389 15.86 18.14 -27.58
C TYR E 389 17.27 18.66 -27.35
N SER E 390 17.35 19.87 -26.80
CA SER E 390 18.63 20.49 -26.51
C SER E 390 19.16 20.02 -25.16
N HIS E 391 20.34 20.54 -24.79
CA HIS E 391 20.96 20.17 -23.52
C HIS E 391 20.33 20.89 -22.33
N GLU E 392 19.58 21.97 -22.57
CA GLU E 392 18.95 22.71 -21.48
C GLU E 392 17.58 22.17 -21.11
N GLU E 393 16.85 21.60 -22.08
CA GLU E 393 15.53 21.07 -21.79
C GLU E 393 15.60 19.73 -21.07
N ILE E 394 16.69 18.97 -21.26
CA ILE E 394 16.82 17.68 -20.59
C ILE E 394 17.18 17.88 -19.13
N ALA E 395 18.10 18.80 -18.83
CA ALA E 395 18.49 19.05 -17.45
C ALA E 395 17.41 19.77 -16.66
N MET E 396 16.45 20.40 -17.33
CA MET E 396 15.38 21.10 -16.62
C MET E 396 14.41 20.12 -15.99
N ALA E 397 13.99 19.10 -16.74
CA ALA E 397 13.06 18.10 -16.21
C ALA E 397 13.74 17.07 -15.33
N THR E 398 15.07 16.98 -15.36
CA THR E 398 15.78 16.01 -14.52
C THR E 398 15.83 16.48 -13.07
N VAL E 399 16.17 17.75 -12.84
CA VAL E 399 16.24 18.26 -11.47
C VAL E 399 14.85 18.36 -10.86
N THR E 400 13.85 18.71 -11.66
CA THR E 400 12.49 18.83 -11.13
C THR E 400 11.93 17.48 -10.70
N ALA E 401 12.26 16.42 -11.44
CA ALA E 401 11.76 15.09 -11.10
C ALA E 401 12.42 14.53 -9.84
N LEU E 402 13.58 15.06 -9.45
CA LEU E 402 14.27 14.57 -8.26
C LEU E 402 13.87 15.32 -7.00
N ARG E 403 13.54 16.61 -7.11
CA ARG E 403 13.17 17.39 -5.94
C ARG E 403 11.80 17.04 -5.40
N ARG E 404 11.02 16.22 -6.12
CA ARG E 404 9.69 15.84 -5.68
C ARG E 404 9.66 14.55 -4.87
N THR E 405 10.67 13.69 -5.03
CA THR E 405 10.71 12.42 -4.33
C THR E 405 11.94 12.25 -3.45
N VAL E 406 13.12 12.66 -3.93
CA VAL E 406 14.36 12.51 -3.18
C VAL E 406 14.38 13.53 -2.04
N PRO E 407 14.45 13.09 -0.79
CA PRO E 407 14.50 14.03 0.34
C PRO E 407 15.88 14.68 0.42
N PRO E 408 15.97 15.86 1.06
CA PRO E 408 17.27 16.52 1.20
C PRO E 408 18.22 15.85 2.16
N ALA E 409 17.80 14.79 2.85
CA ALA E 409 18.67 14.09 3.80
C ALA E 409 19.72 13.24 3.11
N VAL E 410 19.63 13.06 1.78
CA VAL E 410 20.62 12.26 1.07
C VAL E 410 21.93 13.02 0.99
N THR E 411 23.04 12.31 1.24
CA THR E 411 24.36 12.94 1.21
C THR E 411 24.73 13.37 -0.20
N GLY E 412 24.52 12.48 -1.18
CA GLY E 412 24.85 12.80 -2.55
C GLY E 412 24.03 11.97 -3.51
N VAL E 413 23.73 12.56 -4.67
CA VAL E 413 22.95 11.91 -5.72
C VAL E 413 23.81 11.83 -6.97
N THR E 414 23.96 10.62 -7.50
CA THR E 414 24.75 10.36 -8.70
C THR E 414 23.82 10.15 -9.89
N PHE E 415 24.42 9.81 -11.03
CA PHE E 415 23.69 9.57 -12.26
C PHE E 415 24.36 8.43 -13.03
N LEU E 416 23.82 8.10 -14.19
CA LEU E 416 24.34 7.07 -15.07
C LEU E 416 24.62 7.66 -16.44
N SER E 417 25.11 6.79 -17.34
CA SER E 417 25.42 7.21 -18.70
C SER E 417 24.23 7.05 -19.65
N GLY E 418 23.32 6.13 -19.35
CA GLY E 418 22.16 5.91 -20.19
C GLY E 418 22.43 5.18 -21.49
N GLY E 419 23.61 4.59 -21.66
CA GLY E 419 23.92 3.88 -22.89
C GLY E 419 24.14 4.77 -24.08
N GLN E 420 24.44 6.05 -23.88
CA GLN E 420 24.66 6.98 -24.98
C GLN E 420 26.13 7.01 -25.37
N SER E 421 26.60 8.13 -25.90
CA SER E 421 27.98 8.27 -26.31
C SER E 421 28.86 8.66 -25.12
N GLU E 422 30.17 8.61 -25.34
CA GLU E 422 31.11 8.96 -24.28
C GLU E 422 31.17 10.47 -24.06
N GLU E 423 31.23 11.25 -25.14
CA GLU E 423 31.28 12.70 -25.01
C GLU E 423 29.91 13.29 -24.68
N GLU E 424 28.83 12.68 -25.18
CA GLU E 424 27.50 13.20 -24.90
C GLU E 424 27.14 13.09 -23.43
N ALA E 425 27.62 12.05 -22.75
CA ALA E 425 27.33 11.87 -21.33
C ALA E 425 27.99 12.93 -20.46
N SER E 426 29.09 13.52 -20.92
CA SER E 426 29.78 14.55 -20.16
C SER E 426 29.21 15.95 -20.39
N ILE E 427 28.59 16.19 -21.54
CA ILE E 427 28.03 17.50 -21.83
C ILE E 427 26.71 17.69 -21.08
N ASN E 428 25.86 16.65 -21.06
CA ASN E 428 24.58 16.75 -20.37
C ASN E 428 24.74 16.81 -18.86
N LEU E 429 25.87 16.33 -18.32
CA LEU E 429 26.08 16.37 -16.88
C LEU E 429 26.37 17.79 -16.39
N ASN E 430 27.05 18.60 -17.21
CA ASN E 430 27.37 19.97 -16.80
C ASN E 430 26.12 20.84 -16.78
N ALA E 431 25.16 20.58 -17.66
CA ALA E 431 23.94 21.37 -17.70
C ALA E 431 23.05 21.14 -16.48
N ILE E 432 23.22 20.02 -15.79
CA ILE E 432 22.41 19.74 -14.61
C ILE E 432 22.85 20.61 -13.43
N ASN E 433 24.17 20.75 -13.24
CA ASN E 433 24.68 21.54 -12.13
C ASN E 433 24.50 23.03 -12.36
N LYS E 434 24.39 23.48 -13.61
CA LYS E 434 24.21 24.89 -13.93
C LYS E 434 22.74 25.29 -13.96
N CYS E 435 21.85 24.45 -13.48
CA CYS E 435 20.43 24.79 -13.46
C CYS E 435 20.14 25.79 -12.34
N PRO E 436 19.41 26.87 -12.61
CA PRO E 436 19.14 27.86 -11.57
C PRO E 436 18.14 27.38 -10.52
N LEU E 437 18.50 26.34 -9.77
CA LEU E 437 17.66 25.80 -8.73
C LEU E 437 18.51 25.48 -7.51
N LEU E 438 17.94 25.69 -6.32
CA LEU E 438 18.65 25.44 -5.07
C LEU E 438 18.67 23.93 -4.83
N LYS E 439 19.86 23.33 -4.91
CA LYS E 439 20.01 21.91 -4.71
C LYS E 439 20.57 21.65 -3.32
N PRO E 440 19.81 21.03 -2.42
CA PRO E 440 20.36 20.78 -1.07
C PRO E 440 21.43 19.71 -1.05
N TRP E 441 21.32 18.68 -1.89
CA TRP E 441 22.30 17.62 -1.94
C TRP E 441 23.40 17.95 -2.95
N ALA E 442 24.38 17.06 -3.07
CA ALA E 442 25.49 17.24 -3.98
C ALA E 442 25.34 16.31 -5.19
N LEU E 443 25.93 16.71 -6.31
CA LEU E 443 25.89 15.95 -7.55
C LEU E 443 27.30 15.68 -8.03
N THR E 444 27.51 14.49 -8.57
CA THR E 444 28.81 14.08 -9.10
C THR E 444 28.57 13.09 -10.25
N PHE E 445 29.65 12.47 -10.71
CA PHE E 445 29.61 11.53 -11.81
C PHE E 445 29.81 10.11 -11.30
N SER E 446 29.16 9.16 -11.97
CA SER E 446 29.26 7.75 -11.61
C SER E 446 28.98 6.87 -12.82
N TYR E 447 29.64 7.14 -13.93
CA TYR E 447 29.42 6.38 -15.15
C TYR E 447 30.09 5.00 -15.06
N GLY E 448 29.59 4.08 -15.87
CA GLY E 448 30.13 2.72 -15.89
C GLY E 448 30.57 2.29 -17.27
N ARG E 449 30.62 3.23 -18.21
CA ARG E 449 31.03 2.92 -19.58
C ARG E 449 31.80 4.08 -20.18
N ALA E 450 31.36 5.31 -19.91
CA ALA E 450 32.03 6.48 -20.45
C ALA E 450 33.38 6.74 -19.78
N LEU E 451 33.57 6.27 -18.55
CA LEU E 451 34.82 6.47 -17.85
C LEU E 451 35.91 5.49 -18.28
N GLN E 452 35.58 4.48 -19.09
CA GLN E 452 36.56 3.51 -19.53
C GLN E 452 36.41 3.17 -21.02
N ALA E 453 35.71 4.00 -21.79
CA ALA E 453 35.53 3.73 -23.21
C ALA E 453 36.80 4.04 -24.00
N SER E 454 37.49 5.13 -23.66
CA SER E 454 38.72 5.49 -24.36
C SER E 454 39.90 4.60 -23.95
N ALA E 455 39.83 3.95 -22.79
CA ALA E 455 40.90 3.09 -22.32
C ALA E 455 40.76 1.65 -22.81
N LEU E 456 39.80 1.38 -23.69
CA LEU E 456 39.59 0.04 -24.24
C LEU E 456 39.92 -0.06 -25.72
N LYS E 457 39.55 0.93 -26.53
CA LYS E 457 39.84 0.87 -27.96
C LYS E 457 41.33 1.07 -28.22
N ALA E 458 41.95 2.01 -27.51
CA ALA E 458 43.38 2.28 -27.68
C ALA E 458 44.26 1.30 -26.91
N TRP E 459 43.68 0.38 -26.14
CA TRP E 459 44.48 -0.59 -25.40
C TRP E 459 44.84 -1.81 -26.23
N GLY E 460 43.94 -2.25 -27.10
CA GLY E 460 44.22 -3.39 -27.95
C GLY E 460 44.22 -4.71 -27.20
N GLY E 461 45.41 -5.21 -26.86
CA GLY E 461 45.53 -6.45 -26.13
C GLY E 461 46.96 -6.94 -26.01
N LYS E 462 47.90 -6.00 -25.96
CA LYS E 462 49.32 -6.31 -25.85
C LYS E 462 49.84 -5.82 -24.49
N LYS E 463 51.14 -5.56 -24.42
CA LYS E 463 51.78 -5.09 -23.20
C LYS E 463 52.52 -3.77 -23.35
N GLU E 464 52.90 -3.38 -24.56
CA GLU E 464 53.61 -2.12 -24.78
C GLU E 464 52.69 -0.91 -24.82
N ASN E 465 51.37 -1.12 -24.89
CA ASN E 465 50.40 -0.02 -24.93
C ASN E 465 49.87 0.33 -23.55
N LEU E 466 50.71 0.26 -22.51
CA LEU E 466 50.25 0.59 -21.17
C LEU E 466 50.28 2.09 -20.93
N LYS E 467 51.28 2.78 -21.49
CA LYS E 467 51.36 4.22 -21.31
C LYS E 467 50.39 4.97 -22.21
N ALA E 468 49.94 4.34 -23.29
CA ALA E 468 49.01 4.99 -24.21
C ALA E 468 47.56 4.82 -23.75
N ALA E 469 47.27 3.79 -22.97
CA ALA E 469 45.90 3.57 -22.50
C ALA E 469 45.60 4.39 -21.25
N GLN E 470 46.62 4.62 -20.41
CA GLN E 470 46.42 5.41 -19.20
C GLN E 470 46.39 6.91 -19.48
N GLU E 471 46.81 7.33 -20.67
CA GLU E 471 46.80 8.76 -20.99
C GLU E 471 45.38 9.25 -21.25
N GLU E 472 44.55 8.43 -21.90
CA GLU E 472 43.17 8.83 -22.18
C GLU E 472 42.30 8.84 -20.94
N TYR E 473 42.69 8.10 -19.89
CA TYR E 473 41.91 8.08 -18.67
C TYR E 473 42.08 9.35 -17.87
N VAL E 474 43.20 10.06 -18.03
CA VAL E 474 43.43 11.30 -17.30
C VAL E 474 42.53 12.40 -17.85
N LYS E 475 42.34 12.44 -19.17
CA LYS E 475 41.50 13.47 -19.77
C LYS E 475 40.03 13.26 -19.41
N ARG E 476 39.61 12.01 -19.22
CA ARG E 476 38.23 11.74 -18.85
C ARG E 476 37.98 11.95 -17.37
N ALA E 477 39.01 11.81 -16.54
CA ALA E 477 38.84 12.02 -15.10
C ALA E 477 38.76 13.50 -14.77
N LEU E 478 39.48 14.34 -15.51
CA LEU E 478 39.45 15.77 -15.26
C LEU E 478 38.24 16.43 -15.90
N ALA E 479 37.66 15.81 -16.93
CA ALA E 479 36.49 16.39 -17.59
C ALA E 479 35.24 16.22 -16.74
N ASN E 480 35.04 15.03 -16.16
CA ASN E 480 33.88 14.78 -15.33
C ASN E 480 33.99 15.45 -13.96
N SER E 481 35.22 15.75 -13.51
CA SER E 481 35.41 16.39 -12.22
C SER E 481 35.03 17.87 -12.24
N LEU E 482 34.95 18.49 -13.41
CA LEU E 482 34.59 19.89 -13.53
C LEU E 482 33.11 20.10 -13.86
N ALA E 483 32.44 19.09 -14.41
CA ALA E 483 31.03 19.24 -14.76
C ALA E 483 30.12 19.16 -13.53
N CYS E 484 30.60 18.57 -12.44
CA CYS E 484 29.80 18.46 -11.23
C CYS E 484 29.84 19.72 -10.38
N GLN E 485 30.66 20.70 -10.73
CA GLN E 485 30.76 21.96 -9.98
C GLN E 485 30.14 23.14 -10.71
N GLY E 486 30.21 23.18 -12.03
CA GLY E 486 29.65 24.29 -12.79
C GLY E 486 30.68 25.08 -13.55
N LYS E 487 31.91 24.57 -13.62
CA LYS E 487 33.01 25.21 -14.32
C LYS E 487 33.57 24.24 -15.36
N TYR E 488 32.76 23.94 -16.37
CA TYR E 488 33.14 23.02 -17.44
C TYR E 488 32.76 23.66 -18.77
N THR E 489 33.76 23.98 -19.58
CA THR E 489 33.55 24.59 -20.90
C THR E 489 34.06 23.64 -21.97
N PRO E 490 33.20 23.09 -22.83
CA PRO E 490 33.68 22.19 -23.88
C PRO E 490 34.48 22.91 -24.96
N SER E 491 35.81 22.79 -24.88
CA SER E 491 36.68 23.45 -25.86
C SER E 491 36.73 22.65 -27.16
N GLY E 492 37.75 21.82 -27.31
CA GLY E 492 37.92 21.01 -28.51
C GLY E 492 37.26 19.66 -28.47
N GLN E 493 36.36 19.41 -27.52
CA GLN E 493 35.66 18.14 -27.42
C GLN E 493 34.17 18.30 -27.64
N SER F 1 24.83 -9.60 46.75
CA SER F 1 25.51 -10.25 47.85
C SER F 1 26.17 -9.24 48.79
N LYS F 2 26.48 -9.67 50.01
CA LYS F 2 27.11 -8.78 50.98
C LYS F 2 28.60 -8.57 50.69
N GLY F 3 29.24 -9.55 50.04
CA GLY F 3 30.66 -9.44 49.74
C GLY F 3 30.99 -8.64 48.50
N GLU F 4 29.99 -8.32 47.67
CA GLU F 4 30.22 -7.56 46.45
C GLU F 4 30.44 -6.08 46.71
N GLU F 5 30.06 -5.59 47.90
CA GLU F 5 30.23 -4.18 48.23
C GLU F 5 31.64 -3.84 48.68
N LEU F 6 32.48 -4.84 48.97
CA LEU F 6 33.84 -4.59 49.40
C LEU F 6 34.80 -4.36 48.25
N PHE F 7 34.38 -4.61 47.00
CA PHE F 7 35.21 -4.42 45.82
C PHE F 7 34.97 -3.08 45.15
N THR F 8 34.41 -2.11 45.88
CA THR F 8 34.13 -0.78 45.32
C THR F 8 35.39 0.08 45.48
N GLY F 9 36.05 0.36 44.36
CA GLY F 9 37.25 1.17 44.36
C GLY F 9 38.45 0.38 43.84
N VAL F 10 39.62 0.74 44.36
CA VAL F 10 40.87 0.10 43.98
C VAL F 10 41.37 -0.72 45.16
N VAL F 11 41.54 -2.02 44.95
CA VAL F 11 42.00 -2.95 45.97
C VAL F 11 43.34 -3.52 45.51
N PRO F 12 44.40 -3.40 46.31
CA PRO F 12 45.69 -3.95 45.90
C PRO F 12 45.69 -5.47 45.94
N ILE F 13 46.42 -6.06 44.99
CA ILE F 13 46.52 -7.51 44.86
C ILE F 13 47.98 -7.90 45.04
N LEU F 14 48.22 -8.88 45.91
CA LEU F 14 49.56 -9.39 46.19
C LEU F 14 49.57 -10.89 45.88
N VAL F 15 50.13 -11.24 44.72
CA VAL F 15 50.21 -12.63 44.27
C VAL F 15 51.59 -13.17 44.61
N GLU F 16 51.62 -14.31 45.30
CA GLU F 16 52.87 -14.97 45.70
C GLU F 16 52.86 -16.39 45.15
N LEU F 17 53.77 -16.68 44.23
CA LEU F 17 53.90 -18.00 43.62
C LEU F 17 55.23 -18.63 44.04
N ASP F 18 55.18 -19.92 44.37
CA ASP F 18 56.38 -20.66 44.79
C ASP F 18 56.24 -22.08 44.25
N GLY F 19 56.61 -22.25 42.98
CA GLY F 19 56.54 -23.55 42.35
C GLY F 19 57.85 -24.31 42.40
N ASP F 20 57.77 -25.60 42.06
CA ASP F 20 58.96 -26.46 42.08
C ASP F 20 58.72 -27.61 41.10
N VAL F 21 59.40 -27.57 39.97
CA VAL F 21 59.30 -28.61 38.95
C VAL F 21 60.71 -29.10 38.60
N ASN F 22 60.85 -30.41 38.42
CA ASN F 22 62.13 -31.04 38.08
C ASN F 22 63.22 -30.70 39.09
N GLY F 23 62.84 -30.52 40.35
CA GLY F 23 63.80 -30.19 41.38
C GLY F 23 64.31 -28.76 41.36
N HIS F 24 63.73 -27.89 40.53
CA HIS F 24 64.15 -26.51 40.43
C HIS F 24 63.24 -25.65 41.30
N LYS F 25 63.81 -25.04 42.33
CA LYS F 25 63.05 -24.20 43.25
C LYS F 25 63.06 -22.76 42.75
N PHE F 26 61.87 -22.16 42.66
CA PHE F 26 61.74 -20.79 42.20
C PHE F 26 60.56 -20.14 42.90
N SER F 27 60.64 -18.82 43.08
CA SER F 27 59.60 -18.05 43.74
C SER F 27 59.27 -16.83 42.90
N VAL F 28 58.00 -16.63 42.63
CA VAL F 28 57.51 -15.51 41.83
C VAL F 28 56.64 -14.64 42.71
N SER F 29 56.98 -13.36 42.83
CA SER F 29 56.24 -12.40 43.64
C SER F 29 55.67 -11.32 42.74
N GLY F 30 54.36 -11.11 42.82
CA GLY F 30 53.69 -10.11 42.00
C GLY F 30 52.87 -9.18 42.86
N GLU F 31 52.72 -7.95 42.37
CA GLU F 31 51.95 -6.93 43.07
C GLU F 31 51.37 -5.96 42.05
N GLY F 32 50.33 -5.25 42.48
CA GLY F 32 49.68 -4.29 41.62
C GLY F 32 48.38 -3.75 42.19
N GLU F 33 47.32 -3.77 41.38
CA GLU F 33 46.02 -3.28 41.81
C GLU F 33 44.94 -4.09 41.11
N GLY F 34 43.70 -3.84 41.50
CA GLY F 34 42.56 -4.54 40.92
C GLY F 34 41.37 -3.62 40.81
N ASP F 35 40.41 -4.05 39.97
CA ASP F 35 39.19 -3.29 39.75
C ASP F 35 38.10 -4.27 39.34
N ALA F 36 37.08 -4.43 40.19
CA ALA F 36 35.98 -5.33 39.92
C ALA F 36 34.74 -4.61 39.38
N THR F 37 34.73 -3.29 39.36
CA THR F 37 33.58 -2.55 38.85
C THR F 37 33.54 -2.58 37.32
N TYR F 38 34.66 -2.25 36.68
CA TYR F 38 34.75 -2.24 35.22
C TYR F 38 35.58 -3.37 34.67
N GLY F 39 36.16 -4.22 35.52
CA GLY F 39 36.97 -5.33 35.06
C GLY F 39 38.32 -4.90 34.52
N LYS F 40 39.25 -4.57 35.40
CA LYS F 40 40.58 -4.15 35.02
C LYS F 40 41.60 -4.79 35.96
N LEU F 41 42.52 -5.56 35.40
CA LEU F 41 43.56 -6.25 36.17
C LEU F 41 44.91 -5.66 35.78
N THR F 42 45.55 -4.97 36.73
CA THR F 42 46.84 -4.34 36.51
C THR F 42 47.81 -4.88 37.57
N LEU F 43 48.69 -5.78 37.16
CA LEU F 43 49.66 -6.40 38.06
C LEU F 43 51.05 -6.28 37.45
N LYS F 44 52.05 -6.67 38.24
CA LYS F 44 53.45 -6.62 37.80
C LYS F 44 54.20 -7.71 38.55
N PHE F 45 54.41 -8.85 37.90
CA PHE F 45 55.11 -9.97 38.51
C PHE F 45 56.61 -9.79 38.36
N ILE F 46 57.33 -9.92 39.47
CA ILE F 46 58.79 -9.79 39.50
C ILE F 46 59.37 -11.12 39.95
N CYS F 47 60.20 -11.73 39.11
CA CYS F 47 60.84 -13.00 39.42
C CYS F 47 61.97 -12.76 40.41
N THR F 48 61.78 -13.23 41.66
CA THR F 48 62.81 -13.05 42.68
C THR F 48 63.98 -14.01 42.52
N THR F 49 63.79 -15.12 41.81
CA THR F 49 64.88 -16.08 41.60
C THR F 49 65.82 -15.62 40.49
N GLY F 50 65.27 -15.41 39.29
CA GLY F 50 66.08 -14.98 38.17
C GLY F 50 65.68 -15.62 36.87
N LYS F 51 66.43 -16.63 36.43
CA LYS F 51 66.15 -17.34 35.19
C LYS F 51 65.04 -18.36 35.44
N LEU F 52 63.83 -18.03 35.04
CA LEU F 52 62.70 -18.93 35.22
C LEU F 52 62.73 -20.03 34.17
N PRO F 53 62.76 -21.31 34.57
CA PRO F 53 62.79 -22.37 33.55
C PRO F 53 61.49 -22.50 32.77
N VAL F 54 60.34 -22.44 33.45
CA VAL F 54 59.05 -22.57 32.79
C VAL F 54 58.74 -21.26 32.06
N PRO F 55 58.03 -21.31 30.94
CA PRO F 55 57.71 -20.08 30.21
C PRO F 55 56.67 -19.26 30.95
N TRP F 56 56.44 -18.04 30.44
CA TRP F 56 55.50 -17.10 31.04
C TRP F 56 54.10 -17.20 30.46
N PRO F 57 53.91 -17.30 29.13
CA PRO F 57 52.54 -17.39 28.60
C PRO F 57 51.77 -18.61 29.09
N THR F 58 52.45 -19.65 29.56
CA THR F 58 51.77 -20.83 30.09
C THR F 58 51.31 -20.66 31.53
N LEU F 59 51.61 -19.52 32.16
CA LEU F 59 51.22 -19.28 33.54
C LEU F 59 50.34 -18.04 33.67
N VAL F 60 49.63 -17.68 32.61
CA VAL F 60 48.75 -16.50 32.67
C VAL F 60 47.50 -16.80 33.48
N THR F 61 46.85 -17.94 33.20
CA THR F 61 45.65 -18.31 33.92
C THR F 61 45.91 -18.77 35.35
N THR F 62 47.16 -19.08 35.69
CA THR F 62 47.51 -19.51 37.04
C THR F 62 47.50 -18.35 38.02
N VAL F 64 42.41 -15.22 41.25
CA VAL F 64 42.66 -13.89 40.72
C VAL F 64 41.55 -13.48 39.76
N GLN F 65 40.50 -14.31 39.70
CA GLN F 65 39.35 -14.06 38.83
C GLN F 65 38.18 -13.43 39.58
N CYS F 66 38.43 -12.86 40.76
CA CYS F 66 37.40 -12.22 41.56
C CYS F 66 37.21 -10.74 41.21
N PHE F 67 37.95 -10.23 40.24
CA PHE F 67 37.79 -8.85 39.81
C PHE F 67 37.27 -8.78 38.37
N SER F 68 36.25 -9.57 38.06
CA SER F 68 35.68 -9.60 36.73
C SER F 68 34.58 -8.54 36.59
N ARG F 69 34.04 -8.41 35.38
CA ARG F 69 32.98 -7.46 35.08
C ARG F 69 31.71 -8.24 34.78
N TYR F 70 30.81 -8.30 35.75
CA TYR F 70 29.56 -9.03 35.56
C TYR F 70 28.42 -8.07 35.22
N PRO F 71 27.54 -8.47 34.31
CA PRO F 71 26.41 -7.59 33.96
C PRO F 71 25.44 -7.43 35.12
N ASP F 72 24.48 -6.52 34.92
CA ASP F 72 23.49 -6.25 35.96
C ASP F 72 22.51 -7.40 36.15
N HIS F 73 22.33 -8.24 35.14
CA HIS F 73 21.42 -9.37 35.21
C HIS F 73 22.13 -10.68 35.55
N MET F 74 23.41 -10.62 35.95
CA MET F 74 24.18 -11.80 36.32
C MET F 74 24.83 -11.63 37.70
N LYS F 75 24.21 -10.81 38.56
CA LYS F 75 24.78 -10.60 39.89
C LYS F 75 24.51 -11.79 40.81
N GLN F 76 23.41 -12.51 40.58
CA GLN F 76 23.08 -13.66 41.41
C GLN F 76 23.86 -14.91 41.04
N HIS F 77 24.56 -14.91 39.90
CA HIS F 77 25.35 -16.06 39.47
C HIS F 77 26.83 -15.79 39.67
N ASP F 78 27.22 -15.40 40.88
CA ASP F 78 28.60 -15.10 41.21
C ASP F 78 29.04 -15.97 42.39
N PHE F 79 30.28 -16.43 42.34
CA PHE F 79 30.85 -17.27 43.39
C PHE F 79 32.12 -16.72 43.99
N PHE F 80 32.93 -16.00 43.22
CA PHE F 80 34.18 -15.46 43.75
C PHE F 80 33.94 -14.32 44.73
N LYS F 81 32.81 -13.64 44.64
CA LYS F 81 32.48 -12.54 45.53
C LYS F 81 31.51 -12.94 46.63
N SER F 82 31.07 -14.19 46.66
CA SER F 82 30.13 -14.65 47.67
C SER F 82 30.82 -15.18 48.93
N ALA F 83 32.02 -15.74 48.79
CA ALA F 83 32.77 -16.29 49.91
C ALA F 83 33.74 -15.27 50.51
N MET F 84 33.45 -13.97 50.38
CA MET F 84 34.29 -12.91 50.89
C MET F 84 33.72 -12.36 52.20
N PRO F 85 34.57 -12.01 53.17
CA PRO F 85 36.03 -12.14 53.10
C PRO F 85 36.54 -13.47 53.63
N GLU F 86 35.71 -14.51 53.60
CA GLU F 86 36.12 -15.82 54.11
C GLU F 86 37.16 -16.46 53.20
N GLY F 87 37.15 -16.14 51.91
CA GLY F 87 38.12 -16.69 50.97
C GLY F 87 37.73 -18.06 50.47
N TYR F 88 38.57 -18.58 49.58
CA TYR F 88 38.36 -19.89 48.99
C TYR F 88 39.70 -20.48 48.60
N VAL F 89 39.72 -21.81 48.47
CA VAL F 89 40.92 -22.55 48.10
C VAL F 89 40.82 -22.87 46.62
N GLN F 90 41.57 -22.13 45.80
CA GLN F 90 41.55 -22.33 44.35
C GLN F 90 42.59 -23.39 43.99
N GLU F 91 42.10 -24.54 43.51
CA GLU F 91 42.96 -25.66 43.13
C GLU F 91 42.72 -25.99 41.67
N ARG F 92 43.81 -26.07 40.90
CA ARG F 92 43.75 -26.40 39.49
C ARG F 92 44.74 -27.52 39.17
N THR F 93 44.49 -28.20 38.06
CA THR F 93 45.36 -29.28 37.57
C THR F 93 45.42 -29.16 36.05
N ILE F 94 46.44 -28.44 35.57
CA ILE F 94 46.58 -28.19 34.14
C ILE F 94 47.26 -29.39 33.48
N PHE F 95 46.67 -29.89 32.41
CA PHE F 95 47.21 -30.98 31.64
C PHE F 95 47.72 -30.48 30.29
N PHE F 96 48.44 -31.36 29.59
CA PHE F 96 48.99 -31.05 28.28
C PHE F 96 48.79 -32.26 27.37
N LYS F 97 49.34 -32.17 26.15
CA LYS F 97 49.23 -33.24 25.19
C LYS F 97 50.13 -34.42 25.57
N ASP F 98 51.37 -34.39 25.10
CA ASP F 98 52.34 -35.44 25.39
C ASP F 98 53.57 -34.82 26.02
N ASP F 99 53.44 -34.41 27.28
CA ASP F 99 54.55 -33.78 28.00
C ASP F 99 54.39 -34.00 29.50
N GLY F 100 53.90 -32.99 30.22
CA GLY F 100 53.72 -33.10 31.65
C GLY F 100 52.37 -32.60 32.13
N ASN F 101 52.28 -32.24 33.40
CA ASN F 101 51.04 -31.75 33.96
C ASN F 101 51.36 -30.89 35.19
N TYR F 102 50.52 -29.88 35.42
CA TYR F 102 50.68 -28.98 36.54
C TYR F 102 49.69 -29.32 37.65
N LYS F 103 49.95 -28.76 38.83
CA LYS F 103 49.07 -28.97 39.99
C LYS F 103 49.26 -27.77 40.93
N THR F 104 48.40 -26.78 40.78
CA THR F 104 48.46 -25.57 41.58
C THR F 104 47.43 -25.61 42.70
N ARG F 105 47.65 -24.75 43.70
CA ARG F 105 46.75 -24.65 44.85
C ARG F 105 46.89 -23.24 45.42
N ALA F 106 45.96 -22.37 45.04
CA ALA F 106 45.96 -20.98 45.48
C ALA F 106 44.88 -20.75 46.54
N GLU F 107 45.12 -19.74 47.37
CA GLU F 107 44.20 -19.35 48.44
C GLU F 107 43.96 -17.84 48.32
N VAL F 108 42.89 -17.46 47.63
CA VAL F 108 42.55 -16.06 47.42
C VAL F 108 41.70 -15.59 48.59
N LYS F 109 42.29 -14.78 49.47
CA LYS F 109 41.59 -14.26 50.63
C LYS F 109 42.21 -12.93 51.04
N PHE F 110 41.48 -12.18 51.85
CA PHE F 110 41.93 -10.88 52.33
C PHE F 110 42.47 -11.00 53.75
N GLU F 111 43.46 -10.15 54.06
CA GLU F 111 44.06 -10.12 55.38
C GLU F 111 43.96 -8.74 56.04
N GLY F 112 42.94 -7.96 55.69
CA GLY F 112 42.78 -6.64 56.26
C GLY F 112 42.45 -5.58 55.23
N ASP F 113 43.35 -5.38 54.26
CA ASP F 113 43.12 -4.40 53.22
C ASP F 113 43.80 -4.73 51.90
N THR F 114 44.63 -5.77 51.84
CA THR F 114 45.34 -6.13 50.61
C THR F 114 45.11 -7.61 50.35
N LEU F 115 44.72 -7.94 49.12
CA LEU F 115 44.49 -9.33 48.74
C LEU F 115 45.82 -10.07 48.65
N VAL F 116 46.00 -11.07 49.51
CA VAL F 116 47.22 -11.88 49.55
C VAL F 116 46.86 -13.27 49.06
N ASN F 117 47.54 -13.71 48.00
CA ASN F 117 47.31 -15.03 47.41
C ASN F 117 48.62 -15.79 47.41
N ARG F 118 48.57 -17.05 47.84
CA ARG F 118 49.72 -17.94 47.89
C ARG F 118 49.49 -19.09 46.92
N ILE F 119 50.23 -19.08 45.80
CA ILE F 119 50.10 -20.10 44.77
C ILE F 119 51.24 -21.10 44.95
N GLU F 120 50.88 -22.38 45.05
CA GLU F 120 51.84 -23.47 45.21
C GLU F 120 51.73 -24.38 44.00
N LEU F 121 52.63 -24.20 43.03
CA LEU F 121 52.63 -24.98 41.81
C LEU F 121 53.43 -26.26 42.02
N LYS F 122 52.83 -27.39 41.64
CA LYS F 122 53.46 -28.69 41.75
C LYS F 122 53.36 -29.42 40.41
N GLY F 123 53.95 -30.61 40.35
CA GLY F 123 53.93 -31.40 39.14
C GLY F 123 55.30 -31.88 38.73
N ILE F 124 55.40 -33.15 38.34
CA ILE F 124 56.66 -33.75 37.91
C ILE F 124 56.49 -34.36 36.53
N ASP F 125 57.45 -35.20 36.12
CA ASP F 125 57.43 -35.88 34.84
C ASP F 125 57.33 -34.90 33.68
N PHE F 126 58.46 -34.29 33.32
CA PHE F 126 58.53 -33.34 32.21
C PHE F 126 59.68 -33.73 31.30
N LYS F 127 59.79 -33.01 30.19
CA LYS F 127 60.85 -33.24 29.20
C LYS F 127 61.88 -32.11 29.26
N GLU F 128 63.02 -32.36 28.62
CA GLU F 128 64.11 -31.39 28.56
C GLU F 128 64.32 -30.81 27.18
N ASP F 129 63.42 -31.11 26.22
CA ASP F 129 63.56 -30.60 24.87
C ASP F 129 62.21 -30.36 24.21
N GLY F 130 61.17 -30.10 24.99
CA GLY F 130 59.85 -29.85 24.45
C GLY F 130 59.43 -28.41 24.51
N ASN F 131 58.12 -28.15 24.61
CA ASN F 131 57.64 -26.78 24.68
C ASN F 131 57.93 -26.16 26.04
N ILE F 132 57.85 -26.95 27.11
CA ILE F 132 58.13 -26.47 28.46
C ILE F 132 59.64 -26.45 28.66
N LEU F 133 60.09 -25.77 29.72
CA LEU F 133 61.50 -25.66 30.06
C LEU F 133 62.28 -24.98 28.94
N GLY F 134 62.47 -25.69 27.83
CA GLY F 134 63.20 -25.12 26.70
C GLY F 134 62.43 -23.97 26.08
N HIS F 135 63.09 -22.82 25.95
CA HIS F 135 62.47 -21.62 25.39
C HIS F 135 62.28 -21.81 23.88
N LYS F 136 61.07 -22.17 23.48
CA LYS F 136 60.75 -22.37 22.07
C LYS F 136 59.53 -21.59 21.60
N LEU F 137 58.65 -21.15 22.50
CA LEU F 137 57.45 -20.42 22.12
C LEU F 137 57.77 -18.93 21.99
N GLU F 138 56.77 -18.14 21.63
CA GLU F 138 56.89 -16.70 21.47
C GLU F 138 56.49 -16.01 22.77
N TYR F 139 56.24 -14.71 22.70
CA TYR F 139 55.85 -13.90 23.85
C TYR F 139 54.54 -13.18 23.51
N ASN F 140 53.45 -13.94 23.48
CA ASN F 140 52.14 -13.39 23.16
C ASN F 140 51.07 -14.33 23.68
N TYR F 141 49.98 -13.74 24.17
CA TYR F 141 48.84 -14.50 24.71
C TYR F 141 47.56 -13.97 24.07
N ASN F 142 46.91 -14.80 23.27
CA ASN F 142 45.71 -14.41 22.57
C ASN F 142 44.49 -14.52 23.49
N SER F 143 43.31 -14.32 22.92
CA SER F 143 42.07 -14.38 23.67
C SER F 143 41.59 -15.82 23.81
N HIS F 144 40.99 -16.13 24.95
CA HIS F 144 40.47 -17.46 25.23
C HIS F 144 39.16 -17.34 25.99
N ASN F 145 38.37 -18.42 25.95
CA ASN F 145 37.09 -18.48 26.62
C ASN F 145 37.20 -19.36 27.86
N VAL F 146 36.51 -18.95 28.93
CA VAL F 146 36.52 -19.67 30.20
C VAL F 146 35.10 -20.10 30.48
N TYR F 147 34.83 -21.40 30.37
CA TYR F 147 33.52 -21.96 30.63
C TYR F 147 33.43 -22.40 32.08
N ILE F 148 32.45 -21.89 32.81
CA ILE F 148 32.24 -22.19 34.23
C ILE F 148 30.99 -23.03 34.35
N MET F 149 31.13 -24.23 34.91
CA MET F 149 29.99 -25.13 35.11
C MET F 149 29.46 -25.00 36.53
N ALA F 150 29.03 -26.12 37.11
CA ALA F 150 28.50 -26.12 38.46
C ALA F 150 28.73 -27.48 39.09
N ASP F 151 28.64 -27.52 40.42
CA ASP F 151 28.85 -28.77 41.16
C ASP F 151 28.08 -28.68 42.47
N LYS F 152 27.41 -29.77 42.83
CA LYS F 152 26.64 -29.84 44.07
C LYS F 152 27.04 -31.02 44.95
N GLN F 153 28.13 -31.71 44.63
CA GLN F 153 28.56 -32.85 45.44
C GLN F 153 29.33 -32.39 46.67
N LYS F 154 30.57 -31.94 46.47
CA LYS F 154 31.42 -31.47 47.56
C LYS F 154 31.28 -29.96 47.81
N ASN F 155 30.17 -29.36 47.37
CA ASN F 155 29.92 -27.93 47.54
C ASN F 155 31.05 -27.10 46.94
N GLY F 156 31.05 -26.96 45.62
CA GLY F 156 32.08 -26.18 44.97
C GLY F 156 31.71 -25.86 43.54
N ILE F 157 32.68 -25.29 42.83
CA ILE F 157 32.50 -24.91 41.43
C ILE F 157 33.57 -25.62 40.60
N LYS F 158 33.14 -26.35 39.59
CA LYS F 158 34.03 -27.10 38.70
C LYS F 158 34.13 -26.35 37.38
N VAL F 159 35.23 -25.61 37.21
CA VAL F 159 35.46 -24.83 36.00
C VAL F 159 36.31 -25.66 35.04
N ASN F 160 35.84 -25.80 33.80
CA ASN F 160 36.52 -26.57 32.78
C ASN F 160 36.65 -25.71 31.53
N PHE F 161 37.89 -25.48 31.08
CA PHE F 161 38.14 -24.68 29.90
C PHE F 161 39.42 -25.17 29.22
N LYS F 162 39.49 -24.99 27.91
CA LYS F 162 40.64 -25.40 27.11
C LYS F 162 41.19 -24.20 26.37
N ILE F 163 42.50 -24.00 26.46
CA ILE F 163 43.17 -22.89 25.79
C ILE F 163 44.17 -23.44 24.79
N ARG F 164 44.95 -22.55 24.17
CA ARG F 164 45.95 -22.95 23.20
C ARG F 164 47.15 -22.01 23.29
N HIS F 165 48.30 -22.50 22.83
CA HIS F 165 49.52 -21.74 22.83
C HIS F 165 50.16 -21.77 21.44
N ASN F 166 50.79 -20.67 21.09
CA ASN F 166 51.45 -20.53 19.79
C ASN F 166 52.96 -20.67 19.95
N ILE F 167 53.57 -21.44 19.07
CA ILE F 167 55.01 -21.66 19.09
C ILE F 167 55.63 -20.98 17.88
N GLU F 168 56.94 -20.78 17.95
CA GLU F 168 57.68 -20.09 16.89
C GLU F 168 58.03 -21.06 15.75
N ASP F 169 56.98 -21.68 15.20
CA ASP F 169 57.13 -22.60 14.08
C ASP F 169 55.81 -22.77 13.35
N GLY F 170 54.71 -22.67 14.08
CA GLY F 170 53.39 -22.84 13.49
C GLY F 170 52.67 -24.07 13.97
N SER F 171 52.50 -24.20 15.28
CA SER F 171 51.83 -25.34 15.87
C SER F 171 50.89 -24.86 16.97
N VAL F 172 49.87 -25.66 17.24
CA VAL F 172 48.86 -25.36 18.27
C VAL F 172 48.94 -26.45 19.32
N GLN F 173 49.14 -26.04 20.58
CA GLN F 173 49.23 -26.97 21.70
C GLN F 173 47.96 -26.83 22.55
N LEU F 174 47.15 -27.88 22.57
CA LEU F 174 45.91 -27.88 23.33
C LEU F 174 46.18 -28.29 24.76
N ALA F 175 45.62 -27.55 25.72
CA ALA F 175 45.78 -27.83 27.13
C ALA F 175 44.42 -28.07 27.78
N ASP F 176 44.42 -28.84 28.87
CA ASP F 176 43.21 -29.16 29.60
C ASP F 176 43.30 -28.60 31.01
N HIS F 177 42.20 -28.01 31.48
CA HIS F 177 42.13 -27.41 32.81
C HIS F 177 40.95 -27.99 33.56
N TYR F 178 41.14 -28.26 34.86
CA TYR F 178 40.11 -28.81 35.72
C TYR F 178 40.15 -28.03 37.04
N GLN F 179 39.63 -26.81 37.01
CA GLN F 179 39.62 -25.95 38.19
C GLN F 179 38.51 -26.39 39.14
N GLN F 180 38.84 -26.52 40.42
CA GLN F 180 37.89 -26.92 41.46
C GLN F 180 38.02 -25.95 42.62
N ASN F 181 37.08 -25.01 42.71
CA ASN F 181 37.09 -24.01 43.78
C ASN F 181 36.33 -24.53 44.98
N THR F 182 36.98 -24.53 46.14
CA THR F 182 36.38 -24.99 47.39
C THR F 182 36.38 -23.83 48.38
N PRO F 183 35.23 -23.48 48.96
CA PRO F 183 35.19 -22.37 49.92
C PRO F 183 35.82 -22.76 51.25
N ILE F 184 36.14 -21.74 52.04
CA ILE F 184 36.75 -21.94 53.34
C ILE F 184 35.69 -21.78 54.44
N GLY F 185 35.04 -20.62 54.46
CA GLY F 185 34.01 -20.36 55.45
C GLY F 185 32.70 -21.08 55.13
N ASP F 186 31.83 -21.09 56.13
CA ASP F 186 30.51 -21.72 56.02
C ASP F 186 29.40 -20.68 55.90
N GLY F 187 29.67 -19.60 55.16
CA GLY F 187 28.69 -18.56 54.96
C GLY F 187 27.75 -18.84 53.81
N PRO F 188 27.16 -17.80 53.24
CA PRO F 188 26.24 -17.99 52.11
C PRO F 188 26.99 -18.40 50.86
N VAL F 189 26.53 -19.47 50.21
CA VAL F 189 27.12 -20.00 48.99
C VAL F 189 26.09 -19.93 47.88
N LEU F 190 26.43 -19.24 46.81
CA LEU F 190 25.52 -19.09 45.67
C LEU F 190 25.79 -20.17 44.63
N LEU F 191 24.75 -20.46 43.83
CA LEU F 191 24.84 -21.47 42.78
C LEU F 191 24.73 -20.80 41.42
N PRO F 192 25.85 -20.51 40.75
CA PRO F 192 25.78 -19.86 39.44
C PRO F 192 25.32 -20.83 38.36
N ASP F 193 25.04 -20.27 37.19
CA ASP F 193 24.57 -21.03 36.04
C ASP F 193 25.72 -21.25 35.06
N ASN F 194 25.50 -22.16 34.13
CA ASN F 194 26.51 -22.48 33.11
C ASN F 194 26.60 -21.34 32.11
N HIS F 195 27.67 -20.56 32.20
CA HIS F 195 27.91 -19.44 31.28
C HIS F 195 29.38 -19.43 30.90
N TYR F 196 29.81 -18.35 30.24
CA TYR F 196 31.19 -18.21 29.82
C TYR F 196 31.58 -16.74 29.86
N LEU F 197 32.86 -16.49 30.01
CA LEU F 197 33.41 -15.14 30.08
C LEU F 197 34.40 -14.94 28.92
N SER F 198 35.19 -13.87 29.02
CA SER F 198 36.18 -13.53 28.02
C SER F 198 37.52 -13.26 28.69
N THR F 199 38.57 -13.20 27.88
CA THR F 199 39.92 -12.95 28.36
C THR F 199 40.67 -12.13 27.33
N GLN F 200 41.11 -10.93 27.72
CA GLN F 200 41.87 -10.02 26.85
C GLN F 200 43.14 -9.61 27.59
N SER F 201 44.15 -10.48 27.53
CA SER F 201 45.41 -10.24 28.20
C SER F 201 46.39 -9.53 27.26
N ALA F 202 47.47 -9.01 27.85
CA ALA F 202 48.49 -8.30 27.09
C ALA F 202 49.81 -8.41 27.85
N LEU F 203 50.85 -8.88 27.16
CA LEU F 203 52.17 -9.04 27.75
C LEU F 203 53.17 -8.17 27.01
N SER F 204 54.10 -7.59 27.76
CA SER F 204 55.12 -6.72 27.19
C SER F 204 56.37 -6.82 28.06
N LYS F 205 57.30 -5.90 27.85
CA LYS F 205 58.57 -5.86 28.58
C LYS F 205 58.71 -4.49 29.26
N ASP F 206 59.90 -4.25 29.81
CA ASP F 206 60.19 -2.99 30.49
C ASP F 206 61.69 -2.70 30.41
N PRO F 207 62.09 -1.63 29.71
CA PRO F 207 63.52 -1.31 29.62
C PRO F 207 64.13 -0.92 30.96
N ASN F 208 63.33 -0.47 31.93
CA ASN F 208 63.84 -0.06 33.24
C ASN F 208 63.90 -1.22 34.22
N GLU F 209 64.24 -2.42 33.76
CA GLU F 209 64.34 -3.58 34.63
C GLU F 209 65.30 -4.58 34.01
N LYS F 210 66.28 -5.02 34.78
CA LYS F 210 67.27 -5.99 34.30
C LYS F 210 66.85 -7.43 34.55
N ARG F 211 66.15 -7.70 35.66
CA ARG F 211 65.71 -9.05 35.97
C ARG F 211 64.50 -9.42 35.13
N ASP F 212 64.14 -10.71 35.18
CA ASP F 212 63.00 -11.20 34.43
C ASP F 212 61.70 -10.77 35.10
N HIS F 213 60.70 -10.46 34.28
CA HIS F 213 59.41 -10.01 34.78
C HIS F 213 58.34 -10.35 33.73
N MET F 214 57.11 -9.91 33.99
CA MET F 214 56.01 -10.15 33.05
C MET F 214 54.97 -9.07 33.29
N VAL F 215 54.84 -8.14 32.34
CA VAL F 215 53.87 -7.06 32.42
C VAL F 215 52.52 -7.63 31.98
N LEU F 216 51.68 -7.98 32.95
CA LEU F 216 50.37 -8.57 32.67
C LEU F 216 49.30 -7.49 32.70
N LEU F 217 48.39 -7.54 31.71
CA LEU F 217 47.29 -6.58 31.63
C LEU F 217 46.10 -7.33 31.01
N GLU F 218 45.28 -7.92 31.86
CA GLU F 218 44.14 -8.73 31.44
C GLU F 218 42.84 -7.98 31.67
N PHE F 219 41.95 -8.02 30.68
CA PHE F 219 40.63 -7.39 30.77
C PHE F 219 39.59 -8.49 30.70
N VAL F 220 38.96 -8.80 31.84
CA VAL F 220 37.95 -9.83 31.93
C VAL F 220 36.58 -9.20 31.83
N THR F 221 35.74 -9.72 30.94
CA THR F 221 34.39 -9.20 30.74
C THR F 221 33.46 -10.38 30.47
N ALA F 222 32.42 -10.51 31.29
CA ALA F 222 31.47 -11.61 31.15
C ALA F 222 30.56 -11.36 29.94
N ALA F 223 29.91 -12.44 29.50
CA ALA F 223 29.00 -12.37 28.36
C ALA F 223 27.62 -12.75 28.85
N GLY F 224 27.10 -13.91 28.44
CA GLY F 224 25.78 -14.33 28.86
C GLY F 224 25.67 -15.83 29.06
N ILE F 225 24.45 -16.32 29.25
CA ILE F 225 24.21 -17.74 29.46
C ILE F 225 24.33 -18.48 28.13
N THR F 226 25.19 -19.49 28.09
CA THR F 226 25.39 -20.27 26.88
C THR F 226 24.20 -21.18 26.60
N SER G 1 -13.42 -48.89 -65.40
CA SER G 1 -14.64 -48.26 -64.94
C SER G 1 -15.03 -48.74 -63.54
N GLY G 2 -15.10 -50.06 -63.38
CA GLY G 2 -15.45 -50.63 -62.09
C GLY G 2 -14.32 -51.40 -61.45
N SER G 3 -13.14 -51.33 -62.03
CA SER G 3 -11.96 -52.01 -61.51
C SER G 3 -11.22 -51.11 -60.53
N ASP G 4 -10.49 -51.75 -59.61
CA ASP G 4 -9.72 -51.05 -58.59
C ASP G 4 -10.59 -50.11 -57.77
N LEU G 5 -11.43 -50.67 -56.90
CA LEU G 5 -12.31 -49.86 -56.07
C LEU G 5 -11.57 -49.17 -54.93
N GLY G 6 -10.41 -49.70 -54.52
CA GLY G 6 -9.66 -49.08 -53.43
C GLY G 6 -8.81 -47.91 -53.88
N LYS G 7 -8.34 -47.93 -55.13
CA LYS G 7 -7.51 -46.85 -55.63
C LYS G 7 -8.33 -45.61 -55.99
N LYS G 8 -9.52 -45.80 -56.57
CA LYS G 8 -10.36 -44.67 -56.94
C LYS G 8 -11.04 -44.02 -55.74
N LEU G 9 -11.15 -44.75 -54.62
CA LEU G 9 -11.79 -44.18 -53.44
C LEU G 9 -10.90 -43.15 -52.74
N LEU G 10 -9.58 -43.37 -52.74
CA LEU G 10 -8.67 -42.42 -52.10
C LEU G 10 -8.54 -41.12 -52.89
N GLU G 11 -8.83 -41.14 -54.18
CA GLU G 11 -8.73 -39.92 -54.99
C GLU G 11 -9.87 -38.97 -54.70
N ALA G 12 -11.09 -39.49 -54.53
CA ALA G 12 -12.23 -38.62 -54.25
C ALA G 12 -12.20 -38.09 -52.83
N ALA G 13 -11.57 -38.83 -51.91
CA ALA G 13 -11.50 -38.40 -50.52
C ALA G 13 -10.33 -37.44 -50.27
N ARG G 14 -9.39 -37.35 -51.20
CA ARG G 14 -8.25 -36.45 -51.01
C ARG G 14 -8.58 -35.04 -51.48
N ALA G 15 -9.17 -34.91 -52.68
CA ALA G 15 -9.52 -33.60 -53.20
C ALA G 15 -10.76 -33.05 -52.53
N GLY G 16 -11.82 -33.86 -52.42
CA GLY G 16 -13.04 -33.42 -51.78
C GLY G 16 -14.26 -33.56 -52.68
N GLN G 17 -14.26 -34.59 -53.54
CA GLN G 17 -15.37 -34.83 -54.46
C GLN G 17 -16.50 -35.50 -53.68
N ASP G 18 -17.48 -34.71 -53.25
CA ASP G 18 -18.60 -35.25 -52.50
C ASP G 18 -19.58 -36.02 -53.37
N ASP G 19 -19.56 -35.78 -54.69
CA ASP G 19 -20.45 -36.46 -55.61
C ASP G 19 -19.88 -37.78 -56.12
N GLU G 20 -18.71 -38.19 -55.65
CA GLU G 20 -18.08 -39.43 -56.08
C GLU G 20 -17.95 -40.47 -54.97
N VAL G 21 -17.97 -40.06 -53.70
CA VAL G 21 -17.84 -41.02 -52.61
C VAL G 21 -19.13 -41.80 -52.41
N ARG G 22 -20.27 -41.13 -52.58
CA ARG G 22 -21.56 -41.80 -52.39
C ARG G 22 -21.81 -42.85 -53.46
N ILE G 23 -21.32 -42.63 -54.67
CA ILE G 23 -21.53 -43.59 -55.74
C ILE G 23 -20.71 -44.86 -55.50
N LEU G 24 -19.48 -44.71 -55.00
CA LEU G 24 -18.64 -45.88 -54.76
C LEU G 24 -19.15 -46.69 -53.57
N MET G 25 -19.67 -46.03 -52.55
CA MET G 25 -20.18 -46.72 -51.38
C MET G 25 -21.56 -47.34 -51.60
N ALA G 26 -22.24 -47.00 -52.69
CA ALA G 26 -23.55 -47.56 -52.98
C ALA G 26 -23.49 -48.81 -53.84
N ASN G 27 -22.34 -49.11 -54.44
CA ASN G 27 -22.19 -50.29 -55.29
C ASN G 27 -21.71 -51.49 -54.49
N GLY G 28 -20.51 -51.38 -53.90
CA GLY G 28 -19.95 -52.46 -53.11
C GLY G 28 -18.46 -52.35 -52.91
N ALA G 29 -17.99 -51.15 -52.56
CA ALA G 29 -16.57 -50.91 -52.33
C ALA G 29 -16.23 -51.11 -50.87
N ASP G 30 -14.96 -51.44 -50.61
CA ASP G 30 -14.48 -51.66 -49.26
C ASP G 30 -14.26 -50.31 -48.56
N VAL G 31 -14.82 -50.18 -47.36
CA VAL G 31 -14.66 -48.93 -46.61
C VAL G 31 -13.27 -48.85 -45.97
N ASN G 32 -12.66 -50.00 -45.67
CA ASN G 32 -11.34 -50.05 -45.06
C ASN G 32 -10.32 -50.48 -46.10
N ALA G 33 -10.06 -49.58 -47.04
CA ALA G 33 -9.10 -49.85 -48.11
C ALA G 33 -7.68 -49.73 -47.59
N LEU G 34 -6.85 -50.72 -47.89
CA LEU G 34 -5.45 -50.76 -47.46
C LEU G 34 -4.58 -50.91 -48.69
N ASP G 35 -3.91 -49.83 -49.09
CA ASP G 35 -3.03 -49.85 -50.25
C ASP G 35 -1.61 -50.23 -49.87
N ARG G 36 -0.62 -49.66 -50.56
CA ARG G 36 0.77 -49.96 -50.25
C ARG G 36 1.20 -49.32 -48.94
N PHE G 37 0.61 -48.19 -48.58
CA PHE G 37 0.93 -47.49 -47.34
C PHE G 37 -0.03 -47.79 -46.21
N GLY G 38 -1.14 -48.48 -46.49
CA GLY G 38 -2.11 -48.80 -45.44
C GLY G 38 -2.85 -47.60 -44.92
N LEU G 39 -3.11 -46.60 -45.76
CA LEU G 39 -3.80 -45.39 -45.35
C LEU G 39 -5.29 -45.55 -45.64
N THR G 40 -6.10 -45.60 -44.59
CA THR G 40 -7.54 -45.71 -44.76
C THR G 40 -8.11 -44.39 -45.26
N PRO G 41 -9.25 -44.44 -45.97
CA PRO G 41 -9.87 -43.19 -46.46
C PRO G 41 -10.30 -42.24 -45.37
N LEU G 42 -10.33 -42.68 -44.11
CA LEU G 42 -10.72 -41.78 -43.02
C LEU G 42 -9.67 -40.70 -42.77
N HIS G 43 -8.40 -41.00 -43.08
CA HIS G 43 -7.35 -40.00 -42.87
C HIS G 43 -7.50 -38.84 -43.84
N LEU G 44 -7.76 -39.13 -45.12
CA LEU G 44 -7.91 -38.07 -46.11
C LEU G 44 -9.20 -37.28 -45.93
N ALA G 45 -10.19 -37.85 -45.24
CA ALA G 45 -11.45 -37.14 -45.02
C ALA G 45 -11.38 -36.18 -43.84
N ALA G 46 -10.36 -36.29 -43.00
CA ALA G 46 -10.22 -35.42 -41.83
C ALA G 46 -8.99 -34.52 -41.88
N GLN G 47 -7.98 -34.86 -42.70
CA GLN G 47 -6.79 -34.03 -42.78
C GLN G 47 -7.03 -32.79 -43.62
N ARG G 48 -7.72 -32.93 -44.76
CA ARG G 48 -7.99 -31.77 -45.60
C ARG G 48 -9.10 -30.91 -45.02
N GLY G 49 -10.10 -31.52 -44.41
CA GLY G 49 -11.20 -30.78 -43.81
C GLY G 49 -12.51 -30.95 -44.56
N HIS G 50 -13.09 -32.14 -44.47
CA HIS G 50 -14.37 -32.44 -45.14
C HIS G 50 -15.24 -33.21 -44.16
N LEU G 51 -16.17 -32.51 -43.52
CA LEU G 51 -17.04 -33.16 -42.54
C LEU G 51 -18.08 -34.03 -43.21
N GLU G 52 -18.48 -33.70 -44.44
CA GLU G 52 -19.51 -34.48 -45.13
C GLU G 52 -19.00 -35.88 -45.47
N ILE G 53 -17.72 -36.03 -45.77
CA ILE G 53 -17.19 -37.34 -46.12
C ILE G 53 -17.06 -38.22 -44.88
N VAL G 54 -16.77 -37.61 -43.71
CA VAL G 54 -16.61 -38.39 -42.50
C VAL G 54 -17.95 -38.96 -42.05
N GLU G 55 -19.03 -38.20 -42.22
CA GLU G 55 -20.35 -38.65 -41.79
C GLU G 55 -20.88 -39.81 -42.61
N VAL G 56 -20.27 -40.11 -43.76
CA VAL G 56 -20.72 -41.22 -44.59
C VAL G 56 -19.95 -42.51 -44.29
N LEU G 57 -18.64 -42.39 -44.06
CA LEU G 57 -17.83 -43.58 -43.79
C LEU G 57 -18.13 -44.17 -42.42
N LEU G 58 -18.48 -43.33 -41.45
CA LEU G 58 -18.76 -43.83 -40.10
C LEU G 58 -20.10 -44.56 -40.02
N LYS G 59 -20.99 -44.35 -40.98
CA LYS G 59 -22.29 -45.01 -41.00
C LYS G 59 -22.29 -46.28 -41.85
N CYS G 60 -21.12 -46.86 -42.07
CA CYS G 60 -21.01 -48.09 -42.87
C CYS G 60 -20.18 -49.17 -42.17
N GLY G 61 -19.13 -48.79 -41.46
CA GLY G 61 -18.30 -49.77 -40.77
C GLY G 61 -16.82 -49.48 -40.88
N ALA G 62 -16.44 -48.22 -40.69
CA ALA G 62 -15.05 -47.80 -40.76
C ALA G 62 -14.42 -47.85 -39.37
N ASP G 63 -13.15 -48.26 -39.33
CA ASP G 63 -12.42 -48.36 -38.08
C ASP G 63 -11.91 -46.97 -37.68
N VAL G 64 -12.40 -46.47 -36.55
CA VAL G 64 -11.98 -45.15 -36.08
C VAL G 64 -10.57 -45.17 -35.52
N ASN G 65 -10.11 -46.32 -35.01
CA ASN G 65 -8.77 -46.46 -34.44
C ASN G 65 -7.85 -47.24 -35.37
N ALA G 66 -8.03 -47.06 -36.68
CA ALA G 66 -7.21 -47.77 -37.67
C ALA G 66 -5.83 -47.13 -37.72
N ALA G 67 -4.82 -47.89 -37.29
CA ALA G 67 -3.44 -47.41 -37.28
C ALA G 67 -2.74 -47.84 -38.55
N ASP G 68 -2.00 -46.90 -39.16
CA ASP G 68 -1.27 -47.19 -40.40
C ASP G 68 0.12 -47.72 -40.08
N LEU G 69 1.08 -47.50 -40.99
CA LEU G 69 2.43 -47.97 -40.76
C LEU G 69 3.15 -47.12 -39.73
N TRP G 70 2.76 -45.85 -39.58
CA TRP G 70 3.37 -44.95 -38.61
C TRP G 70 2.63 -44.92 -37.28
N GLY G 71 1.57 -45.73 -37.13
CA GLY G 71 0.82 -45.74 -35.89
C GLY G 71 0.04 -44.48 -35.61
N GLN G 72 -0.25 -43.68 -36.64
CA GLN G 72 -0.99 -42.43 -36.47
C GLN G 72 -2.47 -42.70 -36.67
N THR G 73 -3.24 -42.59 -35.59
CA THR G 73 -4.68 -42.77 -35.68
C THR G 73 -5.31 -41.57 -36.36
N PRO G 74 -6.49 -41.75 -36.96
CA PRO G 74 -7.17 -40.62 -37.62
C PRO G 74 -7.49 -39.46 -36.67
N LEU G 75 -7.40 -39.66 -35.36
CA LEU G 75 -7.67 -38.56 -34.43
C LEU G 75 -6.58 -37.49 -34.50
N HIS G 76 -5.36 -37.88 -34.87
CA HIS G 76 -4.28 -36.90 -34.96
C HIS G 76 -4.51 -35.92 -36.11
N LEU G 77 -4.88 -36.45 -37.28
CA LEU G 77 -5.10 -35.60 -38.44
C LEU G 77 -6.41 -34.81 -38.35
N ALA G 78 -7.30 -35.16 -37.42
CA ALA G 78 -8.56 -34.42 -37.30
C ALA G 78 -8.34 -33.05 -36.66
N ALA G 79 -7.29 -32.89 -35.85
CA ALA G 79 -6.98 -31.63 -35.20
C ALA G 79 -5.61 -31.09 -35.59
N THR G 80 -5.05 -31.58 -36.70
CA THR G 80 -3.74 -31.10 -37.13
C THR G 80 -3.85 -29.79 -37.91
N ALA G 81 -4.74 -29.76 -38.92
CA ALA G 81 -4.90 -28.55 -39.70
C ALA G 81 -5.65 -27.47 -38.93
N GLY G 82 -6.80 -27.83 -38.36
CA GLY G 82 -7.58 -26.89 -37.60
C GLY G 82 -9.06 -26.97 -37.89
N HIS G 83 -9.69 -28.09 -37.50
CA HIS G 83 -11.11 -28.30 -37.71
C HIS G 83 -11.72 -28.85 -36.42
N LEU G 84 -12.67 -28.12 -35.86
CA LEU G 84 -13.32 -28.52 -34.62
C LEU G 84 -14.53 -29.41 -34.86
N GLU G 85 -15.27 -29.19 -35.96
CA GLU G 85 -16.46 -29.98 -36.23
C GLU G 85 -16.14 -31.43 -36.56
N ILE G 86 -14.91 -31.72 -36.97
CA ILE G 86 -14.53 -33.09 -37.30
C ILE G 86 -14.13 -33.88 -36.07
N VAL G 87 -13.46 -33.24 -35.11
CA VAL G 87 -13.02 -33.94 -33.91
C VAL G 87 -14.21 -34.31 -33.03
N GLU G 88 -15.23 -33.46 -32.98
CA GLU G 88 -16.39 -33.73 -32.14
C GLU G 88 -17.20 -34.93 -32.61
N VAL G 89 -17.07 -35.31 -33.88
CA VAL G 89 -17.81 -36.46 -34.39
C VAL G 89 -17.07 -37.76 -34.09
N LEU G 90 -15.74 -37.75 -34.19
CA LEU G 90 -14.96 -38.97 -33.95
C LEU G 90 -14.97 -39.37 -32.47
N LEU G 91 -15.22 -38.43 -31.56
CA LEU G 91 -15.24 -38.73 -30.14
C LEU G 91 -16.57 -39.27 -29.65
N LYS G 92 -17.55 -39.46 -30.55
CA LYS G 92 -18.84 -39.99 -30.16
C LYS G 92 -19.00 -41.48 -30.44
N TYR G 93 -18.18 -42.05 -31.33
CA TYR G 93 -18.25 -43.46 -31.67
C TYR G 93 -17.20 -44.28 -30.93
N GLY G 94 -16.59 -43.73 -29.89
CA GLY G 94 -15.58 -44.43 -29.13
C GLY G 94 -14.25 -44.53 -29.84
N ALA G 95 -13.43 -43.48 -29.71
CA ALA G 95 -12.12 -43.42 -30.33
C ALA G 95 -11.03 -43.55 -29.27
N ASP G 96 -9.82 -43.88 -29.73
CA ASP G 96 -8.66 -44.04 -28.85
C ASP G 96 -8.15 -42.65 -28.49
N VAL G 97 -8.41 -42.23 -27.26
CA VAL G 97 -7.95 -40.91 -26.81
C VAL G 97 -6.46 -40.95 -26.48
N ASN G 98 -5.99 -42.07 -25.95
CA ASN G 98 -4.57 -42.23 -25.61
C ASN G 98 -3.83 -42.92 -26.76
N ALA G 99 -3.92 -42.31 -27.94
CA ALA G 99 -3.28 -42.85 -29.13
C ALA G 99 -1.78 -42.57 -29.10
N LEU G 100 -0.99 -43.58 -29.45
CA LEU G 100 0.46 -43.47 -29.45
C LEU G 100 0.98 -43.89 -30.82
N ASP G 101 1.89 -43.08 -31.38
CA ASP G 101 2.47 -43.38 -32.68
C ASP G 101 3.85 -44.01 -32.53
N LEU G 102 4.78 -43.65 -33.43
CA LEU G 102 6.13 -44.19 -33.34
C LEU G 102 6.88 -43.63 -32.14
N ILE G 103 6.69 -42.34 -31.84
CA ILE G 103 7.35 -41.73 -30.70
C ILE G 103 6.58 -42.02 -29.42
N GLY G 104 5.26 -41.85 -29.46
CA GLY G 104 4.44 -42.09 -28.28
C GLY G 104 3.85 -40.81 -27.72
N LYS G 105 3.25 -40.00 -28.58
CA LYS G 105 2.65 -38.72 -28.19
C LYS G 105 1.14 -38.79 -28.35
N THR G 106 0.42 -38.41 -27.31
CA THR G 106 -1.03 -38.38 -27.37
C THR G 106 -1.50 -37.22 -28.25
N PRO G 107 -2.72 -37.30 -28.79
CA PRO G 107 -3.23 -36.20 -29.61
C PRO G 107 -3.33 -34.87 -28.86
N LEU G 108 -3.25 -34.88 -27.53
CA LEU G 108 -3.30 -33.62 -26.78
C LEU G 108 -2.04 -32.80 -27.00
N HIS G 109 -0.90 -33.44 -27.22
CA HIS G 109 0.34 -32.70 -27.44
C HIS G 109 0.34 -31.98 -28.78
N LEU G 110 -0.35 -32.53 -29.79
CA LEU G 110 -0.39 -31.89 -31.10
C LEU G 110 -1.23 -30.62 -31.09
N THR G 111 -2.13 -30.47 -30.13
CA THR G 111 -2.94 -29.26 -30.05
C THR G 111 -2.14 -28.05 -29.59
N ALA G 112 -1.05 -28.27 -28.86
CA ALA G 112 -0.20 -27.18 -28.38
C ALA G 112 0.92 -26.85 -29.35
N ILE G 113 1.33 -27.79 -30.20
CA ILE G 113 2.39 -27.51 -31.15
C ILE G 113 1.86 -26.71 -32.34
N ASP G 114 0.70 -27.10 -32.86
CA ASP G 114 0.12 -26.39 -33.99
C ASP G 114 -0.46 -25.04 -33.55
N GLY G 115 -1.28 -25.05 -32.50
CA GLY G 115 -1.88 -23.83 -32.01
C GLY G 115 -3.39 -23.83 -32.09
N HIS G 116 -4.04 -24.49 -31.12
CA HIS G 116 -5.49 -24.58 -31.08
C HIS G 116 -6.00 -24.09 -29.73
N LEU G 117 -7.25 -23.64 -29.73
CA LEU G 117 -7.88 -23.11 -28.51
C LEU G 117 -9.14 -23.87 -28.14
N GLU G 118 -10.16 -23.87 -29.00
CA GLU G 118 -11.41 -24.57 -28.68
C GLU G 118 -11.26 -26.08 -28.80
N ILE G 119 -10.28 -26.56 -29.55
CA ILE G 119 -10.10 -28.01 -29.69
C ILE G 119 -9.49 -28.61 -28.41
N VAL G 120 -8.69 -27.83 -27.69
CA VAL G 120 -8.07 -28.34 -26.46
C VAL G 120 -9.12 -28.61 -25.40
N GLU G 121 -10.15 -27.78 -25.32
CA GLU G 121 -11.19 -27.96 -24.32
C GLU G 121 -12.06 -29.19 -24.60
N VAL G 122 -12.06 -29.70 -25.83
CA VAL G 122 -12.87 -30.87 -26.15
C VAL G 122 -12.16 -32.15 -25.73
N LEU G 123 -10.85 -32.22 -25.94
CA LEU G 123 -10.11 -33.42 -25.58
C LEU G 123 -9.98 -33.58 -24.07
N LEU G 124 -10.05 -32.48 -23.32
CA LEU G 124 -9.95 -32.51 -21.87
C LEU G 124 -11.29 -32.76 -21.19
N LYS G 125 -12.36 -33.01 -21.96
CA LYS G 125 -13.67 -33.26 -21.38
C LYS G 125 -13.96 -34.75 -21.26
N HIS G 126 -13.63 -35.54 -22.28
CA HIS G 126 -13.89 -36.97 -22.22
C HIS G 126 -12.90 -37.68 -21.30
N GLY G 127 -11.66 -37.21 -21.24
CA GLY G 127 -10.66 -37.83 -20.39
C GLY G 127 -9.35 -38.10 -21.11
N ALA G 128 -8.41 -37.16 -21.01
CA ALA G 128 -7.11 -37.28 -21.65
C ALA G 128 -6.01 -37.34 -20.59
N ASP G 129 -4.85 -37.83 -21.01
CA ASP G 129 -3.72 -37.94 -20.10
C ASP G 129 -3.03 -36.59 -19.97
N VAL G 130 -2.83 -36.14 -18.74
CA VAL G 130 -2.19 -34.87 -18.47
C VAL G 130 -0.67 -34.99 -18.47
N ASN G 131 -0.14 -35.92 -17.67
CA ASN G 131 1.31 -36.15 -17.58
C ASN G 131 1.70 -37.32 -18.49
N ALA G 132 1.53 -37.09 -19.79
CA ALA G 132 1.86 -38.09 -20.80
C ALA G 132 3.26 -37.83 -21.34
N GLN G 133 4.16 -38.78 -21.10
CA GLN G 133 5.54 -38.66 -21.56
C GLN G 133 5.77 -39.53 -22.79
N ASP G 134 7.01 -39.54 -23.27
CA ASP G 134 7.37 -40.31 -24.45
C ASP G 134 8.83 -40.73 -24.40
N LYS G 135 9.45 -40.91 -25.57
CA LYS G 135 10.84 -41.31 -25.63
C LYS G 135 11.80 -40.16 -25.34
N PHE G 136 11.34 -38.92 -25.47
CA PHE G 136 12.18 -37.76 -25.21
C PHE G 136 11.98 -37.15 -23.83
N GLY G 137 10.90 -37.50 -23.15
CA GLY G 137 10.63 -36.97 -21.83
C GLY G 137 10.10 -35.55 -21.82
N LYS G 138 9.26 -35.20 -22.79
CA LYS G 138 8.67 -33.88 -22.90
C LYS G 138 7.15 -34.02 -22.89
N THR G 139 6.50 -33.34 -21.95
CA THR G 139 5.06 -33.38 -21.82
C THR G 139 4.45 -32.21 -22.59
N ALA G 140 3.21 -31.84 -22.28
CA ALA G 140 2.54 -30.74 -22.94
C ALA G 140 2.83 -29.39 -22.32
N PHE G 141 3.74 -29.33 -21.34
CA PHE G 141 4.09 -28.07 -20.68
C PHE G 141 5.44 -27.52 -21.12
N ASP G 142 6.40 -28.39 -21.43
CA ASP G 142 7.73 -27.95 -21.84
C ASP G 142 7.80 -27.65 -23.33
N ILE G 143 6.70 -27.79 -24.07
CA ILE G 143 6.68 -27.52 -25.50
C ILE G 143 6.01 -26.18 -25.82
N SER G 144 4.92 -25.87 -25.10
CA SER G 144 4.21 -24.61 -25.35
C SER G 144 5.02 -23.40 -24.91
N ILE G 145 6.01 -23.58 -24.03
CA ILE G 145 6.83 -22.44 -23.60
C ILE G 145 7.77 -22.01 -24.72
N ASP G 146 8.40 -22.96 -25.40
CA ASP G 146 9.31 -22.63 -26.49
C ASP G 146 8.57 -22.11 -27.70
N ASN G 147 7.31 -22.53 -27.90
CA ASN G 147 6.53 -22.07 -29.04
C ASN G 147 6.03 -20.65 -28.82
N GLY G 148 5.29 -20.43 -27.73
CA GLY G 148 4.75 -19.12 -27.42
C GLY G 148 3.56 -18.74 -28.27
N ASN G 149 2.35 -18.90 -27.71
CA ASN G 149 1.14 -18.57 -28.43
C ASN G 149 0.37 -17.56 -27.58
N GLU G 150 -0.63 -17.99 -26.82
CA GLU G 150 -1.41 -17.08 -26.00
C GLU G 150 -2.04 -17.82 -24.82
N ASP G 151 -2.97 -18.72 -25.12
CA ASP G 151 -3.68 -19.49 -24.09
C ASP G 151 -3.12 -20.88 -23.90
N LEU G 152 -1.99 -21.21 -24.55
CA LEU G 152 -1.40 -22.53 -24.41
C LEU G 152 -0.47 -22.61 -23.20
N ALA G 153 0.11 -21.49 -22.79
CA ALA G 153 1.01 -21.45 -21.63
C ALA G 153 0.40 -20.75 -20.44
N GLU G 154 -0.91 -20.49 -20.46
CA GLU G 154 -1.60 -19.81 -19.37
C GLU G 154 -2.78 -20.58 -18.83
N ILE G 155 -3.59 -21.18 -19.70
CA ILE G 155 -4.76 -21.94 -19.26
C ILE G 155 -4.42 -23.41 -19.03
N LEU G 156 -3.53 -23.98 -19.85
CA LEU G 156 -3.18 -25.38 -19.71
C LEU G 156 -2.44 -25.64 -18.40
N GLN G 157 -1.66 -24.67 -17.91
CA GLN G 157 -0.94 -24.84 -16.66
C GLN G 157 -1.84 -24.75 -15.44
N LYS G 158 -3.08 -24.28 -15.61
CA LYS G 158 -3.99 -24.17 -14.48
C LYS G 158 -4.70 -25.49 -14.18
N LEU G 159 -4.69 -26.43 -15.13
CA LEU G 159 -5.35 -27.71 -14.91
C LEU G 159 -4.40 -28.75 -14.35
N ASN G 160 -3.13 -28.70 -14.75
CA ASN G 160 -2.16 -29.67 -14.25
C ASN G 160 -1.82 -29.41 -12.79
N LEU G 161 -1.72 -28.14 -12.40
CA LEU G 161 -1.39 -27.78 -11.03
C LEU G 161 -2.57 -27.90 -10.08
N SER G 162 -3.79 -28.05 -10.60
CA SER G 162 -4.97 -28.17 -9.76
C SER G 162 -5.40 -29.60 -9.51
N ASP G 163 -5.15 -30.51 -10.46
CA ASP G 163 -5.55 -31.90 -10.27
C ASP G 163 -4.71 -32.60 -9.21
N ILE G 164 -3.47 -32.13 -9.01
CA ILE G 164 -2.61 -32.74 -8.00
C ILE G 164 -3.08 -32.39 -6.60
N ALA G 165 -3.72 -31.23 -6.44
CA ALA G 165 -4.19 -30.82 -5.12
C ALA G 165 -5.35 -31.68 -4.64
N HIS G 166 -6.11 -32.27 -5.56
CA HIS G 166 -7.24 -33.11 -5.16
C HIS G 166 -6.79 -34.42 -4.54
N ARG G 167 -5.57 -34.87 -4.82
CA ARG G 167 -5.05 -36.12 -4.27
C ARG G 167 -4.20 -35.89 -3.02
N ILE G 168 -4.28 -34.70 -2.42
CA ILE G 168 -3.52 -34.37 -1.22
C ILE G 168 -4.44 -34.02 -0.06
N VAL G 169 -5.37 -33.10 -0.28
CA VAL G 169 -6.29 -32.67 0.76
C VAL G 169 -7.63 -33.38 0.58
N ALA G 170 -7.59 -34.60 0.06
CA ALA G 170 -8.80 -35.37 -0.14
C ALA G 170 -9.42 -35.78 1.20
N PRO G 171 -10.74 -35.83 1.29
CA PRO G 171 -11.38 -36.23 2.55
C PRO G 171 -11.04 -37.66 2.94
N GLY G 172 -9.93 -37.82 3.67
CA GLY G 172 -9.50 -39.13 4.10
C GLY G 172 -7.99 -39.27 4.15
N LYS G 173 -7.30 -38.46 3.36
CA LYS G 173 -5.84 -38.48 3.31
C LYS G 173 -5.28 -37.43 4.26
N GLY G 174 -3.99 -37.12 4.11
CA GLY G 174 -3.37 -36.13 4.96
C GLY G 174 -1.99 -35.77 4.44
N ILE G 175 -1.33 -34.89 5.16
CA ILE G 175 0.01 -34.42 4.83
C ILE G 175 0.95 -34.81 5.96
N LEU G 176 2.01 -35.53 5.62
CA LEU G 176 3.01 -35.97 6.60
C LEU G 176 4.20 -35.03 6.52
N ALA G 177 4.37 -34.21 7.55
CA ALA G 177 5.47 -33.24 7.62
C ALA G 177 6.64 -33.87 8.35
N ALA G 178 7.78 -33.97 7.66
CA ALA G 178 9.01 -34.54 8.21
C ALA G 178 10.19 -33.96 7.44
N ASP G 179 10.41 -32.66 7.61
CA ASP G 179 11.52 -31.97 6.94
C ASP G 179 12.55 -31.47 7.94
N GLU G 180 12.90 -32.32 8.90
CA GLU G 180 13.89 -31.94 9.91
C GLU G 180 15.27 -31.86 9.27
N SER G 181 15.85 -30.67 9.28
CA SER G 181 17.16 -30.45 8.70
C SER G 181 18.24 -30.79 9.73
N THR G 182 19.49 -30.42 9.44
CA THR G 182 20.59 -30.70 10.35
C THR G 182 20.56 -29.81 11.59
N GLY G 183 19.89 -28.68 11.53
CA GLY G 183 19.81 -27.79 12.67
C GLY G 183 18.53 -27.95 13.47
N SER G 184 17.85 -29.09 13.29
CA SER G 184 16.61 -29.36 14.01
C SER G 184 16.45 -30.81 14.45
N ILE G 185 17.00 -31.78 13.73
CA ILE G 185 16.85 -33.18 14.13
C ILE G 185 17.83 -33.57 15.24
N ALA G 186 18.92 -32.80 15.41
CA ALA G 186 19.89 -33.13 16.44
C ALA G 186 19.37 -32.84 17.84
N LYS G 187 18.37 -31.98 17.98
CA LYS G 187 17.82 -31.68 19.29
C LYS G 187 16.95 -32.80 19.81
N ARG G 188 16.11 -33.38 18.95
CA ARG G 188 15.24 -34.47 19.36
C ARG G 188 15.99 -35.77 19.53
N LEU G 189 17.12 -35.94 18.83
CA LEU G 189 17.93 -37.15 18.92
C LEU G 189 19.09 -37.00 19.90
N GLN G 190 18.95 -36.16 20.93
CA GLN G 190 19.99 -35.94 21.92
C GLN G 190 19.57 -36.40 23.31
N SER G 191 18.35 -36.08 23.74
CA SER G 191 17.86 -36.47 25.05
C SER G 191 17.30 -37.88 25.07
N ILE G 192 17.30 -38.59 23.94
CA ILE G 192 16.77 -39.95 23.90
C ILE G 192 17.86 -40.98 24.17
N GLY G 193 19.09 -40.71 23.73
CA GLY G 193 20.19 -41.63 23.96
C GLY G 193 20.92 -42.01 22.69
N THR G 194 20.67 -41.28 21.61
CA THR G 194 21.30 -41.54 20.32
C THR G 194 22.17 -40.35 19.93
N GLU G 195 22.72 -40.40 18.72
CA GLU G 195 23.57 -39.35 18.19
C GLU G 195 22.97 -38.84 16.88
N ASN G 196 23.72 -37.97 16.20
CA ASN G 196 23.30 -37.35 14.94
C ASN G 196 24.32 -37.73 13.86
N THR G 197 24.03 -38.81 13.15
CA THR G 197 24.88 -39.28 12.06
C THR G 197 24.03 -39.44 10.80
N GLU G 198 24.70 -39.80 9.69
CA GLU G 198 23.98 -39.99 8.44
C GLU G 198 23.14 -41.25 8.45
N GLU G 199 23.59 -42.30 9.14
CA GLU G 199 22.83 -43.54 9.19
C GLU G 199 21.57 -43.40 10.04
N ASN G 200 21.63 -42.61 11.11
CA ASN G 200 20.47 -42.45 11.97
C ASN G 200 19.39 -41.62 11.30
N ARG G 201 19.78 -40.58 10.54
CA ARG G 201 18.79 -39.75 9.86
C ARG G 201 18.15 -40.46 8.67
N ARG G 202 18.84 -41.43 8.08
CA ARG G 202 18.30 -42.16 6.94
C ARG G 202 17.39 -43.30 7.36
N PHE G 203 17.77 -44.03 8.41
CA PHE G 203 16.95 -45.15 8.88
C PHE G 203 15.69 -44.67 9.57
N TYR G 204 15.70 -43.46 10.13
CA TYR G 204 14.51 -42.95 10.81
C TYR G 204 13.40 -42.60 9.83
N ARG G 205 13.76 -42.12 8.64
CA ARG G 205 12.75 -41.76 7.64
C ARG G 205 12.16 -42.98 6.94
N GLN G 206 12.90 -44.09 6.89
CA GLN G 206 12.40 -45.30 6.24
C GLN G 206 11.37 -46.04 7.09
N LEU G 207 11.30 -45.73 8.39
CA LEU G 207 10.35 -46.42 9.26
C LEU G 207 8.94 -45.87 9.08
N LEU G 208 8.82 -44.57 8.83
CA LEU G 208 7.50 -43.95 8.63
C LEU G 208 6.97 -44.16 7.23
N LEU G 209 7.82 -44.52 6.27
CA LEU G 209 7.38 -44.73 4.90
C LEU G 209 7.15 -46.21 4.64
N THR G 210 8.22 -46.99 4.56
CA THR G 210 8.12 -48.42 4.32
C THR G 210 7.62 -49.14 5.55
N ALA G 211 6.29 -49.24 5.70
CA ALA G 211 5.70 -49.91 6.85
C ALA G 211 4.48 -50.71 6.43
N ASP G 212 3.40 -50.62 7.21
CA ASP G 212 2.18 -51.34 6.91
C ASP G 212 1.43 -50.66 5.76
N ASP G 213 0.67 -51.46 5.03
CA ASP G 213 -0.10 -50.99 3.88
C ASP G 213 -1.44 -50.38 4.28
N ARG G 214 -1.72 -50.25 5.58
CA ARG G 214 -2.98 -49.68 6.05
C ARG G 214 -2.92 -48.17 6.21
N VAL G 215 -1.83 -47.53 5.78
CA VAL G 215 -1.67 -46.09 5.87
C VAL G 215 -1.65 -45.44 4.49
N ASN G 216 -2.01 -46.19 3.45
CA ASN G 216 -2.01 -45.61 2.10
C ASN G 216 -3.16 -44.63 1.89
N PRO G 217 -4.43 -44.98 2.18
CA PRO G 217 -5.51 -44.00 1.98
C PRO G 217 -5.54 -42.90 3.02
N CYS G 218 -4.72 -42.98 4.06
CA CYS G 218 -4.69 -41.95 5.10
C CYS G 218 -3.58 -40.92 4.90
N ILE G 219 -2.59 -41.22 4.06
CA ILE G 219 -1.48 -40.31 3.79
C ILE G 219 -1.50 -39.96 2.32
N GLY G 220 -1.60 -38.66 2.02
CA GLY G 220 -1.64 -38.21 0.65
C GLY G 220 -0.38 -37.44 0.24
N GLY G 221 0.27 -36.82 1.21
CA GLY G 221 1.48 -36.06 0.95
C GLY G 221 2.55 -36.27 2.00
N VAL G 222 3.79 -36.45 1.57
CA VAL G 222 4.92 -36.66 2.47
C VAL G 222 5.94 -35.56 2.21
N ILE G 223 6.31 -34.84 3.27
CA ILE G 223 7.29 -33.76 3.17
C ILE G 223 8.67 -34.32 3.51
N LEU G 224 9.63 -34.13 2.61
CA LEU G 224 10.98 -34.64 2.82
C LEU G 224 11.99 -33.50 2.82
N PHE G 225 13.25 -33.82 2.52
CA PHE G 225 14.33 -32.85 2.49
C PHE G 225 15.13 -33.02 1.21
N HIS G 226 15.92 -32.00 0.89
CA HIS G 226 16.73 -32.05 -0.32
C HIS G 226 17.76 -33.18 -0.27
N GLU G 227 18.31 -33.45 0.92
CA GLU G 227 19.26 -34.53 1.07
C GLU G 227 18.57 -35.89 1.08
N THR G 228 17.29 -35.94 1.46
CA THR G 228 16.57 -37.21 1.50
C THR G 228 16.35 -37.77 0.11
N LEU G 229 16.08 -36.89 -0.87
CA LEU G 229 15.82 -37.34 -2.23
C LEU G 229 17.06 -37.95 -2.88
N TYR G 230 18.25 -37.60 -2.41
CA TYR G 230 19.50 -38.14 -2.94
C TYR G 230 19.94 -39.41 -2.23
N GLN G 231 19.04 -40.06 -1.49
CA GLN G 231 19.34 -41.28 -0.77
C GLN G 231 18.38 -42.39 -1.17
N LYS G 232 18.84 -43.63 -1.09
CA LYS G 232 18.05 -44.80 -1.44
C LYS G 232 17.73 -45.61 -0.19
N ALA G 233 16.91 -46.64 -0.39
CA ALA G 233 16.50 -47.52 0.70
C ALA G 233 17.36 -48.78 0.71
N ASP G 234 17.11 -49.65 1.69
CA ASP G 234 17.86 -50.89 1.81
C ASP G 234 17.36 -51.97 0.84
N ASP G 235 16.14 -51.86 0.34
CA ASP G 235 15.62 -52.85 -0.59
C ASP G 235 16.22 -52.69 -1.98
N GLY G 236 16.46 -51.44 -2.41
CA GLY G 236 17.03 -51.19 -3.71
C GLY G 236 16.21 -50.20 -4.52
N ARG G 237 15.19 -49.62 -3.91
CA ARG G 237 14.34 -48.66 -4.58
C ARG G 237 14.49 -47.27 -3.96
N PRO G 238 14.52 -46.22 -4.78
CA PRO G 238 14.63 -44.86 -4.23
C PRO G 238 13.41 -44.47 -3.41
N PHE G 239 13.57 -43.39 -2.65
CA PHE G 239 12.47 -42.93 -1.80
C PHE G 239 11.29 -42.40 -2.60
N PRO G 240 11.47 -41.53 -3.61
CA PRO G 240 10.30 -41.05 -4.36
C PRO G 240 9.54 -42.15 -5.11
N GLN G 241 10.20 -43.26 -5.44
CA GLN G 241 9.55 -44.34 -6.16
C GLN G 241 8.70 -45.24 -5.27
N VAL G 242 8.67 -44.98 -3.97
CA VAL G 242 7.86 -45.77 -3.04
C VAL G 242 6.63 -45.01 -2.60
N ILE G 243 6.75 -43.69 -2.39
CA ILE G 243 5.61 -42.90 -1.93
C ILE G 243 4.55 -42.81 -3.02
N LYS G 244 4.98 -42.57 -4.27
CA LYS G 244 4.02 -42.47 -5.37
C LYS G 244 3.45 -43.81 -5.78
N SER G 245 4.11 -44.92 -5.42
CA SER G 245 3.61 -46.24 -5.77
C SER G 245 2.48 -46.71 -4.86
N LYS G 246 2.35 -46.13 -3.67
CA LYS G 246 1.30 -46.51 -2.73
C LYS G 246 0.16 -45.49 -2.66
N GLY G 247 0.32 -44.33 -3.29
CA GLY G 247 -0.72 -43.31 -3.27
C GLY G 247 -0.34 -42.09 -2.46
N GLY G 248 0.81 -41.50 -2.77
CA GLY G 248 1.27 -40.32 -2.06
C GLY G 248 2.07 -39.41 -2.97
N VAL G 249 2.26 -38.18 -2.51
CA VAL G 249 3.00 -37.17 -3.25
C VAL G 249 4.27 -36.84 -2.46
N VAL G 250 5.39 -36.77 -3.17
CA VAL G 250 6.69 -36.54 -2.56
C VAL G 250 6.94 -35.04 -2.48
N GLY G 251 7.43 -34.59 -1.33
CA GLY G 251 7.75 -33.20 -1.10
C GLY G 251 9.24 -33.00 -0.84
N ILE G 252 9.61 -31.73 -0.69
CA ILE G 252 11.00 -31.36 -0.46
C ILE G 252 11.03 -30.01 0.24
N LYS G 253 11.90 -29.88 1.23
CA LYS G 253 12.07 -28.62 1.94
C LYS G 253 12.99 -27.70 1.15
N VAL G 254 12.49 -26.52 0.81
CA VAL G 254 13.25 -25.57 0.00
C VAL G 254 13.65 -24.32 0.77
N ASP G 255 12.92 -23.95 1.83
CA ASP G 255 13.26 -22.76 2.58
C ASP G 255 14.44 -23.03 3.52
N LYS G 256 15.23 -21.98 3.76
CA LYS G 256 16.41 -22.10 4.60
C LYS G 256 16.11 -21.60 6.02
N GLY G 257 17.07 -20.91 6.62
CA GLY G 257 16.92 -20.40 7.96
C GLY G 257 16.16 -19.08 7.99
N VAL G 258 16.35 -18.35 9.10
CA VAL G 258 15.70 -17.07 9.30
C VAL G 258 16.77 -15.98 9.40
N VAL G 259 16.36 -14.76 9.08
CA VAL G 259 17.23 -13.60 9.11
C VAL G 259 16.57 -12.53 9.98
N PRO G 260 17.18 -12.11 11.09
CA PRO G 260 16.57 -11.07 11.92
C PRO G 260 16.54 -9.73 11.19
N LEU G 261 15.56 -8.91 11.55
CA LEU G 261 15.39 -7.60 10.95
C LEU G 261 16.20 -6.58 11.74
N ALA G 262 15.98 -5.29 11.46
CA ALA G 262 16.68 -4.21 12.12
C ALA G 262 15.68 -3.22 12.68
N GLY G 263 15.89 -2.79 13.93
CA GLY G 263 14.99 -1.84 14.55
C GLY G 263 13.65 -2.42 14.96
N THR G 264 13.56 -3.73 15.13
CA THR G 264 12.34 -4.43 15.51
C THR G 264 12.49 -4.94 16.95
N ASN G 265 11.83 -6.06 17.26
CA ASN G 265 11.89 -6.66 18.58
C ASN G 265 11.72 -8.17 18.44
N GLY G 266 12.62 -8.80 17.70
CA GLY G 266 12.57 -10.23 17.48
C GLY G 266 11.91 -10.67 16.20
N GLU G 267 11.57 -9.75 15.30
CA GLU G 267 10.92 -10.10 14.05
C GLU G 267 11.96 -10.64 13.06
N THR G 268 11.66 -11.80 12.48
CA THR G 268 12.53 -12.45 11.51
C THR G 268 11.78 -12.69 10.21
N THR G 269 12.49 -13.20 9.20
CA THR G 269 11.89 -13.49 7.92
C THR G 269 12.22 -14.92 7.48
N THR G 270 11.94 -15.25 6.22
CA THR G 270 12.21 -16.57 5.67
C THR G 270 13.18 -16.44 4.51
N GLN G 271 14.25 -17.23 4.55
CA GLN G 271 15.28 -17.22 3.52
C GLN G 271 15.00 -18.32 2.52
N GLY G 272 15.04 -17.98 1.24
CA GLY G 272 14.80 -18.95 0.19
C GLY G 272 14.22 -18.35 -1.08
N LEU G 273 14.64 -17.13 -1.41
CA LEU G 273 14.16 -16.43 -2.59
C LEU G 273 15.12 -16.50 -3.76
N ASP G 274 16.42 -16.42 -3.50
CA ASP G 274 17.42 -16.47 -4.57
C ASP G 274 17.62 -17.91 -5.04
N GLY G 275 17.89 -18.05 -6.33
CA GLY G 275 18.12 -19.37 -6.90
C GLY G 275 16.88 -20.24 -7.00
N LEU G 276 15.69 -19.65 -6.93
CA LEU G 276 14.47 -20.44 -7.01
C LEU G 276 14.20 -20.91 -8.44
N SER G 277 14.56 -20.11 -9.43
CA SER G 277 14.33 -20.49 -10.82
C SER G 277 15.24 -21.62 -11.27
N GLU G 278 16.36 -21.84 -10.59
CA GLU G 278 17.29 -22.91 -10.94
C GLU G 278 17.02 -24.20 -10.20
N ARG G 279 16.14 -24.20 -9.20
CA ARG G 279 15.82 -25.39 -8.44
C ARG G 279 14.49 -26.01 -8.81
N CYS G 280 13.55 -25.23 -9.37
CA CYS G 280 12.26 -25.77 -9.75
C CYS G 280 12.36 -26.63 -11.02
N ALA G 281 13.36 -26.37 -11.86
CA ALA G 281 13.55 -27.14 -13.08
C ALA G 281 14.19 -28.50 -12.84
N GLN G 282 14.67 -28.76 -11.62
CA GLN G 282 15.30 -30.03 -11.27
C GLN G 282 14.47 -30.87 -10.32
N TYR G 283 13.80 -30.25 -9.36
CA TYR G 283 12.99 -31.01 -8.41
C TYR G 283 11.74 -31.59 -9.05
N LYS G 284 11.27 -31.03 -10.17
CA LYS G 284 10.08 -31.56 -10.82
C LYS G 284 10.36 -32.89 -11.48
N LYS G 285 11.55 -33.05 -12.08
CA LYS G 285 11.89 -34.31 -12.74
C LYS G 285 12.15 -35.43 -11.74
N ASP G 286 12.46 -35.10 -10.48
CA ASP G 286 12.72 -36.13 -9.49
C ASP G 286 11.43 -36.76 -8.98
N GLY G 287 10.38 -35.95 -8.81
CA GLY G 287 9.11 -36.45 -8.33
C GLY G 287 8.50 -35.59 -7.23
N ALA G 288 9.01 -34.36 -7.10
CA ALA G 288 8.52 -33.42 -6.10
C ALA G 288 7.50 -32.48 -6.74
N ASP G 289 6.28 -32.48 -6.19
CA ASP G 289 5.20 -31.64 -6.71
C ASP G 289 4.85 -30.47 -5.81
N PHE G 290 5.34 -30.46 -4.56
CA PHE G 290 5.06 -29.38 -3.63
C PHE G 290 6.29 -29.17 -2.75
N ALA G 291 6.16 -28.26 -1.79
CA ALA G 291 7.25 -27.94 -0.88
C ALA G 291 6.64 -27.52 0.46
N LYS G 292 7.40 -26.76 1.25
CA LYS G 292 6.93 -26.31 2.55
C LYS G 292 7.64 -25.00 2.88
N TRP G 293 6.90 -23.89 2.82
CA TRP G 293 7.45 -22.56 3.08
C TRP G 293 7.00 -22.13 4.47
N ARG G 294 7.86 -22.39 5.47
CA ARG G 294 7.55 -22.09 6.85
C ARG G 294 8.15 -20.74 7.25
N CYS G 295 7.37 -19.94 7.96
CA CYS G 295 7.79 -18.65 8.46
C CYS G 295 7.74 -18.64 9.98
N VAL G 296 8.20 -17.54 10.58
CA VAL G 296 8.25 -17.38 12.02
C VAL G 296 7.47 -16.13 12.39
N LEU G 297 6.38 -16.30 13.13
CA LEU G 297 5.54 -15.21 13.58
C LEU G 297 5.23 -15.38 15.06
N LYS G 298 5.33 -14.29 15.81
CA LYS G 298 5.07 -14.31 17.24
C LYS G 298 4.18 -13.14 17.61
N ILE G 299 3.55 -13.24 18.78
CA ILE G 299 2.65 -12.22 19.30
C ILE G 299 3.21 -11.72 20.62
N GLY G 300 3.57 -10.45 20.67
CA GLY G 300 4.12 -9.83 21.86
C GLY G 300 3.37 -8.56 22.21
N GLU G 301 4.14 -7.54 22.62
CA GLU G 301 3.53 -6.26 22.98
C GLU G 301 3.08 -5.50 21.74
N HIS G 302 4.00 -5.24 20.82
CA HIS G 302 3.69 -4.53 19.58
C HIS G 302 4.00 -5.33 18.34
N THR G 303 4.47 -6.58 18.47
CA THR G 303 4.79 -7.41 17.32
C THR G 303 3.70 -8.44 17.09
N PRO G 304 3.21 -8.62 15.86
CA PRO G 304 3.64 -7.86 14.69
C PRO G 304 2.96 -6.50 14.57
N SER G 305 3.59 -5.57 13.87
CA SER G 305 3.02 -4.24 13.68
C SER G 305 2.82 -3.93 12.20
N ALA G 306 3.19 -2.73 11.77
CA ALA G 306 3.05 -2.31 10.38
C ALA G 306 4.31 -2.56 9.58
N LEU G 307 5.13 -3.53 9.97
CA LEU G 307 6.36 -3.83 9.25
C LEU G 307 6.47 -5.32 8.95
N ALA G 308 6.15 -6.15 9.94
CA ALA G 308 6.22 -7.60 9.73
C ALA G 308 5.11 -8.09 8.82
N ILE G 309 3.98 -7.39 8.78
CA ILE G 309 2.88 -7.81 7.92
C ILE G 309 3.14 -7.42 6.47
N MET G 310 3.67 -6.21 6.25
CA MET G 310 3.95 -5.78 4.88
C MET G 310 5.12 -6.54 4.28
N GLU G 311 6.12 -6.90 5.10
CA GLU G 311 7.27 -7.63 4.59
C GLU G 311 6.88 -9.04 4.15
N ASN G 312 6.12 -9.74 5.00
CA ASN G 312 5.70 -11.11 4.69
C ASN G 312 4.59 -11.17 3.65
N ALA G 313 3.97 -10.03 3.31
CA ALA G 313 2.90 -10.05 2.31
C ALA G 313 3.46 -10.23 0.90
N ASN G 314 4.71 -9.82 0.66
CA ASN G 314 5.34 -9.94 -0.64
C ASN G 314 6.18 -11.20 -0.79
N VAL G 315 6.74 -11.71 0.30
CA VAL G 315 7.56 -12.91 0.22
C VAL G 315 6.70 -14.13 -0.09
N LEU G 316 5.50 -14.19 0.51
CA LEU G 316 4.61 -15.32 0.27
C LEU G 316 4.04 -15.30 -1.15
N ALA G 317 4.02 -14.14 -1.80
CA ALA G 317 3.50 -14.05 -3.17
C ALA G 317 4.59 -14.20 -4.21
N ARG G 318 5.83 -13.82 -3.89
CA ARG G 318 6.93 -13.95 -4.85
C ARG G 318 7.32 -15.42 -5.05
N TYR G 319 7.17 -16.25 -4.01
CA TYR G 319 7.53 -17.65 -4.13
C TYR G 319 6.59 -18.40 -5.05
N ALA G 320 5.31 -18.00 -5.11
CA ALA G 320 4.33 -18.66 -5.95
C ALA G 320 4.36 -18.19 -7.40
N SER G 321 5.30 -17.32 -7.76
CA SER G 321 5.41 -16.81 -9.12
C SER G 321 6.42 -17.56 -9.96
N ILE G 322 7.16 -18.50 -9.37
CA ILE G 322 8.17 -19.28 -10.08
C ILE G 322 7.84 -20.76 -10.07
N CYS G 323 7.34 -21.29 -8.95
CA CYS G 323 7.04 -22.71 -8.88
C CYS G 323 5.87 -23.11 -9.77
N GLN G 324 4.97 -22.16 -10.04
CA GLN G 324 3.83 -22.46 -10.91
C GLN G 324 4.22 -22.54 -12.38
N GLN G 325 5.39 -22.01 -12.74
CA GLN G 325 5.86 -22.04 -14.12
C GLN G 325 6.73 -23.26 -14.41
N ASN G 326 6.73 -24.26 -13.53
CA ASN G 326 7.52 -25.47 -13.72
C ASN G 326 6.69 -26.71 -13.45
N GLY G 327 6.14 -26.82 -12.24
CA GLY G 327 5.33 -27.96 -11.87
C GLY G 327 5.29 -28.22 -10.39
N ILE G 328 5.69 -27.23 -9.59
CA ILE G 328 5.71 -27.33 -8.14
C ILE G 328 4.54 -26.54 -7.59
N VAL G 329 3.76 -27.17 -6.72
CA VAL G 329 2.59 -26.54 -6.11
C VAL G 329 3.06 -25.77 -4.87
N PRO G 330 2.98 -24.45 -4.85
CA PRO G 330 3.41 -23.71 -3.66
C PRO G 330 2.40 -23.85 -2.53
N ILE G 331 2.92 -23.95 -1.30
CA ILE G 331 2.12 -24.10 -0.10
C ILE G 331 2.51 -22.99 0.86
N VAL G 332 1.57 -22.10 1.15
CA VAL G 332 1.80 -21.00 2.08
C VAL G 332 1.48 -21.47 3.49
N GLU G 333 2.43 -21.29 4.41
CA GLU G 333 2.29 -21.73 5.80
C GLU G 333 2.52 -20.54 6.72
N PRO G 334 1.48 -19.74 6.98
CA PRO G 334 1.61 -18.60 7.91
C PRO G 334 1.55 -19.05 9.37
N GLU G 335 2.61 -19.72 9.80
CA GLU G 335 2.67 -20.23 11.17
C GLU G 335 2.90 -19.10 12.16
N ILE G 336 2.08 -19.05 13.20
CA ILE G 336 2.18 -18.04 14.24
C ILE G 336 2.47 -18.76 15.56
N LEU G 337 3.64 -18.50 16.13
CA LEU G 337 4.01 -19.14 17.37
C LEU G 337 3.25 -18.52 18.53
N PRO G 338 2.46 -19.29 19.28
CA PRO G 338 1.71 -18.71 20.41
C PRO G 338 2.62 -18.39 21.60
N ASP G 339 3.39 -17.31 21.49
CA ASP G 339 4.30 -16.89 22.54
C ASP G 339 3.65 -15.80 23.40
N GLY G 340 4.20 -15.62 24.59
CA GLY G 340 3.67 -14.62 25.50
C GLY G 340 2.38 -15.10 26.16
N ASP G 341 1.46 -14.16 26.38
CA ASP G 341 0.18 -14.47 27.00
C ASP G 341 -0.92 -13.68 26.30
N HIS G 342 -1.96 -14.38 25.86
CA HIS G 342 -3.07 -13.76 25.17
C HIS G 342 -4.28 -14.69 25.23
N ASP G 343 -5.46 -14.10 25.09
CA ASP G 343 -6.72 -14.83 25.12
C ASP G 343 -7.22 -15.04 23.69
N LEU G 344 -8.49 -15.44 23.58
CA LEU G 344 -9.07 -15.67 22.25
C LEU G 344 -9.42 -14.35 21.56
N LYS G 345 -9.68 -13.29 22.33
CA LYS G 345 -10.03 -12.01 21.73
C LYS G 345 -8.80 -11.31 21.14
N ARG G 346 -7.60 -11.68 21.57
CA ARG G 346 -6.37 -11.08 21.06
C ARG G 346 -5.67 -11.94 20.02
N CYS G 347 -5.69 -13.26 20.18
CA CYS G 347 -5.06 -14.14 19.21
C CYS G 347 -5.79 -14.12 17.88
N GLN G 348 -7.12 -14.02 17.92
CA GLN G 348 -7.90 -13.95 16.68
C GLN G 348 -7.72 -12.61 15.98
N TYR G 349 -7.47 -11.55 16.73
CA TYR G 349 -7.27 -10.23 16.12
C TYR G 349 -5.98 -10.19 15.31
N VAL G 350 -4.93 -10.85 15.78
CA VAL G 350 -3.68 -10.86 15.04
C VAL G 350 -3.78 -11.76 13.81
N THR G 351 -4.56 -12.84 13.89
CA THR G 351 -4.69 -13.74 12.76
C THR G 351 -5.41 -13.07 11.59
N GLU G 352 -6.41 -12.24 11.88
CA GLU G 352 -7.14 -11.57 10.81
C GLU G 352 -6.31 -10.49 10.13
N LYS G 353 -5.24 -10.02 10.77
CA LYS G 353 -4.40 -8.99 10.16
C LYS G 353 -3.34 -9.59 9.25
N VAL G 354 -2.82 -10.78 9.58
CA VAL G 354 -1.78 -11.39 8.76
C VAL G 354 -2.38 -12.04 7.52
N LEU G 355 -3.49 -12.76 7.68
CA LEU G 355 -4.11 -13.44 6.55
C LEU G 355 -4.74 -12.48 5.57
N ALA G 356 -5.04 -11.25 5.99
CA ALA G 356 -5.65 -10.27 5.09
C ALA G 356 -4.67 -9.76 4.04
N ALA G 357 -3.36 -9.82 4.32
CA ALA G 357 -2.35 -9.35 3.39
C ALA G 357 -1.75 -10.47 2.56
N VAL G 358 -2.14 -11.73 2.79
CA VAL G 358 -1.60 -12.84 2.03
C VAL G 358 -2.21 -12.89 0.63
N TYR G 359 -3.53 -13.01 0.55
CA TYR G 359 -4.21 -13.08 -0.74
C TYR G 359 -4.31 -11.73 -1.43
N LYS G 360 -3.92 -10.63 -0.76
CA LYS G 360 -3.95 -9.33 -1.41
C LYS G 360 -2.88 -9.22 -2.48
N ALA G 361 -1.67 -9.71 -2.20
CA ALA G 361 -0.59 -9.68 -3.18
C ALA G 361 -0.68 -10.81 -4.19
N LEU G 362 -1.45 -11.86 -3.90
CA LEU G 362 -1.57 -12.96 -4.85
C LEU G 362 -2.36 -12.55 -6.08
N SER G 363 -3.28 -11.60 -5.94
CA SER G 363 -4.08 -11.14 -7.07
C SER G 363 -3.30 -10.19 -7.99
N ASP G 364 -2.09 -9.79 -7.60
CA ASP G 364 -1.26 -8.90 -8.40
C ASP G 364 -0.15 -9.63 -9.15
N HIS G 365 0.46 -10.63 -8.53
CA HIS G 365 1.54 -11.38 -9.14
C HIS G 365 1.04 -12.54 -10.02
N HIS G 366 -0.26 -12.55 -10.35
CA HIS G 366 -0.87 -13.59 -11.19
C HIS G 366 -0.64 -14.98 -10.57
N ILE G 367 -1.39 -15.22 -9.49
CA ILE G 367 -1.31 -16.46 -8.73
C ILE G 367 -2.63 -17.21 -8.89
N TYR G 368 -2.54 -18.47 -9.30
CA TYR G 368 -3.73 -19.31 -9.46
C TYR G 368 -4.17 -19.82 -8.10
N LEU G 369 -5.26 -19.27 -7.58
CA LEU G 369 -5.70 -19.61 -6.23
C LEU G 369 -6.29 -21.02 -6.16
N GLU G 370 -6.85 -21.52 -7.26
CA GLU G 370 -7.45 -22.84 -7.29
C GLU G 370 -6.43 -23.96 -7.44
N GLY G 371 -5.13 -23.65 -7.34
CA GLY G 371 -4.10 -24.66 -7.47
C GLY G 371 -3.02 -24.54 -6.42
N THR G 372 -3.31 -23.83 -5.34
CA THR G 372 -2.38 -23.65 -4.23
C THR G 372 -3.00 -24.17 -2.94
N LEU G 373 -2.15 -24.31 -1.92
CA LEU G 373 -2.56 -24.80 -0.62
C LEU G 373 -2.14 -23.82 0.46
N LEU G 374 -2.93 -23.76 1.53
CA LEU G 374 -2.65 -22.90 2.67
C LEU G 374 -2.58 -23.72 3.94
N LYS G 375 -1.62 -23.38 4.81
CA LYS G 375 -1.41 -24.09 6.08
C LYS G 375 -1.39 -23.06 7.21
N PRO G 376 -2.55 -22.56 7.62
CA PRO G 376 -2.59 -21.58 8.71
C PRO G 376 -2.56 -22.27 10.07
N ASN G 377 -2.11 -21.51 11.07
CA ASN G 377 -2.04 -22.01 12.43
C ASN G 377 -3.38 -21.85 13.13
N MET G 378 -3.61 -22.70 14.14
CA MET G 378 -4.85 -22.63 14.89
C MET G 378 -4.89 -21.40 15.79
N VAL G 379 -6.08 -21.06 16.25
CA VAL G 379 -6.29 -19.92 17.13
C VAL G 379 -6.30 -20.48 18.56
N THR G 380 -5.11 -20.59 19.13
CA THR G 380 -4.94 -21.11 20.48
C THR G 380 -4.32 -20.06 21.39
N PRO G 381 -4.74 -20.00 22.65
CA PRO G 381 -4.16 -19.02 23.58
C PRO G 381 -2.72 -19.38 23.93
N GLY G 382 -2.04 -18.42 24.56
CA GLY G 382 -0.66 -18.62 24.94
C GLY G 382 -0.52 -19.59 26.10
N HIS G 383 0.71 -20.06 26.29
CA HIS G 383 1.00 -21.01 27.36
C HIS G 383 0.99 -20.35 28.74
N ALA G 384 1.20 -19.04 28.80
CA ALA G 384 1.21 -18.31 30.06
C ALA G 384 -0.16 -17.79 30.46
N CYS G 385 -1.21 -18.13 29.70
CA CYS G 385 -2.56 -17.68 30.01
C CYS G 385 -3.13 -18.47 31.17
N THR G 386 -3.84 -17.78 32.06
CA THR G 386 -4.45 -18.41 33.23
C THR G 386 -5.90 -18.83 32.99
N GLN G 387 -6.57 -18.23 32.01
CA GLN G 387 -7.96 -18.55 31.71
C GLN G 387 -8.01 -19.73 30.75
N LYS G 388 -8.65 -20.81 31.17
CA LYS G 388 -8.76 -22.01 30.35
C LYS G 388 -10.01 -21.94 29.47
N TYR G 389 -9.98 -22.71 28.38
CA TYR G 389 -11.10 -22.75 27.44
C TYR G 389 -11.38 -24.19 27.07
N SER G 390 -12.62 -24.45 26.68
CA SER G 390 -13.04 -25.79 26.28
C SER G 390 -12.69 -26.04 24.82
N HIS G 391 -13.01 -27.25 24.35
CA HIS G 391 -12.74 -27.62 22.97
C HIS G 391 -13.73 -27.02 21.98
N GLU G 392 -14.88 -26.54 22.44
CA GLU G 392 -15.88 -25.95 21.55
C GLU G 392 -15.65 -24.47 21.32
N GLU G 393 -15.08 -23.76 22.29
CA GLU G 393 -14.83 -22.33 22.14
C GLU G 393 -13.62 -22.06 21.26
N ILE G 394 -12.67 -22.99 21.19
CA ILE G 394 -11.48 -22.79 20.36
C ILE G 394 -11.83 -23.00 18.89
N ALA G 395 -12.61 -24.03 18.56
CA ALA G 395 -12.98 -24.28 17.18
C ALA G 395 -14.01 -23.28 16.67
N MET G 396 -14.68 -22.55 17.55
CA MET G 396 -15.67 -21.57 17.10
C MET G 396 -14.99 -20.35 16.50
N ALA G 397 -13.96 -19.82 17.17
CA ALA G 397 -13.23 -18.66 16.68
C ALA G 397 -12.23 -19.01 15.58
N THR G 398 -11.91 -20.29 15.39
CA THR G 398 -10.97 -20.68 14.35
C THR G 398 -11.61 -20.65 12.97
N VAL G 399 -12.82 -21.21 12.85
CA VAL G 399 -13.49 -21.23 11.56
C VAL G 399 -13.94 -19.82 11.17
N THR G 400 -14.34 -19.01 12.15
CA THR G 400 -14.78 -17.65 11.85
C THR G 400 -13.62 -16.79 11.34
N ALA G 401 -12.42 -16.99 11.89
CA ALA G 401 -11.28 -16.20 11.47
C ALA G 401 -10.79 -16.58 10.07
N LEU G 402 -11.16 -17.76 9.58
CA LEU G 402 -10.74 -18.20 8.25
C LEU G 402 -11.71 -17.81 7.16
N ARG G 403 -13.01 -17.75 7.46
CA ARG G 403 -14.00 -17.39 6.46
C ARG G 403 -13.97 -15.92 6.09
N ARG G 404 -13.22 -15.10 6.82
CA ARG G 404 -13.14 -13.67 6.53
C ARG G 404 -11.99 -13.31 5.59
N THR G 405 -10.97 -14.14 5.52
CA THR G 405 -9.80 -13.86 4.68
C THR G 405 -9.55 -14.93 3.62
N VAL G 406 -9.68 -16.20 3.97
CA VAL G 406 -9.43 -17.29 3.03
C VAL G 406 -10.57 -17.37 2.03
N PRO G 407 -10.32 -17.20 0.74
CA PRO G 407 -11.38 -17.30 -0.26
C PRO G 407 -11.80 -18.75 -0.47
N PRO G 408 -13.01 -18.99 -0.97
CA PRO G 408 -13.46 -20.37 -1.20
C PRO G 408 -12.78 -21.06 -2.37
N ALA G 409 -11.91 -20.36 -3.11
CA ALA G 409 -11.22 -20.97 -4.23
C ALA G 409 -10.11 -21.93 -3.81
N VAL G 410 -9.77 -21.96 -2.51
CA VAL G 410 -8.73 -22.86 -2.04
C VAL G 410 -9.24 -24.29 -2.06
N THR G 411 -8.40 -25.21 -2.55
CA THR G 411 -8.81 -26.61 -2.63
C THR G 411 -8.93 -27.22 -1.25
N GLY G 412 -7.95 -26.99 -0.38
CA GLY G 412 -7.99 -27.53 0.97
C GLY G 412 -7.18 -26.68 1.91
N VAL G 413 -7.63 -26.62 3.16
CA VAL G 413 -6.98 -25.86 4.21
C VAL G 413 -6.55 -26.82 5.31
N THR G 414 -5.26 -26.81 5.64
CA THR G 414 -4.70 -27.67 6.66
C THR G 414 -4.47 -26.89 7.95
N PHE G 415 -3.88 -27.54 8.95
CA PHE G 415 -3.59 -26.91 10.23
C PHE G 415 -2.27 -27.43 10.76
N LEU G 416 -1.88 -26.97 11.94
CA LEU G 416 -0.65 -27.38 12.60
C LEU G 416 -0.99 -27.94 13.98
N SER G 417 0.06 -28.34 14.70
CA SER G 417 -0.11 -28.87 16.06
C SER G 417 -0.01 -27.80 17.12
N GLY G 418 0.69 -26.70 16.84
CA GLY G 418 0.83 -25.63 17.81
C GLY G 418 1.78 -25.89 18.94
N GLY G 419 2.59 -26.95 18.86
CA GLY G 419 3.51 -27.26 19.93
C GLY G 419 2.87 -27.79 21.20
N GLN G 420 1.64 -28.30 21.11
CA GLN G 420 0.95 -28.83 22.28
C GLN G 420 1.24 -30.31 22.46
N SER G 421 0.30 -31.04 23.03
CA SER G 421 0.48 -32.47 23.26
C SER G 421 0.08 -33.26 22.01
N GLU G 422 0.39 -34.56 22.04
CA GLU G 422 0.06 -35.42 20.90
C GLU G 422 -1.42 -35.74 20.85
N GLU G 423 -2.02 -36.08 22.00
CA GLU G 423 -3.44 -36.40 22.04
C GLU G 423 -4.32 -35.14 21.98
N GLU G 424 -3.84 -34.03 22.55
CA GLU G 424 -4.62 -32.80 22.54
C GLU G 424 -4.78 -32.25 21.13
N ALA G 425 -3.78 -32.43 20.28
CA ALA G 425 -3.85 -31.93 18.91
C ALA G 425 -4.90 -32.68 18.07
N SER G 426 -5.23 -33.91 18.44
CA SER G 426 -6.21 -34.69 17.70
C SER G 426 -7.64 -34.44 18.17
N ILE G 427 -7.81 -34.00 19.43
CA ILE G 427 -9.15 -33.74 19.93
C ILE G 427 -9.68 -32.40 19.40
N ASN G 428 -8.83 -31.37 19.38
CA ASN G 428 -9.25 -30.07 18.88
C ASN G 428 -9.50 -30.07 17.38
N LEU G 429 -8.90 -31.01 16.64
CA LEU G 429 -9.11 -31.05 15.20
C LEU G 429 -10.51 -31.56 14.85
N ASN G 430 -11.05 -32.49 15.65
CA ASN G 430 -12.39 -33.01 15.37
C ASN G 430 -13.46 -31.97 15.64
N ALA G 431 -13.25 -31.08 16.61
CA ALA G 431 -14.24 -30.06 16.93
C ALA G 431 -14.35 -29.01 15.84
N ILE G 432 -13.34 -28.88 14.97
CA ILE G 432 -13.39 -27.89 13.91
C ILE G 432 -14.34 -28.35 12.80
N ASN G 433 -14.27 -29.64 12.43
CA ASN G 433 -15.13 -30.16 11.38
C ASN G 433 -16.57 -30.30 11.83
N LYS G 434 -16.82 -30.44 13.12
CA LYS G 434 -18.17 -30.58 13.66
C LYS G 434 -18.83 -29.24 13.95
N CYS G 435 -18.23 -28.13 13.52
CA CYS G 435 -18.81 -26.82 13.76
C CYS G 435 -19.99 -26.60 12.81
N PRO G 436 -21.13 -26.12 13.31
CA PRO G 436 -22.30 -25.92 12.43
C PRO G 436 -22.14 -24.72 11.50
N LEU G 437 -21.18 -24.79 10.59
CA LEU G 437 -20.93 -23.73 9.62
C LEU G 437 -20.65 -24.35 8.26
N LEU G 438 -21.14 -23.69 7.21
CA LEU G 438 -20.95 -24.18 5.85
C LEU G 438 -19.51 -23.88 5.42
N LYS G 439 -18.71 -24.93 5.26
CA LYS G 439 -17.32 -24.78 4.87
C LYS G 439 -17.18 -25.13 3.40
N PRO G 440 -16.87 -24.18 2.52
CA PRO G 440 -16.73 -24.53 1.09
C PRO G 440 -15.47 -25.33 0.79
N TRP G 441 -14.40 -25.15 1.55
CA TRP G 441 -13.17 -25.88 1.33
C TRP G 441 -13.15 -27.16 2.18
N ALA G 442 -12.09 -27.95 2.01
CA ALA G 442 -11.92 -29.19 2.74
C ALA G 442 -10.89 -29.00 3.85
N LEU G 443 -10.99 -29.87 4.87
CA LEU G 443 -10.10 -29.84 6.02
C LEU G 443 -9.48 -31.21 6.21
N THR G 444 -8.22 -31.21 6.66
CA THR G 444 -7.50 -32.45 6.92
C THR G 444 -6.42 -32.16 7.96
N PHE G 445 -5.55 -33.14 8.20
CA PHE G 445 -4.47 -33.02 9.17
C PHE G 445 -3.14 -32.86 8.47
N SER G 446 -2.25 -32.11 9.10
CA SER G 446 -0.91 -31.88 8.55
C SER G 446 0.05 -31.55 9.70
N TYR G 447 0.09 -32.42 10.71
CA TYR G 447 0.95 -32.20 11.85
C TYR G 447 2.40 -32.55 11.50
N GLY G 448 3.32 -31.97 12.26
CA GLY G 448 4.74 -32.22 12.05
C GLY G 448 5.44 -32.71 13.31
N ARG G 449 4.67 -33.10 14.31
CA ARG G 449 5.24 -33.60 15.56
C ARG G 449 4.32 -34.64 16.19
N ALA G 450 3.01 -34.42 16.12
CA ALA G 450 2.06 -35.36 16.70
C ALA G 450 1.96 -36.65 15.89
N LEU G 451 2.28 -36.61 14.60
CA LEU G 451 2.20 -37.80 13.76
C LEU G 451 3.42 -38.71 13.91
N GLN G 452 4.46 -38.27 14.63
CA GLN G 452 5.64 -39.10 14.82
C GLN G 452 6.17 -39.05 16.25
N ALA G 453 5.33 -38.62 17.21
CA ALA G 453 5.77 -38.56 18.60
C ALA G 453 5.82 -39.95 19.24
N SER G 454 4.84 -40.80 18.92
CA SER G 454 4.83 -42.15 19.49
C SER G 454 5.82 -43.07 18.81
N ALA G 455 6.27 -42.74 17.60
CA ALA G 455 7.24 -43.55 16.88
C ALA G 455 8.68 -43.20 17.20
N LEU G 456 8.91 -42.32 18.18
CA LEU G 456 10.24 -41.92 18.58
C LEU G 456 10.63 -42.40 19.96
N LYS G 457 9.72 -42.32 20.94
CA LYS G 457 10.03 -42.77 22.29
C LYS G 457 10.14 -44.29 22.36
N ALA G 458 9.23 -45.00 21.68
CA ALA G 458 9.25 -46.45 21.67
C ALA G 458 10.25 -47.03 20.68
N TRP G 459 10.93 -46.19 19.90
CA TRP G 459 11.89 -46.69 18.93
C TRP G 459 13.27 -46.91 19.55
N GLY G 460 13.68 -46.05 20.48
CA GLY G 460 14.96 -46.19 21.13
C GLY G 460 16.13 -45.84 20.24
N GLY G 461 16.77 -46.86 19.67
CA GLY G 461 17.91 -46.65 18.80
C GLY G 461 18.61 -47.93 18.41
N LYS G 462 17.86 -49.03 18.34
CA LYS G 462 18.39 -50.34 17.99
C LYS G 462 17.81 -50.78 16.64
N LYS G 463 17.78 -52.09 16.42
CA LYS G 463 17.26 -52.66 15.18
C LYS G 463 16.13 -53.66 15.38
N GLU G 464 15.99 -54.24 16.57
CA GLU G 464 14.93 -55.21 16.83
C GLU G 464 13.59 -54.55 17.14
N ASN G 465 13.57 -53.23 17.38
CA ASN G 465 12.34 -52.52 17.69
C ASN G 465 11.69 -51.90 16.45
N LEU G 466 11.77 -52.58 15.31
CA LEU G 466 11.16 -52.04 14.09
C LEU G 466 9.67 -52.34 14.04
N LYS G 467 9.26 -53.51 14.53
CA LYS G 467 7.84 -53.85 14.51
C LYS G 467 7.07 -53.15 15.63
N ALA G 468 7.77 -52.72 16.68
CA ALA G 468 7.10 -52.04 17.79
C ALA G 468 6.94 -50.56 17.53
N ALA G 469 7.77 -49.97 16.67
CA ALA G 469 7.67 -48.55 16.38
C ALA G 469 6.64 -48.27 15.29
N GLN G 470 6.47 -49.20 14.35
CA GLN G 470 5.49 -49.02 13.29
C GLN G 470 4.07 -49.32 13.75
N GLU G 471 3.90 -49.95 14.92
CA GLU G 471 2.56 -50.24 15.40
C GLU G 471 1.86 -48.99 15.92
N GLU G 472 2.61 -48.11 16.58
CA GLU G 472 2.01 -46.87 17.09
C GLU G 472 1.68 -45.89 15.99
N TYR G 473 2.32 -46.00 14.82
CA TYR G 473 2.02 -45.08 13.72
C TYR G 473 0.68 -45.40 13.07
N VAL G 474 0.23 -46.66 13.16
CA VAL G 474 -1.04 -47.03 12.56
C VAL G 474 -2.20 -46.44 13.36
N LYS G 475 -2.07 -46.42 14.69
CA LYS G 475 -3.14 -45.86 15.51
C LYS G 475 -3.25 -44.34 15.34
N ARG G 476 -2.13 -43.67 15.08
CA ARG G 476 -2.16 -42.23 14.88
C ARG G 476 -2.63 -41.85 13.48
N ALA G 477 -2.42 -42.72 12.50
CA ALA G 477 -2.86 -42.43 11.14
C ALA G 477 -4.37 -42.59 11.00
N LEU G 478 -4.98 -43.54 11.72
CA LEU G 478 -6.41 -43.75 11.66
C LEU G 478 -7.18 -42.77 12.54
N ALA G 479 -6.55 -42.23 13.58
CA ALA G 479 -7.24 -41.29 14.45
C ALA G 479 -7.41 -39.94 13.79
N ASN G 480 -6.35 -39.45 13.13
CA ASN G 480 -6.43 -38.15 12.45
C ASN G 480 -7.23 -38.23 11.15
N SER G 481 -7.38 -39.42 10.58
CA SER G 481 -8.14 -39.56 9.34
C SER G 481 -9.64 -39.49 9.57
N LEU G 482 -10.10 -39.69 10.81
CA LEU G 482 -11.52 -39.63 11.14
C LEU G 482 -11.95 -38.29 11.72
N ALA G 483 -11.01 -37.50 12.24
CA ALA G 483 -11.34 -36.20 12.80
C ALA G 483 -11.63 -35.15 11.73
N CYS G 484 -11.18 -35.36 10.50
CA CYS G 484 -11.40 -34.42 9.41
C CYS G 484 -12.73 -34.65 8.71
N GLN G 485 -13.47 -35.70 9.07
CA GLN G 485 -14.76 -35.99 8.45
C GLN G 485 -15.95 -35.80 9.38
N GLY G 486 -15.72 -35.82 10.70
CA GLY G 486 -16.79 -35.65 11.66
C GLY G 486 -17.23 -36.91 12.38
N LYS G 487 -16.52 -38.02 12.21
CA LYS G 487 -16.86 -39.29 12.86
C LYS G 487 -15.66 -39.75 13.67
N TYR G 488 -15.36 -39.02 14.74
CA TYR G 488 -14.24 -39.34 15.62
C TYR G 488 -14.72 -39.25 17.06
N THR G 489 -14.75 -40.38 17.76
CA THR G 489 -15.18 -40.44 19.15
C THR G 489 -14.02 -40.90 20.03
N PRO G 490 -13.52 -40.06 20.92
CA PRO G 490 -12.40 -40.48 21.78
C PRO G 490 -12.82 -41.52 22.81
N SER G 491 -12.45 -42.78 22.57
CA SER G 491 -12.79 -43.86 23.47
C SER G 491 -11.81 -43.92 24.64
N GLY G 492 -10.79 -44.77 24.52
CA GLY G 492 -9.79 -44.93 25.55
C GLY G 492 -8.59 -44.00 25.45
N GLN G 493 -8.67 -42.96 24.62
CA GLN G 493 -7.57 -42.02 24.46
C GLN G 493 -7.96 -40.63 24.94
N SER H 1 7.93 -14.37 -48.87
CA SER H 1 8.51 -14.73 -50.15
C SER H 1 7.44 -15.27 -51.11
N LYS H 2 7.74 -15.24 -52.41
CA LYS H 2 6.79 -15.74 -53.40
C LYS H 2 6.78 -17.27 -53.45
N GLY H 3 7.88 -17.92 -53.09
CA GLY H 3 7.95 -19.37 -53.13
C GLY H 3 7.35 -20.07 -51.92
N GLU H 4 7.05 -19.33 -50.85
CA GLU H 4 6.48 -19.93 -49.66
C GLU H 4 5.00 -20.25 -49.82
N GLU H 5 4.33 -19.67 -50.81
CA GLU H 5 2.92 -19.93 -51.03
C GLU H 5 2.65 -21.23 -51.77
N LEU H 6 3.67 -21.84 -52.36
CA LEU H 6 3.50 -23.10 -53.08
C LEU H 6 3.51 -24.32 -52.16
N PHE H 7 3.88 -24.15 -50.90
CA PHE H 7 3.91 -25.26 -49.94
C PHE H 7 2.65 -25.34 -49.09
N THR H 8 1.55 -24.74 -49.55
CA THR H 8 0.29 -24.77 -48.82
C THR H 8 -0.46 -26.03 -49.17
N GLY H 9 -0.54 -26.97 -48.22
CA GLY H 9 -1.23 -28.23 -48.41
C GLY H 9 -0.27 -29.41 -48.29
N VAL H 10 -0.59 -30.47 -49.02
CA VAL H 10 0.20 -31.70 -49.03
C VAL H 10 0.91 -31.80 -50.38
N VAL H 11 2.23 -31.85 -50.34
CA VAL H 11 3.06 -31.96 -51.54
C VAL H 11 3.81 -33.28 -51.48
N PRO H 12 3.69 -34.14 -52.48
CA PRO H 12 4.40 -35.43 -52.45
C PRO H 12 5.90 -35.23 -52.65
N ILE H 13 6.68 -36.07 -51.98
CA ILE H 13 8.13 -36.03 -52.03
C ILE H 13 8.63 -37.35 -52.61
N LEU H 14 9.51 -37.27 -53.60
CA LEU H 14 10.09 -38.44 -54.25
C LEU H 14 11.61 -38.34 -54.11
N VAL H 15 12.16 -39.11 -53.17
CA VAL H 15 13.59 -39.12 -52.90
C VAL H 15 14.22 -40.31 -53.61
N GLU H 16 15.25 -40.05 -54.41
CA GLU H 16 15.97 -41.09 -55.15
C GLU H 16 17.44 -41.03 -54.78
N LEU H 17 17.93 -42.09 -54.14
CA LEU H 17 19.31 -42.20 -53.73
C LEU H 17 20.01 -43.30 -54.51
N ASP H 18 21.23 -43.03 -54.95
CA ASP H 18 22.01 -44.00 -55.73
C ASP H 18 23.48 -43.83 -55.32
N GLY H 19 23.85 -44.45 -54.20
CA GLY H 19 25.21 -44.36 -53.71
C GLY H 19 26.07 -45.53 -54.16
N ASP H 20 27.38 -45.38 -53.95
CA ASP H 20 28.33 -46.41 -54.34
C ASP H 20 29.58 -46.27 -53.47
N VAL H 21 29.76 -47.19 -52.53
CA VAL H 21 30.91 -47.20 -51.64
C VAL H 21 31.55 -48.58 -51.68
N ASN H 22 32.89 -48.60 -51.69
CA ASN H 22 33.67 -49.85 -51.73
C ASN H 22 33.30 -50.71 -52.93
N GLY H 23 32.92 -50.08 -54.05
CA GLY H 23 32.55 -50.82 -55.23
C GLY H 23 31.19 -51.48 -55.17
N HIS H 24 30.40 -51.22 -54.14
CA HIS H 24 29.07 -51.80 -54.00
C HIS H 24 28.03 -50.83 -54.54
N LYS H 25 27.35 -51.22 -55.61
CA LYS H 25 26.32 -50.38 -56.22
C LYS H 25 24.97 -50.67 -55.58
N PHE H 26 24.28 -49.62 -55.15
CA PHE H 26 22.98 -49.75 -54.52
C PHE H 26 22.14 -48.53 -54.86
N SER H 27 20.82 -48.74 -54.91
CA SER H 27 19.87 -47.68 -55.21
C SER H 27 18.75 -47.70 -54.19
N VAL H 28 18.47 -46.54 -53.59
CA VAL H 28 17.42 -46.39 -52.59
C VAL H 28 16.37 -45.45 -53.14
N SER H 29 15.13 -45.91 -53.19
CA SER H 29 14.01 -45.12 -53.70
C SER H 29 13.01 -44.90 -52.57
N GLY H 30 12.67 -43.65 -52.33
CA GLY H 30 11.72 -43.30 -51.28
C GLY H 30 10.62 -42.42 -51.80
N GLU H 31 9.45 -42.54 -51.17
CA GLU H 31 8.29 -41.76 -51.55
C GLU H 31 7.41 -41.55 -50.33
N GLY H 32 6.55 -40.53 -50.41
CA GLY H 32 5.65 -40.22 -49.32
C GLY H 32 4.93 -38.89 -49.51
N GLU H 33 4.96 -38.05 -48.48
CA GLU H 33 4.31 -36.75 -48.53
C GLU H 33 5.09 -35.77 -47.68
N GLY H 34 4.68 -34.50 -47.75
CA GLY H 34 5.34 -33.46 -47.00
C GLY H 34 4.34 -32.44 -46.49
N ASP H 35 4.79 -31.65 -45.51
CA ASP H 35 3.95 -30.62 -44.91
C ASP H 35 4.86 -29.54 -44.35
N ALA H 36 4.85 -28.37 -44.97
CA ALA H 36 5.67 -27.24 -44.53
C ALA H 36 4.93 -26.27 -43.63
N THR H 37 3.61 -26.41 -43.49
CA THR H 37 2.84 -25.50 -42.64
C THR H 37 3.07 -25.80 -41.16
N TYR H 38 2.95 -27.08 -40.77
CA TYR H 38 3.14 -27.48 -39.39
C TYR H 38 4.42 -28.27 -39.17
N GLY H 39 5.19 -28.54 -40.22
CA GLY H 39 6.42 -29.29 -40.08
C GLY H 39 6.21 -30.76 -39.83
N LYS H 40 5.81 -31.49 -40.86
CA LYS H 40 5.56 -32.93 -40.76
C LYS H 40 6.16 -33.61 -41.98
N LEU H 41 7.07 -34.55 -41.74
CA LEU H 41 7.74 -35.31 -42.79
C LEU H 41 7.32 -36.76 -42.69
N THR H 42 6.60 -37.25 -43.70
CA THR H 42 6.11 -38.63 -43.73
C THR H 42 6.59 -39.26 -45.04
N LEU H 43 7.62 -40.10 -44.96
CA LEU H 43 8.20 -40.76 -46.11
C LEU H 43 8.28 -42.25 -45.86
N LYS H 44 8.66 -43.00 -46.90
CA LYS H 44 8.81 -44.44 -46.80
C LYS H 44 9.85 -44.87 -47.83
N PHE H 45 11.07 -45.10 -47.35
CA PHE H 45 12.17 -45.50 -48.23
C PHE H 45 12.15 -47.00 -48.44
N ILE H 46 12.21 -47.43 -49.70
CA ILE H 46 12.20 -48.85 -50.05
C ILE H 46 13.51 -49.15 -50.78
N CYS H 47 14.30 -50.06 -50.23
CA CYS H 47 15.57 -50.45 -50.81
C CYS H 47 15.31 -51.35 -52.02
N THR H 48 15.59 -50.84 -53.22
CA THR H 48 15.38 -51.61 -54.44
C THR H 48 16.46 -52.66 -54.66
N THR H 49 17.63 -52.51 -54.04
CA THR H 49 18.69 -53.49 -54.21
C THR H 49 18.49 -54.70 -53.31
N GLY H 50 18.37 -54.48 -52.01
CA GLY H 50 18.17 -55.56 -51.06
C GLY H 50 18.95 -55.39 -49.78
N LYS H 51 20.06 -56.11 -49.64
CA LYS H 51 20.89 -56.03 -48.45
C LYS H 51 21.77 -54.79 -48.55
N LEU H 52 21.39 -53.74 -47.81
CA LEU H 52 22.15 -52.49 -47.83
C LEU H 52 23.37 -52.64 -46.94
N PRO H 53 24.59 -52.41 -47.45
CA PRO H 53 25.77 -52.55 -46.59
C PRO H 53 25.88 -51.46 -45.55
N VAL H 54 25.64 -50.21 -45.92
CA VAL H 54 25.72 -49.09 -44.98
C VAL H 54 24.50 -49.10 -44.07
N PRO H 55 24.63 -48.68 -42.82
CA PRO H 55 23.47 -48.68 -41.92
C PRO H 55 22.47 -47.59 -42.29
N TRP H 56 21.32 -47.64 -41.62
CA TRP H 56 20.22 -46.71 -41.87
C TRP H 56 20.26 -45.47 -40.98
N PRO H 57 20.52 -45.58 -39.67
CA PRO H 57 20.56 -44.37 -38.84
C PRO H 57 21.62 -43.37 -39.25
N THR H 58 22.64 -43.79 -40.00
CA THR H 58 23.68 -42.87 -40.46
C THR H 58 23.29 -42.13 -41.73
N LEU H 59 22.11 -42.38 -42.28
CA LEU H 59 21.65 -41.73 -43.50
C LEU H 59 20.32 -41.01 -43.28
N VAL H 60 20.04 -40.60 -42.04
CA VAL H 60 18.81 -39.89 -41.75
C VAL H 60 18.87 -38.46 -42.25
N THR H 61 19.97 -37.76 -41.97
CA THR H 61 20.12 -36.38 -42.41
C THR H 61 20.42 -36.26 -43.89
N THR H 62 20.79 -37.36 -44.56
CA THR H 62 21.09 -37.33 -45.98
C THR H 62 19.80 -37.24 -46.80
N VAL H 64 15.82 -31.97 -48.40
CA VAL H 64 14.60 -32.49 -47.80
C VAL H 64 14.23 -31.67 -46.56
N GLN H 65 14.97 -30.59 -46.33
CA GLN H 65 14.73 -29.71 -45.19
C GLN H 65 13.91 -28.48 -45.56
N CYS H 66 13.22 -28.51 -46.69
CA CYS H 66 12.39 -27.40 -47.13
C CYS H 66 10.96 -27.47 -46.61
N PHE H 67 10.65 -28.46 -45.78
CA PHE H 67 9.32 -28.58 -45.19
C PHE H 67 9.39 -28.42 -43.68
N SER H 68 10.11 -27.39 -43.21
CA SER H 68 10.25 -27.14 -41.79
C SER H 68 9.13 -26.24 -41.29
N ARG H 69 9.08 -26.03 -39.98
CA ARG H 69 8.08 -25.19 -39.33
C ARG H 69 8.77 -23.93 -38.82
N TYR H 70 8.60 -22.83 -39.56
CA TYR H 70 9.23 -21.58 -39.17
C TYR H 70 8.22 -20.68 -38.45
N PRO H 71 8.66 -19.98 -37.41
CA PRO H 71 7.74 -19.07 -36.70
C PRO H 71 7.32 -17.89 -37.56
N ASP H 72 6.39 -17.12 -37.02
CA ASP H 72 5.88 -15.95 -37.76
C ASP H 72 6.91 -14.83 -37.82
N HIS H 73 7.86 -14.81 -36.88
CA HIS H 73 8.89 -13.77 -36.83
C HIS H 73 10.20 -14.22 -37.48
N MET H 74 10.19 -15.37 -38.16
CA MET H 74 11.39 -15.88 -38.84
C MET H 74 11.10 -16.21 -40.30
N LYS H 75 10.10 -15.53 -40.88
CA LYS H 75 9.77 -15.78 -42.28
C LYS H 75 10.78 -15.17 -43.24
N GLN H 76 11.45 -14.09 -42.82
CA GLN H 76 12.45 -13.43 -43.67
C GLN H 76 13.80 -14.14 -43.63
N HIS H 77 14.00 -15.10 -42.73
CA HIS H 77 15.27 -15.81 -42.65
C HIS H 77 15.12 -17.22 -43.19
N ASP H 78 14.71 -17.34 -44.44
CA ASP H 78 14.53 -18.63 -45.09
C ASP H 78 15.34 -18.69 -46.38
N PHE H 79 15.85 -19.87 -46.70
CA PHE H 79 16.65 -20.06 -47.90
C PHE H 79 16.13 -21.25 -48.70
N PHE H 80 15.53 -22.22 -48.02
CA PHE H 80 15.01 -23.40 -48.70
C PHE H 80 13.76 -23.10 -49.51
N LYS H 81 13.00 -22.07 -49.13
CA LYS H 81 11.79 -21.69 -49.85
C LYS H 81 11.97 -20.45 -50.71
N SER H 82 13.18 -19.88 -50.76
CA SER H 82 13.43 -18.70 -51.55
C SER H 82 13.80 -19.02 -53.00
N ALA H 83 14.48 -20.14 -53.23
CA ALA H 83 14.89 -20.55 -54.57
C ALA H 83 13.88 -21.47 -55.24
N MET H 84 12.59 -21.34 -54.88
CA MET H 84 11.54 -22.16 -55.46
C MET H 84 10.77 -21.38 -56.53
N PRO H 85 10.36 -22.04 -57.62
CA PRO H 85 10.61 -23.45 -57.89
C PRO H 85 11.89 -23.70 -58.67
N GLU H 86 12.85 -22.76 -58.59
CA GLU H 86 14.10 -22.92 -59.32
C GLU H 86 14.94 -24.06 -58.75
N GLY H 87 14.83 -24.31 -57.45
CA GLY H 87 15.59 -25.39 -56.82
C GLY H 87 16.98 -24.97 -56.42
N TYR H 88 17.69 -25.92 -55.81
CA TYR H 88 19.06 -25.69 -55.35
C TYR H 88 19.80 -27.02 -55.34
N VAL H 89 21.13 -26.92 -55.41
CA VAL H 89 22.00 -28.09 -55.40
C VAL H 89 22.51 -28.28 -53.98
N GLN H 90 21.97 -29.29 -53.30
CA GLN H 90 22.35 -29.58 -51.92
C GLN H 90 23.56 -30.53 -51.93
N GLU H 91 24.70 -30.04 -51.47
CA GLU H 91 25.94 -30.81 -51.43
C GLU H 91 26.44 -30.88 -50.00
N ARG H 92 26.72 -32.09 -49.53
CA ARG H 92 27.22 -32.32 -48.18
C ARG H 92 28.45 -33.22 -48.24
N THR H 93 29.25 -33.14 -47.17
CA THR H 93 30.46 -33.96 -47.04
C THR H 93 30.55 -34.38 -45.57
N ILE H 94 29.99 -35.56 -45.26
CA ILE H 94 29.95 -36.05 -43.90
C ILE H 94 31.27 -36.72 -43.56
N PHE H 95 31.86 -36.32 -42.43
CA PHE H 95 33.10 -36.90 -41.93
C PHE H 95 32.82 -37.75 -40.70
N PHE H 96 33.84 -38.50 -40.28
CA PHE H 96 33.76 -39.37 -39.12
C PHE H 96 35.06 -39.23 -38.33
N LYS H 97 35.17 -40.05 -37.28
CA LYS H 97 36.36 -40.03 -36.43
C LYS H 97 37.54 -40.67 -37.14
N ASP H 98 37.70 -41.98 -36.98
CA ASP H 98 38.79 -42.74 -37.60
C ASP H 98 38.19 -43.86 -38.44
N ASP H 99 37.61 -43.49 -39.58
CA ASP H 99 37.00 -44.48 -40.47
C ASP H 99 37.01 -43.96 -41.91
N GLY H 100 35.87 -43.45 -42.37
CA GLY H 100 35.77 -42.93 -43.72
C GLY H 100 35.09 -41.58 -43.80
N ASN H 101 34.56 -41.25 -44.98
CA ASN H 101 33.88 -39.97 -45.18
C ASN H 101 32.92 -40.10 -46.34
N TYR H 102 31.81 -39.37 -46.25
CA TYR H 102 30.78 -39.37 -47.28
C TYR H 102 30.88 -38.12 -48.15
N LYS H 103 30.20 -38.18 -49.29
CA LYS H 103 30.18 -37.03 -50.22
C LYS H 103 28.89 -37.15 -51.05
N THR H 104 27.85 -36.46 -50.59
CA THR H 104 26.55 -36.50 -51.25
C THR H 104 26.35 -35.24 -52.08
N ARG H 105 25.40 -35.33 -53.02
CA ARG H 105 25.06 -34.20 -53.89
C ARG H 105 23.61 -34.37 -54.32
N ALA H 106 22.71 -33.66 -53.64
CA ALA H 106 21.29 -33.74 -53.92
C ALA H 106 20.82 -32.48 -54.65
N GLU H 107 19.72 -32.64 -55.39
CA GLU H 107 19.11 -31.55 -56.15
C GLU H 107 17.62 -31.52 -55.82
N VAL H 108 17.25 -30.68 -54.86
CA VAL H 108 15.87 -30.56 -54.42
C VAL H 108 15.17 -29.53 -55.31
N LYS H 109 14.31 -30.01 -56.19
CA LYS H 109 13.59 -29.13 -57.10
C LYS H 109 12.28 -29.80 -57.50
N PHE H 110 11.37 -29.01 -58.05
CA PHE H 110 10.06 -29.50 -58.48
C PHE H 110 10.04 -29.68 -59.99
N GLU H 111 9.25 -30.66 -60.44
CA GLU H 111 9.09 -30.96 -61.86
C GLU H 111 7.65 -30.87 -62.32
N GLY H 112 6.83 -30.06 -61.66
CA GLY H 112 5.43 -29.92 -62.04
C GLY H 112 4.49 -29.97 -60.85
N ASP H 113 4.52 -31.08 -60.11
CA ASP H 113 3.65 -31.21 -58.94
C ASP H 113 4.21 -32.13 -57.87
N THR H 114 5.34 -32.82 -58.11
CA THR H 114 5.92 -33.73 -57.14
C THR H 114 7.40 -33.40 -56.99
N LEU H 115 7.85 -33.26 -55.75
CA LEU H 115 9.25 -32.95 -55.48
C LEU H 115 10.11 -34.18 -55.79
N VAL H 116 10.99 -34.05 -56.78
CA VAL H 116 11.89 -35.12 -57.19
C VAL H 116 13.30 -34.73 -56.79
N ASN H 117 13.93 -35.56 -55.97
CA ASN H 117 15.29 -35.32 -55.49
C ASN H 117 16.17 -36.50 -55.88
N ARG H 118 17.35 -36.19 -56.41
CA ARG H 118 18.32 -37.20 -56.83
C ARG H 118 19.56 -37.06 -55.96
N ILE H 119 19.76 -38.02 -55.05
CA ILE H 119 20.90 -38.01 -54.14
C ILE H 119 21.97 -38.95 -54.69
N GLU H 120 23.18 -38.43 -54.84
CA GLU H 120 24.32 -39.18 -55.34
C GLU H 120 25.37 -39.24 -54.23
N LEU H 121 25.40 -40.36 -53.51
CA LEU H 121 26.33 -40.54 -52.40
C LEU H 121 27.65 -41.11 -52.93
N LYS H 122 28.75 -40.48 -52.54
CA LYS H 122 30.08 -40.90 -52.94
C LYS H 122 30.96 -41.03 -51.70
N GLY H 123 32.20 -41.47 -51.92
CA GLY H 123 33.14 -41.63 -50.82
C GLY H 123 33.80 -43.00 -50.80
N ILE H 124 35.11 -43.02 -50.58
CA ILE H 124 35.86 -44.27 -50.53
C ILE H 124 36.64 -44.34 -49.22
N ASP H 125 37.60 -45.27 -49.16
CA ASP H 125 38.45 -45.46 -47.98
C ASP H 125 37.62 -45.75 -46.74
N PHE H 126 37.16 -46.99 -46.60
CA PHE H 126 36.38 -47.42 -45.45
C PHE H 126 36.98 -48.70 -44.88
N LYS H 127 36.44 -49.15 -43.76
CA LYS H 127 36.88 -50.36 -43.08
C LYS H 127 35.86 -51.48 -43.26
N GLU H 128 36.29 -52.69 -42.95
CA GLU H 128 35.45 -53.87 -43.06
C GLU H 128 35.09 -54.46 -41.70
N ASP H 129 35.41 -53.77 -40.61
CA ASP H 129 35.10 -54.28 -39.27
C ASP H 129 34.83 -53.15 -38.29
N GLY H 130 34.36 -52.00 -38.77
CA GLY H 130 34.08 -50.87 -37.90
C GLY H 130 32.60 -50.63 -37.71
N ASN H 131 32.23 -49.38 -37.46
CA ASN H 131 30.82 -49.06 -37.27
C ASN H 131 30.05 -49.10 -38.58
N ILE H 132 30.69 -48.69 -39.68
CA ILE H 132 30.06 -48.71 -41.00
C ILE H 132 30.14 -50.13 -41.56
N LEU H 133 29.38 -50.40 -42.62
CA LEU H 133 29.35 -51.70 -43.26
C LEU H 133 28.91 -52.79 -42.30
N GLY H 134 29.77 -53.15 -41.34
CA GLY H 134 29.41 -54.17 -40.38
C GLY H 134 28.29 -53.70 -39.48
N HIS H 135 27.24 -54.52 -39.37
CA HIS H 135 26.08 -54.18 -38.56
C HIS H 135 26.43 -54.32 -37.09
N LYS H 136 26.74 -53.20 -36.45
CA LYS H 136 27.08 -53.19 -35.02
C LYS H 136 26.28 -52.19 -34.20
N LEU H 137 25.64 -51.20 -34.81
CA LEU H 137 24.85 -50.22 -34.08
C LEU H 137 23.43 -50.75 -33.86
N GLU H 138 22.61 -49.94 -33.20
CA GLU H 138 21.23 -50.27 -32.93
C GLU H 138 20.33 -49.67 -34.01
N TYR H 139 19.02 -49.61 -33.75
CA TYR H 139 18.05 -49.07 -34.69
C TYR H 139 17.25 -47.98 -33.96
N ASN H 140 17.90 -46.83 -33.74
CA ASN H 140 17.28 -45.71 -33.07
C ASN H 140 18.04 -44.44 -33.41
N TYR H 141 17.30 -43.34 -33.57
CA TYR H 141 17.87 -42.04 -33.89
C TYR H 141 17.31 -41.02 -32.91
N ASN H 142 18.18 -40.47 -32.07
CA ASN H 142 17.77 -39.50 -31.06
C ASN H 142 17.64 -38.11 -31.68
N SER H 143 17.41 -37.12 -30.81
CA SER H 143 17.26 -35.75 -31.26
C SER H 143 18.61 -35.08 -31.41
N HIS H 144 18.71 -34.19 -32.41
CA HIS H 144 19.94 -33.47 -32.68
C HIS H 144 19.60 -32.05 -33.10
N ASN H 145 20.59 -31.17 -32.97
CA ASN H 145 20.45 -29.76 -33.32
C ASN H 145 21.17 -29.48 -34.63
N VAL H 146 20.58 -28.64 -35.46
CA VAL H 146 21.12 -28.27 -36.77
C VAL H 146 21.37 -26.77 -36.75
N TYR H 147 22.64 -26.39 -36.71
CA TYR H 147 23.03 -24.99 -36.70
C TYR H 147 23.27 -24.52 -38.13
N ILE H 148 22.58 -23.45 -38.53
CA ILE H 148 22.67 -22.90 -39.87
C ILE H 148 23.38 -21.56 -39.79
N MET H 149 24.50 -21.44 -40.50
CA MET H 149 25.26 -20.20 -40.53
C MET H 149 24.91 -19.37 -41.76
N ALA H 150 25.89 -18.66 -42.31
CA ALA H 150 25.67 -17.84 -43.50
C ALA H 150 26.98 -17.73 -44.27
N ASP H 151 26.85 -17.34 -45.54
CA ASP H 151 28.01 -17.18 -46.40
C ASP H 151 27.68 -16.17 -47.49
N LYS H 152 28.65 -15.32 -47.81
CA LYS H 152 28.47 -14.29 -48.83
C LYS H 152 29.56 -14.34 -49.89
N GLN H 153 30.33 -15.42 -49.98
CA GLN H 153 31.39 -15.52 -50.98
C GLN H 153 30.85 -16.05 -52.31
N LYS H 154 30.54 -17.35 -52.36
CA LYS H 154 30.02 -17.98 -53.56
C LYS H 154 28.49 -17.99 -53.61
N ASN H 155 27.85 -17.07 -52.86
CA ASN H 155 26.39 -16.98 -52.82
C ASN H 155 25.76 -18.29 -52.39
N GLY H 156 25.81 -18.59 -51.10
CA GLY H 156 25.24 -19.82 -50.60
C GLY H 156 25.13 -19.80 -49.10
N ILE H 157 24.73 -20.95 -48.55
CA ILE H 157 24.56 -21.13 -47.11
C ILE H 157 25.44 -22.30 -46.67
N LYS H 158 26.30 -22.03 -45.69
CA LYS H 158 27.21 -23.04 -45.15
C LYS H 158 26.64 -23.54 -43.83
N VAL H 159 25.97 -24.68 -43.87
CA VAL H 159 25.38 -25.28 -42.68
C VAL H 159 26.38 -26.22 -42.04
N ASN H 160 26.64 -26.03 -40.75
CA ASN H 160 27.59 -26.86 -40.00
C ASN H 160 26.91 -27.36 -38.74
N PHE H 161 26.87 -28.68 -38.58
CA PHE H 161 26.26 -29.28 -37.40
C PHE H 161 26.94 -30.61 -37.12
N LYS H 162 26.95 -31.00 -35.85
CA LYS H 162 27.57 -32.24 -35.40
C LYS H 162 26.53 -33.09 -34.68
N ILE H 163 26.44 -34.36 -35.06
CA ILE H 163 25.49 -35.29 -34.45
C ILE H 163 26.25 -36.42 -33.78
N ARG H 164 25.53 -37.41 -33.28
CA ARG H 164 26.15 -38.56 -32.62
C ARG H 164 25.32 -39.80 -32.90
N HIS H 165 25.97 -40.96 -32.78
CA HIS H 165 25.32 -42.24 -33.00
C HIS H 165 25.60 -43.16 -31.82
N ASN H 166 24.61 -43.99 -31.49
CA ASN H 166 24.71 -44.93 -30.39
C ASN H 166 24.97 -46.34 -30.94
N ILE H 167 25.91 -47.04 -30.31
CA ILE H 167 26.26 -48.40 -30.71
C ILE H 167 25.81 -49.35 -29.61
N GLU H 168 25.71 -50.64 -29.97
CA GLU H 168 25.24 -51.67 -29.05
C GLU H 168 26.38 -52.15 -28.14
N ASP H 169 26.96 -51.19 -27.43
CA ASP H 169 28.03 -51.49 -26.47
C ASP H 169 28.19 -50.35 -25.47
N GLY H 170 27.89 -49.13 -25.89
CA GLY H 170 28.00 -47.97 -25.02
C GLY H 170 29.09 -47.02 -25.45
N SER H 171 29.02 -46.55 -26.69
CA SER H 171 30.01 -45.62 -27.22
C SER H 171 29.31 -44.52 -28.01
N VAL H 172 29.97 -43.37 -28.10
CA VAL H 172 29.44 -42.21 -28.82
C VAL H 172 30.39 -41.90 -29.98
N GLN H 173 29.84 -41.86 -31.19
CA GLN H 173 30.61 -41.59 -32.40
C GLN H 173 30.24 -40.19 -32.89
N LEU H 174 31.20 -39.27 -32.83
CA LEU H 174 30.98 -37.90 -33.26
C LEU H 174 31.25 -37.78 -34.76
N ALA H 175 30.33 -37.11 -35.47
CA ALA H 175 30.44 -36.92 -36.90
C ALA H 175 30.46 -35.43 -37.22
N ASP H 176 31.07 -35.09 -38.35
CA ASP H 176 31.19 -33.72 -38.81
C ASP H 176 30.46 -33.55 -40.13
N HIS H 177 29.70 -32.46 -40.25
CA HIS H 177 28.94 -32.17 -41.46
C HIS H 177 29.30 -30.78 -41.97
N TYR H 178 29.42 -30.64 -43.29
CA TYR H 178 29.75 -29.38 -43.94
C TYR H 178 28.82 -29.21 -45.14
N GLN H 179 27.57 -28.85 -44.86
CA GLN H 179 26.57 -28.68 -45.91
C GLN H 179 26.76 -27.34 -46.60
N GLN H 180 26.78 -27.36 -47.93
CA GLN H 180 26.96 -26.16 -48.75
C GLN H 180 25.83 -26.14 -49.78
N ASN H 181 24.82 -25.30 -49.56
CA ASN H 181 23.68 -25.19 -50.45
C ASN H 181 23.97 -24.12 -51.50
N THR H 182 23.86 -24.50 -52.76
CA THR H 182 24.08 -23.59 -53.87
C THR H 182 22.82 -23.49 -54.72
N PRO H 183 22.27 -22.30 -54.91
CA PRO H 183 21.05 -22.17 -55.71
C PRO H 183 21.33 -22.39 -57.20
N ILE H 184 20.27 -22.67 -57.93
CA ILE H 184 20.33 -22.91 -59.38
C ILE H 184 19.95 -21.66 -60.16
N GLY H 185 18.75 -21.13 -59.92
CA GLY H 185 18.30 -19.94 -60.61
C GLY H 185 18.93 -18.67 -60.09
N ASP H 186 18.70 -17.58 -60.82
CA ASP H 186 19.21 -16.26 -60.49
C ASP H 186 18.10 -15.34 -60.02
N GLY H 187 17.16 -15.87 -59.25
CA GLY H 187 16.05 -15.09 -58.75
C GLY H 187 16.36 -14.44 -57.42
N PRO H 188 15.32 -14.10 -56.66
CA PRO H 188 15.54 -13.47 -55.34
C PRO H 188 16.11 -14.47 -54.35
N VAL H 189 17.24 -14.11 -53.75
CA VAL H 189 17.92 -14.95 -52.76
C VAL H 189 17.96 -14.19 -51.45
N LEU H 190 17.44 -14.79 -50.39
CA LEU H 190 17.41 -14.18 -49.07
C LEU H 190 18.65 -14.58 -48.27
N LEU H 191 18.95 -13.77 -47.26
CA LEU H 191 20.10 -14.01 -46.39
C LEU H 191 19.62 -14.27 -44.97
N PRO H 192 19.51 -15.53 -44.55
CA PRO H 192 19.05 -15.82 -43.19
C PRO H 192 20.11 -15.50 -42.16
N ASP H 193 19.68 -15.52 -40.89
CA ASP H 193 20.56 -15.24 -39.76
C ASP H 193 21.01 -16.54 -39.11
N ASN H 194 22.02 -16.42 -38.25
CA ASN H 194 22.56 -17.57 -37.54
C ASN H 194 21.57 -18.03 -36.48
N HIS H 195 20.90 -19.15 -36.72
CA HIS H 195 19.95 -19.71 -35.78
C HIS H 195 20.13 -21.22 -35.75
N TYR H 196 19.21 -21.91 -35.09
CA TYR H 196 19.26 -23.36 -34.98
C TYR H 196 17.83 -23.92 -34.94
N LEU H 197 17.70 -25.17 -35.38
CA LEU H 197 16.38 -25.82 -35.40
C LEU H 197 16.39 -27.06 -34.51
N SER H 198 15.41 -27.94 -34.71
CA SER H 198 15.30 -29.17 -33.94
C SER H 198 15.06 -30.33 -34.89
N THR H 199 15.21 -31.54 -34.36
CA THR H 199 15.03 -32.77 -35.12
C THR H 199 14.43 -33.83 -34.22
N GLN H 200 13.24 -34.31 -34.58
CA GLN H 200 12.53 -35.36 -33.81
C GLN H 200 12.16 -36.47 -34.80
N SER H 201 13.12 -37.35 -35.08
CA SER H 201 12.90 -38.44 -36.00
C SER H 201 12.43 -39.69 -35.26
N ALA H 202 11.93 -40.66 -36.02
CA ALA H 202 11.44 -41.92 -35.47
C ALA H 202 11.56 -43.01 -36.52
N LEU H 203 12.22 -44.10 -36.16
CA LEU H 203 12.42 -45.23 -37.05
C LEU H 203 11.73 -46.47 -36.49
N SER H 204 11.15 -47.27 -37.37
CA SER H 204 10.46 -48.49 -36.98
C SER H 204 10.56 -49.49 -38.12
N LYS H 205 9.75 -50.54 -38.05
CA LYS H 205 9.73 -51.60 -39.06
C LYS H 205 8.31 -51.75 -39.61
N ASP H 206 8.11 -52.80 -40.40
CA ASP H 206 6.81 -53.08 -40.99
C ASP H 206 6.66 -54.58 -41.23
N PRO H 207 5.74 -55.25 -40.55
CA PRO H 207 5.55 -56.69 -40.77
C PRO H 207 5.05 -57.03 -42.16
N ASN H 208 4.42 -56.09 -42.86
CA ASN H 208 3.88 -56.32 -44.20
C ASN H 208 4.90 -56.04 -45.29
N GLU H 209 6.18 -56.31 -45.05
CA GLU H 209 7.22 -56.07 -46.03
C GLU H 209 8.38 -57.01 -45.76
N LYS H 210 8.81 -57.73 -46.81
CA LYS H 210 9.92 -58.67 -46.67
C LYS H 210 11.27 -58.04 -46.96
N ARG H 211 11.32 -57.08 -47.89
CA ARG H 211 12.57 -56.43 -48.24
C ARG H 211 12.95 -55.40 -47.17
N ASP H 212 14.17 -54.90 -47.27
CA ASP H 212 14.65 -53.90 -46.32
C ASP H 212 14.02 -52.54 -46.61
N HIS H 213 13.73 -51.80 -45.55
CA HIS H 213 13.10 -50.49 -45.67
C HIS H 213 13.47 -49.66 -44.45
N MET H 214 12.89 -48.47 -44.35
CA MET H 214 13.15 -47.58 -43.21
C MET H 214 11.96 -46.65 -43.07
N VAL H 215 11.16 -46.86 -42.03
CA VAL H 215 9.99 -46.02 -41.76
C VAL H 215 10.48 -44.75 -41.07
N LEU H 216 10.62 -43.68 -41.83
CA LEU H 216 11.11 -42.40 -41.32
C LEU H 216 9.94 -41.49 -40.97
N LEU H 217 10.04 -40.83 -39.81
CA LEU H 217 9.01 -39.90 -39.35
C LEU H 217 9.72 -38.81 -38.55
N GLU H 218 10.11 -37.75 -39.24
CA GLU H 218 10.86 -36.64 -38.64
C GLU H 218 9.96 -35.43 -38.47
N PHE H 219 10.05 -34.79 -37.31
CA PHE H 219 9.31 -33.58 -37.00
C PHE H 219 10.30 -32.45 -36.80
N VAL H 220 10.39 -31.54 -37.77
CA VAL H 220 11.30 -30.41 -37.74
C VAL H 220 10.55 -29.18 -37.25
N THR H 221 11.11 -28.51 -36.24
CA THR H 221 10.50 -27.31 -35.68
C THR H 221 11.60 -26.33 -35.32
N ALA H 222 11.54 -25.12 -35.88
CA ALA H 222 12.54 -24.11 -35.62
C ALA H 222 12.38 -23.54 -34.21
N ALA H 223 13.45 -22.89 -33.72
CA ALA H 223 13.45 -22.30 -32.40
C ALA H 223 13.66 -20.80 -32.58
N GLY H 224 14.82 -20.25 -32.22
CA GLY H 224 15.05 -18.83 -32.37
C GLY H 224 16.49 -18.49 -32.70
N ILE H 225 16.83 -17.21 -32.64
CA ILE H 225 18.18 -16.76 -32.95
C ILE H 225 19.09 -17.09 -31.78
N THR H 226 20.19 -17.80 -32.07
CA THR H 226 21.14 -18.18 -31.04
C THR H 226 21.97 -16.97 -30.57
#